data_8QJA
#
_entry.id   8QJA
#
_cell.length_a   66.239
_cell.length_b   97.783
_cell.length_c   215.006
_cell.angle_alpha   85.690
_cell.angle_beta   89.990
_cell.angle_gamma   76.890
#
_symmetry.space_group_name_H-M   'P 1'
#
_entity_poly.entity_id   1
_entity_poly.type   'polypeptide(L)'
_entity_poly.pdbx_seq_one_letter_code
;GSGSMNRTVNATTPLGDKLKFKSLKGHEQLSDLFEWTVEFVSDSPGLVLEDLLGKTISLEVETSAAPRYMHGVITAFKLV
HRETQTRRYYIYEATVRPWLWYSTQVTDNRIFQDQTAVQIITQVLQAYDYPIENRLVGQYRKWGYSVQFQESDFNFISRL
MEHEGIYYWFRHEKDQHVLVLMDDAHSHAPLPVMPDIPFYPDDTRSVPLEEYIRDWQIAGELTPTTYSTMDYDFQKPQAE
MSARRWVKNQNTQGLDLDWYDPMGGYVDSADSDHYARVHLESMQCLQEQAWAVSNVRNLAPGYTFSLKYYPNSEENKSYL
ILRAEYDFRDPSYASAGGVQENATFVIRSQHIPASVQFRAPRSTPAPRMSGPQTATVVGPDGQEIWTDKYGRIKVQFHWD
RQGAMDENSSCWLRVSSPWAGGGFGGVQIPRVREEVVVDFINGDVDRPIAVGRVYNASNMPPVSLPENATQSGFLTRTKN
GTPENANKMLFEDSQGNELLSMVAEKDMNTHVKNNQQHDVVGNAVSSIGGLRSHTAHSTSSITMASGAVKSYQSNHNRTV
QASLDDSVGGNLEQTLSDGVDETITGAHSHTVSGAASHQLLGLHVNTTTQDVETVNGTVTETVSADETTNVTSSSELEAA
DITLETPSLYKESTKQDININAGGSLDIQSTGPGIIQTPTDIEKESPANLEAAVMLDNNTVNREDKYILKLNLDAMSDVM
VSGAKTDRNIADLAFYGMGGTMQLANVGIYGASIQMGSSDQKMGLASLSITGLELDKGFKIKTMGAGGRSGYKGKHRAAG
GGRGPRGGKGGRHRAGNKGDPKKPHADCKECRGRVGGSIGLDVGDERFSHLDFVLPGVFPLEWNRTYRSNMTAKDGQGEL
GPRWITAFTLVVLPLETGGYEYISEVGRAVSVIELEPGQEWYDRTEELIWRRPDVDTLEVSQKYQRTETFERSGDVFRLK
TIADRAGNQAQLIYDAENGFLVRVETAIQTVHLDHDAHGRITTIWHEVTGDDGTPLRRTLARYQYDEAHDLVAAVDQYER
THTYAYQNHLITRYSDKTGRGINLEWDGDHPQAKCVREYRDDGSNLLRFRWDESESKTYVTDALSATTVYTFDAHNYIIH
IDFADGTRQSRIRDEFHNIVEVRYPDDSFEKYEYDEFDNILKLTRADHTTVGWEYDQYSQITKIVDPGGNIWTRDYDQFG
NMIRETDPKGHTSEFQYTAEGLLIQSVNPAGGVSTLSYNPAGLLIRYSDCSNKTRRWEYDLLGRTVKQTDPCGNAESYEY
NRYGFINEVRRPDGSVLTLDFDEEGRLLSFIDPIDNLTVYAYDGAGRLARKTDPLKQDFHYNYDKKGRLASLQDENGAQF
TFQFDPVDRLIRTVGFDGKVKKYNYDKPTGLLFSMEDADRETHFEYDVMGQLLKRRAGHLVDSFEYDISNRIIRAHNEYC
DQHFEYDVLNNPIRETHIYNAFGQNREYVWENEFDELSNRLTTRRPSGEKVSWLRYGAGHVHGILLDDQEVLSFERDNSH
RAVRKRQSNSLLAVTNYDVMGRVKEQKLNLAQGNRTNLRSRQYAYGLDGSLVAIEDSRHGTTTYRYDALDRLVSATAFNE
TELFAFDPASNLVDRDKTERSKPANTFPKNVSKVLGNILKRCAGMHFEYDAQGNLIRKRKPDSLQEFEWDEFGRLRKTVN
TDLNSKHVSEAEYIYDTFDRRIGKVNQQETSGAAVTFYGWDGHHLAFEESTVGDAVDKTHYLYEENSFVPLIQYQYSADN
TIAEGRNHLSVSHYQCDHIGTPQLLTDDNGHIVWEGRYSALGKQLDSIGGDAGVAGGQNNLCYQGQYYDRESGLHYNRFR
YYDPDIGRFIQQDPIGLFGDSNFYTYAPNTANWIDPFGL
;
_entity_poly.pdbx_strand_id   A,B,C,D
#
# COMPACT_ATOMS: atom_id res chain seq x y z
N ALA A 826 59.09 -13.22 14.43
CA ALA A 826 58.37 -12.53 15.49
C ALA A 826 57.00 -13.16 15.71
N ASP A 827 56.14 -12.47 16.46
CA ASP A 827 54.82 -13.00 16.74
C ASP A 827 53.92 -12.98 15.49
N CYS A 828 52.95 -13.89 15.48
CA CYS A 828 52.04 -14.03 14.35
C CYS A 828 51.10 -12.82 14.25
N LYS A 829 50.38 -12.77 13.12
CA LYS A 829 49.32 -11.79 12.91
C LYS A 829 47.99 -12.52 12.74
N GLU A 830 46.95 -11.98 13.37
CA GLU A 830 45.64 -12.63 13.44
C GLU A 830 44.96 -12.79 12.08
N CYS A 831 45.44 -12.11 11.03
CA CYS A 831 44.82 -12.26 9.72
C CYS A 831 45.19 -13.55 9.02
N ARG A 832 46.18 -14.28 9.53
CA ARG A 832 46.63 -15.52 8.89
C ARG A 832 46.14 -16.76 9.64
N GLY A 833 46.45 -16.87 10.92
CA GLY A 833 46.05 -18.05 11.68
C GLY A 833 44.62 -17.93 12.18
N ARG A 834 43.90 -19.05 12.13
CA ARG A 834 42.49 -19.04 12.53
C ARG A 834 42.34 -19.11 14.05
N VAL A 835 42.98 -20.10 14.68
CA VAL A 835 43.03 -20.16 16.13
C VAL A 835 44.50 -20.15 16.55
N GLY A 836 45.09 -18.97 16.64
CA GLY A 836 46.52 -18.86 16.91
C GLY A 836 46.84 -18.43 18.31
N GLY A 837 45.93 -18.66 19.25
CA GLY A 837 46.22 -18.40 20.64
C GLY A 837 45.02 -18.36 21.56
N SER A 838 45.14 -19.03 22.71
CA SER A 838 44.17 -18.83 23.78
C SER A 838 44.53 -17.59 24.59
N ILE A 839 45.79 -17.50 25.00
CA ILE A 839 46.44 -16.25 25.40
C ILE A 839 47.42 -15.79 24.32
N GLY A 840 48.24 -16.71 23.83
CA GLY A 840 49.17 -16.50 22.74
C GLY A 840 49.98 -17.77 22.61
N LEU A 841 49.93 -18.43 21.45
CA LEU A 841 50.54 -19.74 21.31
C LEU A 841 51.92 -19.72 20.67
N ASP A 842 52.28 -18.65 19.97
CA ASP A 842 53.59 -18.59 19.34
C ASP A 842 54.68 -18.18 20.34
N VAL A 843 54.43 -17.14 21.13
CA VAL A 843 55.43 -16.62 22.06
C VAL A 843 54.90 -16.51 23.49
N GLY A 844 53.63 -16.81 23.73
CA GLY A 844 53.11 -16.86 25.08
C GLY A 844 52.68 -15.54 25.68
N ASP A 845 52.48 -14.52 24.87
CA ASP A 845 52.07 -13.23 25.39
C ASP A 845 50.57 -13.20 25.68
N GLU A 846 50.20 -12.47 26.73
CA GLU A 846 48.81 -12.22 27.06
C GLU A 846 48.33 -10.96 26.34
N ARG A 847 47.10 -11.01 25.84
CA ARG A 847 46.53 -9.86 25.15
C ARG A 847 45.02 -9.85 25.35
N PHE A 848 44.58 -9.24 26.45
CA PHE A 848 43.16 -9.02 26.70
C PHE A 848 42.81 -7.58 26.35
N SER A 849 41.51 -7.35 26.14
CA SER A 849 41.01 -6.03 25.79
C SER A 849 39.79 -5.72 26.63
N HIS A 850 39.77 -4.53 27.23
CA HIS A 850 38.66 -4.07 28.04
C HIS A 850 38.10 -2.79 27.44
N LEU A 851 36.79 -2.64 27.51
CA LEU A 851 36.07 -1.55 26.87
C LEU A 851 35.55 -0.61 27.93
N ASP A 852 35.83 0.69 27.77
CA ASP A 852 35.41 1.71 28.71
C ASP A 852 34.11 2.38 28.29
N PHE A 853 34.01 2.82 27.04
CA PHE A 853 32.78 3.45 26.56
C PHE A 853 32.67 3.27 25.06
N VAL A 854 31.43 3.25 24.57
CA VAL A 854 31.13 3.24 23.14
C VAL A 854 30.19 4.40 22.90
N LEU A 855 30.73 5.51 22.41
CA LEU A 855 29.86 6.64 22.08
C LEU A 855 29.26 6.44 20.69
N PRO A 856 27.96 6.60 20.53
CA PRO A 856 27.31 6.25 19.26
C PRO A 856 27.61 7.26 18.17
N GLY A 857 27.46 6.79 16.93
CA GLY A 857 27.67 7.62 15.76
C GLY A 857 27.82 6.77 14.52
N VAL A 858 27.78 7.44 13.37
CA VAL A 858 28.08 6.76 12.11
C VAL A 858 29.51 6.26 12.11
N PHE A 859 30.42 7.05 12.68
CA PHE A 859 31.75 6.57 13.06
C PHE A 859 31.74 6.46 14.58
N PRO A 860 31.54 5.28 15.14
CA PRO A 860 31.46 5.16 16.60
C PRO A 860 32.82 5.34 17.25
N LEU A 861 32.82 5.98 18.41
CA LEU A 861 34.02 6.14 19.23
C LEU A 861 34.02 5.02 20.26
N GLU A 862 34.89 4.04 20.08
CA GLU A 862 34.96 2.87 20.93
C GLU A 862 36.31 2.88 21.64
N TRP A 863 36.31 3.23 22.93
CA TRP A 863 37.55 3.32 23.70
C TRP A 863 37.90 1.94 24.23
N ASN A 864 38.31 1.08 23.30
CA ASN A 864 38.77 -0.26 23.64
C ASN A 864 40.24 -0.18 24.03
N ARG A 865 40.55 -0.65 25.25
CA ARG A 865 41.92 -0.62 25.75
C ARG A 865 42.51 -2.01 25.62
N THR A 866 43.58 -2.12 24.82
CA THR A 866 44.24 -3.40 24.59
C THR A 866 45.51 -3.45 25.42
N TYR A 867 45.72 -4.57 26.10
CA TYR A 867 46.95 -4.83 26.83
C TYR A 867 47.77 -5.84 26.04
N ARG A 868 49.06 -5.57 25.89
CA ARG A 868 49.96 -6.48 25.20
C ARG A 868 51.21 -6.66 26.05
N SER A 869 51.54 -7.93 26.33
CA SER A 869 52.64 -8.22 27.25
C SER A 869 53.99 -7.79 26.69
N ASN A 870 54.22 -8.04 25.41
CA ASN A 870 55.52 -7.80 24.79
C ASN A 870 55.62 -6.45 24.08
N MET A 871 54.65 -5.56 24.27
CA MET A 871 54.72 -4.23 23.67
C MET A 871 55.63 -3.36 24.55
N THR A 872 56.85 -3.15 24.08
CA THR A 872 57.80 -2.25 24.74
C THR A 872 57.69 -0.81 24.25
N ALA A 873 56.78 -0.53 23.32
CA ALA A 873 56.76 0.79 22.68
C ALA A 873 56.35 1.88 23.65
N LYS A 874 55.38 1.60 24.53
CA LYS A 874 54.78 2.62 25.38
C LYS A 874 55.25 2.56 26.83
N ASP A 875 56.37 1.88 27.10
CA ASP A 875 56.85 1.81 28.47
C ASP A 875 57.29 3.19 28.97
N GLY A 876 58.04 3.91 28.16
CA GLY A 876 58.60 5.18 28.59
C GLY A 876 57.57 6.28 28.78
N GLN A 877 56.79 6.55 27.73
CA GLN A 877 55.74 7.58 27.77
C GLN A 877 54.43 7.00 27.26
N GLY A 878 53.67 6.40 28.16
CA GLY A 878 52.39 5.78 27.84
C GLY A 878 51.24 6.69 28.21
N GLU A 879 50.26 6.81 27.31
CA GLU A 879 49.08 7.59 27.64
C GLU A 879 48.23 6.87 28.68
N LEU A 880 48.28 5.54 28.73
CA LEU A 880 47.51 4.77 29.68
C LEU A 880 48.36 3.82 30.51
N GLY A 881 49.67 4.06 30.55
CA GLY A 881 50.57 3.18 31.26
C GLY A 881 51.56 2.50 30.35
N PRO A 882 52.36 1.59 30.91
CA PRO A 882 53.45 0.98 30.14
C PRO A 882 52.97 0.07 29.00
N ARG A 883 51.98 -0.78 29.28
CA ARG A 883 51.63 -1.85 28.35
C ARG A 883 50.19 -1.71 27.84
N TRP A 884 49.71 -0.49 27.68
CA TRP A 884 48.35 -0.24 27.23
C TRP A 884 48.34 0.56 25.94
N ILE A 885 47.43 0.21 25.04
CA ILE A 885 47.26 0.91 23.77
C ILE A 885 45.79 0.85 23.38
N THR A 886 45.35 1.88 22.67
CA THR A 886 44.00 1.94 22.12
C THR A 886 44.08 2.34 20.64
N ALA A 887 42.93 2.29 19.97
CA ALA A 887 42.88 2.68 18.56
C ALA A 887 43.25 4.14 18.36
N PHE A 888 43.14 4.97 19.39
CA PHE A 888 43.44 6.39 19.30
C PHE A 888 44.84 6.73 19.80
N THR A 889 45.61 5.73 20.25
CA THR A 889 46.96 5.96 20.76
C THR A 889 48.00 5.23 19.91
N LEU A 890 47.66 4.86 18.67
CA LEU A 890 48.62 4.23 17.80
C LEU A 890 49.77 5.19 17.50
N VAL A 891 50.91 4.62 17.10
CA VAL A 891 52.10 5.41 16.83
C VAL A 891 52.98 4.65 15.85
N VAL A 892 53.61 5.38 14.94
CA VAL A 892 54.57 4.85 13.99
C VAL A 892 55.94 5.43 14.33
N LEU A 893 56.88 4.55 14.64
CA LEU A 893 58.20 4.95 15.11
C LEU A 893 59.25 4.76 14.03
N PRO A 894 60.01 5.78 13.71
CA PRO A 894 61.12 5.60 12.76
C PRO A 894 62.16 4.67 13.37
N LEU A 895 62.92 4.04 12.50
CA LEU A 895 63.91 3.06 12.93
C LEU A 895 65.29 3.69 12.86
N GLU A 896 66.32 2.88 13.14
CA GLU A 896 67.68 3.40 13.12
C GLU A 896 68.09 3.73 11.69
N THR A 897 68.04 2.74 10.81
CA THR A 897 68.26 2.99 9.40
C THR A 897 66.93 3.32 8.73
N GLY A 898 66.83 2.95 7.46
CA GLY A 898 65.68 3.23 6.62
C GLY A 898 64.43 2.38 6.82
N GLY A 899 63.43 2.90 7.54
CA GLY A 899 62.18 2.19 7.69
C GLY A 899 61.40 2.66 8.92
N TYR A 900 60.29 1.97 9.15
CA TYR A 900 59.40 2.31 10.26
C TYR A 900 58.84 1.04 10.88
N GLU A 901 58.20 1.22 12.03
CA GLU A 901 57.49 0.15 12.73
C GLU A 901 56.13 0.68 13.20
N TYR A 902 55.07 -0.03 12.82
CA TYR A 902 53.70 0.38 13.10
C TYR A 902 53.16 -0.39 14.29
N ILE A 903 52.89 0.31 15.39
CA ILE A 903 52.37 -0.30 16.61
C ILE A 903 50.87 -0.45 16.44
N SER A 904 50.43 -1.64 16.04
CA SER A 904 49.03 -1.85 15.70
C SER A 904 48.13 -1.77 16.93
N GLU A 905 46.83 -1.80 16.69
CA GLU A 905 45.85 -1.70 17.77
C GLU A 905 45.95 -2.86 18.75
N VAL A 906 46.43 -4.01 18.29
CA VAL A 906 46.54 -5.19 19.14
C VAL A 906 47.92 -5.23 19.77
N GLY A 907 48.67 -4.14 19.66
CA GLY A 907 49.95 -4.03 20.31
C GLY A 907 51.11 -4.66 19.56
N ARG A 908 50.86 -5.26 18.41
CA ARG A 908 51.94 -5.91 17.66
C ARG A 908 52.70 -4.85 16.87
N ALA A 909 54.03 -4.91 16.96
CA ALA A 909 54.89 -4.00 16.20
C ALA A 909 54.99 -4.51 14.77
N VAL A 910 54.43 -3.75 13.83
CA VAL A 910 54.42 -4.14 12.42
C VAL A 910 55.56 -3.41 11.74
N SER A 911 56.42 -4.17 11.05
CA SER A 911 57.56 -3.58 10.37
C SER A 911 57.12 -3.11 8.99
N VAL A 912 57.60 -1.94 8.60
CA VAL A 912 57.27 -1.33 7.31
C VAL A 912 58.57 -1.02 6.59
N ILE A 913 58.49 -0.91 5.28
CA ILE A 913 59.66 -0.61 4.47
C ILE A 913 59.80 0.91 4.39
N GLU A 914 60.98 1.37 4.02
CA GLU A 914 61.21 2.81 3.90
C GLU A 914 60.41 3.34 2.71
N LEU A 915 59.26 3.93 2.99
CA LEU A 915 58.49 4.60 1.94
C LEU A 915 59.09 5.95 1.63
N GLU A 916 59.25 6.25 0.35
CA GLU A 916 59.58 7.59 -0.10
C GLU A 916 58.31 8.33 -0.46
N PRO A 917 58.33 9.67 -0.44
CA PRO A 917 57.12 10.43 -0.77
C PRO A 917 56.60 10.07 -2.15
N GLY A 918 55.30 9.76 -2.21
CA GLY A 918 54.68 9.34 -3.44
C GLY A 918 54.69 7.85 -3.69
N GLN A 919 55.13 7.05 -2.73
CA GLN A 919 55.21 5.61 -2.92
C GLN A 919 54.07 4.92 -2.18
N GLU A 920 53.60 3.82 -2.75
CA GLU A 920 52.55 3.00 -2.14
C GLU A 920 53.01 1.55 -2.15
N TRP A 921 53.06 0.93 -0.98
CA TRP A 921 53.52 -0.44 -0.81
C TRP A 921 52.44 -1.25 -0.12
N TYR A 922 52.06 -2.38 -0.73
CA TYR A 922 51.06 -3.27 -0.15
C TYR A 922 51.76 -4.33 0.70
N ASP A 923 51.64 -4.19 2.02
CA ASP A 923 52.26 -5.13 2.95
C ASP A 923 51.51 -6.45 2.87
N ARG A 924 52.11 -7.44 2.21
CA ARG A 924 51.45 -8.73 2.01
C ARG A 924 51.55 -9.61 3.25
N THR A 925 52.61 -9.43 4.05
CA THR A 925 52.75 -10.19 5.28
C THR A 925 51.71 -9.77 6.32
N GLU A 926 51.25 -8.52 6.28
CA GLU A 926 50.29 -8.01 7.26
C GLU A 926 49.04 -7.42 6.64
N GLU A 927 48.80 -7.60 5.34
CA GLU A 927 47.59 -7.13 4.68
C GLU A 927 47.35 -5.64 4.99
N LEU A 928 48.30 -4.82 4.54
CA LEU A 928 48.28 -3.40 4.83
C LEU A 928 48.74 -2.61 3.61
N ILE A 929 47.96 -1.61 3.21
CA ILE A 929 48.34 -0.71 2.13
C ILE A 929 49.00 0.50 2.75
N TRP A 930 50.29 0.68 2.49
CA TRP A 930 51.08 1.77 3.05
C TRP A 930 51.41 2.79 1.97
N ARG A 931 50.95 4.02 2.17
CA ARG A 931 51.20 5.12 1.25
C ARG A 931 51.87 6.26 2.01
N ARG A 932 52.81 6.94 1.34
CA ARG A 932 53.46 8.13 1.87
C ARG A 932 52.91 9.35 1.12
N PRO A 933 51.79 9.93 1.58
CA PRO A 933 51.24 11.09 0.87
C PRO A 933 52.14 12.31 0.88
N ASP A 934 52.92 12.52 1.96
CA ASP A 934 53.75 13.70 2.06
C ASP A 934 54.98 13.33 2.88
N VAL A 935 55.91 14.28 2.98
CA VAL A 935 57.18 14.03 3.67
C VAL A 935 56.95 13.73 5.15
N ASP A 936 56.02 14.44 5.78
CA ASP A 936 55.76 14.31 7.21
C ASP A 936 54.48 13.52 7.50
N THR A 937 54.00 12.75 6.53
CA THR A 937 52.73 12.04 6.67
C THR A 937 52.87 10.60 6.20
N LEU A 938 52.25 9.69 6.95
CA LEU A 938 52.16 8.28 6.59
C LEU A 938 50.70 7.86 6.72
N GLU A 939 50.25 7.02 5.79
CA GLU A 939 48.84 6.62 5.74
C GLU A 939 48.73 5.12 5.56
N VAL A 940 47.80 4.50 6.30
CA VAL A 940 47.59 3.06 6.31
C VAL A 940 46.15 2.76 5.95
N SER A 941 45.93 1.67 5.22
CA SER A 941 44.59 1.22 4.87
C SER A 941 44.49 -0.29 5.06
N GLN A 942 43.46 -0.72 5.79
CA GLN A 942 43.23 -2.15 6.01
C GLN A 942 42.30 -2.69 4.93
N LYS A 943 42.87 -2.84 3.73
CA LYS A 943 42.13 -3.25 2.54
C LYS A 943 40.91 -2.37 2.32
N TYR A 944 41.10 -1.06 2.47
CA TYR A 944 40.05 -0.05 2.25
C TYR A 944 38.89 -0.17 3.23
N GLN A 945 38.98 -1.06 4.23
CA GLN A 945 37.93 -1.17 5.23
C GLN A 945 38.10 -0.13 6.32
N ARG A 946 39.33 0.32 6.53
CA ARG A 946 39.66 1.35 7.50
C ARG A 946 40.91 2.06 7.01
N THR A 947 41.04 3.33 7.36
CA THR A 947 42.17 4.14 6.92
C THR A 947 42.69 4.91 8.12
N GLU A 948 44.01 4.88 8.32
CA GLU A 948 44.66 5.60 9.40
C GLU A 948 45.76 6.47 8.82
N THR A 949 45.81 7.73 9.26
CA THR A 949 46.77 8.70 8.76
C THR A 949 47.62 9.19 9.93
N PHE A 950 48.92 9.30 9.70
CA PHE A 950 49.87 9.64 10.75
C PHE A 950 50.62 10.91 10.41
N GLU A 951 50.96 11.68 11.44
CA GLU A 951 51.61 12.98 11.32
C GLU A 951 52.89 12.96 12.14
N ARG A 952 53.98 13.47 11.57
CA ARG A 952 55.27 13.46 12.27
C ARG A 952 55.31 14.60 13.29
N SER A 953 55.58 14.24 14.54
CA SER A 953 55.78 15.20 15.64
C SER A 953 57.04 14.78 16.41
N GLY A 954 58.20 15.13 15.88
CA GLY A 954 59.46 14.81 16.55
C GLY A 954 60.02 13.48 16.08
N ASP A 955 60.35 12.61 17.04
CA ASP A 955 60.90 11.29 16.73
C ASP A 955 59.84 10.20 16.65
N VAL A 956 58.61 10.56 16.27
CA VAL A 956 57.48 9.63 16.25
C VAL A 956 56.47 10.16 15.25
N PHE A 957 55.60 9.28 14.77
CA PHE A 957 54.50 9.64 13.88
C PHE A 957 53.19 9.43 14.64
N ARG A 958 52.55 10.52 15.02
CA ARG A 958 51.31 10.43 15.79
C ARG A 958 50.12 10.26 14.85
N LEU A 959 49.12 9.52 15.33
CA LEU A 959 47.90 9.32 14.57
C LEU A 959 47.13 10.64 14.45
N LYS A 960 46.87 11.07 13.22
CA LYS A 960 46.15 12.32 13.01
C LYS A 960 44.64 12.11 12.88
N THR A 961 44.23 11.09 12.11
CA THR A 961 42.81 10.85 11.88
C THR A 961 42.62 9.39 11.47
N ILE A 962 41.40 8.90 11.68
CA ILE A 962 40.99 7.55 11.30
C ILE A 962 39.77 7.68 10.38
N ALA A 963 39.72 6.84 9.34
CA ALA A 963 38.71 6.97 8.30
C ALA A 963 37.96 5.66 8.07
N ASP A 964 36.72 5.80 7.63
CA ASP A 964 35.83 4.69 7.31
C ASP A 964 35.89 4.38 5.82
N ARG A 965 35.21 3.29 5.43
CA ARG A 965 35.05 3.00 4.00
C ARG A 965 34.33 4.14 3.29
N ALA A 966 33.36 4.77 3.95
CA ALA A 966 32.58 5.85 3.36
C ALA A 966 33.17 7.23 3.63
N GLY A 967 34.40 7.29 4.16
CA GLY A 967 35.06 8.56 4.38
C GLY A 967 34.76 9.22 5.70
N ASN A 968 33.93 8.61 6.56
CA ASN A 968 33.70 9.17 7.88
C ASN A 968 35.00 9.22 8.66
N GLN A 969 35.16 10.26 9.47
CA GLN A 969 36.44 10.53 10.10
C GLN A 969 36.29 10.78 11.59
N ALA A 970 37.33 10.40 12.34
CA ALA A 970 37.56 10.86 13.70
C ALA A 970 38.95 11.48 13.74
N GLN A 971 39.03 12.74 14.14
CA GLN A 971 40.27 13.49 14.09
C GLN A 971 40.83 13.68 15.48
N LEU A 972 42.14 13.48 15.62
CA LEU A 972 42.82 13.57 16.90
C LEU A 972 43.50 14.94 17.02
N ILE A 973 43.30 15.59 18.15
CA ILE A 973 43.80 16.95 18.39
C ILE A 973 44.76 16.89 19.57
N TYR A 974 45.92 17.52 19.42
CA TYR A 974 46.97 17.51 20.41
C TYR A 974 47.24 18.92 20.93
N ASP A 975 47.84 18.98 22.11
CA ASP A 975 48.18 20.25 22.74
C ASP A 975 49.39 20.88 22.06
N ALA A 976 49.47 22.21 22.15
CA ALA A 976 50.54 22.94 21.48
C ALA A 976 51.85 22.85 22.25
N GLU A 977 51.81 22.83 23.58
CA GLU A 977 53.01 22.73 24.39
C GLU A 977 53.27 21.32 24.90
N ASN A 978 52.24 20.63 25.39
CA ASN A 978 52.44 19.30 25.95
C ASN A 978 52.60 18.24 24.87
N GLY A 979 51.87 18.37 23.76
CA GLY A 979 51.82 17.31 22.79
C GLY A 979 50.92 16.16 23.16
N PHE A 980 50.12 16.30 24.20
CA PHE A 980 49.23 15.23 24.62
C PHE A 980 47.96 15.23 23.79
N LEU A 981 47.38 14.05 23.61
CA LEU A 981 46.09 13.93 22.93
C LEU A 981 45.02 14.50 23.85
N VAL A 982 44.61 15.74 23.58
CA VAL A 982 43.71 16.43 24.48
C VAL A 982 42.24 16.20 24.12
N ARG A 983 41.93 15.98 22.86
CA ARG A 983 40.54 15.73 22.49
C ARG A 983 40.48 15.04 21.14
N VAL A 984 39.37 14.34 20.92
CA VAL A 984 39.06 13.67 19.66
C VAL A 984 37.70 14.16 19.19
N GLU A 985 37.57 14.36 17.88
CA GLU A 985 36.37 14.96 17.31
C GLU A 985 35.76 14.05 16.26
N THR A 986 34.42 14.06 16.21
CA THR A 986 33.66 13.25 15.27
C THR A 986 32.55 14.13 14.72
N ALA A 987 31.87 13.65 13.67
CA ALA A 987 30.88 14.44 12.95
C ALA A 987 29.90 15.15 13.90
N ILE A 988 29.54 14.51 15.01
CA ILE A 988 28.59 15.12 15.94
C ILE A 988 29.12 15.17 17.38
N GLN A 989 30.12 14.38 17.75
CA GLN A 989 30.53 14.25 19.13
C GLN A 989 31.98 14.69 19.30
N THR A 990 32.28 15.22 20.49
CA THR A 990 33.63 15.66 20.85
C THR A 990 33.99 15.05 22.19
N VAL A 991 35.16 14.42 22.26
CA VAL A 991 35.62 13.71 23.45
C VAL A 991 36.92 14.35 23.89
N HIS A 992 36.97 14.79 25.14
CA HIS A 992 38.12 15.46 25.71
C HIS A 992 38.87 14.53 26.65
N LEU A 993 40.20 14.67 26.68
CA LEU A 993 41.05 13.84 27.52
C LEU A 993 41.90 14.75 28.39
N ASP A 994 41.80 14.56 29.71
CA ASP A 994 42.62 15.29 30.66
C ASP A 994 43.80 14.42 31.09
N HIS A 995 44.96 15.05 31.26
CA HIS A 995 46.20 14.35 31.54
C HIS A 995 46.83 14.88 32.82
N ASP A 996 47.52 13.99 33.53
CA ASP A 996 48.24 14.36 34.73
C ASP A 996 49.59 14.98 34.35
N ALA A 997 50.45 15.20 35.35
CA ALA A 997 51.76 15.80 35.08
C ALA A 997 52.68 14.89 34.28
N HIS A 998 52.43 13.58 34.28
CA HIS A 998 53.28 12.63 33.58
C HIS A 998 52.72 12.22 32.21
N GLY A 999 51.65 12.87 31.76
CA GLY A 999 51.09 12.57 30.45
C GLY A 999 50.16 11.39 30.39
N ARG A 1000 49.78 10.82 31.53
CA ARG A 1000 48.86 9.69 31.55
C ARG A 1000 47.43 10.20 31.72
N ILE A 1001 46.49 9.56 31.01
CA ILE A 1001 45.11 10.01 31.03
C ILE A 1001 44.51 9.75 32.41
N THR A 1002 43.82 10.76 32.94
CA THR A 1002 43.16 10.69 34.23
C THR A 1002 41.64 10.64 34.12
N THR A 1003 41.06 11.50 33.29
CA THR A 1003 39.62 11.56 33.13
C THR A 1003 39.28 11.78 31.67
N ILE A 1004 38.12 11.27 31.25
CA ILE A 1004 37.65 11.40 29.87
C ILE A 1004 36.27 12.02 29.88
N TRP A 1005 36.09 13.10 29.12
CA TRP A 1005 34.83 13.83 29.05
C TRP A 1005 34.30 13.83 27.62
N HIS A 1006 32.99 14.04 27.48
CA HIS A 1006 32.39 14.16 26.17
C HIS A 1006 31.25 15.18 26.22
N GLU A 1007 31.14 15.97 25.15
CA GLU A 1007 30.10 16.99 25.06
C GLU A 1007 28.74 16.40 24.70
N VAL A 1008 27.69 16.93 25.31
CA VAL A 1008 26.33 16.46 25.10
C VAL A 1008 25.39 17.55 25.58
N THR A 1009 24.14 17.48 25.12
CA THR A 1009 23.10 18.41 25.54
C THR A 1009 21.93 17.60 26.12
N GLY A 1010 20.92 18.32 26.60
CA GLY A 1010 19.71 17.72 27.12
C GLY A 1010 18.67 17.53 26.03
N ASP A 1011 17.40 17.57 26.44
CA ASP A 1011 16.33 17.65 25.44
C ASP A 1011 16.48 18.91 24.60
N ASP A 1012 17.05 19.96 25.19
CA ASP A 1012 17.40 21.21 24.52
C ASP A 1012 18.31 21.98 25.46
N GLY A 1013 18.69 23.19 25.07
CA GLY A 1013 19.33 24.10 25.99
C GLY A 1013 20.83 23.93 26.22
N THR A 1014 21.23 24.03 27.48
CA THR A 1014 22.62 24.31 27.82
C THR A 1014 23.51 23.08 27.59
N PRO A 1015 24.77 23.30 27.19
CA PRO A 1015 25.73 22.20 27.02
C PRO A 1015 26.04 21.50 28.35
N LEU A 1016 26.17 20.19 28.28
CA LEU A 1016 26.41 19.33 29.43
C LEU A 1016 27.62 18.43 29.20
N ARG A 1017 28.58 18.45 30.14
CA ARG A 1017 29.81 17.67 30.01
C ARG A 1017 29.81 16.52 31.01
N ARG A 1018 30.21 15.33 30.54
CA ARG A 1018 30.09 14.08 31.27
C ARG A 1018 31.46 13.43 31.46
N THR A 1019 31.74 12.95 32.67
CA THR A 1019 32.86 12.05 32.86
C THR A 1019 32.57 10.70 32.24
N LEU A 1020 33.57 10.13 31.57
CA LEU A 1020 33.35 8.91 30.78
C LEU A 1020 34.31 7.80 31.18
N ALA A 1021 35.50 8.17 31.67
CA ALA A 1021 36.48 7.18 32.13
C ALA A 1021 37.36 7.83 33.19
N ARG A 1022 37.82 7.00 34.14
CA ARG A 1022 38.64 7.45 35.25
C ARG A 1022 39.71 6.40 35.54
N TYR A 1023 40.96 6.83 35.63
CA TYR A 1023 42.10 5.94 35.71
C TYR A 1023 42.94 6.22 36.96
N GLN A 1024 43.54 5.15 37.48
CA GLN A 1024 44.36 5.20 38.68
C GLN A 1024 45.68 4.49 38.42
N TYR A 1025 46.77 5.10 38.89
CA TYR A 1025 48.11 4.57 38.69
C TYR A 1025 48.82 4.48 40.04
N ASP A 1026 49.73 3.53 40.16
CA ASP A 1026 50.42 3.26 41.41
C ASP A 1026 51.90 3.68 41.31
N GLU A 1027 52.69 3.24 42.29
CA GLU A 1027 54.11 3.59 42.32
C GLU A 1027 54.89 2.99 41.17
N ALA A 1028 54.39 1.90 40.58
CA ALA A 1028 55.05 1.26 39.44
C ALA A 1028 54.62 1.84 38.10
N HIS A 1029 53.86 2.93 38.11
CA HIS A 1029 53.34 3.61 36.93
C HIS A 1029 52.40 2.74 36.10
N ASP A 1030 51.98 1.59 36.63
CA ASP A 1030 51.02 0.73 35.96
C ASP A 1030 49.59 1.25 36.18
N LEU A 1031 48.77 1.05 35.15
CA LEU A 1031 47.34 1.34 35.26
C LEU A 1031 46.69 0.28 36.14
N VAL A 1032 46.50 0.60 37.42
CA VAL A 1032 46.02 -0.40 38.37
C VAL A 1032 44.50 -0.41 38.52
N ALA A 1033 43.81 0.67 38.16
CA ALA A 1033 42.37 0.73 38.31
C ALA A 1033 41.77 1.58 37.20
N ALA A 1034 40.64 1.14 36.67
CA ALA A 1034 39.93 1.87 35.63
C ALA A 1034 38.44 1.78 35.90
N VAL A 1035 37.76 2.92 35.78
CA VAL A 1035 36.32 3.04 36.05
C VAL A 1035 35.67 3.64 34.82
N ASP A 1036 34.54 3.07 34.39
CA ASP A 1036 33.91 3.43 33.15
C ASP A 1036 32.79 4.45 33.38
N GLN A 1037 32.03 4.74 32.31
CA GLN A 1037 31.00 5.77 32.37
C GLN A 1037 29.87 5.44 33.32
N TYR A 1038 29.72 4.17 33.73
CA TYR A 1038 28.68 3.78 34.65
C TYR A 1038 29.24 3.38 36.01
N GLU A 1039 30.46 3.83 36.31
CA GLU A 1039 31.13 3.58 37.58
C GLU A 1039 31.30 2.08 37.85
N ARG A 1040 31.73 1.35 36.81
CA ARG A 1040 32.09 -0.06 36.93
C ARG A 1040 33.61 -0.16 36.87
N THR A 1041 34.18 -0.94 37.78
CA THR A 1041 35.61 -0.90 38.05
C THR A 1041 36.31 -2.15 37.54
N HIS A 1042 37.35 -1.95 36.73
CA HIS A 1042 38.34 -2.98 36.44
C HIS A 1042 39.53 -2.82 37.40
N THR A 1043 40.09 -3.95 37.82
CA THR A 1043 41.24 -3.97 38.71
C THR A 1043 42.37 -4.77 38.05
N TYR A 1044 43.59 -4.24 38.16
CA TYR A 1044 44.74 -4.85 37.48
C TYR A 1044 45.90 -5.01 38.46
N ALA A 1045 46.63 -6.12 38.31
CA ALA A 1045 47.82 -6.41 39.10
C ALA A 1045 48.92 -6.87 38.16
N TYR A 1046 50.17 -6.50 38.47
CA TYR A 1046 51.27 -6.68 37.55
C TYR A 1046 52.48 -7.30 38.22
N GLN A 1047 53.33 -7.92 37.39
CA GLN A 1047 54.68 -8.36 37.76
C GLN A 1047 55.62 -7.83 36.70
N ASN A 1048 56.35 -6.76 37.01
CA ASN A 1048 57.19 -6.06 36.03
C ASN A 1048 56.37 -5.72 34.79
N HIS A 1049 55.19 -5.14 35.02
CA HIS A 1049 54.22 -4.72 34.02
C HIS A 1049 53.63 -5.89 33.25
N LEU A 1050 53.96 -7.13 33.61
CA LEU A 1050 53.26 -8.30 33.09
C LEU A 1050 52.07 -8.58 34.00
N ILE A 1051 50.86 -8.52 33.44
CA ILE A 1051 49.66 -8.67 34.25
C ILE A 1051 49.63 -10.06 34.89
N THR A 1052 49.31 -10.09 36.19
CA THR A 1052 49.07 -11.34 36.89
C THR A 1052 47.61 -11.54 37.27
N ARG A 1053 46.80 -10.49 37.22
CA ARG A 1053 45.36 -10.64 37.42
C ARG A 1053 44.65 -9.44 36.83
N TYR A 1054 43.56 -9.72 36.11
CA TYR A 1054 42.64 -8.69 35.63
C TYR A 1054 41.21 -9.17 35.85
N SER A 1055 40.34 -8.23 36.20
CA SER A 1055 38.99 -8.54 36.66
C SER A 1055 37.96 -7.98 35.68
N ASP A 1056 36.85 -8.69 35.54
CA ASP A 1056 35.69 -8.13 34.87
C ASP A 1056 35.07 -7.06 35.77
N LYS A 1057 34.11 -6.32 35.20
CA LYS A 1057 33.46 -5.23 35.91
C LYS A 1057 32.69 -5.70 37.14
N THR A 1058 32.64 -7.01 37.35
CA THR A 1058 31.98 -7.59 38.52
C THR A 1058 32.97 -8.04 39.58
N GLY A 1059 34.27 -7.88 39.33
CA GLY A 1059 35.28 -8.28 40.28
C GLY A 1059 35.86 -9.66 40.05
N ARG A 1060 35.16 -10.51 39.30
CA ARG A 1060 35.68 -11.84 38.98
C ARG A 1060 36.88 -11.70 38.05
N GLY A 1061 37.96 -12.42 38.37
CA GLY A 1061 39.23 -12.20 37.73
C GLY A 1061 39.80 -13.43 37.03
N ILE A 1062 40.87 -13.18 36.28
CA ILE A 1062 41.65 -14.23 35.62
C ILE A 1062 43.10 -14.01 36.02
N ASN A 1063 43.75 -15.07 36.50
CA ASN A 1063 45.08 -14.96 37.08
C ASN A 1063 46.11 -15.63 36.17
N LEU A 1064 47.33 -15.08 36.18
CA LEU A 1064 48.39 -15.56 35.32
C LEU A 1064 49.70 -15.64 36.09
N GLU A 1065 50.60 -16.46 35.56
CA GLU A 1065 51.98 -16.56 36.06
C GLU A 1065 52.89 -16.67 34.85
N TRP A 1066 54.16 -16.33 35.03
CA TRP A 1066 55.05 -16.09 33.90
C TRP A 1066 56.36 -16.85 34.04
N ASP A 1067 57.08 -16.91 32.92
CA ASP A 1067 58.39 -17.54 32.83
C ASP A 1067 59.52 -16.62 33.29
N GLY A 1068 59.22 -15.37 33.60
CA GLY A 1068 60.23 -14.44 34.05
C GLY A 1068 59.68 -13.03 34.11
N ASP A 1069 60.60 -12.08 34.30
CA ASP A 1069 60.22 -10.67 34.41
C ASP A 1069 60.42 -9.88 33.14
N HIS A 1070 61.21 -10.39 32.20
CA HIS A 1070 61.49 -9.67 30.97
C HIS A 1070 60.21 -9.55 30.12
N PRO A 1071 60.11 -8.52 29.29
CA PRO A 1071 58.90 -8.39 28.44
C PRO A 1071 58.71 -9.54 27.49
N GLN A 1072 59.75 -10.30 27.19
CA GLN A 1072 59.64 -11.45 26.30
C GLN A 1072 59.24 -12.72 27.04
N ALA A 1073 58.78 -12.61 28.29
CA ALA A 1073 58.43 -13.78 29.08
C ALA A 1073 57.20 -14.47 28.51
N LYS A 1074 57.15 -15.79 28.67
CA LYS A 1074 56.06 -16.60 28.18
C LYS A 1074 55.14 -16.96 29.34
N CYS A 1075 53.85 -16.68 29.18
CA CYS A 1075 52.88 -17.04 30.21
C CYS A 1075 52.70 -18.55 30.27
N VAL A 1076 52.80 -19.10 31.48
CA VAL A 1076 52.78 -20.55 31.66
C VAL A 1076 51.50 -21.07 32.31
N ARG A 1077 50.72 -20.21 32.98
CA ARG A 1077 49.54 -20.67 33.69
C ARG A 1077 48.42 -19.64 33.59
N GLU A 1078 47.19 -20.14 33.41
CA GLU A 1078 45.98 -19.35 33.44
C GLU A 1078 44.94 -20.06 34.29
N TYR A 1079 44.37 -19.34 35.26
CA TYR A 1079 43.37 -19.93 36.13
C TYR A 1079 42.46 -18.84 36.68
N ARG A 1080 41.22 -19.23 36.99
CA ARG A 1080 40.25 -18.30 37.56
C ARG A 1080 40.51 -18.11 39.05
N ASP A 1081 39.67 -17.30 39.69
CA ASP A 1081 39.86 -17.01 41.11
C ASP A 1081 39.61 -18.24 41.98
N ASP A 1082 38.69 -19.11 41.57
CA ASP A 1082 38.43 -20.35 42.30
C ASP A 1082 39.42 -21.45 41.97
N GLY A 1083 40.38 -21.20 41.09
CA GLY A 1083 41.35 -22.20 40.69
C GLY A 1083 40.96 -23.02 39.48
N SER A 1084 39.70 -22.97 39.06
CA SER A 1084 39.23 -23.78 37.96
C SER A 1084 39.73 -23.22 36.63
N ASN A 1085 39.41 -23.93 35.54
CA ASN A 1085 39.76 -23.51 34.18
C ASN A 1085 41.28 -23.39 34.02
N LEU A 1086 42.02 -24.26 34.71
CA LEU A 1086 43.47 -24.23 34.63
C LEU A 1086 43.96 -24.52 33.23
N LEU A 1087 44.94 -23.74 32.77
CA LEU A 1087 45.65 -23.99 31.52
C LEU A 1087 47.14 -23.97 31.82
N ARG A 1088 47.86 -24.97 31.34
CA ARG A 1088 49.30 -25.08 31.54
C ARG A 1088 50.00 -25.06 30.18
N PHE A 1089 50.95 -24.13 30.03
CA PHE A 1089 51.65 -23.92 28.77
C PHE A 1089 53.10 -24.34 28.90
N ARG A 1090 53.54 -25.21 28.00
CA ARG A 1090 54.94 -25.60 27.90
C ARG A 1090 55.45 -25.25 26.51
N TRP A 1091 56.75 -25.00 26.40
CA TRP A 1091 57.34 -24.50 25.18
C TRP A 1091 58.45 -25.43 24.73
N ASP A 1092 58.41 -25.82 23.46
CA ASP A 1092 59.43 -26.67 22.87
C ASP A 1092 60.21 -25.81 21.89
N GLU A 1093 61.17 -25.06 22.41
CA GLU A 1093 61.93 -24.13 21.59
C GLU A 1093 62.93 -24.84 20.69
N SER A 1094 63.23 -26.11 20.94
CA SER A 1094 64.13 -26.84 20.07
C SER A 1094 63.42 -27.53 18.91
N GLU A 1095 62.10 -27.58 18.95
CA GLU A 1095 61.28 -28.09 17.87
C GLU A 1095 60.24 -27.07 17.40
N SER A 1096 60.24 -25.86 17.99
CA SER A 1096 59.27 -24.82 17.65
C SER A 1096 57.84 -25.34 17.84
N LYS A 1097 57.61 -25.88 19.03
CA LYS A 1097 56.32 -26.49 19.37
C LYS A 1097 55.84 -25.94 20.70
N THR A 1098 54.52 -25.84 20.84
CA THR A 1098 53.88 -25.33 22.05
C THR A 1098 52.89 -26.35 22.59
N TYR A 1099 53.08 -26.75 23.84
CA TYR A 1099 52.18 -27.69 24.51
C TYR A 1099 51.26 -26.90 25.44
N VAL A 1100 49.96 -27.04 25.25
CA VAL A 1100 48.97 -26.44 26.13
C VAL A 1100 48.18 -27.57 26.78
N THR A 1101 48.30 -27.69 28.10
CA THR A 1101 47.62 -28.72 28.87
C THR A 1101 46.53 -28.09 29.72
N ASP A 1102 45.36 -28.73 29.74
CA ASP A 1102 44.19 -28.17 30.41
C ASP A 1102 44.10 -28.72 31.83
N ALA A 1103 42.95 -28.49 32.48
CA ALA A 1103 42.76 -28.91 33.87
C ALA A 1103 42.58 -30.41 34.03
N LEU A 1104 42.43 -31.16 32.93
CA LEU A 1104 42.26 -32.60 33.00
C LEU A 1104 43.40 -33.34 32.31
N SER A 1105 44.57 -32.71 32.23
CA SER A 1105 45.80 -33.31 31.70
C SER A 1105 45.69 -33.68 30.22
N ALA A 1106 44.69 -33.15 29.52
CA ALA A 1106 44.62 -33.31 28.08
C ALA A 1106 45.49 -32.26 27.41
N THR A 1107 46.29 -32.67 26.43
CA THR A 1107 47.30 -31.80 25.85
C THR A 1107 47.05 -31.63 24.35
N THR A 1108 47.10 -30.39 23.89
CA THR A 1108 47.07 -30.06 22.47
C THR A 1108 48.42 -29.47 22.10
N VAL A 1109 49.02 -29.98 21.03
CA VAL A 1109 50.39 -29.62 20.65
C VAL A 1109 50.35 -28.89 19.32
N TYR A 1110 50.79 -27.63 19.33
CA TYR A 1110 50.88 -26.82 18.13
C TYR A 1110 52.32 -26.78 17.63
N THR A 1111 52.51 -26.96 16.33
CA THR A 1111 53.82 -26.91 15.70
C THR A 1111 53.87 -25.71 14.76
N PHE A 1112 54.98 -24.97 14.81
CA PHE A 1112 55.10 -23.71 14.09
C PHE A 1112 56.27 -23.75 13.11
N ASP A 1113 56.16 -22.95 12.06
CA ASP A 1113 57.24 -22.77 11.12
C ASP A 1113 58.16 -21.64 11.62
N ALA A 1114 59.14 -21.27 10.79
CA ALA A 1114 60.09 -20.24 11.19
C ALA A 1114 59.42 -18.88 11.39
N HIS A 1115 58.22 -18.68 10.84
CA HIS A 1115 57.51 -17.42 10.96
C HIS A 1115 56.39 -17.48 12.01
N ASN A 1116 56.45 -18.45 12.92
CA ASN A 1116 55.53 -18.53 14.06
C ASN A 1116 54.09 -18.68 13.60
N TYR A 1117 53.88 -19.48 12.56
CA TYR A 1117 52.56 -19.83 12.07
C TYR A 1117 52.32 -21.32 12.25
N ILE A 1118 51.07 -21.67 12.58
CA ILE A 1118 50.73 -23.05 12.86
C ILE A 1118 50.87 -23.89 11.60
N ILE A 1119 51.66 -24.96 11.68
CA ILE A 1119 51.75 -25.92 10.59
C ILE A 1119 51.20 -27.29 10.95
N HIS A 1120 51.16 -27.64 12.24
CA HIS A 1120 50.55 -28.88 12.70
C HIS A 1120 49.84 -28.63 14.02
N ILE A 1121 48.77 -29.38 14.23
CA ILE A 1121 48.07 -29.40 15.52
C ILE A 1121 47.79 -30.85 15.86
N ASP A 1122 48.36 -31.31 16.96
CA ASP A 1122 48.12 -32.66 17.46
C ASP A 1122 47.15 -32.58 18.63
N PHE A 1123 45.97 -33.15 18.46
CA PHE A 1123 44.92 -33.03 19.45
C PHE A 1123 45.00 -34.14 20.48
N ALA A 1124 44.16 -34.03 21.51
CA ALA A 1124 44.21 -34.95 22.65
C ALA A 1124 43.68 -36.33 22.32
N ASP A 1125 43.02 -36.53 21.19
CA ASP A 1125 42.56 -37.85 20.78
C ASP A 1125 43.56 -38.59 19.90
N GLY A 1126 44.72 -37.99 19.63
CA GLY A 1126 45.71 -38.62 18.77
C GLY A 1126 45.62 -38.25 17.31
N THR A 1127 44.91 -37.18 16.98
CA THR A 1127 44.74 -36.75 15.60
C THR A 1127 45.63 -35.54 15.31
N ARG A 1128 46.11 -35.46 14.07
CA ARG A 1128 46.95 -34.37 13.62
C ARG A 1128 46.28 -33.64 12.47
N GLN A 1129 46.23 -32.31 12.58
CA GLN A 1129 45.84 -31.44 11.48
C GLN A 1129 47.07 -30.70 10.96
N SER A 1130 47.16 -30.56 9.64
CA SER A 1130 48.30 -29.92 9.00
C SER A 1130 47.83 -28.75 8.15
N ARG A 1131 48.63 -27.69 8.12
CA ARG A 1131 48.31 -26.49 7.35
C ARG A 1131 49.49 -26.13 6.47
N ILE A 1132 49.27 -26.16 5.15
CA ILE A 1132 50.28 -25.78 4.17
C ILE A 1132 50.11 -24.29 3.88
N ARG A 1133 51.21 -23.57 3.76
CA ARG A 1133 51.17 -22.11 3.76
C ARG A 1133 51.85 -21.51 2.54
N ASP A 1134 51.24 -20.44 2.03
CA ASP A 1134 51.82 -19.64 0.97
C ASP A 1134 53.11 -18.98 1.46
N GLU A 1135 53.91 -18.49 0.50
CA GLU A 1135 55.04 -17.65 0.86
C GLU A 1135 54.59 -16.37 1.54
N PHE A 1136 53.31 -16.02 1.44
CA PHE A 1136 52.76 -14.83 2.05
C PHE A 1136 52.02 -15.16 3.34
N HIS A 1137 52.28 -16.34 3.91
CA HIS A 1137 51.75 -16.85 5.16
C HIS A 1137 50.28 -17.21 5.09
N ASN A 1138 49.64 -17.07 3.93
CA ASN A 1138 48.27 -17.52 3.77
C ASN A 1138 48.21 -19.04 3.84
N ILE A 1139 47.09 -19.56 4.34
CA ILE A 1139 46.87 -21.00 4.43
C ILE A 1139 46.30 -21.46 3.10
N VAL A 1140 47.09 -22.24 2.35
CA VAL A 1140 46.67 -22.71 1.04
C VAL A 1140 46.08 -24.11 1.10
N GLU A 1141 46.32 -24.87 2.16
CA GLU A 1141 45.82 -26.24 2.23
C GLU A 1141 45.72 -26.66 3.69
N VAL A 1142 44.61 -27.31 4.04
CA VAL A 1142 44.40 -27.88 5.36
C VAL A 1142 44.15 -29.38 5.17
N ARG A 1143 44.98 -30.20 5.80
CA ARG A 1143 44.86 -31.65 5.71
C ARG A 1143 44.41 -32.21 7.05
N TYR A 1144 43.33 -32.96 7.02
CA TYR A 1144 42.65 -33.53 8.17
C TYR A 1144 43.12 -34.96 8.41
N PRO A 1145 42.88 -35.53 9.60
CA PRO A 1145 43.44 -36.85 9.90
C PRO A 1145 42.97 -37.97 8.99
N ASP A 1146 41.91 -37.76 8.20
CA ASP A 1146 41.52 -38.71 7.17
C ASP A 1146 42.06 -38.31 5.80
N ASP A 1147 43.09 -37.46 5.78
CA ASP A 1147 43.67 -36.94 4.53
C ASP A 1147 42.63 -36.26 3.65
N SER A 1148 41.57 -35.75 4.25
CA SER A 1148 40.61 -34.93 3.52
C SER A 1148 41.17 -33.52 3.40
N PHE A 1149 40.94 -32.88 2.26
CA PHE A 1149 41.63 -31.65 1.93
C PHE A 1149 40.68 -30.47 1.78
N GLU A 1150 41.21 -29.28 2.10
CA GLU A 1150 40.62 -28.00 1.75
C GLU A 1150 41.72 -27.15 1.14
N LYS A 1151 41.56 -26.80 -0.13
CA LYS A 1151 42.57 -26.09 -0.88
C LYS A 1151 42.10 -24.67 -1.19
N TYR A 1152 43.00 -23.70 -1.04
CA TYR A 1152 42.69 -22.30 -1.30
C TYR A 1152 43.71 -21.71 -2.27
N GLU A 1153 43.25 -20.77 -3.07
CA GLU A 1153 44.09 -20.05 -4.03
C GLU A 1153 43.89 -18.56 -3.83
N TYR A 1154 44.99 -17.81 -3.93
CA TYR A 1154 44.99 -16.40 -3.61
C TYR A 1154 45.51 -15.61 -4.80
N ASP A 1155 45.07 -14.36 -4.88
CA ASP A 1155 45.63 -13.41 -5.83
C ASP A 1155 46.82 -12.70 -5.20
N GLU A 1156 47.39 -11.74 -5.93
CA GLU A 1156 48.42 -10.88 -5.37
C GLU A 1156 47.83 -9.81 -4.44
N PHE A 1157 46.57 -9.95 -4.05
CA PHE A 1157 45.97 -9.05 -3.07
C PHE A 1157 45.46 -9.83 -1.86
N ASP A 1158 45.93 -11.06 -1.69
CA ASP A 1158 45.64 -11.92 -0.55
C ASP A 1158 44.15 -12.20 -0.38
N ASN A 1159 43.38 -12.09 -1.46
CA ASN A 1159 41.97 -12.46 -1.46
C ASN A 1159 41.80 -13.90 -1.92
N ILE A 1160 40.97 -14.65 -1.21
CA ILE A 1160 40.76 -16.06 -1.53
C ILE A 1160 39.97 -16.14 -2.83
N LEU A 1161 40.62 -16.60 -3.90
CA LEU A 1161 39.97 -16.67 -5.21
C LEU A 1161 39.16 -17.95 -5.40
N LYS A 1162 39.69 -19.09 -4.95
CA LYS A 1162 39.10 -20.38 -5.27
C LYS A 1162 39.17 -21.29 -4.05
N LEU A 1163 38.02 -21.87 -3.69
CA LEU A 1163 37.93 -22.85 -2.60
C LEU A 1163 37.71 -24.23 -3.20
N THR A 1164 38.72 -25.09 -3.06
CA THR A 1164 38.63 -26.48 -3.49
C THR A 1164 38.35 -27.33 -2.26
N ARG A 1165 37.08 -27.70 -2.08
CA ARG A 1165 36.66 -28.44 -0.90
C ARG A 1165 37.08 -29.90 -1.01
N ALA A 1166 36.74 -30.69 0.01
CA ALA A 1166 36.80 -32.13 -0.15
C ALA A 1166 35.76 -32.56 -1.18
N ASP A 1167 36.00 -33.73 -1.78
CA ASP A 1167 35.35 -34.26 -2.99
C ASP A 1167 35.65 -33.39 -4.21
N HIS A 1168 36.54 -32.40 -4.08
CA HIS A 1168 37.06 -31.55 -5.15
C HIS A 1168 36.05 -30.58 -5.73
N THR A 1169 34.90 -30.37 -5.06
CA THR A 1169 33.97 -29.36 -5.51
C THR A 1169 34.56 -27.97 -5.27
N THR A 1170 34.21 -27.02 -6.15
CA THR A 1170 34.89 -25.74 -6.20
C THR A 1170 33.92 -24.57 -6.04
N VAL A 1171 34.34 -23.58 -5.26
CA VAL A 1171 33.66 -22.29 -5.14
C VAL A 1171 34.65 -21.20 -5.50
N GLY A 1172 34.22 -20.24 -6.33
CA GLY A 1172 35.10 -19.21 -6.84
C GLY A 1172 34.61 -17.82 -6.54
N TRP A 1173 35.56 -16.89 -6.36
CA TRP A 1173 35.29 -15.49 -6.10
C TRP A 1173 36.18 -14.61 -6.97
N GLU A 1174 35.69 -13.40 -7.25
CA GLU A 1174 36.45 -12.40 -8.00
C GLU A 1174 36.42 -11.08 -7.24
N TYR A 1175 37.48 -10.29 -7.40
CA TYR A 1175 37.66 -9.08 -6.61
C TYR A 1175 38.16 -7.94 -7.47
N ASP A 1176 37.86 -6.72 -7.04
CA ASP A 1176 38.36 -5.51 -7.67
C ASP A 1176 39.62 -5.05 -6.94
N GLN A 1177 40.12 -3.86 -7.29
CA GLN A 1177 41.29 -3.31 -6.61
C GLN A 1177 41.01 -3.02 -5.14
N TYR A 1178 39.74 -2.82 -4.78
CA TYR A 1178 39.36 -2.53 -3.40
C TYR A 1178 39.03 -3.78 -2.59
N SER A 1179 39.32 -4.97 -3.14
CA SER A 1179 39.17 -6.24 -2.44
C SER A 1179 37.72 -6.50 -2.01
N GLN A 1180 36.76 -6.06 -2.82
CA GLN A 1180 35.35 -6.34 -2.57
C GLN A 1180 34.86 -7.40 -3.54
N ILE A 1181 34.01 -8.30 -3.05
CA ILE A 1181 33.56 -9.44 -3.82
C ILE A 1181 32.66 -8.97 -4.96
N THR A 1182 33.09 -9.23 -6.19
CA THR A 1182 32.32 -8.86 -7.38
C THR A 1182 31.47 -10.01 -7.91
N LYS A 1183 31.99 -11.25 -7.91
CA LYS A 1183 31.26 -12.40 -8.42
C LYS A 1183 31.51 -13.61 -7.53
N ILE A 1184 30.45 -14.41 -7.35
CA ILE A 1184 30.53 -15.67 -6.60
C ILE A 1184 29.93 -16.77 -7.46
N VAL A 1185 30.65 -17.88 -7.60
CA VAL A 1185 30.18 -19.04 -8.34
C VAL A 1185 30.17 -20.24 -7.40
N ASP A 1186 29.05 -20.92 -7.32
CA ASP A 1186 28.85 -22.04 -6.43
C ASP A 1186 29.34 -23.33 -7.08
N PRO A 1187 29.40 -24.45 -6.32
CA PRO A 1187 29.82 -25.71 -6.94
C PRO A 1187 28.97 -26.15 -8.12
N GLY A 1188 27.73 -25.67 -8.23
CA GLY A 1188 26.89 -25.99 -9.35
C GLY A 1188 27.07 -25.11 -10.57
N GLY A 1189 27.99 -24.15 -10.52
CA GLY A 1189 28.22 -23.24 -11.62
C GLY A 1189 27.30 -22.05 -11.68
N ASN A 1190 26.39 -21.89 -10.73
CA ASN A 1190 25.48 -20.76 -10.70
C ASN A 1190 26.22 -19.51 -10.25
N ILE A 1191 25.93 -18.38 -10.91
CA ILE A 1191 26.69 -17.15 -10.74
C ILE A 1191 25.88 -16.15 -9.94
N TRP A 1192 26.53 -15.55 -8.94
CA TRP A 1192 26.01 -14.38 -8.25
C TRP A 1192 26.98 -13.22 -8.46
N THR A 1193 26.44 -12.04 -8.72
CA THR A 1193 27.25 -10.87 -9.04
C THR A 1193 26.88 -9.71 -8.13
N ARG A 1194 27.84 -8.81 -7.94
CA ARG A 1194 27.66 -7.63 -7.10
C ARG A 1194 28.33 -6.43 -7.76
N ASP A 1195 27.71 -5.27 -7.60
CA ASP A 1195 28.21 -4.03 -8.17
C ASP A 1195 28.42 -3.00 -7.06
N TYR A 1196 29.39 -2.11 -7.28
CA TYR A 1196 29.75 -1.10 -6.31
C TYR A 1196 29.91 0.26 -7.01
N ASP A 1197 29.74 1.32 -6.22
CA ASP A 1197 29.92 2.68 -6.74
C ASP A 1197 31.35 3.15 -6.46
N GLN A 1198 31.62 4.42 -6.74
CA GLN A 1198 32.95 4.95 -6.49
C GLN A 1198 33.23 5.20 -5.01
N PHE A 1199 32.25 5.00 -4.14
CA PHE A 1199 32.40 5.27 -2.72
C PHE A 1199 32.52 4.02 -1.86
N GLY A 1200 32.45 2.83 -2.47
CA GLY A 1200 32.68 1.58 -1.77
C GLY A 1200 31.44 0.84 -1.30
N ASN A 1201 30.24 1.37 -1.57
CA ASN A 1201 29.01 0.74 -1.15
C ASN A 1201 28.55 -0.28 -2.19
N MET A 1202 27.93 -1.35 -1.71
CA MET A 1202 27.41 -2.39 -2.61
C MET A 1202 26.07 -1.91 -3.17
N ILE A 1203 26.06 -1.56 -4.45
CA ILE A 1203 24.85 -0.98 -5.03
C ILE A 1203 23.88 -2.06 -5.48
N ARG A 1204 24.39 -3.12 -6.13
CA ARG A 1204 23.54 -4.13 -6.72
C ARG A 1204 24.00 -5.52 -6.30
N GLU A 1205 23.04 -6.45 -6.29
CA GLU A 1205 23.31 -7.88 -6.13
C GLU A 1205 22.35 -8.64 -7.03
N THR A 1206 22.88 -9.53 -7.85
CA THR A 1206 22.10 -10.23 -8.86
C THR A 1206 22.26 -11.74 -8.66
N ASP A 1207 21.14 -12.46 -8.72
CA ASP A 1207 21.13 -13.90 -8.56
C ASP A 1207 21.23 -14.57 -9.93
N PRO A 1208 21.51 -15.88 -9.96
CA PRO A 1208 21.64 -16.57 -11.26
C PRO A 1208 20.36 -16.60 -12.08
N LYS A 1209 19.20 -16.27 -11.50
CA LYS A 1209 17.98 -16.18 -12.28
C LYS A 1209 17.80 -14.83 -12.96
N GLY A 1210 18.70 -13.87 -12.71
CA GLY A 1210 18.64 -12.57 -13.33
C GLY A 1210 18.02 -11.49 -12.48
N HIS A 1211 17.35 -11.84 -11.40
CA HIS A 1211 16.71 -10.84 -10.55
C HIS A 1211 17.78 -10.02 -9.80
N THR A 1212 17.43 -8.77 -9.51
CA THR A 1212 18.38 -7.83 -8.93
C THR A 1212 17.72 -7.06 -7.79
N SER A 1213 18.44 -6.93 -6.68
CA SER A 1213 18.03 -6.11 -5.56
C SER A 1213 18.90 -4.85 -5.53
N GLU A 1214 18.26 -3.69 -5.49
CA GLU A 1214 18.95 -2.41 -5.57
C GLU A 1214 19.09 -1.79 -4.18
N PHE A 1215 20.26 -1.22 -3.91
CA PHE A 1215 20.53 -0.56 -2.64
C PHE A 1215 21.18 0.80 -2.92
N GLN A 1216 20.70 1.82 -2.23
CA GLN A 1216 21.26 3.17 -2.36
C GLN A 1216 21.61 3.70 -0.98
N TYR A 1217 22.71 4.45 -0.90
CA TYR A 1217 23.30 4.85 0.37
C TYR A 1217 23.46 6.36 0.42
N THR A 1218 23.71 6.86 1.62
CA THR A 1218 23.91 8.28 1.86
C THR A 1218 25.41 8.61 1.92
N ALA A 1219 25.71 9.89 2.07
CA ALA A 1219 27.09 10.34 2.10
C ALA A 1219 27.86 9.79 3.30
N GLU A 1220 27.15 9.34 4.34
CA GLU A 1220 27.80 8.72 5.50
C GLU A 1220 27.87 7.20 5.37
N GLY A 1221 27.39 6.63 4.27
CA GLY A 1221 27.47 5.21 4.04
C GLY A 1221 26.32 4.40 4.60
N LEU A 1222 25.31 5.05 5.18
CA LEU A 1222 24.16 4.35 5.73
C LEU A 1222 23.22 3.90 4.62
N LEU A 1223 22.73 2.66 4.76
CA LEU A 1223 21.74 2.14 3.81
C LEU A 1223 20.42 2.86 4.01
N ILE A 1224 19.99 3.61 3.00
CA ILE A 1224 18.83 4.47 3.09
C ILE A 1224 17.60 3.83 2.43
N GLN A 1225 17.81 3.11 1.34
CA GLN A 1225 16.70 2.58 0.55
C GLN A 1225 17.11 1.27 -0.09
N SER A 1226 16.13 0.37 -0.23
CA SER A 1226 16.36 -0.95 -0.79
C SER A 1226 15.18 -1.34 -1.67
N VAL A 1227 15.47 -2.02 -2.77
CA VAL A 1227 14.45 -2.49 -3.70
C VAL A 1227 14.65 -4.00 -3.87
N ASN A 1228 13.61 -4.77 -3.58
CA ASN A 1228 13.70 -6.22 -3.70
C ASN A 1228 13.51 -6.64 -5.14
N PRO A 1229 13.81 -7.90 -5.48
CA PRO A 1229 13.60 -8.36 -6.87
C PRO A 1229 12.18 -8.12 -7.38
N ALA A 1230 11.18 -8.14 -6.51
CA ALA A 1230 9.79 -7.90 -6.90
C ALA A 1230 9.47 -6.42 -7.02
N GLY A 1231 10.45 -5.54 -6.86
CA GLY A 1231 10.23 -4.10 -6.95
C GLY A 1231 9.77 -3.42 -5.68
N GLY A 1232 9.61 -4.16 -4.58
CA GLY A 1232 9.17 -3.55 -3.33
C GLY A 1232 10.28 -2.70 -2.73
N VAL A 1233 9.91 -1.50 -2.29
CA VAL A 1233 10.87 -0.51 -1.82
C VAL A 1233 10.82 -0.45 -0.29
N SER A 1234 11.98 -0.59 0.34
CA SER A 1234 12.13 -0.47 1.78
C SER A 1234 13.00 0.74 2.08
N THR A 1235 12.63 1.50 3.11
CA THR A 1235 13.28 2.75 3.44
C THR A 1235 13.70 2.79 4.90
N LEU A 1236 14.75 3.55 5.17
CA LEU A 1236 15.27 3.72 6.53
C LEU A 1236 15.62 5.18 6.73
N SER A 1237 15.75 5.56 8.00
CA SER A 1237 16.16 6.93 8.35
C SER A 1237 16.84 6.90 9.71
N TYR A 1238 17.83 7.77 9.87
CA TYR A 1238 18.68 7.75 11.05
C TYR A 1238 18.80 9.14 11.65
N ASN A 1239 19.09 9.20 12.94
CA ASN A 1239 19.47 10.43 13.62
C ASN A 1239 20.93 10.75 13.29
N PRO A 1240 21.41 11.94 13.64
CA PRO A 1240 22.84 12.25 13.42
C PRO A 1240 23.79 11.27 14.09
N ALA A 1241 23.31 10.45 15.02
CA ALA A 1241 24.15 9.44 15.68
C ALA A 1241 24.11 8.09 14.98
N GLY A 1242 23.58 8.03 13.76
CA GLY A 1242 23.59 6.79 13.00
C GLY A 1242 22.74 5.68 13.56
N LEU A 1243 21.81 5.99 14.46
CA LEU A 1243 20.93 4.99 15.06
C LEU A 1243 19.62 4.91 14.28
N LEU A 1244 19.18 3.68 14.01
CA LEU A 1244 17.99 3.44 13.18
C LEU A 1244 16.75 4.05 13.82
N ILE A 1245 16.19 5.08 13.19
CA ILE A 1245 15.01 5.75 13.74
C ILE A 1245 13.72 5.11 13.26
N ARG A 1246 13.67 4.67 12.00
CA ARG A 1246 12.44 4.18 11.41
C ARG A 1246 12.75 3.15 10.34
N TYR A 1247 11.82 2.22 10.13
CA TYR A 1247 11.89 1.26 9.04
C TYR A 1247 10.50 1.09 8.43
N SER A 1248 10.42 1.16 7.10
CA SER A 1248 9.19 0.96 6.36
C SER A 1248 9.36 -0.19 5.38
N ASP A 1249 8.43 -1.13 5.41
CA ASP A 1249 8.52 -2.34 4.59
C ASP A 1249 8.05 -2.04 3.16
N CYS A 1250 7.90 -3.09 2.35
CA CYS A 1250 7.41 -2.96 0.99
C CYS A 1250 5.96 -2.47 0.94
N SER A 1251 5.25 -2.48 2.07
CA SER A 1251 3.88 -1.98 2.15
C SER A 1251 3.79 -0.64 2.88
N ASN A 1252 4.94 0.01 3.13
CA ASN A 1252 5.01 1.30 3.81
C ASN A 1252 4.45 1.22 5.24
N LYS A 1253 4.48 0.04 5.85
CA LYS A 1253 4.14 -0.09 7.26
C LYS A 1253 5.38 0.29 8.07
N THR A 1254 5.23 1.31 8.91
CA THR A 1254 6.39 2.01 9.48
C THR A 1254 6.58 1.60 10.94
N ARG A 1255 7.78 1.08 11.24
CA ARG A 1255 8.23 0.86 12.60
C ARG A 1255 9.18 1.99 12.99
N ARG A 1256 9.12 2.42 14.25
CA ARG A 1256 9.87 3.58 14.68
C ARG A 1256 10.55 3.31 16.01
N TRP A 1257 11.66 4.01 16.24
CA TRP A 1257 12.43 3.91 17.47
C TRP A 1257 12.79 5.30 17.98
N GLU A 1258 12.85 5.43 19.31
CA GLU A 1258 13.30 6.64 19.97
C GLU A 1258 14.48 6.32 20.87
N TYR A 1259 15.37 7.29 21.05
CA TYR A 1259 16.67 7.04 21.65
C TYR A 1259 16.96 8.03 22.78
N ASP A 1260 17.72 7.56 23.76
CA ASP A 1260 18.16 8.39 24.87
C ASP A 1260 19.22 9.39 24.40
N LEU A 1261 19.55 10.32 25.30
CA LEU A 1261 20.64 11.26 25.04
C LEU A 1261 22.00 10.58 25.04
N LEU A 1262 22.10 9.36 25.55
CA LEU A 1262 23.34 8.58 25.51
C LEU A 1262 23.26 7.44 24.50
N GLY A 1263 22.33 7.53 23.55
CA GLY A 1263 22.21 6.55 22.49
C GLY A 1263 21.55 5.24 22.86
N ARG A 1264 20.80 5.19 23.95
CA ARG A 1264 20.09 3.97 24.34
C ARG A 1264 18.63 4.06 23.91
N THR A 1265 18.11 2.93 23.41
CA THR A 1265 16.73 2.89 22.93
C THR A 1265 15.77 3.03 24.10
N VAL A 1266 14.90 4.04 24.04
CA VAL A 1266 13.94 4.28 25.11
C VAL A 1266 12.49 4.05 24.67
N LYS A 1267 12.21 4.00 23.36
CA LYS A 1267 10.86 3.74 22.90
C LYS A 1267 10.93 2.95 21.61
N GLN A 1268 9.98 2.02 21.44
CA GLN A 1268 9.77 1.34 20.16
C GLN A 1268 8.29 1.31 19.87
N THR A 1269 7.91 1.68 18.64
CA THR A 1269 6.51 1.77 18.23
C THR A 1269 6.28 0.83 17.05
N ASP A 1270 5.39 -0.13 17.22
CA ASP A 1270 5.06 -1.06 16.16
C ASP A 1270 4.28 -0.33 15.06
N PRO A 1271 4.20 -0.91 13.86
CA PRO A 1271 3.44 -0.26 12.78
C PRO A 1271 1.98 0.03 13.12
N CYS A 1272 1.43 -0.57 14.17
CA CYS A 1272 0.07 -0.28 14.61
C CYS A 1272 0.02 0.81 15.67
N GLY A 1273 1.15 1.45 15.99
CA GLY A 1273 1.18 2.57 16.91
C GLY A 1273 1.34 2.21 18.36
N ASN A 1274 1.46 0.93 18.70
CA ASN A 1274 1.60 0.51 20.09
C ASN A 1274 3.06 0.65 20.52
N ALA A 1275 3.31 1.45 21.55
CA ALA A 1275 4.66 1.85 21.93
C ALA A 1275 5.12 1.07 23.15
N GLU A 1276 6.31 0.47 23.04
CA GLU A 1276 6.99 -0.14 24.17
C GLU A 1276 8.05 0.82 24.69
N SER A 1277 8.23 0.87 26.01
CA SER A 1277 9.11 1.83 26.64
C SER A 1277 10.18 1.12 27.45
N TYR A 1278 11.36 1.73 27.52
CA TYR A 1278 12.52 1.12 28.15
C TYR A 1278 13.16 2.08 29.15
N GLU A 1279 13.59 1.52 30.29
CA GLU A 1279 14.28 2.27 31.33
C GLU A 1279 15.52 1.49 31.73
N TYR A 1280 16.57 2.22 32.11
CA TYR A 1280 17.89 1.63 32.30
C TYR A 1280 18.33 1.77 33.76
N ASN A 1281 19.08 0.79 34.22
CA ASN A 1281 19.52 0.72 35.61
C ASN A 1281 20.83 1.49 35.78
N ARG A 1282 21.54 1.25 36.88
CA ARG A 1282 22.78 1.96 37.18
C ARG A 1282 23.92 1.55 36.26
N TYR A 1283 23.87 0.35 35.69
CA TYR A 1283 25.00 -0.19 34.93
C TYR A 1283 24.78 -0.08 33.42
N GLY A 1284 23.83 0.73 32.98
CA GLY A 1284 23.59 0.93 31.57
C GLY A 1284 22.75 -0.14 30.90
N PHE A 1285 22.34 -1.17 31.65
CA PHE A 1285 21.46 -2.21 31.13
C PHE A 1285 20.00 -1.87 31.45
N ILE A 1286 19.10 -2.52 30.73
CA ILE A 1286 17.68 -2.22 30.85
C ILE A 1286 17.19 -2.60 32.25
N ASN A 1287 16.42 -1.71 32.86
CA ASN A 1287 15.84 -1.91 34.18
C ASN A 1287 14.40 -2.39 34.12
N GLU A 1288 13.55 -1.76 33.31
CA GLU A 1288 12.18 -2.20 33.15
C GLU A 1288 11.73 -2.04 31.72
N VAL A 1289 10.74 -2.85 31.33
CA VAL A 1289 10.12 -2.78 30.02
C VAL A 1289 8.64 -2.53 30.26
N ARG A 1290 8.15 -1.36 29.86
CA ARG A 1290 6.76 -0.99 30.05
C ARG A 1290 6.04 -1.12 28.72
N ARG A 1291 5.04 -1.99 28.67
CA ARG A 1291 4.41 -2.41 27.43
C ARG A 1291 3.06 -1.75 27.24
N PRO A 1292 2.52 -1.76 26.01
CA PRO A 1292 1.27 -1.05 25.74
C PRO A 1292 0.10 -1.45 26.64
N ASP A 1293 0.00 -2.71 27.04
CA ASP A 1293 -1.11 -3.14 27.88
C ASP A 1293 -0.93 -2.76 29.35
N GLY A 1294 0.09 -1.97 29.68
CA GLY A 1294 0.36 -1.58 31.03
C GLY A 1294 1.22 -2.55 31.81
N SER A 1295 1.50 -3.73 31.26
CA SER A 1295 2.37 -4.68 31.94
C SER A 1295 3.81 -4.19 31.96
N VAL A 1296 4.54 -4.61 32.99
CA VAL A 1296 5.91 -4.16 33.21
C VAL A 1296 6.78 -5.36 33.54
N LEU A 1297 7.88 -5.51 32.81
CA LEU A 1297 8.93 -6.45 33.17
C LEU A 1297 9.98 -5.72 33.99
N THR A 1298 10.50 -6.39 35.02
CA THR A 1298 11.57 -5.86 35.84
C THR A 1298 12.76 -6.81 35.80
N LEU A 1299 13.96 -6.25 35.63
CA LEU A 1299 15.16 -7.04 35.45
C LEU A 1299 16.27 -6.57 36.38
N ASP A 1300 17.26 -7.44 36.56
CA ASP A 1300 18.44 -7.14 37.37
C ASP A 1300 19.65 -7.72 36.67
N PHE A 1301 20.74 -6.96 36.64
CA PHE A 1301 21.90 -7.32 35.84
C PHE A 1301 23.19 -7.06 36.61
N ASP A 1302 24.18 -7.93 36.40
CA ASP A 1302 25.52 -7.67 36.87
C ASP A 1302 26.10 -6.42 36.19
N GLU A 1303 27.23 -5.96 36.70
CA GLU A 1303 27.99 -4.94 36.00
C GLU A 1303 28.44 -5.40 34.62
N GLU A 1304 28.51 -6.72 34.40
CA GLU A 1304 28.94 -7.28 33.12
C GLU A 1304 27.79 -7.86 32.32
N GLY A 1305 26.55 -7.54 32.68
CA GLY A 1305 25.39 -7.90 31.88
C GLY A 1305 24.78 -9.26 32.14
N ARG A 1306 25.26 -10.00 33.13
CA ARG A 1306 24.63 -11.27 33.47
C ARG A 1306 23.32 -11.03 34.20
N LEU A 1307 22.23 -11.59 33.67
CA LEU A 1307 20.91 -11.40 34.27
C LEU A 1307 20.86 -12.07 35.64
N LEU A 1308 20.58 -11.28 36.68
CA LEU A 1308 20.52 -11.77 38.04
C LEU A 1308 19.11 -12.12 38.49
N SER A 1309 18.12 -11.36 38.06
CA SER A 1309 16.74 -11.58 38.49
C SER A 1309 15.78 -11.04 37.46
N PHE A 1310 14.58 -11.61 37.44
CA PHE A 1310 13.55 -11.20 36.51
C PHE A 1310 12.20 -11.36 37.19
N ILE A 1311 11.34 -10.35 37.06
CA ILE A 1311 10.04 -10.33 37.71
C ILE A 1311 8.97 -10.21 36.63
N ASP A 1312 7.98 -11.08 36.68
CA ASP A 1312 6.88 -11.05 35.74
C ASP A 1312 6.03 -9.80 35.95
N PRO A 1313 5.16 -9.47 34.99
CA PRO A 1313 4.17 -8.41 35.25
C PRO A 1313 3.18 -8.75 36.34
N ILE A 1314 3.17 -9.98 36.83
CA ILE A 1314 2.31 -10.41 37.93
C ILE A 1314 3.14 -10.82 39.15
N ASP A 1315 4.37 -10.32 39.23
CA ASP A 1315 5.28 -10.41 40.38
C ASP A 1315 5.88 -11.80 40.59
N ASN A 1316 5.78 -12.70 39.61
CA ASN A 1316 6.50 -13.96 39.70
C ASN A 1316 7.99 -13.71 39.56
N LEU A 1317 8.78 -14.23 40.50
CA LEU A 1317 10.21 -13.94 40.57
C LEU A 1317 11.04 -15.16 40.19
N THR A 1318 11.95 -14.97 39.24
CA THR A 1318 12.95 -15.97 38.87
C THR A 1318 14.33 -15.39 39.14
N VAL A 1319 15.18 -16.16 39.84
CA VAL A 1319 16.49 -15.70 40.25
C VAL A 1319 17.56 -16.58 39.63
N TYR A 1320 18.68 -15.97 39.25
CA TYR A 1320 19.81 -16.67 38.67
C TYR A 1320 21.07 -16.35 39.47
N ALA A 1321 21.90 -17.37 39.69
CA ALA A 1321 23.11 -17.25 40.49
C ALA A 1321 24.31 -17.68 39.66
N TYR A 1322 25.44 -16.99 39.87
CA TYR A 1322 26.65 -17.22 39.09
C TYR A 1322 27.83 -17.46 40.02
N ASP A 1323 28.70 -18.39 39.66
CA ASP A 1323 29.81 -18.80 40.51
C ASP A 1323 30.98 -17.82 40.34
N GLY A 1324 32.11 -18.16 40.96
CA GLY A 1324 33.28 -17.29 40.95
C GLY A 1324 33.97 -17.14 39.61
N ALA A 1325 33.51 -17.84 38.57
CA ALA A 1325 34.06 -17.71 37.24
C ALA A 1325 33.08 -17.09 36.26
N GLY A 1326 31.87 -16.76 36.69
CA GLY A 1326 30.86 -16.21 35.81
C GLY A 1326 29.92 -17.24 35.20
N ARG A 1327 29.97 -18.48 35.66
CA ARG A 1327 29.15 -19.55 35.12
C ARG A 1327 27.84 -19.65 35.89
N LEU A 1328 26.74 -19.82 35.17
CA LEU A 1328 25.42 -19.97 35.78
C LEU A 1328 25.40 -21.21 36.65
N ALA A 1329 25.10 -21.03 37.95
CA ALA A 1329 25.15 -22.13 38.89
C ALA A 1329 23.79 -22.57 39.42
N ARG A 1330 22.79 -21.69 39.44
CA ARG A 1330 21.49 -22.07 39.97
C ARG A 1330 20.41 -21.17 39.41
N LYS A 1331 19.28 -21.78 39.04
CA LYS A 1331 18.07 -21.06 38.67
C LYS A 1331 16.97 -21.38 39.68
N THR A 1332 16.33 -20.34 40.20
CA THR A 1332 15.28 -20.48 41.21
C THR A 1332 13.95 -20.09 40.59
N ASP A 1333 12.94 -20.95 40.77
CA ASP A 1333 11.65 -20.79 40.13
C ASP A 1333 10.78 -19.82 40.93
N PRO A 1334 9.68 -19.34 40.34
CA PRO A 1334 8.73 -18.52 41.11
C PRO A 1334 8.12 -19.27 42.28
N LEU A 1335 8.06 -20.59 42.23
CA LEU A 1335 7.72 -21.40 43.39
C LEU A 1335 8.92 -21.71 44.26
N LYS A 1336 10.04 -21.02 44.03
CA LYS A 1336 11.24 -21.10 44.88
C LYS A 1336 11.87 -22.49 44.87
N GLN A 1337 11.66 -23.21 43.78
CA GLN A 1337 12.38 -24.45 43.50
C GLN A 1337 13.74 -24.14 42.89
N ASP A 1338 14.75 -24.92 43.27
CA ASP A 1338 16.12 -24.68 42.82
C ASP A 1338 16.48 -25.66 41.71
N PHE A 1339 17.13 -25.13 40.67
CA PHE A 1339 17.69 -25.91 39.57
C PHE A 1339 19.18 -25.63 39.53
N HIS A 1340 20.00 -26.67 39.67
CA HIS A 1340 21.43 -26.52 39.87
C HIS A 1340 22.21 -26.88 38.62
N TYR A 1341 23.30 -26.16 38.39
CA TYR A 1341 24.25 -26.43 37.32
C TYR A 1341 25.63 -26.62 37.93
N ASN A 1342 26.33 -27.66 37.51
CA ASN A 1342 27.64 -27.98 38.06
C ASN A 1342 28.63 -28.24 36.93
N TYR A 1343 29.90 -27.93 37.19
CA TYR A 1343 30.93 -27.94 36.17
C TYR A 1343 32.12 -28.75 36.65
N ASP A 1344 32.87 -29.31 35.69
CA ASP A 1344 34.07 -30.07 36.00
C ASP A 1344 35.24 -29.10 36.21
N LYS A 1345 36.46 -29.64 36.31
CA LYS A 1345 37.62 -28.80 36.56
C LYS A 1345 37.97 -27.92 35.36
N LYS A 1346 37.48 -28.25 34.17
CA LYS A 1346 37.79 -27.50 32.97
C LYS A 1346 36.72 -26.46 32.63
N GLY A 1347 35.55 -26.54 33.27
CA GLY A 1347 34.49 -25.57 33.06
C GLY A 1347 33.37 -26.04 32.15
N ARG A 1348 33.38 -27.29 31.72
CA ARG A 1348 32.26 -27.83 30.94
C ARG A 1348 31.14 -28.27 31.88
N LEU A 1349 29.91 -28.17 31.37
CA LEU A 1349 28.74 -28.54 32.16
C LEU A 1349 28.83 -30.01 32.56
N ALA A 1350 29.06 -30.26 33.85
CA ALA A 1350 29.30 -31.63 34.31
C ALA A 1350 28.04 -32.33 34.79
N SER A 1351 27.09 -31.59 35.37
CA SER A 1351 25.88 -32.22 35.87
C SER A 1351 24.78 -31.18 36.05
N LEU A 1352 23.53 -31.65 35.93
CA LEU A 1352 22.35 -30.86 36.25
C LEU A 1352 21.63 -31.48 37.44
N GLN A 1353 20.71 -30.71 38.02
CA GLN A 1353 19.88 -31.21 39.11
C GLN A 1353 18.53 -30.52 39.02
N ASP A 1354 17.49 -31.29 38.67
CA ASP A 1354 16.18 -30.71 38.45
C ASP A 1354 15.50 -30.42 39.80
N GLU A 1355 14.28 -29.88 39.72
CA GLU A 1355 13.55 -29.50 40.92
C GLU A 1355 13.13 -30.70 41.75
N ASN A 1356 13.16 -31.91 41.19
CA ASN A 1356 12.83 -33.13 41.92
C ASN A 1356 14.02 -33.72 42.65
N GLY A 1357 15.24 -33.26 42.37
CA GLY A 1357 16.43 -33.84 42.96
C GLY A 1357 17.16 -34.84 42.09
N ALA A 1358 16.67 -35.09 40.87
CA ALA A 1358 17.33 -36.01 39.96
C ALA A 1358 18.52 -35.34 39.28
N GLN A 1359 19.45 -36.17 38.80
CA GLN A 1359 20.70 -35.69 38.23
C GLN A 1359 20.78 -36.03 36.74
N PHE A 1360 21.31 -35.10 35.96
CA PHE A 1360 21.71 -35.34 34.59
C PHE A 1360 23.23 -35.23 34.52
N THR A 1361 23.88 -36.27 34.00
CA THR A 1361 25.32 -36.35 33.97
C THR A 1361 25.83 -36.19 32.55
N PHE A 1362 26.92 -35.45 32.38
CA PHE A 1362 27.62 -35.32 31.12
C PHE A 1362 29.00 -35.95 31.23
N GLN A 1363 29.49 -36.48 30.10
CA GLN A 1363 30.81 -37.09 30.06
C GLN A 1363 31.42 -36.79 28.71
N PHE A 1364 32.65 -36.29 28.71
CA PHE A 1364 33.31 -35.83 27.51
C PHE A 1364 34.64 -36.54 27.31
N ASP A 1365 35.06 -36.64 26.06
CA ASP A 1365 36.38 -37.15 25.71
C ASP A 1365 37.39 -36.03 25.86
N PRO A 1366 38.69 -36.33 25.73
CA PRO A 1366 39.70 -35.27 25.85
C PRO A 1366 39.58 -34.15 24.82
N VAL A 1367 38.65 -34.29 23.86
CA VAL A 1367 38.43 -33.25 22.86
C VAL A 1367 37.01 -32.72 23.00
N ASP A 1368 36.47 -32.81 24.21
CA ASP A 1368 35.21 -32.18 24.59
C ASP A 1368 34.01 -32.70 23.79
N ARG A 1369 34.15 -33.86 23.17
CA ARG A 1369 33.00 -34.51 22.52
C ARG A 1369 32.20 -35.28 23.57
N LEU A 1370 30.89 -35.05 23.58
CA LEU A 1370 30.00 -35.68 24.55
C LEU A 1370 29.93 -37.17 24.27
N ILE A 1371 30.61 -37.96 25.10
CA ILE A 1371 30.70 -39.40 24.88
C ILE A 1371 29.56 -40.16 25.56
N ARG A 1372 29.05 -39.66 26.68
CA ARG A 1372 28.02 -40.38 27.42
C ARG A 1372 27.24 -39.39 28.27
N THR A 1373 25.95 -39.68 28.45
CA THR A 1373 25.09 -38.94 29.34
C THR A 1373 24.26 -39.91 30.17
N VAL A 1374 23.94 -39.51 31.39
CA VAL A 1374 23.03 -40.25 32.26
C VAL A 1374 21.93 -39.28 32.65
N GLY A 1375 20.70 -39.54 32.20
CA GLY A 1375 19.61 -38.61 32.37
C GLY A 1375 19.00 -38.66 33.75
N PHE A 1376 18.02 -37.76 33.96
CA PHE A 1376 17.26 -37.77 35.20
C PHE A 1376 16.56 -39.11 35.40
N ASP A 1377 16.15 -39.74 34.30
CA ASP A 1377 15.60 -41.09 34.32
C ASP A 1377 16.63 -42.13 34.76
N GLY A 1378 17.91 -41.78 34.78
CA GLY A 1378 18.95 -42.77 34.91
C GLY A 1378 19.27 -43.49 33.62
N LYS A 1379 18.65 -43.08 32.52
CA LYS A 1379 18.89 -43.69 31.22
C LYS A 1379 20.28 -43.33 30.72
N VAL A 1380 21.05 -44.33 30.34
CA VAL A 1380 22.39 -44.12 29.81
C VAL A 1380 22.28 -43.91 28.30
N LYS A 1381 22.96 -42.89 27.79
CA LYS A 1381 22.99 -42.60 26.37
C LYS A 1381 24.44 -42.34 25.96
N LYS A 1382 24.89 -43.04 24.92
CA LYS A 1382 26.29 -43.02 24.51
C LYS A 1382 26.42 -42.54 23.07
N TYR A 1383 27.55 -41.92 22.76
CA TYR A 1383 27.85 -41.38 21.43
C TYR A 1383 29.26 -41.81 21.05
N ASN A 1384 29.36 -42.74 20.11
CA ASN A 1384 30.65 -43.28 19.68
C ASN A 1384 31.13 -42.51 18.47
N TYR A 1385 31.99 -41.52 18.70
CA TYR A 1385 32.56 -40.74 17.61
C TYR A 1385 33.75 -41.46 16.99
N ASP A 1386 33.92 -41.25 15.69
CA ASP A 1386 35.10 -41.72 14.96
C ASP A 1386 36.29 -40.82 15.23
N LYS A 1387 37.48 -41.42 15.25
CA LYS A 1387 38.69 -40.67 15.58
C LYS A 1387 39.22 -39.86 14.41
N PRO A 1388 39.48 -40.45 13.22
CA PRO A 1388 40.04 -39.63 12.14
C PRO A 1388 39.08 -38.60 11.58
N THR A 1389 37.82 -38.99 11.35
CA THR A 1389 36.86 -38.06 10.75
C THR A 1389 36.11 -37.22 11.77
N GLY A 1390 36.08 -37.64 13.04
CA GLY A 1390 35.34 -36.91 14.04
C GLY A 1390 33.83 -37.03 13.93
N LEU A 1391 33.34 -37.87 13.01
CA LEU A 1391 31.91 -38.00 12.77
C LEU A 1391 31.30 -39.04 13.71
N LEU A 1392 30.04 -38.82 14.05
CA LEU A 1392 29.30 -39.72 14.93
C LEU A 1392 28.91 -40.97 14.16
N PHE A 1393 29.69 -42.05 14.34
CA PHE A 1393 29.38 -43.29 13.66
C PHE A 1393 28.21 -44.03 14.30
N SER A 1394 28.15 -44.05 15.63
CA SER A 1394 27.14 -44.83 16.33
C SER A 1394 26.66 -44.09 17.57
N MET A 1395 25.34 -44.02 17.75
CA MET A 1395 24.72 -43.50 18.94
C MET A 1395 23.96 -44.64 19.63
N GLU A 1396 24.27 -44.86 20.90
CA GLU A 1396 23.70 -45.96 21.67
C GLU A 1396 22.81 -45.42 22.79
N ASP A 1397 21.51 -45.69 22.69
CA ASP A 1397 20.63 -45.46 23.83
C ASP A 1397 20.64 -46.73 24.67
N ALA A 1398 19.94 -46.70 25.80
CA ALA A 1398 19.85 -47.90 26.61
C ALA A 1398 19.12 -48.99 25.85
N ASP A 1399 19.77 -50.13 25.65
CA ASP A 1399 19.19 -51.27 24.95
C ASP A 1399 18.82 -50.90 23.51
N ARG A 1400 19.72 -50.19 22.83
CA ARG A 1400 19.45 -49.65 21.51
C ARG A 1400 20.75 -49.16 20.89
N GLU A 1401 20.85 -49.26 19.57
CA GLU A 1401 22.04 -48.84 18.84
C GLU A 1401 21.67 -48.40 17.44
N THR A 1402 22.16 -47.23 17.03
CA THR A 1402 21.92 -46.68 15.71
C THR A 1402 23.25 -46.33 15.04
N HIS A 1403 23.49 -46.89 13.86
CA HIS A 1403 24.73 -46.68 13.12
C HIS A 1403 24.54 -45.65 12.01
N PHE A 1404 25.62 -44.92 11.69
CA PHE A 1404 25.57 -43.83 10.73
C PHE A 1404 26.72 -43.96 9.73
N GLU A 1405 26.46 -43.49 8.51
CA GLU A 1405 27.43 -43.50 7.42
C GLU A 1405 27.43 -42.16 6.72
N TYR A 1406 28.62 -41.70 6.33
CA TYR A 1406 28.81 -40.36 5.79
C TYR A 1406 29.67 -40.43 4.53
N ASP A 1407 29.84 -39.29 3.89
CA ASP A 1407 30.77 -39.10 2.79
C ASP A 1407 31.93 -38.23 3.27
N VAL A 1408 32.80 -37.83 2.34
CA VAL A 1408 33.95 -37.00 2.69
C VAL A 1408 33.55 -35.59 3.08
N MET A 1409 32.31 -35.19 2.79
CA MET A 1409 31.80 -33.88 3.18
C MET A 1409 31.02 -33.92 4.49
N GLY A 1410 30.97 -35.07 5.17
CA GLY A 1410 30.25 -35.16 6.43
C GLY A 1410 28.74 -35.19 6.33
N GLN A 1411 28.19 -35.53 5.17
CA GLN A 1411 26.76 -35.62 5.00
C GLN A 1411 26.28 -37.04 5.29
N LEU A 1412 25.25 -37.16 6.14
CA LEU A 1412 24.74 -38.47 6.52
C LEU A 1412 24.19 -39.20 5.30
N LEU A 1413 24.77 -40.36 5.00
CA LEU A 1413 24.37 -41.16 3.85
C LEU A 1413 23.47 -42.33 4.23
N LYS A 1414 23.67 -42.95 5.39
CA LYS A 1414 22.92 -44.13 5.78
C LYS A 1414 22.63 -44.07 7.28
N ARG A 1415 21.41 -44.44 7.64
CA ARG A 1415 20.99 -44.55 9.03
C ARG A 1415 20.51 -45.98 9.24
N ARG A 1416 21.23 -46.76 10.06
CA ARG A 1416 20.97 -48.18 10.20
C ARG A 1416 20.66 -48.53 11.65
N ALA A 1417 19.59 -49.29 11.85
CA ALA A 1417 19.28 -49.84 13.17
C ALA A 1417 18.34 -51.02 12.97
N GLY A 1418 18.81 -52.23 13.28
CA GLY A 1418 17.98 -53.42 13.18
C GLY A 1418 17.40 -53.61 11.80
N HIS A 1419 16.07 -53.72 11.72
CA HIS A 1419 15.38 -53.98 10.47
C HIS A 1419 15.29 -52.75 9.58
N LEU A 1420 15.68 -51.58 10.05
CA LEU A 1420 15.42 -50.33 9.35
C LEU A 1420 16.72 -49.76 8.77
N VAL A 1421 16.62 -49.25 7.55
CA VAL A 1421 17.70 -48.51 6.90
C VAL A 1421 17.11 -47.30 6.20
N ASP A 1422 17.61 -46.12 6.50
CA ASP A 1422 17.30 -44.90 5.76
C ASP A 1422 18.54 -44.45 5.01
N SER A 1423 18.34 -43.91 3.81
CA SER A 1423 19.44 -43.53 2.95
C SER A 1423 19.14 -42.18 2.31
N PHE A 1424 20.22 -41.44 2.00
CA PHE A 1424 20.10 -40.09 1.47
C PHE A 1424 21.11 -39.89 0.36
N GLU A 1425 20.75 -39.07 -0.61
CA GLU A 1425 21.58 -38.77 -1.77
C GLU A 1425 21.66 -37.26 -1.94
N TYR A 1426 22.85 -36.77 -2.31
CA TYR A 1426 23.11 -35.33 -2.37
C TYR A 1426 23.64 -34.95 -3.74
N ASP A 1427 23.32 -33.73 -4.16
CA ASP A 1427 23.85 -33.18 -5.39
C ASP A 1427 25.21 -32.51 -5.14
N ILE A 1428 25.74 -31.89 -6.20
CA ILE A 1428 27.00 -31.17 -6.11
C ILE A 1428 26.88 -29.94 -5.21
N SER A 1429 25.66 -29.41 -5.05
CA SER A 1429 25.41 -28.23 -4.23
C SER A 1429 24.94 -28.58 -2.83
N ASN A 1430 25.17 -29.81 -2.38
CA ASN A 1430 24.92 -30.25 -1.01
C ASN A 1430 23.44 -30.26 -0.63
N ARG A 1431 22.54 -30.26 -1.61
CA ARG A 1431 21.13 -30.44 -1.33
C ARG A 1431 20.76 -31.91 -1.33
N ILE A 1432 19.77 -32.28 -0.52
CA ILE A 1432 19.29 -33.65 -0.51
C ILE A 1432 18.45 -33.88 -1.77
N ILE A 1433 18.99 -34.64 -2.71
CA ILE A 1433 18.28 -34.91 -3.95
C ILE A 1433 17.29 -36.07 -3.78
N ARG A 1434 17.72 -37.13 -3.09
CA ARG A 1434 16.91 -38.33 -2.97
C ARG A 1434 17.04 -38.88 -1.55
N ALA A 1435 15.92 -39.30 -0.99
CA ALA A 1435 15.86 -39.89 0.34
C ALA A 1435 14.86 -41.03 0.31
N HIS A 1436 15.34 -42.25 0.55
CA HIS A 1436 14.53 -43.43 0.33
C HIS A 1436 14.74 -44.43 1.47
N ASN A 1437 13.69 -45.19 1.76
CA ASN A 1437 13.76 -46.35 2.64
C ASN A 1437 12.95 -47.47 2.03
N GLU A 1438 12.82 -48.58 2.76
CA GLU A 1438 12.13 -49.75 2.24
C GLU A 1438 10.67 -49.50 1.92
N TYR A 1439 10.07 -48.45 2.49
CA TYR A 1439 8.67 -48.15 2.25
C TYR A 1439 8.43 -46.92 1.37
N CYS A 1440 9.40 -46.03 1.25
CA CYS A 1440 9.17 -44.74 0.61
C CYS A 1440 10.42 -44.26 -0.10
N ASP A 1441 10.28 -43.95 -1.39
CA ASP A 1441 11.35 -43.33 -2.18
C ASP A 1441 10.89 -41.94 -2.58
N GLN A 1442 11.68 -40.93 -2.21
CA GLN A 1442 11.32 -39.53 -2.43
C GLN A 1442 12.44 -38.83 -3.19
N HIS A 1443 12.06 -38.14 -4.26
CA HIS A 1443 13.00 -37.40 -5.10
C HIS A 1443 12.63 -35.91 -5.09
N PHE A 1444 13.64 -35.06 -5.00
CA PHE A 1444 13.46 -33.62 -4.91
C PHE A 1444 14.23 -32.94 -6.03
N GLU A 1445 13.63 -31.92 -6.63
CA GLU A 1445 14.26 -31.14 -7.68
C GLU A 1445 14.22 -29.67 -7.30
N TYR A 1446 15.34 -28.98 -7.50
CA TYR A 1446 15.51 -27.61 -7.04
C TYR A 1446 15.91 -26.72 -8.20
N ASP A 1447 15.58 -25.44 -8.08
CA ASP A 1447 16.11 -24.44 -9.00
C ASP A 1447 17.46 -23.94 -8.48
N VAL A 1448 18.03 -22.95 -9.16
CA VAL A 1448 19.33 -22.42 -8.77
C VAL A 1448 19.28 -21.65 -7.46
N LEU A 1449 18.08 -21.31 -6.97
CA LEU A 1449 17.91 -20.68 -5.66
C LEU A 1449 17.49 -21.69 -4.60
N ASN A 1450 17.71 -22.97 -4.84
CA ASN A 1450 17.42 -24.05 -3.89
C ASN A 1450 15.94 -24.16 -3.56
N ASN A 1451 15.08 -23.61 -4.40
CA ASN A 1451 13.64 -23.71 -4.18
C ASN A 1451 13.14 -25.07 -4.65
N PRO A 1452 12.35 -25.78 -3.83
CA PRO A 1452 11.84 -27.09 -4.26
C PRO A 1452 10.81 -26.98 -5.37
N ILE A 1453 11.26 -27.04 -6.62
CA ILE A 1453 10.35 -26.90 -7.74
C ILE A 1453 9.53 -28.18 -7.95
N ARG A 1454 10.03 -29.34 -7.55
CA ARG A 1454 9.35 -30.58 -7.86
C ARG A 1454 9.74 -31.67 -6.87
N GLU A 1455 8.73 -32.42 -6.41
CA GLU A 1455 8.94 -33.53 -5.50
C GLU A 1455 8.12 -34.73 -5.98
N THR A 1456 8.70 -35.93 -5.87
CA THR A 1456 8.04 -37.16 -6.26
C THR A 1456 8.15 -38.16 -5.11
N HIS A 1457 7.01 -38.48 -4.49
CA HIS A 1457 6.95 -39.43 -3.40
C HIS A 1457 6.43 -40.77 -3.92
N ILE A 1458 7.21 -41.83 -3.72
CA ILE A 1458 6.85 -43.17 -4.15
C ILE A 1458 6.62 -44.01 -2.89
N TYR A 1459 5.38 -44.45 -2.70
CA TYR A 1459 5.02 -45.25 -1.54
C TYR A 1459 5.04 -46.73 -1.88
N ASN A 1460 5.36 -47.54 -0.86
CA ASN A 1460 5.47 -48.98 -1.00
C ASN A 1460 5.13 -49.63 0.35
N ALA A 1461 3.84 -49.59 0.70
CA ALA A 1461 3.40 -50.11 1.98
C ALA A 1461 2.12 -50.90 1.82
N PHE A 1462 1.94 -51.88 2.73
CA PHE A 1462 0.70 -52.64 2.84
C PHE A 1462 0.26 -53.27 1.53
N GLY A 1463 1.21 -53.62 0.67
CA GLY A 1463 0.88 -54.24 -0.59
C GLY A 1463 0.32 -53.31 -1.64
N GLN A 1464 0.42 -52.00 -1.45
CA GLN A 1464 -0.08 -51.02 -2.39
C GLN A 1464 1.03 -50.06 -2.80
N ASN A 1465 1.09 -49.76 -4.10
CA ASN A 1465 2.06 -48.83 -4.63
C ASN A 1465 1.36 -47.50 -4.88
N ARG A 1466 1.99 -46.41 -4.45
CA ARG A 1466 1.46 -45.08 -4.71
C ARG A 1466 2.60 -44.16 -5.12
N GLU A 1467 2.32 -43.28 -6.08
CA GLU A 1467 3.27 -42.25 -6.50
C GLU A 1467 2.55 -40.92 -6.47
N TYR A 1468 3.10 -39.97 -5.72
CA TYR A 1468 2.52 -38.64 -5.55
C TYR A 1468 3.54 -37.61 -5.99
N VAL A 1469 3.13 -36.72 -6.90
CA VAL A 1469 4.02 -35.73 -7.49
C VAL A 1469 3.54 -34.33 -7.09
N TRP A 1470 4.44 -33.57 -6.47
CA TRP A 1470 4.21 -32.18 -6.13
C TRP A 1470 5.03 -31.31 -7.07
N GLU A 1471 4.40 -30.28 -7.65
CA GLU A 1471 5.07 -29.36 -8.56
C GLU A 1471 4.78 -27.93 -8.10
N ASN A 1472 5.84 -27.15 -7.90
CA ASN A 1472 5.73 -25.83 -7.30
C ASN A 1472 6.30 -24.77 -8.23
N GLU A 1473 5.66 -23.60 -8.23
CA GLU A 1473 6.17 -22.41 -8.91
C GLU A 1473 6.43 -21.33 -7.87
N PHE A 1474 7.54 -20.61 -8.05
CA PHE A 1474 7.96 -19.58 -7.11
C PHE A 1474 8.16 -18.26 -7.84
N ASP A 1475 7.86 -17.17 -7.15
CA ASP A 1475 8.08 -15.83 -7.70
C ASP A 1475 9.56 -15.46 -7.53
N GLU A 1476 9.88 -14.19 -7.79
CA GLU A 1476 11.25 -13.73 -7.62
C GLU A 1476 11.66 -13.56 -6.16
N LEU A 1477 10.71 -13.60 -5.22
CA LEU A 1477 10.99 -13.53 -3.80
C LEU A 1477 11.09 -14.91 -3.16
N SER A 1478 11.20 -15.97 -3.96
CA SER A 1478 11.25 -17.35 -3.48
C SER A 1478 9.99 -17.72 -2.70
N ASN A 1479 8.87 -17.07 -3.01
CA ASN A 1479 7.58 -17.40 -2.44
C ASN A 1479 6.77 -18.18 -3.47
N ARG A 1480 6.20 -19.31 -3.05
CA ARG A 1480 5.50 -20.17 -3.98
C ARG A 1480 4.17 -19.54 -4.40
N LEU A 1481 4.02 -19.33 -5.71
CA LEU A 1481 2.78 -18.77 -6.26
C LEU A 1481 1.73 -19.84 -6.53
N THR A 1482 2.14 -21.00 -7.05
CA THR A 1482 1.20 -22.04 -7.45
C THR A 1482 1.81 -23.40 -7.14
N THR A 1483 0.93 -24.35 -6.77
CA THR A 1483 1.32 -25.73 -6.54
C THR A 1483 0.28 -26.66 -7.15
N ARG A 1484 0.73 -27.60 -7.97
CA ARG A 1484 -0.12 -28.67 -8.48
C ARG A 1484 0.10 -29.92 -7.63
N ARG A 1485 -0.86 -30.22 -6.75
CA ARG A 1485 -0.77 -31.36 -5.86
C ARG A 1485 -1.08 -32.67 -6.60
N PRO A 1486 -0.62 -33.80 -6.06
CA PRO A 1486 -0.75 -35.07 -6.80
C PRO A 1486 -2.17 -35.47 -7.13
N SER A 1487 -3.16 -35.09 -6.32
CA SER A 1487 -4.53 -35.50 -6.59
C SER A 1487 -5.11 -34.83 -7.83
N GLY A 1488 -4.45 -33.80 -8.35
CA GLY A 1488 -4.88 -33.13 -9.57
C GLY A 1488 -5.29 -31.68 -9.38
N GLU A 1489 -5.37 -31.17 -8.16
CA GLU A 1489 -5.78 -29.80 -7.94
C GLU A 1489 -4.58 -28.87 -8.02
N LYS A 1490 -4.85 -27.62 -8.43
CA LYS A 1490 -3.83 -26.59 -8.52
C LYS A 1490 -4.18 -25.52 -7.49
N VAL A 1491 -3.25 -25.22 -6.59
CA VAL A 1491 -3.44 -24.24 -5.53
C VAL A 1491 -2.58 -23.02 -5.83
N SER A 1492 -3.20 -21.85 -5.81
CA SER A 1492 -2.52 -20.59 -6.12
C SER A 1492 -2.66 -19.62 -4.97
N TRP A 1493 -1.56 -18.97 -4.62
CA TRP A 1493 -1.51 -17.99 -3.53
C TRP A 1493 -1.27 -16.60 -4.11
N LEU A 1494 -2.20 -15.69 -3.84
CA LEU A 1494 -2.06 -14.29 -4.25
C LEU A 1494 -1.43 -13.51 -3.10
N ARG A 1495 -0.29 -12.87 -3.38
CA ARG A 1495 0.50 -12.22 -2.35
C ARG A 1495 0.86 -10.82 -2.82
N TYR A 1496 1.14 -9.94 -1.85
CA TYR A 1496 1.56 -8.57 -2.11
C TYR A 1496 2.80 -8.26 -1.26
N GLY A 1497 3.26 -7.01 -1.34
CA GLY A 1497 4.47 -6.60 -0.64
C GLY A 1497 5.63 -7.57 -0.72
N ALA A 1498 5.91 -8.20 0.42
CA ALA A 1498 7.02 -9.14 0.61
C ALA A 1498 6.59 -10.61 0.49
N GLY A 1499 5.31 -10.88 0.26
CA GLY A 1499 4.84 -12.24 0.19
C GLY A 1499 3.63 -12.47 1.06
N HIS A 1500 3.03 -11.40 1.59
CA HIS A 1500 1.85 -11.53 2.44
C HIS A 1500 0.69 -12.08 1.63
N VAL A 1501 0.16 -13.23 2.03
CA VAL A 1501 -0.92 -13.85 1.27
C VAL A 1501 -2.19 -13.05 1.50
N HIS A 1502 -2.76 -12.49 0.43
CA HIS A 1502 -4.02 -11.76 0.48
C HIS A 1502 -5.14 -12.51 -0.23
N GLY A 1503 -4.88 -13.69 -0.76
CA GLY A 1503 -5.89 -14.47 -1.47
C GLY A 1503 -5.40 -15.84 -1.86
N ILE A 1504 -6.30 -16.81 -1.93
CA ILE A 1504 -5.96 -18.19 -2.29
C ILE A 1504 -6.94 -18.65 -3.36
N LEU A 1505 -6.40 -19.30 -4.39
CA LEU A 1505 -7.20 -19.78 -5.52
C LEU A 1505 -6.98 -21.28 -5.60
N LEU A 1506 -8.02 -22.04 -5.24
CA LEU A 1506 -8.08 -23.47 -5.48
C LEU A 1506 -8.76 -23.70 -6.83
N ASP A 1507 -8.09 -24.45 -7.70
CA ASP A 1507 -8.53 -24.68 -9.08
C ASP A 1507 -8.67 -23.32 -9.73
N ASP A 1508 -9.84 -22.92 -10.23
CA ASP A 1508 -10.03 -21.60 -10.81
C ASP A 1508 -10.95 -20.72 -9.96
N GLN A 1509 -11.33 -21.18 -8.77
CA GLN A 1509 -12.27 -20.46 -7.93
C GLN A 1509 -11.59 -19.99 -6.66
N GLU A 1510 -11.78 -18.71 -6.33
CA GLU A 1510 -11.18 -18.14 -5.13
C GLU A 1510 -11.91 -18.71 -3.93
N VAL A 1511 -11.16 -19.28 -2.98
CA VAL A 1511 -11.81 -19.88 -1.81
C VAL A 1511 -11.86 -18.89 -0.65
N LEU A 1512 -10.82 -18.09 -0.46
CA LEU A 1512 -10.78 -17.18 0.67
C LEU A 1512 -9.87 -16.00 0.32
N SER A 1513 -10.19 -14.84 0.90
CA SER A 1513 -9.37 -13.65 0.76
C SER A 1513 -9.03 -13.10 2.13
N PHE A 1514 -7.90 -12.38 2.20
CA PHE A 1514 -7.37 -11.87 3.44
C PHE A 1514 -7.19 -10.37 3.31
N GLU A 1515 -7.78 -9.63 4.26
CA GLU A 1515 -7.46 -8.23 4.49
C GLU A 1515 -6.65 -8.16 5.78
N ARG A 1516 -5.55 -7.41 5.75
CA ARG A 1516 -4.59 -7.47 6.84
C ARG A 1516 -4.29 -6.07 7.38
N ASP A 1517 -3.90 -6.03 8.65
CA ASP A 1517 -3.57 -4.79 9.33
C ASP A 1517 -2.13 -4.39 9.02
N ASN A 1518 -1.63 -3.37 9.72
CA ASN A 1518 -0.27 -2.91 9.50
C ASN A 1518 0.77 -3.93 9.96
N SER A 1519 0.38 -4.88 10.80
CA SER A 1519 1.25 -5.97 11.21
C SER A 1519 1.06 -7.22 10.37
N HIS A 1520 0.30 -7.12 9.28
CA HIS A 1520 0.08 -8.21 8.33
C HIS A 1520 -0.60 -9.42 8.95
N ARG A 1521 -1.35 -9.21 10.04
CA ARG A 1521 -2.19 -10.25 10.60
C ARG A 1521 -3.54 -10.26 9.91
N ALA A 1522 -4.12 -11.45 9.80
CA ALA A 1522 -5.40 -11.61 9.12
C ALA A 1522 -6.52 -11.04 9.99
N VAL A 1523 -7.15 -9.97 9.51
CA VAL A 1523 -8.23 -9.30 10.24
C VAL A 1523 -9.59 -9.71 9.68
N ARG A 1524 -9.73 -9.71 8.36
CA ARG A 1524 -10.95 -10.15 7.69
C ARG A 1524 -10.61 -11.31 6.75
N LYS A 1525 -11.37 -12.39 6.86
CA LYS A 1525 -11.24 -13.55 5.97
C LYS A 1525 -12.57 -13.72 5.23
N ARG A 1526 -12.66 -13.20 4.02
CA ARG A 1526 -13.86 -13.39 3.21
C ARG A 1526 -13.80 -14.77 2.54
N GLN A 1527 -14.79 -15.60 2.83
CA GLN A 1527 -14.80 -16.99 2.39
C GLN A 1527 -15.76 -17.18 1.22
N SER A 1528 -15.53 -18.26 0.47
CA SER A 1528 -16.33 -18.57 -0.71
C SER A 1528 -17.75 -19.02 -0.37
N ASN A 1529 -18.04 -19.36 0.89
CA ASN A 1529 -19.35 -19.86 1.29
C ASN A 1529 -20.25 -18.76 1.85
N SER A 1530 -20.07 -17.53 1.38
CA SER A 1530 -20.85 -16.36 1.80
C SER A 1530 -20.66 -16.04 3.28
N LEU A 1531 -19.57 -16.51 3.88
CA LEU A 1531 -19.27 -16.26 5.28
C LEU A 1531 -18.13 -15.26 5.40
N LEU A 1532 -18.12 -14.51 6.50
CA LEU A 1532 -17.05 -13.55 6.78
C LEU A 1532 -16.52 -13.81 8.19
N ALA A 1533 -15.22 -14.06 8.29
CA ALA A 1533 -14.55 -14.28 9.56
C ALA A 1533 -13.71 -13.05 9.89
N VAL A 1534 -14.05 -12.37 10.98
CA VAL A 1534 -13.38 -11.15 11.40
C VAL A 1534 -12.64 -11.42 12.71
N THR A 1535 -11.43 -10.90 12.82
CA THR A 1535 -10.60 -11.06 14.01
C THR A 1535 -10.11 -9.68 14.44
N ASN A 1536 -10.31 -9.36 15.71
CA ASN A 1536 -9.84 -8.11 16.30
C ASN A 1536 -8.70 -8.42 17.26
N TYR A 1537 -7.61 -7.67 17.14
CA TYR A 1537 -6.41 -7.91 17.92
C TYR A 1537 -6.24 -6.86 19.01
N ASP A 1538 -5.49 -7.25 20.05
CA ASP A 1538 -5.26 -6.40 21.21
C ASP A 1538 -4.17 -5.38 20.90
N VAL A 1539 -3.85 -4.54 21.89
CA VAL A 1539 -2.71 -3.65 21.74
C VAL A 1539 -1.41 -4.44 21.82
N MET A 1540 -1.43 -5.58 22.50
CA MET A 1540 -0.37 -6.57 22.39
C MET A 1540 -0.65 -7.45 21.17
N GLY A 1541 0.13 -8.51 20.98
CA GLY A 1541 -0.09 -9.39 19.87
C GLY A 1541 -1.22 -10.38 20.03
N ARG A 1542 -2.03 -10.25 21.09
CA ARG A 1542 -3.00 -11.28 21.44
C ARG A 1542 -4.32 -11.08 20.71
N VAL A 1543 -4.98 -12.19 20.40
CA VAL A 1543 -6.29 -12.17 19.76
C VAL A 1543 -7.34 -11.77 20.79
N LYS A 1544 -8.07 -10.69 20.50
CA LYS A 1544 -9.08 -10.18 21.43
C LYS A 1544 -10.46 -10.74 21.15
N GLU A 1545 -10.84 -10.92 19.88
CA GLU A 1545 -12.19 -11.35 19.56
C GLU A 1545 -12.20 -11.97 18.17
N GLN A 1546 -13.12 -12.92 17.96
CA GLN A 1546 -13.33 -13.56 16.69
C GLN A 1546 -14.81 -13.54 16.34
N LYS A 1547 -15.13 -13.19 15.09
CA LYS A 1547 -16.50 -13.14 14.62
C LYS A 1547 -16.63 -13.93 13.33
N LEU A 1548 -17.81 -14.55 13.16
CA LEU A 1548 -18.14 -15.29 11.95
C LEU A 1548 -19.53 -14.82 11.49
N ASN A 1549 -19.56 -14.02 10.42
CA ASN A 1549 -20.79 -13.37 9.98
C ASN A 1549 -21.13 -13.77 8.54
N LEU A 1550 -22.43 -13.72 8.24
CA LEU A 1550 -22.94 -13.92 6.89
C LEU A 1550 -22.55 -12.73 6.02
N ALA A 1551 -21.47 -12.88 5.27
CA ALA A 1551 -20.94 -11.77 4.48
C ALA A 1551 -21.94 -11.25 3.46
N GLN A 1552 -22.83 -12.11 2.95
CA GLN A 1552 -23.73 -11.72 1.87
C GLN A 1552 -25.14 -11.40 2.33
N GLY A 1553 -25.66 -12.11 3.31
CA GLY A 1553 -27.02 -11.83 3.77
C GLY A 1553 -27.11 -10.45 4.38
N ASN A 1554 -28.26 -9.79 4.16
CA ASN A 1554 -28.49 -8.48 4.75
C ASN A 1554 -28.57 -8.57 6.28
N ARG A 1555 -29.12 -9.66 6.81
CA ARG A 1555 -29.08 -9.94 8.24
C ARG A 1555 -27.84 -10.80 8.49
N THR A 1556 -26.73 -10.13 8.80
CA THR A 1556 -25.44 -10.81 9.00
C THR A 1556 -25.44 -11.48 10.37
N ASN A 1557 -26.08 -12.64 10.44
CA ASN A 1557 -26.08 -13.43 11.67
C ASN A 1557 -24.65 -13.83 12.02
N LEU A 1558 -24.36 -13.87 13.32
CA LEU A 1558 -22.97 -14.00 13.75
C LEU A 1558 -22.78 -15.11 14.77
N ARG A 1559 -21.62 -15.75 14.69
CA ARG A 1559 -21.10 -16.63 15.73
C ARG A 1559 -19.84 -15.97 16.28
N SER A 1560 -19.78 -15.76 17.59
CA SER A 1560 -18.75 -14.91 18.16
C SER A 1560 -18.08 -15.57 19.36
N ARG A 1561 -16.90 -15.05 19.70
CA ARG A 1561 -16.09 -15.56 20.80
C ARG A 1561 -15.08 -14.50 21.21
N GLN A 1562 -15.03 -14.19 22.51
CA GLN A 1562 -14.19 -13.13 23.05
C GLN A 1562 -13.14 -13.71 24.00
N TYR A 1563 -11.95 -13.11 23.99
CA TYR A 1563 -10.83 -13.56 24.79
C TYR A 1563 -10.37 -12.43 25.71
N ALA A 1564 -9.83 -12.82 26.87
CA ALA A 1564 -9.33 -11.88 27.87
C ALA A 1564 -8.07 -12.46 28.50
N TYR A 1565 -7.08 -11.60 28.73
CA TYR A 1565 -5.76 -12.05 29.14
C TYR A 1565 -5.30 -11.30 30.39
N GLY A 1566 -4.39 -11.93 31.13
CA GLY A 1566 -3.71 -11.28 32.23
C GLY A 1566 -2.54 -10.45 31.77
N LEU A 1567 -1.87 -9.83 32.74
CA LEU A 1567 -0.74 -8.96 32.43
C LEU A 1567 0.47 -9.76 31.94
N ASP A 1568 0.64 -11.00 32.41
CA ASP A 1568 1.75 -11.81 31.92
C ASP A 1568 1.52 -12.28 30.50
N GLY A 1569 0.26 -12.39 30.08
CA GLY A 1569 -0.09 -12.85 28.75
C GLY A 1569 -0.93 -14.10 28.72
N SER A 1570 -1.18 -14.75 29.86
CA SER A 1570 -1.95 -15.98 29.89
C SER A 1570 -3.44 -15.70 29.70
N LEU A 1571 -4.11 -16.57 28.95
CA LEU A 1571 -5.53 -16.43 28.67
C LEU A 1571 -6.34 -16.84 29.90
N VAL A 1572 -7.13 -15.91 30.44
CA VAL A 1572 -7.86 -16.13 31.67
C VAL A 1572 -9.30 -16.56 31.42
N ALA A 1573 -9.97 -15.95 30.44
CA ALA A 1573 -11.40 -16.23 30.24
C ALA A 1573 -11.76 -16.17 28.77
N ILE A 1574 -12.76 -16.95 28.39
CA ILE A 1574 -13.31 -16.98 27.04
C ILE A 1574 -14.83 -16.91 27.13
N GLU A 1575 -15.44 -16.14 26.23
CA GLU A 1575 -16.90 -16.04 26.13
C GLU A 1575 -17.31 -16.41 24.71
N ASP A 1576 -18.13 -17.46 24.59
CA ASP A 1576 -18.58 -17.99 23.31
C ASP A 1576 -20.07 -17.73 23.14
N SER A 1577 -20.52 -17.77 21.87
CA SER A 1577 -21.92 -17.51 21.56
C SER A 1577 -22.79 -18.74 21.79
N ARG A 1578 -22.41 -19.89 21.22
CA ARG A 1578 -23.18 -21.11 21.46
C ARG A 1578 -23.00 -21.61 22.88
N HIS A 1579 -21.82 -21.41 23.46
CA HIS A 1579 -21.47 -21.90 24.78
C HIS A 1579 -21.39 -20.73 25.77
N GLY A 1580 -20.85 -21.02 26.95
CA GLY A 1580 -20.73 -20.00 27.97
C GLY A 1580 -19.31 -19.62 28.34
N THR A 1581 -19.12 -19.23 29.60
CA THR A 1581 -17.83 -18.78 30.08
C THR A 1581 -16.89 -19.97 30.24
N THR A 1582 -15.66 -19.81 29.75
CA THR A 1582 -14.57 -20.74 30.03
C THR A 1582 -13.48 -19.99 30.74
N THR A 1583 -13.04 -20.50 31.89
CA THR A 1583 -12.13 -19.80 32.78
C THR A 1583 -10.92 -20.68 33.07
N TYR A 1584 -9.74 -20.07 33.02
CA TYR A 1584 -8.47 -20.76 33.27
C TYR A 1584 -7.76 -20.08 34.44
N ARG A 1585 -7.24 -20.90 35.35
CA ARG A 1585 -6.46 -20.42 36.48
C ARG A 1585 -5.09 -21.07 36.43
N TYR A 1586 -4.05 -20.26 36.70
CA TYR A 1586 -2.68 -20.72 36.60
C TYR A 1586 -1.96 -20.48 37.93
N ASP A 1587 -0.93 -21.27 38.17
CA ASP A 1587 -0.09 -21.11 39.35
C ASP A 1587 1.02 -20.10 39.05
N ALA A 1588 2.04 -20.05 39.91
CA ALA A 1588 3.13 -19.11 39.71
C ALA A 1588 4.07 -19.53 38.60
N LEU A 1589 3.78 -20.62 37.89
CA LEU A 1589 4.61 -21.06 36.77
C LEU A 1589 3.82 -21.09 35.46
N ASP A 1590 2.74 -20.32 35.37
CA ASP A 1590 1.87 -20.29 34.18
C ASP A 1590 1.37 -21.69 33.82
N ARG A 1591 1.22 -22.56 34.81
CA ARG A 1591 0.75 -23.93 34.59
C ARG A 1591 -0.74 -24.01 34.89
N LEU A 1592 -1.50 -24.56 33.94
CA LEU A 1592 -2.95 -24.61 34.06
C LEU A 1592 -3.34 -25.56 35.19
N VAL A 1593 -3.88 -25.00 36.27
CA VAL A 1593 -4.27 -25.79 37.44
C VAL A 1593 -5.78 -25.97 37.53
N SER A 1594 -6.59 -25.04 36.98
CA SER A 1594 -8.04 -25.14 37.03
C SER A 1594 -8.64 -24.57 35.75
N ALA A 1595 -9.61 -25.29 35.18
CA ALA A 1595 -10.34 -24.81 34.02
C ALA A 1595 -11.82 -25.08 34.23
N THR A 1596 -12.61 -24.00 34.30
CA THR A 1596 -14.05 -24.08 34.49
C THR A 1596 -14.79 -23.82 33.19
N ALA A 1597 -15.78 -24.67 32.90
CA ALA A 1597 -16.66 -24.52 31.75
C ALA A 1597 -17.74 -25.60 31.81
N PHE A 1598 -18.88 -25.32 31.19
CA PHE A 1598 -19.95 -26.30 30.99
C PHE A 1598 -20.36 -26.97 32.30
N ASN A 1599 -20.68 -26.16 33.31
CA ASN A 1599 -21.12 -26.65 34.61
C ASN A 1599 -20.14 -27.63 35.23
N GLU A 1600 -18.87 -27.62 34.80
CA GLU A 1600 -17.88 -28.53 35.33
C GLU A 1600 -16.56 -27.78 35.50
N THR A 1601 -15.67 -28.36 36.30
CA THR A 1601 -14.38 -27.73 36.61
C THR A 1601 -13.29 -28.78 36.68
N GLU A 1602 -12.22 -28.59 35.93
CA GLU A 1602 -11.09 -29.52 35.92
C GLU A 1602 -9.97 -28.95 36.78
N LEU A 1603 -9.35 -29.82 37.58
CA LEU A 1603 -8.29 -29.45 38.50
C LEU A 1603 -7.04 -30.25 38.17
N PHE A 1604 -5.88 -29.63 38.36
CA PHE A 1604 -4.60 -30.24 38.01
C PHE A 1604 -3.61 -30.05 39.14
N ALA A 1605 -2.76 -31.07 39.35
CA ALA A 1605 -1.70 -31.03 40.34
C ALA A 1605 -0.39 -31.41 39.68
N PHE A 1606 0.69 -30.71 40.04
CA PHE A 1606 1.98 -30.91 39.42
C PHE A 1606 3.05 -31.12 40.48
N ASP A 1607 4.00 -32.01 40.19
CA ASP A 1607 5.19 -32.17 41.02
C ASP A 1607 6.16 -31.02 40.75
N PRO A 1608 7.21 -30.87 41.57
CA PRO A 1608 8.21 -29.82 41.28
C PRO A 1608 8.71 -29.78 39.85
N ALA A 1609 8.93 -30.93 39.21
CA ALA A 1609 9.38 -30.97 37.82
C ALA A 1609 8.23 -30.86 36.82
N SER A 1610 7.05 -30.41 37.25
CA SER A 1610 5.91 -30.10 36.38
C SER A 1610 5.31 -31.35 35.74
N ASN A 1611 5.44 -32.51 36.37
CA ASN A 1611 4.74 -33.71 35.92
C ASN A 1611 3.33 -33.73 36.52
N LEU A 1612 2.33 -33.93 35.66
CA LEU A 1612 0.94 -33.97 36.09
C LEU A 1612 0.71 -35.22 36.93
N VAL A 1613 0.61 -35.03 38.24
CA VAL A 1613 0.49 -36.18 39.14
C VAL A 1613 -0.96 -36.66 39.22
N ASP A 1614 -1.92 -35.74 39.24
CA ASP A 1614 -3.32 -36.11 39.31
C ASP A 1614 -4.17 -35.01 38.70
N ARG A 1615 -5.31 -35.42 38.14
CA ARG A 1615 -6.31 -34.46 37.68
C ARG A 1615 -7.70 -35.06 37.90
N ASP A 1616 -8.64 -34.23 38.33
CA ASP A 1616 -10.00 -34.64 38.57
C ASP A 1616 -10.94 -33.50 38.20
N LYS A 1617 -12.17 -33.86 37.82
CA LYS A 1617 -13.18 -32.87 37.51
C LYS A 1617 -14.50 -33.26 38.15
N THR A 1618 -15.41 -32.27 38.24
CA THR A 1618 -16.63 -32.39 39.02
C THR A 1618 -17.46 -33.58 38.53
N SER A 1632 3.03 -37.90 45.74
CA SER A 1632 4.49 -37.89 45.83
C SER A 1632 5.11 -37.39 44.53
N LYS A 1633 6.44 -37.45 44.46
CA LYS A 1633 7.18 -36.94 43.30
C LYS A 1633 7.28 -38.00 42.21
N VAL A 1634 7.22 -37.54 40.96
CA VAL A 1634 7.48 -38.41 39.82
C VAL A 1634 8.98 -38.34 39.54
N LEU A 1635 9.78 -38.96 40.41
CA LEU A 1635 11.23 -38.92 40.27
C LEU A 1635 11.66 -39.67 39.01
N GLY A 1636 12.48 -39.04 38.19
CA GLY A 1636 12.83 -39.54 36.88
C GLY A 1636 11.91 -39.10 35.77
N ASN A 1637 10.84 -38.36 36.08
CA ASN A 1637 9.94 -37.72 35.14
C ASN A 1637 9.14 -38.70 34.28
N ILE A 1638 9.23 -40.00 34.55
CA ILE A 1638 8.42 -41.00 33.86
C ILE A 1638 7.14 -41.17 34.65
N LEU A 1639 6.04 -40.61 34.14
CA LEU A 1639 4.76 -40.66 34.82
C LEU A 1639 4.18 -42.07 34.73
N LYS A 1640 4.19 -42.79 35.85
CA LYS A 1640 3.70 -44.16 35.89
C LYS A 1640 2.20 -44.25 36.13
N ARG A 1641 1.61 -43.32 36.88
CA ARG A 1641 0.19 -43.36 37.19
C ARG A 1641 -0.37 -41.95 37.23
N CYS A 1642 -1.65 -41.82 36.86
CA CYS A 1642 -2.34 -40.54 36.90
C CYS A 1642 -3.85 -40.72 36.67
N ALA A 1643 -4.66 -40.19 37.60
CA ALA A 1643 -6.11 -40.11 37.44
C ALA A 1643 -6.73 -41.47 37.13
N GLY A 1644 -6.26 -42.50 37.82
CA GLY A 1644 -6.77 -43.84 37.60
C GLY A 1644 -6.22 -44.54 36.38
N MET A 1645 -5.24 -43.95 35.70
CA MET A 1645 -4.59 -44.55 34.55
C MET A 1645 -3.20 -45.04 34.94
N HIS A 1646 -2.83 -46.21 34.43
CA HIS A 1646 -1.56 -46.85 34.76
C HIS A 1646 -0.73 -46.99 33.50
N PHE A 1647 0.56 -46.68 33.61
CA PHE A 1647 1.45 -46.65 32.46
C PHE A 1647 2.65 -47.57 32.68
N GLU A 1648 3.16 -48.11 31.57
CA GLU A 1648 4.37 -48.92 31.56
C GLU A 1648 5.21 -48.47 30.37
N TYR A 1649 6.52 -48.42 30.55
CA TYR A 1649 7.38 -47.74 29.59
C TYR A 1649 8.46 -48.67 29.04
N ASP A 1650 8.96 -48.28 27.87
CA ASP A 1650 10.05 -48.97 27.19
C ASP A 1650 11.37 -48.70 27.89
N ALA A 1651 12.39 -49.48 27.52
CA ALA A 1651 13.75 -49.20 27.95
C ALA A 1651 14.23 -47.86 27.40
N GLN A 1652 13.65 -47.39 26.30
CA GLN A 1652 13.99 -46.11 25.70
C GLN A 1652 13.22 -44.95 26.33
N GLY A 1653 12.38 -45.22 27.32
CA GLY A 1653 11.50 -44.22 27.88
C GLY A 1653 10.21 -44.03 27.13
N ASN A 1654 9.96 -44.81 26.07
CA ASN A 1654 8.72 -44.71 25.31
C ASN A 1654 7.60 -45.48 26.01
N LEU A 1655 6.37 -45.04 25.78
CA LEU A 1655 5.22 -45.71 26.37
C LEU A 1655 5.03 -47.07 25.72
N ILE A 1656 4.66 -48.06 26.54
CA ILE A 1656 4.48 -49.43 26.09
C ILE A 1656 3.09 -49.94 26.41
N ARG A 1657 2.57 -49.63 27.60
CA ARG A 1657 1.28 -50.15 28.04
C ARG A 1657 0.53 -49.06 28.78
N LYS A 1658 -0.75 -48.91 28.47
CA LYS A 1658 -1.59 -47.93 29.16
C LYS A 1658 -2.91 -48.58 29.53
N ARG A 1659 -3.20 -48.67 30.82
CA ARG A 1659 -4.41 -49.30 31.33
C ARG A 1659 -5.25 -48.25 32.03
N LYS A 1660 -6.23 -47.71 31.31
CA LYS A 1660 -7.27 -46.88 31.91
C LYS A 1660 -8.53 -47.71 32.11
N PRO A 1661 -9.42 -47.30 33.04
CA PRO A 1661 -10.50 -48.18 33.51
C PRO A 1661 -11.25 -49.02 32.48
N ASP A 1662 -11.47 -48.52 31.26
CA ASP A 1662 -12.27 -49.26 30.29
C ASP A 1662 -11.50 -49.68 29.04
N SER A 1663 -10.17 -49.57 29.02
CA SER A 1663 -9.43 -49.96 27.83
C SER A 1663 -7.99 -50.25 28.21
N LEU A 1664 -7.46 -51.35 27.67
CA LEU A 1664 -6.06 -51.71 27.80
C LEU A 1664 -5.39 -51.54 26.43
N GLN A 1665 -4.30 -50.78 26.40
CA GLN A 1665 -3.60 -50.46 25.16
C GLN A 1665 -2.15 -50.89 25.26
N GLU A 1666 -1.62 -51.40 24.15
CA GLU A 1666 -0.25 -51.85 24.07
C GLU A 1666 0.41 -51.23 22.85
N PHE A 1667 1.67 -50.81 23.01
CA PHE A 1667 2.38 -50.10 21.97
C PHE A 1667 3.74 -50.75 21.71
N GLU A 1668 4.17 -50.69 20.45
CA GLU A 1668 5.47 -51.21 20.06
C GLU A 1668 6.19 -50.13 19.26
N TRP A 1669 7.49 -50.01 19.49
CA TRP A 1669 8.28 -48.92 18.93
C TRP A 1669 9.39 -49.48 18.04
N ASP A 1670 9.64 -48.80 16.91
CA ASP A 1670 10.61 -49.28 15.95
C ASP A 1670 12.04 -48.96 16.42
N GLU A 1671 13.02 -49.30 15.58
CA GLU A 1671 14.42 -49.12 15.94
C GLU A 1671 14.88 -47.68 15.86
N PHE A 1672 14.05 -46.75 15.38
CA PHE A 1672 14.41 -45.35 15.29
C PHE A 1672 13.68 -44.46 16.30
N GLY A 1673 12.73 -45.00 17.05
CA GLY A 1673 12.04 -44.24 18.07
C GLY A 1673 10.63 -43.81 17.73
N ARG A 1674 9.97 -44.49 16.81
CA ARG A 1674 8.64 -44.11 16.35
C ARG A 1674 7.64 -45.22 16.63
N LEU A 1675 6.40 -44.82 16.91
CA LEU A 1675 5.34 -45.78 17.22
C LEU A 1675 5.01 -46.59 15.98
N ARG A 1676 5.34 -47.87 15.99
CA ARG A 1676 5.12 -48.72 14.83
C ARG A 1676 3.88 -49.60 14.92
N LYS A 1677 3.40 -49.89 16.13
CA LYS A 1677 2.22 -50.75 16.27
C LYS A 1677 1.42 -50.33 17.49
N THR A 1678 0.09 -50.41 17.37
CA THR A 1678 -0.83 -50.15 18.47
C THR A 1678 -1.83 -51.29 18.55
N VAL A 1679 -2.09 -51.75 19.77
CA VAL A 1679 -3.08 -52.79 20.04
C VAL A 1679 -4.01 -52.28 21.13
N ASN A 1680 -5.30 -52.15 20.81
CA ASN A 1680 -6.30 -51.65 21.74
C ASN A 1680 -7.32 -52.74 22.02
N THR A 1681 -7.47 -53.10 23.29
CA THR A 1681 -8.43 -54.12 23.71
C THR A 1681 -9.46 -53.46 24.62
N ASP A 1682 -10.70 -53.39 24.15
CA ASP A 1682 -11.79 -52.89 24.98
C ASP A 1682 -12.15 -53.93 26.03
N LEU A 1683 -12.25 -53.49 27.28
CA LEU A 1683 -12.55 -54.41 28.37
C LEU A 1683 -14.04 -54.62 28.56
N ASN A 1684 -14.87 -53.71 28.04
CA ASN A 1684 -16.32 -53.86 28.12
C ASN A 1684 -16.85 -54.86 27.10
N SER A 1685 -16.20 -54.98 25.94
CA SER A 1685 -16.70 -55.82 24.86
C SER A 1685 -15.68 -56.79 24.27
N LYS A 1686 -14.46 -56.84 24.80
CA LYS A 1686 -13.42 -57.78 24.33
C LYS A 1686 -13.11 -57.61 22.84
N HIS A 1687 -13.19 -56.39 22.32
CA HIS A 1687 -13.01 -56.13 20.90
C HIS A 1687 -11.59 -55.60 20.67
N VAL A 1688 -10.76 -56.41 20.00
CA VAL A 1688 -9.36 -56.11 19.75
C VAL A 1688 -9.23 -55.38 18.41
N SER A 1689 -8.28 -54.45 18.34
CA SER A 1689 -8.00 -53.72 17.12
C SER A 1689 -6.52 -53.38 17.07
N GLU A 1690 -5.86 -53.74 15.97
CA GLU A 1690 -4.44 -53.47 15.77
C GLU A 1690 -4.24 -52.40 14.72
N ALA A 1691 -3.11 -51.70 14.82
CA ALA A 1691 -2.74 -50.66 13.86
C ALA A 1691 -1.23 -50.62 13.74
N GLU A 1692 -0.76 -50.37 12.51
CA GLU A 1692 0.67 -50.25 12.23
C GLU A 1692 0.93 -48.94 11.52
N TYR A 1693 2.10 -48.35 11.79
CA TYR A 1693 2.46 -47.03 11.27
C TYR A 1693 3.76 -47.11 10.51
N ILE A 1694 3.84 -46.36 9.40
CA ILE A 1694 5.00 -46.35 8.52
C ILE A 1694 5.45 -44.91 8.29
N TYR A 1695 6.76 -44.70 8.28
CA TYR A 1695 7.33 -43.36 8.23
C TYR A 1695 8.35 -43.27 7.10
N ASP A 1696 8.58 -42.05 6.63
CA ASP A 1696 9.60 -41.80 5.63
C ASP A 1696 10.95 -41.57 6.33
N THR A 1697 11.98 -41.29 5.53
CA THR A 1697 13.30 -41.02 6.10
C THR A 1697 13.35 -39.77 6.96
N PHE A 1698 12.31 -38.92 6.92
CA PHE A 1698 12.25 -37.72 7.74
C PHE A 1698 11.22 -37.86 8.87
N ASP A 1699 10.89 -39.09 9.26
CA ASP A 1699 9.98 -39.41 10.35
C ASP A 1699 8.56 -38.93 10.11
N ARG A 1700 8.21 -38.53 8.88
CA ARG A 1700 6.84 -38.20 8.56
C ARG A 1700 6.05 -39.48 8.34
N ARG A 1701 4.97 -39.66 9.09
CA ARG A 1701 4.14 -40.86 8.96
C ARG A 1701 3.43 -40.82 7.60
N ILE A 1702 3.78 -41.75 6.72
CA ILE A 1702 3.23 -41.75 5.37
C ILE A 1702 2.02 -42.68 5.22
N GLY A 1703 1.79 -43.58 6.16
CA GLY A 1703 0.65 -44.47 6.06
C GLY A 1703 0.42 -45.22 7.35
N LYS A 1704 -0.82 -45.71 7.50
CA LYS A 1704 -1.21 -46.53 8.63
C LYS A 1704 -2.33 -47.46 8.20
N VAL A 1705 -2.37 -48.65 8.80
CA VAL A 1705 -3.41 -49.64 8.52
C VAL A 1705 -4.12 -49.96 9.83
N ASN A 1706 -5.45 -49.94 9.79
CA ASN A 1706 -6.28 -50.28 10.94
C ASN A 1706 -6.95 -51.62 10.67
N GLN A 1707 -6.79 -52.56 11.61
CA GLN A 1707 -7.25 -53.94 11.43
C GLN A 1707 -8.16 -54.32 12.60
N GLN A 1708 -9.39 -53.84 12.55
CA GLN A 1708 -10.41 -54.38 13.45
C GLN A 1708 -10.59 -55.87 13.19
N GLU A 1709 -10.77 -56.64 14.26
CA GLU A 1709 -10.60 -58.09 14.18
C GLU A 1709 -11.61 -58.73 13.23
N THR A 1710 -12.86 -58.24 13.24
CA THR A 1710 -13.89 -58.80 12.38
C THR A 1710 -14.61 -57.75 11.53
N SER A 1711 -14.20 -56.49 11.58
CA SER A 1711 -14.92 -55.44 10.86
C SER A 1711 -14.05 -54.81 9.78
N GLY A 1712 -13.47 -55.63 8.92
CA GLY A 1712 -12.69 -55.17 7.79
C GLY A 1712 -11.35 -54.55 8.17
N ALA A 1713 -10.71 -53.99 7.14
CA ALA A 1713 -9.42 -53.32 7.27
C ALA A 1713 -9.53 -51.91 6.72
N ALA A 1714 -8.53 -51.09 7.06
CA ALA A 1714 -8.52 -49.69 6.64
C ALA A 1714 -7.07 -49.28 6.39
N VAL A 1715 -6.66 -49.27 5.13
CA VAL A 1715 -5.32 -48.85 4.75
C VAL A 1715 -5.37 -47.37 4.41
N THR A 1716 -4.65 -46.56 5.18
CA THR A 1716 -4.62 -45.11 5.00
C THR A 1716 -3.23 -44.67 4.57
N PHE A 1717 -3.17 -43.68 3.68
CA PHE A 1717 -1.92 -43.10 3.22
C PHE A 1717 -1.97 -41.59 3.41
N TYR A 1718 -0.80 -41.00 3.71
CA TYR A 1718 -0.70 -39.59 4.02
C TYR A 1718 0.26 -38.91 3.05
N GLY A 1719 -0.11 -37.72 2.62
CA GLY A 1719 0.73 -36.92 1.72
C GLY A 1719 1.16 -35.66 2.45
N TRP A 1720 2.42 -35.30 2.26
CA TRP A 1720 3.05 -34.25 3.05
C TRP A 1720 3.56 -33.14 2.15
N ASP A 1721 2.99 -31.95 2.31
CA ASP A 1721 3.49 -30.73 1.67
C ASP A 1721 4.49 -30.10 2.63
N GLY A 1722 5.74 -30.53 2.54
CA GLY A 1722 6.74 -30.12 3.52
C GLY A 1722 6.40 -30.67 4.89
N HIS A 1723 6.15 -29.79 5.85
CA HIS A 1723 5.74 -30.18 7.19
C HIS A 1723 4.23 -30.20 7.38
N HIS A 1724 3.45 -29.98 6.32
CA HIS A 1724 2.00 -29.91 6.43
C HIS A 1724 1.38 -31.18 5.88
N LEU A 1725 0.38 -31.69 6.60
CA LEU A 1725 -0.39 -32.85 6.15
C LEU A 1725 -1.23 -32.41 4.95
N ALA A 1726 -0.81 -32.82 3.75
CA ALA A 1726 -1.49 -32.36 2.55
C ALA A 1726 -2.83 -33.07 2.35
N PHE A 1727 -2.85 -34.39 2.53
CA PHE A 1727 -4.09 -35.15 2.36
C PHE A 1727 -3.93 -36.50 3.05
N GLU A 1728 -5.07 -37.17 3.23
CA GLU A 1728 -5.14 -38.52 3.76
C GLU A 1728 -6.10 -39.32 2.90
N GLU A 1729 -5.68 -40.51 2.47
CA GLU A 1729 -6.46 -41.34 1.57
C GLU A 1729 -6.61 -42.73 2.20
N SER A 1730 -7.84 -43.09 2.54
CA SER A 1730 -8.15 -44.35 3.20
C SER A 1730 -8.92 -45.26 2.26
N THR A 1731 -8.50 -46.52 2.18
CA THR A 1731 -9.13 -47.52 1.31
C THR A 1731 -9.70 -48.61 2.21
N VAL A 1732 -11.02 -48.59 2.39
CA VAL A 1732 -11.74 -49.59 3.19
C VAL A 1732 -12.57 -50.42 2.22
N GLY A 1733 -12.09 -51.61 1.89
CA GLY A 1733 -12.78 -52.42 0.90
C GLY A 1733 -12.70 -51.80 -0.48
N ASP A 1734 -13.84 -51.73 -1.17
CA ASP A 1734 -13.89 -51.18 -2.51
C ASP A 1734 -14.08 -49.67 -2.54
N ALA A 1735 -14.20 -49.03 -1.38
CA ALA A 1735 -14.48 -47.60 -1.30
C ALA A 1735 -13.25 -46.85 -0.82
N VAL A 1736 -12.91 -45.77 -1.53
CA VAL A 1736 -11.77 -44.93 -1.18
C VAL A 1736 -12.29 -43.52 -0.90
N ASP A 1737 -11.90 -42.96 0.25
CA ASP A 1737 -12.27 -41.62 0.64
C ASP A 1737 -11.01 -40.84 0.99
N LYS A 1738 -10.78 -39.74 0.28
CA LYS A 1738 -9.57 -38.94 0.45
C LYS A 1738 -9.95 -37.49 0.71
N THR A 1739 -9.30 -36.89 1.70
CA THR A 1739 -9.58 -35.53 2.12
C THR A 1739 -8.27 -34.75 2.22
N HIS A 1740 -8.31 -33.49 1.77
CA HIS A 1740 -7.12 -32.65 1.66
C HIS A 1740 -7.20 -31.48 2.63
N TYR A 1741 -6.03 -30.88 2.87
CA TYR A 1741 -5.91 -29.82 3.86
C TYR A 1741 -5.02 -28.71 3.33
N LEU A 1742 -5.25 -27.49 3.84
CA LEU A 1742 -4.46 -26.32 3.48
C LEU A 1742 -4.39 -25.39 4.68
N TYR A 1743 -3.19 -24.91 4.98
CA TYR A 1743 -2.93 -24.16 6.21
C TYR A 1743 -2.42 -22.76 5.86
N GLU A 1744 -2.44 -21.88 6.86
CA GLU A 1744 -1.70 -20.62 6.74
C GLU A 1744 -0.22 -20.95 6.63
N GLU A 1745 0.52 -20.17 5.84
CA GLU A 1745 1.84 -20.61 5.40
C GLU A 1745 2.81 -20.81 6.56
N ASN A 1746 2.83 -19.90 7.53
CA ASN A 1746 3.84 -19.94 8.59
C ASN A 1746 3.28 -20.39 9.93
N SER A 1747 2.24 -21.20 9.91
CA SER A 1747 1.69 -21.82 11.11
C SER A 1747 0.99 -23.09 10.68
N PHE A 1748 0.55 -23.88 11.66
CA PHE A 1748 -0.21 -25.08 11.36
C PHE A 1748 -1.71 -24.88 11.60
N VAL A 1749 -2.16 -23.62 11.59
CA VAL A 1749 -3.57 -23.28 11.67
C VAL A 1749 -4.23 -23.68 10.35
N PRO A 1750 -5.16 -24.63 10.35
CA PRO A 1750 -5.78 -25.05 9.08
C PRO A 1750 -6.76 -24.00 8.58
N LEU A 1751 -6.77 -23.84 7.26
CA LEU A 1751 -7.66 -22.88 6.60
C LEU A 1751 -8.90 -23.55 6.00
N ILE A 1752 -8.71 -24.55 5.15
CA ILE A 1752 -9.81 -25.19 4.45
C ILE A 1752 -9.62 -26.70 4.47
N GLN A 1753 -10.74 -27.40 4.29
CA GLN A 1753 -10.76 -28.85 4.10
C GLN A 1753 -11.57 -29.12 2.85
N TYR A 1754 -10.94 -29.73 1.84
CA TYR A 1754 -11.61 -29.95 0.57
C TYR A 1754 -11.45 -31.41 0.16
N GLN A 1755 -12.38 -31.87 -0.67
CA GLN A 1755 -12.47 -33.27 -1.02
C GLN A 1755 -12.37 -33.48 -2.53
N HIS A 1768 -14.57 -34.17 -6.08
CA HIS A 1768 -15.85 -33.76 -5.49
C HIS A 1768 -16.01 -32.25 -5.53
N LEU A 1769 -14.87 -31.54 -5.60
CA LEU A 1769 -14.76 -30.10 -5.76
C LEU A 1769 -15.27 -29.33 -4.55
N SER A 1770 -15.76 -30.00 -3.51
CA SER A 1770 -16.29 -29.31 -2.34
C SER A 1770 -15.14 -28.78 -1.49
N VAL A 1771 -15.40 -27.65 -0.82
CA VAL A 1771 -14.43 -26.99 0.04
C VAL A 1771 -15.13 -26.61 1.34
N SER A 1772 -14.50 -26.93 2.47
CA SER A 1772 -15.05 -26.62 3.78
C SER A 1772 -14.06 -25.74 4.54
N HIS A 1773 -14.57 -24.75 5.26
CA HIS A 1773 -13.73 -23.75 5.90
C HIS A 1773 -13.62 -24.03 7.39
N TYR A 1774 -12.42 -23.81 7.92
CA TYR A 1774 -12.16 -23.98 9.35
C TYR A 1774 -12.31 -22.66 10.08
N GLN A 1775 -12.78 -22.75 11.33
CA GLN A 1775 -12.79 -21.63 12.26
C GLN A 1775 -12.05 -22.09 13.50
N CYS A 1776 -10.87 -21.53 13.73
CA CYS A 1776 -10.00 -21.96 14.80
C CYS A 1776 -9.98 -20.94 15.93
N ASP A 1777 -9.33 -21.31 17.03
CA ASP A 1777 -9.25 -20.45 18.19
C ASP A 1777 -8.02 -19.54 18.07
N HIS A 1778 -7.57 -18.99 19.19
CA HIS A 1778 -6.43 -18.08 19.18
C HIS A 1778 -5.11 -18.78 18.87
N ILE A 1779 -5.01 -20.08 19.14
CA ILE A 1779 -3.79 -20.83 18.90
C ILE A 1779 -3.95 -21.83 17.77
N GLY A 1780 -5.05 -21.78 17.04
CA GLY A 1780 -5.24 -22.63 15.88
C GLY A 1780 -5.99 -23.93 16.10
N THR A 1781 -6.54 -24.16 17.28
CA THR A 1781 -7.33 -25.36 17.51
C THR A 1781 -8.65 -25.25 16.77
N PRO A 1782 -8.95 -26.14 15.82
CA PRO A 1782 -10.19 -26.00 15.04
C PRO A 1782 -11.42 -26.14 15.92
N GLN A 1783 -12.31 -25.14 15.83
CA GLN A 1783 -13.55 -25.12 16.59
C GLN A 1783 -14.78 -25.38 15.74
N LEU A 1784 -14.80 -24.92 14.49
CA LEU A 1784 -15.95 -25.06 13.62
C LEU A 1784 -15.50 -25.52 12.24
N LEU A 1785 -16.43 -26.14 11.51
CA LEU A 1785 -16.21 -26.50 10.11
C LEU A 1785 -17.48 -26.20 9.34
N THR A 1786 -17.39 -25.34 8.33
CA THR A 1786 -18.54 -24.92 7.54
C THR A 1786 -18.36 -25.39 6.11
N ASP A 1787 -19.43 -25.95 5.54
CA ASP A 1787 -19.39 -26.54 4.21
C ASP A 1787 -19.49 -25.45 3.13
N ASP A 1788 -19.75 -25.88 1.89
CA ASP A 1788 -19.93 -24.94 0.81
C ASP A 1788 -21.19 -24.10 0.98
N ASN A 1789 -22.18 -24.64 1.69
CA ASN A 1789 -23.47 -23.99 1.84
C ASN A 1789 -23.52 -23.00 3.00
N GLY A 1790 -22.43 -22.85 3.75
CA GLY A 1790 -22.40 -21.92 4.85
C GLY A 1790 -22.84 -22.49 6.18
N HIS A 1791 -23.15 -23.78 6.25
CA HIS A 1791 -23.67 -24.40 7.46
C HIS A 1791 -22.54 -25.05 8.25
N ILE A 1792 -22.62 -24.94 9.57
CA ILE A 1792 -21.65 -25.61 10.43
C ILE A 1792 -21.94 -27.10 10.38
N VAL A 1793 -21.03 -27.87 9.77
CA VAL A 1793 -21.22 -29.31 9.63
C VAL A 1793 -20.48 -30.11 10.69
N TRP A 1794 -19.56 -29.50 11.42
CA TRP A 1794 -18.83 -30.17 12.49
C TRP A 1794 -18.43 -29.13 13.52
N GLU A 1795 -18.59 -29.46 14.78
CA GLU A 1795 -18.20 -28.59 15.88
C GLU A 1795 -17.29 -29.33 16.83
N GLY A 1796 -16.27 -28.63 17.32
CA GLY A 1796 -15.25 -29.22 18.18
C GLY A 1796 -15.40 -28.75 19.61
N ARG A 1797 -15.25 -29.69 20.55
CA ARG A 1797 -15.29 -29.43 21.97
C ARG A 1797 -14.11 -30.14 22.61
N TYR A 1798 -13.38 -29.43 23.48
CA TYR A 1798 -12.11 -29.91 23.96
C TYR A 1798 -12.02 -29.78 25.48
N SER A 1799 -11.31 -30.71 26.09
CA SER A 1799 -11.01 -30.66 27.51
C SER A 1799 -9.92 -29.63 27.77
N ALA A 1800 -9.58 -29.44 29.05
CA ALA A 1800 -8.51 -28.52 29.40
C ALA A 1800 -7.17 -28.97 28.87
N LEU A 1801 -7.01 -30.27 28.59
CA LEU A 1801 -5.82 -30.81 27.95
C LEU A 1801 -6.02 -31.10 26.47
N GLY A 1802 -7.20 -30.78 25.93
CA GLY A 1802 -7.42 -30.84 24.50
C GLY A 1802 -8.07 -32.10 23.97
N LYS A 1803 -8.61 -32.95 24.84
CA LYS A 1803 -9.32 -34.14 24.37
C LYS A 1803 -10.65 -33.74 23.75
N GLN A 1804 -10.93 -34.29 22.57
CA GLN A 1804 -12.17 -33.99 21.86
C GLN A 1804 -13.35 -34.60 22.62
N LEU A 1805 -14.00 -33.79 23.45
CA LEU A 1805 -15.14 -34.24 24.23
C LEU A 1805 -16.32 -34.55 23.31
N ASP A 1806 -17.45 -34.94 23.90
CA ASP A 1806 -18.66 -35.17 23.11
C ASP A 1806 -19.12 -33.86 22.49
N SER A 1807 -19.22 -33.84 21.16
CA SER A 1807 -19.49 -32.62 20.42
C SER A 1807 -20.97 -32.27 20.50
N ILE A 1808 -21.26 -31.12 21.11
CA ILE A 1808 -22.64 -30.63 21.22
C ILE A 1808 -23.07 -29.98 19.91
N GLY A 1817 -18.48 -33.17 7.11
CA GLY A 1817 -18.61 -34.36 7.94
C GLY A 1817 -17.95 -34.22 9.29
N GLN A 1818 -16.75 -34.81 9.43
CA GLN A 1818 -16.00 -34.72 10.67
C GLN A 1818 -14.69 -33.96 10.47
N ASN A 1819 -13.76 -34.07 11.42
CA ASN A 1819 -12.50 -33.34 11.35
C ASN A 1819 -11.48 -34.06 12.22
N ASN A 1820 -10.36 -34.49 11.62
CA ASN A 1820 -9.30 -35.16 12.34
C ASN A 1820 -8.18 -34.22 12.78
N LEU A 1821 -8.31 -32.92 12.57
CA LEU A 1821 -7.28 -31.96 12.94
C LEU A 1821 -7.62 -31.29 14.26
N CYS A 1822 -6.67 -31.31 15.20
CA CYS A 1822 -6.81 -30.67 16.49
C CYS A 1822 -5.59 -29.82 16.77
N TYR A 1823 -5.79 -28.74 17.53
CA TYR A 1823 -4.71 -27.84 17.93
C TYR A 1823 -3.92 -27.39 16.71
N GLN A 1824 -2.59 -27.42 16.81
CA GLN A 1824 -1.72 -27.05 15.70
C GLN A 1824 -0.86 -28.25 15.32
N GLY A 1825 -1.02 -28.71 14.08
CA GLY A 1825 -0.23 -29.83 13.61
C GLY A 1825 -0.47 -31.15 14.30
N GLN A 1826 -1.57 -31.28 15.05
CA GLN A 1826 -1.87 -32.49 15.80
C GLN A 1826 -3.00 -33.23 15.11
N TYR A 1827 -2.70 -34.43 14.62
CA TYR A 1827 -3.66 -35.29 13.94
C TYR A 1827 -4.21 -36.32 14.92
N TYR A 1828 -5.53 -36.46 14.95
CA TYR A 1828 -6.22 -37.34 15.89
C TYR A 1828 -6.23 -38.76 15.34
N ASP A 1829 -5.44 -39.65 15.95
CA ASP A 1829 -5.49 -41.08 15.65
C ASP A 1829 -6.59 -41.70 16.51
N ARG A 1830 -7.72 -42.02 15.87
CA ARG A 1830 -8.89 -42.50 16.61
C ARG A 1830 -8.67 -43.88 17.22
N GLU A 1831 -7.81 -44.70 16.61
CA GLU A 1831 -7.63 -46.06 17.10
C GLU A 1831 -6.93 -46.10 18.45
N SER A 1832 -6.06 -45.13 18.74
CA SER A 1832 -5.30 -45.13 19.97
C SER A 1832 -5.81 -44.12 20.99
N GLY A 1833 -6.59 -43.13 20.55
CA GLY A 1833 -6.94 -42.01 21.39
C GLY A 1833 -5.82 -41.02 21.57
N LEU A 1834 -4.69 -41.23 20.91
CA LEU A 1834 -3.53 -40.35 20.97
C LEU A 1834 -3.62 -39.33 19.85
N HIS A 1835 -2.86 -38.25 20.01
CA HIS A 1835 -2.78 -37.20 19.01
C HIS A 1835 -1.39 -37.22 18.38
N TYR A 1836 -1.35 -37.33 17.06
CA TYR A 1836 -0.07 -37.43 16.36
C TYR A 1836 0.46 -36.02 16.18
N ASN A 1837 1.56 -35.71 16.85
CA ASN A 1837 2.24 -34.45 16.65
C ASN A 1837 3.36 -34.58 15.62
N ARG A 1838 3.95 -33.44 15.29
CA ARG A 1838 5.09 -33.42 14.39
C ARG A 1838 6.25 -34.15 15.02
N PHE A 1839 6.52 -35.36 14.55
CA PHE A 1839 7.67 -36.18 14.92
C PHE A 1839 7.51 -36.80 16.30
N ARG A 1840 6.35 -36.64 16.94
CA ARG A 1840 6.11 -37.17 18.28
C ARG A 1840 4.65 -37.63 18.38
N TYR A 1841 4.26 -38.06 19.58
CA TYR A 1841 2.89 -38.46 19.87
C TYR A 1841 2.43 -37.85 21.18
N TYR A 1842 1.27 -37.20 21.15
CA TYR A 1842 0.71 -36.48 22.28
C TYR A 1842 -0.48 -37.22 22.87
N ASP A 1843 -0.51 -37.34 24.20
CA ASP A 1843 -1.61 -38.02 24.87
C ASP A 1843 -2.52 -36.97 25.49
N PRO A 1844 -3.76 -36.81 25.00
CA PRO A 1844 -4.66 -35.79 25.58
C PRO A 1844 -5.21 -36.16 26.94
N ASP A 1845 -4.97 -37.38 27.42
CA ASP A 1845 -5.44 -37.76 28.75
C ASP A 1845 -4.57 -37.17 29.86
N ILE A 1846 -3.30 -36.90 29.58
CA ILE A 1846 -2.39 -36.41 30.60
C ILE A 1846 -1.65 -35.17 30.08
N GLY A 1847 -1.83 -34.86 28.81
CA GLY A 1847 -1.25 -33.66 28.24
C GLY A 1847 0.26 -33.70 28.09
N ARG A 1848 0.83 -34.90 27.96
CA ARG A 1848 2.28 -35.06 27.85
C ARG A 1848 2.58 -36.00 26.69
N PHE A 1849 3.82 -35.93 26.20
CA PHE A 1849 4.27 -36.85 25.17
C PHE A 1849 4.49 -38.24 25.78
N ILE A 1850 4.19 -39.27 25.00
CA ILE A 1850 4.31 -40.64 25.49
C ILE A 1850 5.72 -41.14 25.18
N GLN A 1851 6.60 -40.24 24.74
CA GLN A 1851 7.96 -40.58 24.40
C GLN A 1851 8.84 -39.37 24.70
N GLN A 1852 10.11 -39.63 25.00
CA GLN A 1852 11.00 -38.54 25.33
C GLN A 1852 11.26 -37.68 24.10
N ASP A 1853 11.71 -36.46 24.35
CA ASP A 1853 11.87 -35.48 23.29
C ASP A 1853 13.16 -35.77 22.53
N PRO A 1854 13.11 -35.93 21.21
CA PRO A 1854 14.34 -36.17 20.44
C PRO A 1854 15.35 -35.03 20.48
N ILE A 1855 14.89 -33.78 20.58
CA ILE A 1855 15.84 -32.65 20.63
C ILE A 1855 16.75 -32.78 21.85
N GLY A 1856 16.23 -33.31 22.96
CA GLY A 1856 17.03 -33.48 24.16
C GLY A 1856 16.95 -32.28 25.08
N LEU A 1857 18.02 -32.03 25.84
CA LEU A 1857 18.01 -30.91 26.77
C LEU A 1857 17.95 -29.56 26.07
N PHE A 1858 18.19 -29.52 24.75
CA PHE A 1858 18.03 -28.26 24.03
C PHE A 1858 16.59 -27.75 24.12
N GLY A 1859 15.62 -28.67 24.21
CA GLY A 1859 14.23 -28.29 24.30
C GLY A 1859 13.74 -28.02 25.71
N ASP A 1860 13.77 -29.04 26.58
CA ASP A 1860 13.27 -28.87 27.93
C ASP A 1860 13.93 -29.87 28.85
N SER A 1861 14.02 -29.50 30.14
CA SER A 1861 14.61 -30.41 31.13
C SER A 1861 13.74 -31.66 31.31
N ASN A 1862 12.43 -31.48 31.37
CA ASN A 1862 11.50 -32.60 31.35
C ASN A 1862 11.24 -32.97 29.90
N PHE A 1863 11.48 -34.24 29.55
CA PHE A 1863 11.43 -34.66 28.16
C PHE A 1863 10.01 -34.91 27.66
N TYR A 1864 9.04 -35.06 28.57
CA TYR A 1864 7.66 -35.33 28.21
C TYR A 1864 6.78 -34.10 28.15
N THR A 1865 7.19 -32.99 28.76
CA THR A 1865 6.31 -31.83 28.90
C THR A 1865 6.03 -31.19 27.55
N TYR A 1866 4.75 -30.88 27.32
CA TYR A 1866 4.29 -30.19 26.12
C TYR A 1866 4.34 -28.67 26.28
N ALA A 1867 3.63 -28.15 27.29
CA ALA A 1867 3.48 -26.73 27.54
C ALA A 1867 2.88 -26.52 28.93
N PRO A 1868 3.49 -25.66 29.78
CA PRO A 1868 2.93 -25.42 31.12
C PRO A 1868 1.44 -25.14 31.10
N ASN A 1869 1.03 -24.04 30.47
CA ASN A 1869 -0.38 -23.83 30.18
C ASN A 1869 -0.74 -24.56 28.89
N THR A 1870 -1.90 -25.22 28.89
CA THR A 1870 -2.41 -25.86 27.69
C THR A 1870 -3.63 -25.15 27.12
N ALA A 1871 -3.92 -23.93 27.58
CA ALA A 1871 -5.02 -23.18 27.01
C ALA A 1871 -4.53 -22.23 25.93
N ASN A 1872 -3.32 -21.70 26.10
CA ASN A 1872 -2.64 -20.88 25.11
C ASN A 1872 -1.21 -21.39 25.02
N TRP A 1873 -0.32 -20.64 24.36
CA TRP A 1873 1.12 -20.91 24.40
C TRP A 1873 1.43 -22.34 23.95
N ILE A 1874 0.78 -22.75 22.85
CA ILE A 1874 0.93 -24.09 22.29
C ILE A 1874 1.23 -23.99 20.79
N ASP A 1875 2.14 -24.83 20.32
CA ASP A 1875 2.44 -24.98 18.90
C ASP A 1875 2.80 -26.43 18.64
N PRO A 1876 2.83 -26.87 17.38
CA PRO A 1876 3.09 -28.30 17.11
C PRO A 1876 4.40 -28.80 17.69
N PHE A 1877 5.49 -28.04 17.49
CA PHE A 1877 6.76 -28.42 18.11
C PHE A 1877 6.74 -28.23 19.62
N GLY A 1878 5.77 -27.48 20.14
CA GLY A 1878 5.73 -27.21 21.56
C GLY A 1878 6.64 -26.05 21.94
N LEU A 1879 6.96 -25.98 23.22
CA LEU A 1879 7.83 -24.93 23.76
C LEU A 1879 9.13 -24.78 22.98
N ALA B 826 -24.76 -76.05 53.36
CA ALA B 826 -23.84 -76.83 54.19
C ALA B 826 -22.55 -76.07 54.46
N ASP B 827 -21.56 -76.76 55.01
CA ASP B 827 -20.26 -76.19 55.31
C ASP B 827 -19.23 -76.58 54.26
N CYS B 828 -18.20 -75.74 54.11
CA CYS B 828 -17.13 -75.93 53.15
C CYS B 828 -16.24 -77.12 53.53
N LYS B 829 -15.35 -77.47 52.60
CA LYS B 829 -14.30 -78.47 52.81
C LYS B 829 -12.95 -77.78 52.68
N GLU B 830 -12.03 -78.10 53.61
CA GLU B 830 -10.76 -77.41 53.67
C GLU B 830 -9.87 -77.68 52.45
N CYS B 831 -10.20 -78.66 51.61
CA CYS B 831 -9.41 -78.93 50.43
C CYS B 831 -9.68 -77.94 49.30
N ARG B 832 -10.71 -77.10 49.43
CA ARG B 832 -11.06 -76.13 48.39
C ARG B 832 -10.63 -74.72 48.75
N GLY B 833 -11.10 -74.19 49.87
CA GLY B 833 -10.77 -72.82 50.25
C GLY B 833 -9.42 -72.75 50.94
N ARG B 834 -8.67 -71.70 50.64
CA ARG B 834 -7.33 -71.56 51.21
C ARG B 834 -7.40 -70.98 52.62
N VAL B 835 -8.09 -69.86 52.79
CA VAL B 835 -8.36 -69.32 54.12
C VAL B 835 -9.86 -69.22 54.30
N GLY B 836 -10.50 -70.32 54.69
CA GLY B 836 -11.95 -70.35 54.77
C GLY B 836 -12.49 -70.30 56.19
N GLY B 837 -11.71 -69.76 57.12
CA GLY B 837 -12.21 -69.56 58.46
C GLY B 837 -11.16 -69.28 59.51
N SER B 838 -11.43 -68.28 60.36
CA SER B 838 -10.63 -68.09 61.57
C SER B 838 -11.15 -69.02 62.67
N ILE B 839 -12.45 -68.98 62.90
CA ILE B 839 -13.18 -70.05 63.58
C ILE B 839 -14.01 -70.84 62.58
N GLY B 840 -14.73 -70.15 61.71
CA GLY B 840 -15.49 -70.71 60.61
C GLY B 840 -16.23 -69.57 59.93
N LEU B 841 -15.98 -69.36 58.63
CA LEU B 841 -16.52 -68.19 57.95
C LEU B 841 -17.79 -68.46 57.15
N ASP B 842 -18.08 -69.72 56.84
CA ASP B 842 -19.28 -70.02 56.08
C ASP B 842 -20.52 -70.09 56.98
N VAL B 843 -20.42 -70.79 58.11
CA VAL B 843 -21.57 -70.99 58.99
C VAL B 843 -21.27 -70.59 60.43
N GLY B 844 -20.04 -70.22 60.76
CA GLY B 844 -19.73 -69.72 62.09
C GLY B 844 -19.42 -70.75 63.14
N ASP B 845 -19.13 -71.99 62.76
CA ASP B 845 -18.83 -73.03 63.73
C ASP B 845 -17.39 -72.93 64.22
N GLU B 846 -17.18 -73.27 65.49
CA GLU B 846 -15.86 -73.37 66.07
C GLU B 846 -15.31 -74.78 65.90
N ARG B 847 -14.01 -74.88 65.60
CA ARG B 847 -13.39 -76.19 65.42
C ARG B 847 -11.92 -76.09 65.85
N PHE B 848 -11.68 -76.31 67.13
CA PHE B 848 -10.33 -76.39 67.66
C PHE B 848 -9.94 -77.84 67.86
N SER B 849 -8.64 -78.08 67.94
CA SER B 849 -8.11 -79.43 68.08
C SER B 849 -6.99 -79.45 69.12
N HIS B 850 -7.06 -80.40 70.05
CA HIS B 850 -6.05 -80.59 71.07
C HIS B 850 -5.44 -81.98 70.97
N LEU B 851 -4.14 -82.08 71.20
CA LEU B 851 -3.39 -83.31 71.05
C LEU B 851 -2.95 -83.81 72.42
N ASP B 852 -3.19 -85.10 72.68
CA ASP B 852 -2.82 -85.71 73.96
C ASP B 852 -1.46 -86.40 73.93
N PHE B 853 -1.23 -87.25 72.93
CA PHE B 853 0.06 -87.94 72.84
C PHE B 853 0.35 -88.31 71.40
N VAL B 854 1.64 -88.41 71.09
CA VAL B 854 2.11 -88.90 69.80
C VAL B 854 3.06 -90.05 70.12
N LEU B 855 2.56 -91.27 69.98
CA LEU B 855 3.39 -92.45 70.23
C LEU B 855 4.24 -92.73 68.99
N PRO B 856 5.55 -92.95 69.15
CA PRO B 856 6.41 -93.08 67.99
C PRO B 856 6.20 -94.39 67.26
N GLY B 857 6.54 -94.37 65.98
CA GLY B 857 6.43 -95.54 65.13
C GLY B 857 6.49 -95.13 63.68
N VAL B 858 6.62 -96.14 62.82
CA VAL B 858 6.50 -95.89 61.39
C VAL B 858 5.10 -95.42 61.06
N PHE B 859 4.10 -96.00 61.72
CA PHE B 859 2.74 -95.45 61.77
C PHE B 859 2.54 -94.87 63.15
N PRO B 860 2.68 -93.55 63.33
CA PRO B 860 2.53 -92.98 64.67
C PRO B 860 1.08 -92.96 65.10
N LEU B 861 0.88 -93.17 66.40
CA LEU B 861 -0.45 -93.07 67.01
C LEU B 861 -0.58 -91.66 67.60
N GLU B 862 -1.38 -90.83 66.96
CA GLU B 862 -1.55 -89.43 67.35
C GLU B 862 -2.99 -89.25 67.80
N TRP B 863 -3.20 -89.16 69.11
CA TRP B 863 -4.54 -89.03 69.67
C TRP B 863 -4.93 -87.55 69.68
N ASN B 864 -5.19 -87.03 68.49
CA ASN B 864 -5.64 -85.66 68.31
C ASN B 864 -7.15 -85.59 68.49
N ARG B 865 -7.61 -84.76 69.41
CA ARG B 865 -9.02 -84.61 69.71
C ARG B 865 -9.54 -83.33 69.06
N THR B 866 -10.47 -83.47 68.12
CA THR B 866 -11.06 -82.34 67.42
C THR B 866 -12.47 -82.10 67.92
N TYR B 867 -12.80 -80.84 68.19
CA TYR B 867 -14.15 -80.43 68.56
C TYR B 867 -14.80 -79.71 67.39
N ARG B 868 -16.06 -80.04 67.12
CA ARG B 868 -16.82 -79.42 66.04
C ARG B 868 -18.16 -78.96 66.58
N SER B 869 -18.48 -77.67 66.37
CA SER B 869 -19.65 -77.07 67.00
C SER B 869 -20.95 -77.66 66.43
N ASN B 870 -21.01 -77.87 65.12
CA ASN B 870 -22.23 -78.30 64.45
C ASN B 870 -22.32 -79.81 64.30
N MET B 871 -21.47 -80.56 64.99
CA MET B 871 -21.52 -82.03 64.98
C MET B 871 -22.64 -82.51 65.88
N THR B 872 -23.76 -82.92 65.29
CA THR B 872 -24.81 -83.59 66.03
C THR B 872 -24.64 -85.11 66.00
N ALA B 873 -23.64 -85.61 65.26
CA ALA B 873 -23.53 -87.03 65.00
C ALA B 873 -23.15 -87.81 66.25
N LYS B 874 -22.27 -87.24 67.08
CA LYS B 874 -21.70 -87.97 68.20
C LYS B 874 -22.31 -87.55 69.53
N ASP B 875 -23.44 -86.84 69.49
CA ASP B 875 -24.07 -86.37 70.73
C ASP B 875 -24.64 -87.53 71.53
N GLY B 876 -25.36 -88.45 70.87
CA GLY B 876 -26.09 -89.47 71.59
C GLY B 876 -25.19 -90.47 72.30
N GLN B 877 -24.25 -91.06 71.56
CA GLN B 877 -23.32 -92.04 72.12
C GLN B 877 -21.93 -91.56 71.76
N GLY B 878 -21.37 -90.69 72.60
CA GLY B 878 -20.07 -90.09 72.38
C GLY B 878 -19.01 -90.80 73.20
N GLU B 879 -17.89 -91.10 72.53
CA GLU B 879 -16.74 -91.68 73.23
C GLU B 879 -16.06 -90.64 74.12
N LEU B 880 -16.11 -89.37 73.73
CA LEU B 880 -15.48 -88.30 74.49
C LEU B 880 -16.45 -87.15 74.81
N GLY B 881 -17.74 -87.39 74.71
CA GLY B 881 -18.70 -86.34 74.91
C GLY B 881 -19.53 -86.07 73.67
N PRO B 882 -20.37 -85.05 73.73
CA PRO B 882 -21.32 -84.82 72.63
C PRO B 882 -20.69 -84.44 71.30
N ARG B 883 -19.76 -83.50 71.29
CA ARG B 883 -19.30 -82.90 70.04
C ARG B 883 -17.80 -83.11 69.83
N TRP B 884 -17.30 -84.27 70.23
CA TRP B 884 -15.88 -84.58 70.12
C TRP B 884 -15.65 -85.78 69.20
N ILE B 885 -14.59 -85.72 68.41
CA ILE B 885 -14.22 -86.80 67.50
C ILE B 885 -12.71 -86.83 67.38
N THR B 886 -12.17 -88.03 67.12
CA THR B 886 -10.75 -88.23 66.88
C THR B 886 -10.58 -89.06 65.61
N ALA B 887 -9.32 -89.19 65.17
CA ALA B 887 -9.02 -89.98 63.98
C ALA B 887 -9.38 -91.45 64.15
N PHE B 888 -9.43 -91.95 65.38
CA PHE B 888 -9.76 -93.34 65.65
C PHE B 888 -11.21 -93.55 66.03
N THR B 889 -12.01 -92.48 66.07
CA THR B 889 -13.43 -92.59 66.43
C THR B 889 -14.33 -92.16 65.27
N LEU B 890 -13.81 -92.20 64.05
CA LEU B 890 -14.61 -91.88 62.88
C LEU B 890 -15.75 -92.88 62.74
N VAL B 891 -16.77 -92.47 62.00
CA VAL B 891 -17.97 -93.29 61.85
C VAL B 891 -18.63 -92.95 60.52
N VAL B 892 -19.15 -93.98 59.86
CA VAL B 892 -19.91 -93.83 58.62
C VAL B 892 -21.35 -94.24 58.94
N LEU B 893 -22.28 -93.30 58.75
CA LEU B 893 -23.66 -93.52 59.13
C LEU B 893 -24.48 -93.76 57.88
N PRO B 894 -25.16 -94.90 57.75
CA PRO B 894 -26.03 -95.11 56.58
C PRO B 894 -27.24 -94.20 56.65
N LEU B 895 -27.73 -93.80 55.49
CA LEU B 895 -28.89 -92.93 55.43
C LEU B 895 -30.07 -93.67 54.83
N GLU B 896 -31.27 -93.26 55.24
CA GLU B 896 -32.52 -93.81 54.73
C GLU B 896 -32.90 -93.23 53.37
N THR B 897 -32.41 -92.04 53.04
CA THR B 897 -32.71 -91.38 51.78
C THR B 897 -31.88 -91.92 50.62
N GLY B 898 -31.16 -93.01 50.83
CA GLY B 898 -30.31 -93.59 49.81
C GLY B 898 -28.92 -92.98 49.77
N GLY B 899 -27.99 -93.57 50.51
CA GLY B 899 -26.63 -93.11 50.54
C GLY B 899 -26.02 -93.37 51.90
N TYR B 900 -24.87 -92.75 52.12
CA TYR B 900 -24.17 -92.81 53.40
C TYR B 900 -23.69 -91.40 53.70
N GLU B 901 -23.28 -91.18 54.95
CA GLU B 901 -22.69 -89.91 55.34
C GLU B 901 -21.46 -90.22 56.18
N TYR B 902 -20.32 -89.65 55.77
CA TYR B 902 -19.03 -89.93 56.39
C TYR B 902 -18.68 -88.80 57.35
N ILE B 903 -18.63 -89.14 58.64
CA ILE B 903 -18.32 -88.17 59.69
C ILE B 903 -16.80 -88.05 59.75
N SER B 904 -16.27 -87.03 59.07
CA SER B 904 -14.83 -86.88 58.88
C SER B 904 -14.13 -86.54 60.20
N GLU B 905 -12.80 -86.55 60.14
CA GLU B 905 -11.97 -86.26 61.31
C GLU B 905 -12.17 -84.83 61.81
N VAL B 906 -12.56 -83.92 60.92
CA VAL B 906 -12.73 -82.52 61.31
C VAL B 906 -14.19 -82.29 61.72
N GLY B 907 -14.93 -83.37 61.89
CA GLY B 907 -16.29 -83.31 62.38
C GLY B 907 -17.35 -83.00 61.35
N ARG B 908 -16.98 -82.76 60.10
CA ARG B 908 -17.94 -82.46 59.06
C ARG B 908 -18.52 -83.73 58.47
N ALA B 909 -19.84 -83.77 58.34
CA ALA B 909 -20.53 -84.91 57.73
C ALA B 909 -20.46 -84.76 56.22
N VAL B 910 -19.73 -85.66 55.56
CA VAL B 910 -19.54 -85.64 54.12
C VAL B 910 -20.53 -86.64 53.52
N SER B 911 -21.28 -86.20 52.51
CA SER B 911 -22.32 -87.04 51.93
C SER B 911 -21.71 -88.03 50.94
N VAL B 912 -22.22 -89.25 50.97
CA VAL B 912 -21.72 -90.33 50.14
C VAL B 912 -22.86 -90.89 49.30
N ILE B 913 -22.51 -91.47 48.17
CA ILE B 913 -23.48 -92.07 47.26
C ILE B 913 -23.64 -93.54 47.62
N GLU B 914 -24.80 -94.10 47.29
CA GLU B 914 -24.98 -95.55 47.34
C GLU B 914 -23.85 -96.26 46.61
N LEU B 915 -23.13 -97.11 47.34
CA LEU B 915 -22.05 -97.91 46.77
C LEU B 915 -22.52 -99.36 46.75
N GLU B 916 -22.71 -99.90 45.56
CA GLU B 916 -22.95 -101.33 45.44
C GLU B 916 -21.62 -102.08 45.53
N PRO B 917 -21.60 -103.26 46.15
CA PRO B 917 -20.35 -104.04 46.18
C PRO B 917 -19.72 -104.17 44.80
N GLY B 918 -18.42 -103.91 44.74
CA GLY B 918 -17.69 -103.89 43.49
C GLY B 918 -17.59 -102.55 42.81
N GLN B 919 -18.03 -101.47 43.47
CA GLN B 919 -18.00 -100.13 42.91
C GLN B 919 -16.87 -99.29 43.49
N GLU B 920 -16.36 -98.38 42.67
CA GLU B 920 -15.38 -97.38 43.08
C GLU B 920 -15.90 -96.02 42.64
N TRP B 921 -15.72 -95.02 43.51
CA TRP B 921 -16.30 -93.70 43.27
C TRP B 921 -15.35 -92.63 43.79
N TYR B 922 -14.95 -91.71 42.92
CA TYR B 922 -14.11 -90.58 43.32
C TYR B 922 -14.96 -89.31 43.33
N ASP B 923 -15.35 -88.88 44.52
CA ASP B 923 -16.11 -87.64 44.69
C ASP B 923 -15.16 -86.46 44.57
N ARG B 924 -15.27 -85.70 43.48
CA ARG B 924 -14.39 -84.55 43.33
C ARG B 924 -14.70 -83.45 44.32
N THR B 925 -15.94 -83.38 44.83
CA THR B 925 -16.32 -82.31 45.74
C THR B 925 -15.54 -82.36 47.05
N GLU B 926 -15.13 -83.55 47.48
CA GLU B 926 -14.36 -83.70 48.73
C GLU B 926 -13.09 -84.51 48.54
N GLU B 927 -12.75 -84.90 47.31
CA GLU B 927 -11.49 -85.58 46.99
C GLU B 927 -11.31 -86.86 47.82
N LEU B 928 -12.25 -87.78 47.66
CA LEU B 928 -12.22 -89.05 48.39
C LEU B 928 -12.47 -90.20 47.43
N ILE B 929 -11.60 -91.20 47.47
CA ILE B 929 -11.74 -92.42 46.68
C ILE B 929 -12.45 -93.47 47.53
N TRP B 930 -13.62 -93.90 47.07
CA TRP B 930 -14.47 -94.80 47.81
C TRP B 930 -14.47 -96.19 47.20
N ARG B 931 -14.94 -97.16 47.99
CA ARG B 931 -14.97 -98.56 47.57
C ARG B 931 -15.74 -99.37 48.62
N ARG B 932 -16.60 -100.27 48.13
CA ARG B 932 -17.32 -101.22 48.97
C ARG B 932 -16.85 -102.62 48.65
N PRO B 933 -15.82 -103.14 49.33
CA PRO B 933 -15.31 -104.48 48.99
C PRO B 933 -16.33 -105.59 49.16
N ASP B 934 -17.19 -105.48 50.16
CA ASP B 934 -18.20 -106.50 50.43
C ASP B 934 -19.40 -105.82 51.07
N VAL B 935 -20.44 -106.60 51.36
CA VAL B 935 -21.71 -106.04 51.83
C VAL B 935 -21.53 -105.28 53.14
N ASP B 936 -20.68 -105.78 54.03
CA ASP B 936 -20.52 -105.18 55.35
C ASP B 936 -19.24 -104.37 55.51
N THR B 937 -18.63 -103.94 54.40
CA THR B 937 -17.36 -103.23 54.45
C THR B 937 -17.40 -102.01 53.54
N LEU B 938 -16.85 -100.90 54.04
CA LEU B 938 -16.68 -99.67 53.28
C LEU B 938 -15.25 -99.17 53.44
N GLU B 939 -14.71 -98.58 52.37
CA GLU B 939 -13.34 -98.11 52.35
C GLU B 939 -13.27 -96.69 51.81
N VAL B 940 -12.45 -95.87 52.45
CA VAL B 940 -12.26 -94.47 52.08
C VAL B 940 -10.78 -94.26 51.85
N SER B 941 -10.45 -93.46 50.83
CA SER B 941 -9.06 -93.14 50.54
C SER B 941 -8.94 -91.66 50.22
N GLN B 942 -7.97 -90.99 50.85
CA GLN B 942 -7.75 -89.57 50.60
C GLN B 942 -6.75 -89.44 49.45
N LYS B 943 -7.22 -89.78 48.25
CA LYS B 943 -6.41 -89.78 47.04
C LYS B 943 -5.11 -90.57 47.24
N TYR B 944 -5.27 -91.77 47.82
CA TYR B 944 -4.22 -92.76 48.09
C TYR B 944 -3.16 -92.32 49.10
N GLN B 945 -3.34 -91.17 49.77
CA GLN B 945 -2.36 -90.81 50.78
C GLN B 945 -2.63 -91.49 52.12
N ARG B 946 -3.89 -91.83 52.39
CA ARG B 946 -4.29 -92.54 53.60
C ARG B 946 -5.59 -93.28 53.31
N THR B 947 -5.79 -94.41 54.00
CA THR B 947 -6.93 -95.26 53.73
C THR B 947 -7.58 -95.70 55.04
N GLU B 948 -8.91 -95.65 55.08
CA GLU B 948 -9.69 -96.07 56.23
C GLU B 948 -10.76 -97.06 55.78
N THR B 949 -10.90 -98.15 56.53
CA THR B 949 -11.84 -99.22 56.22
C THR B 949 -12.83 -99.38 57.35
N PHE B 950 -14.10 -99.58 57.00
CA PHE B 950 -15.18 -99.63 57.99
C PHE B 950 -15.90 -100.97 57.92
N GLU B 951 -16.47 -101.37 59.05
CA GLU B 951 -17.21 -102.61 59.20
C GLU B 951 -18.54 -102.31 59.87
N ARG B 952 -19.59 -103.02 59.46
CA ARG B 952 -20.92 -102.77 60.01
C ARG B 952 -21.03 -103.34 61.41
N SER B 953 -21.46 -102.50 62.36
CA SER B 953 -21.67 -102.89 63.76
C SER B 953 -23.10 -102.51 64.14
N GLY B 954 -24.05 -103.20 63.53
CA GLY B 954 -25.46 -102.92 63.73
C GLY B 954 -25.94 -101.95 62.68
N ASP B 955 -26.62 -100.88 63.10
CA ASP B 955 -27.09 -99.87 62.17
C ASP B 955 -26.05 -98.80 61.91
N VAL B 956 -24.76 -99.16 61.94
CA VAL B 956 -23.64 -98.23 61.88
C VAL B 956 -22.45 -98.97 61.30
N PHE B 957 -21.51 -98.21 60.73
CA PHE B 957 -20.24 -98.74 60.21
C PHE B 957 -19.12 -98.21 61.10
N ARG B 958 -18.48 -99.10 61.84
CA ARG B 958 -17.39 -98.71 62.74
C ARG B 958 -16.05 -98.79 62.02
N LEU B 959 -15.15 -97.88 62.40
CA LEU B 959 -13.83 -97.85 61.82
C LEU B 959 -13.07 -99.13 62.16
N LYS B 960 -12.65 -99.87 61.14
CA LYS B 960 -11.94 -101.13 61.34
C LYS B 960 -10.43 -100.94 61.39
N THR B 961 -9.88 -100.16 60.46
CA THR B 961 -8.45 -99.99 60.38
C THR B 961 -8.13 -98.70 59.62
N ILE B 962 -6.93 -98.19 59.87
CA ILE B 962 -6.39 -97.03 59.17
C ILE B 962 -5.08 -97.45 58.52
N ALA B 963 -4.85 -96.99 57.30
CA ALA B 963 -3.72 -97.47 56.51
C ALA B 963 -2.91 -96.29 56.00
N ASP B 964 -1.62 -96.54 55.77
CA ASP B 964 -0.70 -95.54 55.28
C ASP B 964 -0.62 -95.63 53.75
N ARG B 965 0.03 -94.63 53.15
CA ARG B 965 0.35 -94.72 51.73
C ARG B 965 1.26 -95.91 51.45
N ALA B 966 2.16 -96.23 52.39
CA ALA B 966 3.10 -97.33 52.24
C ALA B 966 2.56 -98.65 52.80
N GLY B 967 1.28 -98.72 53.13
CA GLY B 967 0.65 -99.95 53.57
C GLY B 967 0.70 -100.23 55.06
N ASN B 968 1.33 -99.36 55.86
CA ASN B 968 1.30 -99.54 57.31
C ASN B 968 -0.13 -99.44 57.82
N GLN B 969 -0.42 -100.19 58.88
CA GLN B 969 -1.78 -100.33 59.37
C GLN B 969 -1.86 -100.06 60.87
N ALA B 970 -3.01 -99.53 61.29
CA ALA B 970 -3.41 -99.53 62.70
C ALA B 970 -4.79 -100.17 62.76
N GLN B 971 -4.92 -101.22 63.56
CA GLN B 971 -6.15 -102.02 63.61
C GLN B 971 -6.91 -101.71 64.90
N LEU B 972 -8.22 -101.52 64.75
CA LEU B 972 -9.09 -101.21 65.88
C LEU B 972 -9.87 -102.45 66.29
N ILE B 973 -9.87 -102.72 67.59
CA ILE B 973 -10.53 -103.90 68.17
C ILE B 973 -11.59 -103.40 69.14
N TYR B 974 -12.77 -103.98 69.07
CA TYR B 974 -13.91 -103.56 69.87
C TYR B 974 -14.31 -104.67 70.83
N ASP B 975 -15.04 -104.29 71.88
CA ASP B 975 -15.47 -105.24 72.87
C ASP B 975 -16.58 -106.13 72.32
N ALA B 976 -16.68 -107.34 72.88
CA ALA B 976 -17.67 -108.30 72.39
C ALA B 976 -19.07 -108.01 72.89
N GLU B 977 -19.22 -107.50 74.11
CA GLU B 977 -20.52 -107.19 74.67
C GLU B 977 -20.88 -105.71 74.56
N ASN B 978 -19.94 -104.83 74.89
CA ASN B 978 -20.22 -103.39 74.85
C ASN B 978 -20.15 -102.82 73.44
N GLY B 979 -19.24 -103.32 72.62
CA GLY B 979 -18.98 -102.68 71.34
C GLY B 979 -18.11 -101.45 71.42
N PHE B 980 -17.48 -101.19 72.56
CA PHE B 980 -16.64 -100.02 72.73
C PHE B 980 -15.25 -100.29 72.16
N LEU B 981 -14.60 -99.24 71.70
CA LEU B 981 -13.22 -99.34 71.22
C LEU B 981 -12.31 -99.61 72.41
N VAL B 982 -11.96 -100.88 72.61
CA VAL B 982 -11.19 -101.27 73.78
C VAL B 982 -9.70 -101.26 73.54
N ARG B 983 -9.25 -101.45 72.30
CA ARG B 983 -7.83 -101.49 72.04
C ARG B 983 -7.55 -101.19 70.57
N VAL B 984 -6.37 -100.62 70.31
CA VAL B 984 -5.86 -100.39 68.97
C VAL B 984 -4.44 -100.92 68.93
N GLU B 985 -4.07 -101.54 67.81
CA GLU B 985 -2.77 -102.18 67.67
C GLU B 985 -2.04 -101.62 66.46
N THR B 986 -0.72 -101.50 66.60
CA THR B 986 0.16 -100.99 65.57
C THR B 986 1.39 -101.89 65.56
N ALA B 987 2.24 -101.74 64.54
CA ALA B 987 3.39 -102.61 64.36
C ALA B 987 4.18 -102.81 65.66
N ILE B 988 4.27 -101.77 66.48
CA ILE B 988 5.00 -101.87 67.74
C ILE B 988 4.19 -101.45 68.94
N GLN B 989 3.07 -100.74 68.80
CA GLN B 989 2.39 -100.13 69.93
C GLN B 989 1.00 -100.72 70.12
N THR B 990 0.59 -100.80 71.38
CA THR B 990 -0.73 -101.28 71.77
C THR B 990 -1.32 -100.29 72.78
N VAL B 991 -2.53 -99.81 72.51
CA VAL B 991 -3.18 -98.80 73.34
C VAL B 991 -4.52 -99.32 73.81
N HIS B 992 -4.73 -99.31 75.13
CA HIS B 992 -5.97 -99.74 75.76
C HIS B 992 -6.76 -98.54 76.25
N LEU B 993 -8.08 -98.65 76.18
CA LEU B 993 -8.99 -97.55 76.52
C LEU B 993 -10.00 -98.02 77.56
N ASP B 994 -10.09 -97.28 78.66
CA ASP B 994 -11.08 -97.57 79.70
C ASP B 994 -12.32 -96.74 79.48
N HIS B 995 -13.48 -97.33 79.75
CA HIS B 995 -14.77 -96.72 79.50
C HIS B 995 -15.57 -96.67 80.80
N ASP B 996 -16.38 -95.62 80.94
CA ASP B 996 -17.29 -95.50 82.07
C ASP B 996 -18.54 -96.35 81.79
N ALA B 997 -19.55 -96.20 82.63
CA ALA B 997 -20.79 -96.96 82.42
C ALA B 997 -21.53 -96.52 81.16
N HIS B 998 -21.25 -95.31 80.66
CA HIS B 998 -21.93 -94.78 79.49
C HIS B 998 -21.12 -94.93 78.21
N GLY B 999 -19.99 -95.64 78.26
CA GLY B 999 -19.17 -95.87 77.09
C GLY B 999 -18.21 -94.76 76.75
N ARG B 1000 -18.17 -93.68 77.51
CA ARG B 1000 -17.22 -92.61 77.26
C ARG B 1000 -15.85 -92.98 77.79
N ILE B 1001 -14.81 -92.60 77.06
CA ILE B 1001 -13.44 -92.98 77.42
C ILE B 1001 -13.07 -92.34 78.74
N THR B 1002 -12.51 -93.13 79.65
CA THR B 1002 -12.09 -92.67 80.96
C THR B 1002 -10.58 -92.62 81.11
N THR B 1003 -9.88 -93.67 80.69
CA THR B 1003 -8.42 -93.74 80.81
C THR B 1003 -7.84 -94.41 79.58
N ILE B 1004 -6.62 -94.02 79.23
CA ILE B 1004 -5.91 -94.56 78.07
C ILE B 1004 -4.55 -95.08 78.54
N TRP B 1005 -4.26 -96.34 78.23
CA TRP B 1005 -3.03 -96.99 78.65
C TRP B 1005 -2.25 -97.48 77.44
N HIS B 1006 -0.93 -97.64 77.62
CA HIS B 1006 -0.07 -98.18 76.58
C HIS B 1006 1.06 -98.99 77.22
N GLU B 1007 1.46 -100.06 76.56
CA GLU B 1007 2.59 -100.86 77.01
C GLU B 1007 3.89 -100.12 76.70
N VAL B 1008 4.87 -100.26 77.59
CA VAL B 1008 6.11 -99.50 77.50
C VAL B 1008 7.22 -100.45 77.08
N THR B 1009 8.04 -100.01 76.13
CA THR B 1009 9.01 -100.85 75.44
C THR B 1009 10.25 -101.07 76.32
N GLY B 1010 10.05 -101.78 77.41
CA GLY B 1010 11.14 -102.22 78.26
C GLY B 1010 11.05 -103.72 78.47
N ASP B 1011 12.19 -104.39 78.33
CA ASP B 1011 12.20 -105.85 78.38
C ASP B 1011 12.51 -106.40 79.77
N ASP B 1012 12.63 -105.56 80.79
CA ASP B 1012 12.70 -106.00 82.17
C ASP B 1012 11.34 -105.72 82.80
N GLY B 1013 10.63 -106.78 83.17
CA GLY B 1013 9.24 -106.63 83.55
C GLY B 1013 8.46 -106.05 82.39
N THR B 1014 8.39 -106.82 81.29
CA THR B 1014 7.87 -106.26 80.04
C THR B 1014 6.48 -105.65 80.15
N PRO B 1015 5.53 -106.16 80.97
CA PRO B 1015 4.24 -105.47 81.04
C PRO B 1015 4.30 -104.28 81.98
N LEU B 1016 4.27 -103.08 81.39
CA LEU B 1016 4.26 -101.82 82.11
C LEU B 1016 3.14 -100.99 81.52
N ARG B 1017 2.22 -100.54 82.37
CA ARG B 1017 1.04 -99.82 81.92
C ARG B 1017 1.20 -98.36 82.29
N ARG B 1018 1.39 -97.51 81.29
CA ARG B 1018 1.57 -96.08 81.47
C ARG B 1018 0.31 -95.36 81.02
N THR B 1019 -0.26 -94.56 81.91
CA THR B 1019 -1.45 -93.79 81.58
C THR B 1019 -1.11 -92.66 80.62
N LEU B 1020 -2.00 -92.44 79.65
CA LEU B 1020 -1.77 -91.46 78.59
C LEU B 1020 -2.84 -90.39 78.53
N ALA B 1021 -4.07 -90.70 78.95
CA ALA B 1021 -5.13 -89.72 78.98
C ALA B 1021 -6.15 -90.10 80.05
N ARG B 1022 -6.74 -89.08 80.66
CA ARG B 1022 -7.75 -89.22 81.70
C ARG B 1022 -8.78 -88.13 81.47
N TYR B 1023 -10.05 -88.52 81.45
CA TYR B 1023 -11.12 -87.65 81.01
C TYR B 1023 -12.18 -87.51 82.10
N GLN B 1024 -12.77 -86.32 82.15
CA GLN B 1024 -13.76 -85.97 83.17
C GLN B 1024 -14.99 -85.37 82.51
N TYR B 1025 -16.16 -85.78 83.00
CA TYR B 1025 -17.43 -85.33 82.47
C TYR B 1025 -18.27 -84.77 83.60
N ASP B 1026 -19.13 -83.80 83.27
CA ASP B 1026 -19.91 -83.08 84.26
C ASP B 1026 -21.39 -83.47 84.17
N GLU B 1027 -22.23 -82.64 84.81
CA GLU B 1027 -23.66 -82.92 84.87
C GLU B 1027 -24.30 -82.85 83.49
N ALA B 1028 -23.70 -82.10 82.56
CA ALA B 1028 -24.20 -81.97 81.20
C ALA B 1028 -23.60 -82.97 80.23
N HIS B 1029 -22.85 -83.97 80.73
CA HIS B 1029 -22.15 -84.96 79.91
C HIS B 1029 -21.09 -84.34 79.01
N ASP B 1030 -20.75 -83.08 79.23
CA ASP B 1030 -19.70 -82.43 78.47
C ASP B 1030 -18.33 -82.83 79.00
N LEU B 1031 -17.37 -82.96 78.09
CA LEU B 1031 -15.97 -83.18 78.47
C LEU B 1031 -15.41 -81.88 79.01
N VAL B 1032 -15.38 -81.75 80.35
CA VAL B 1032 -14.97 -80.50 80.96
C VAL B 1032 -13.48 -80.46 81.29
N ALA B 1033 -12.83 -81.61 81.39
CA ALA B 1033 -11.41 -81.65 81.72
C ALA B 1033 -10.76 -82.84 81.04
N ALA B 1034 -9.55 -82.64 80.54
CA ALA B 1034 -8.77 -83.69 79.91
C ALA B 1034 -7.31 -83.55 80.37
N VAL B 1035 -6.70 -84.67 80.74
CA VAL B 1035 -5.35 -84.70 81.26
C VAL B 1035 -4.53 -85.69 80.43
N ASP B 1036 -3.32 -85.27 80.04
CA ASP B 1036 -2.50 -86.03 79.13
C ASP B 1036 -1.46 -86.87 79.89
N GLN B 1037 -0.52 -87.45 79.13
CA GLN B 1037 0.49 -88.34 79.69
C GLN B 1037 1.44 -87.64 80.65
N TYR B 1038 1.48 -86.30 80.65
CA TYR B 1038 2.37 -85.55 81.55
C TYR B 1038 1.61 -84.78 82.61
N GLU B 1039 0.36 -85.17 82.89
CA GLU B 1039 -0.47 -84.50 83.90
C GLU B 1039 -0.68 -83.03 83.57
N ARG B 1040 -0.92 -82.74 82.29
CA ARG B 1040 -1.28 -81.40 81.83
C ARG B 1040 -2.76 -81.37 81.49
N THR B 1041 -3.46 -80.35 81.98
CA THR B 1041 -4.92 -80.33 81.96
C THR B 1041 -5.43 -79.29 80.97
N HIS B 1042 -6.30 -79.73 80.06
CA HIS B 1042 -7.15 -78.83 79.30
C HIS B 1042 -8.49 -78.69 80.03
N THR B 1043 -9.04 -77.48 80.03
CA THR B 1043 -10.32 -77.21 80.66
C THR B 1043 -11.29 -76.62 79.64
N TYR B 1044 -12.54 -77.06 79.71
CA TYR B 1044 -13.55 -76.68 78.73
C TYR B 1044 -14.82 -76.22 79.43
N ALA B 1045 -15.48 -75.23 78.85
CA ALA B 1045 -16.74 -74.70 79.33
C ALA B 1045 -17.72 -74.61 78.17
N TYR B 1046 -18.99 -74.88 78.42
CA TYR B 1046 -19.97 -75.08 77.36
C TYR B 1046 -21.24 -74.30 77.63
N GLN B 1047 -21.98 -74.03 76.56
CA GLN B 1047 -23.37 -73.58 76.61
C GLN B 1047 -24.14 -74.49 75.66
N ASN B 1048 -24.84 -75.48 76.21
CA ASN B 1048 -25.51 -76.52 75.42
C ASN B 1048 -24.52 -77.17 74.46
N HIS B 1049 -23.37 -77.57 75.02
CA HIS B 1049 -22.26 -78.24 74.33
C HIS B 1049 -21.56 -77.34 73.32
N LEU B 1050 -21.93 -76.06 73.23
CA LEU B 1050 -21.19 -75.08 72.46
C LEU B 1050 -20.10 -74.46 73.33
N ILE B 1051 -18.85 -74.57 72.90
CA ILE B 1051 -17.72 -74.10 73.69
C ILE B 1051 -17.85 -72.61 73.96
N THR B 1052 -17.69 -72.23 75.23
CA THR B 1052 -17.60 -70.83 75.62
C THR B 1052 -16.21 -70.45 76.12
N ARG B 1053 -15.39 -71.42 76.49
CA ARG B 1053 -13.99 -71.19 76.82
C ARG B 1053 -13.24 -72.51 76.74
N TYR B 1054 -12.07 -72.49 76.12
CA TYR B 1054 -11.15 -73.63 76.15
C TYR B 1054 -9.74 -73.12 76.40
N SER B 1055 -8.97 -73.90 77.15
CA SER B 1055 -7.68 -73.47 77.66
C SER B 1055 -6.57 -74.33 77.09
N ASP B 1056 -5.41 -73.72 76.88
CA ASP B 1056 -4.20 -74.48 76.63
C ASP B 1056 -3.76 -75.17 77.93
N LYS B 1057 -2.75 -76.02 77.82
CA LYS B 1057 -2.30 -76.81 78.96
C LYS B 1057 -1.73 -75.95 80.09
N THR B 1058 -1.65 -74.64 79.89
CA THR B 1058 -1.15 -73.72 80.90
C THR B 1058 -2.24 -72.90 81.58
N GLY B 1059 -3.51 -73.10 81.20
CA GLY B 1059 -4.62 -72.38 81.80
C GLY B 1059 -5.06 -71.15 81.03
N ARG B 1060 -4.22 -70.62 80.15
CA ARG B 1060 -4.61 -69.47 79.32
C ARG B 1060 -5.67 -69.93 78.32
N GLY B 1061 -6.75 -69.15 78.20
CA GLY B 1061 -7.92 -69.59 77.47
C GLY B 1061 -8.32 -68.67 76.33
N ILE B 1062 -9.26 -69.17 75.53
CA ILE B 1062 -9.90 -68.42 74.45
C ILE B 1062 -11.40 -68.53 74.66
N ASN B 1063 -12.09 -67.39 74.66
CA ASN B 1063 -13.49 -67.34 75.04
C ASN B 1063 -14.35 -67.08 73.82
N LEU B 1064 -15.56 -67.63 73.85
CA LEU B 1064 -16.49 -67.54 72.73
C LEU B 1064 -17.88 -67.23 73.23
N GLU B 1065 -18.70 -66.68 72.33
CA GLU B 1065 -20.11 -66.45 72.58
C GLU B 1065 -20.88 -66.81 71.31
N TRP B 1066 -22.16 -67.12 71.48
CA TRP B 1066 -22.94 -67.73 70.42
C TRP B 1066 -24.27 -67.01 70.25
N ASP B 1067 -24.91 -67.32 69.12
CA ASP B 1067 -26.22 -66.77 68.79
C ASP B 1067 -27.37 -67.53 69.43
N GLY B 1068 -27.11 -68.65 70.09
CA GLY B 1068 -28.18 -69.44 70.65
C GLY B 1068 -27.68 -70.78 71.15
N ASP B 1069 -28.64 -71.68 71.38
CA ASP B 1069 -28.38 -73.02 71.88
C ASP B 1069 -28.30 -74.07 70.77
N HIS B 1070 -28.74 -73.73 69.57
CA HIS B 1070 -28.79 -74.70 68.49
C HIS B 1070 -27.39 -75.19 68.13
N PRO B 1071 -27.27 -76.42 67.63
CA PRO B 1071 -25.95 -76.90 67.16
C PRO B 1071 -25.46 -76.13 65.95
N GLN B 1072 -26.37 -75.52 65.19
CA GLN B 1072 -26.03 -74.69 64.04
C GLN B 1072 -25.80 -73.24 64.43
N ALA B 1073 -25.63 -72.95 65.71
CA ALA B 1073 -25.47 -71.57 66.16
C ALA B 1073 -24.15 -70.99 65.64
N LYS B 1074 -24.17 -69.69 65.40
CA LYS B 1074 -23.02 -68.97 64.87
C LYS B 1074 -22.29 -68.27 65.99
N CYS B 1075 -20.99 -68.51 66.10
CA CYS B 1075 -20.18 -67.84 67.11
C CYS B 1075 -20.05 -66.36 66.74
N VAL B 1076 -20.30 -65.50 67.72
CA VAL B 1076 -20.36 -64.07 67.46
C VAL B 1076 -19.14 -63.33 68.00
N ARG B 1077 -18.40 -63.90 68.94
CA ARG B 1077 -17.24 -63.24 69.51
C ARG B 1077 -16.17 -64.27 69.85
N GLU B 1078 -14.92 -63.89 69.60
CA GLU B 1078 -13.76 -64.67 70.03
C GLU B 1078 -12.80 -63.70 70.72
N TYR B 1079 -12.43 -64.02 71.96
CA TYR B 1079 -11.55 -63.14 72.72
C TYR B 1079 -10.83 -63.99 73.75
N ARG B 1080 -9.78 -63.41 74.32
CA ARG B 1080 -8.90 -64.12 75.25
C ARG B 1080 -9.06 -63.53 76.65
N ASP B 1081 -8.37 -64.15 77.61
CA ASP B 1081 -8.63 -63.87 79.02
C ASP B 1081 -8.33 -62.42 79.39
N ASP B 1082 -7.34 -61.80 78.74
CA ASP B 1082 -7.06 -60.39 78.99
C ASP B 1082 -7.98 -59.44 78.23
N GLY B 1083 -8.92 -59.97 77.44
CA GLY B 1083 -9.82 -59.15 76.66
C GLY B 1083 -9.33 -58.80 75.27
N SER B 1084 -8.05 -58.99 74.99
CA SER B 1084 -7.47 -58.63 73.72
C SER B 1084 -7.86 -59.63 72.64
N ASN B 1085 -7.41 -59.36 71.40
CA ASN B 1085 -7.63 -60.24 70.26
C ASN B 1085 -9.12 -60.46 69.97
N LEU B 1086 -9.93 -59.43 70.20
CA LEU B 1086 -11.36 -59.54 69.92
C LEU B 1086 -11.63 -59.74 68.43
N LEU B 1087 -12.56 -60.65 68.13
CA LEU B 1087 -13.08 -60.83 66.78
C LEU B 1087 -14.60 -60.76 66.84
N ARG B 1088 -15.19 -60.01 65.92
CA ARG B 1088 -16.63 -59.76 65.89
C ARG B 1088 -17.18 -60.20 64.55
N PHE B 1089 -18.14 -61.12 64.58
CA PHE B 1089 -18.67 -61.75 63.37
C PHE B 1089 -20.11 -61.32 63.13
N ARG B 1090 -20.42 -60.99 61.88
CA ARG B 1090 -21.78 -60.70 61.44
C ARG B 1090 -22.09 -61.52 60.19
N TRP B 1091 -23.37 -61.84 60.01
CA TRP B 1091 -23.78 -62.75 58.94
C TRP B 1091 -24.96 -62.15 58.19
N ASP B 1092 -24.82 -62.05 56.87
CA ASP B 1092 -25.88 -61.60 55.98
C ASP B 1092 -26.24 -62.76 55.06
N GLU B 1093 -27.13 -63.64 55.52
CA GLU B 1093 -27.49 -64.82 54.74
C GLU B 1093 -28.35 -64.48 53.52
N SER B 1094 -28.90 -63.27 53.44
CA SER B 1094 -29.66 -62.86 52.27
C SER B 1094 -28.77 -62.25 51.20
N GLU B 1095 -27.52 -61.97 51.52
CA GLU B 1095 -26.53 -61.51 50.56
C GLU B 1095 -25.33 -62.45 50.50
N SER B 1096 -25.34 -63.53 51.27
CA SER B 1096 -24.25 -64.52 51.30
C SER B 1096 -22.92 -63.84 51.61
N LYS B 1097 -22.91 -63.05 52.66
CA LYS B 1097 -21.72 -62.31 53.07
C LYS B 1097 -21.47 -62.50 54.56
N THR B 1098 -20.19 -62.50 54.92
CA THR B 1098 -19.75 -62.64 56.31
C THR B 1098 -18.88 -61.44 56.65
N TYR B 1099 -19.28 -60.71 57.69
CA TYR B 1099 -18.52 -59.55 58.16
C TYR B 1099 -17.75 -59.93 59.41
N VAL B 1100 -16.42 -59.81 59.37
CA VAL B 1100 -15.57 -60.06 60.51
C VAL B 1100 -14.85 -58.77 60.89
N THR B 1101 -15.12 -58.28 62.08
CA THR B 1101 -14.53 -57.04 62.59
C THR B 1101 -13.58 -57.36 63.73
N ASP B 1102 -12.42 -56.71 63.73
CA ASP B 1102 -11.38 -56.99 64.71
C ASP B 1102 -11.49 -56.02 65.88
N ALA B 1103 -10.47 -55.98 66.73
CA ALA B 1103 -10.48 -55.14 67.92
C ALA B 1103 -10.29 -53.66 67.60
N LEU B 1104 -9.96 -53.30 66.37
CA LEU B 1104 -9.76 -51.91 65.98
C LEU B 1104 -10.78 -51.48 64.93
N SER B 1105 -11.94 -52.13 64.91
CA SER B 1105 -13.07 -51.77 64.06
C SER B 1105 -12.77 -51.92 62.57
N ALA B 1106 -11.70 -52.64 62.22
CA ALA B 1106 -11.45 -52.97 60.82
C ALA B 1106 -12.25 -54.21 60.44
N THR B 1107 -12.93 -54.14 59.29
CA THR B 1107 -13.86 -55.17 58.88
C THR B 1107 -13.44 -55.77 57.54
N THR B 1108 -13.43 -57.10 57.49
CA THR B 1108 -13.20 -57.84 56.26
C THR B 1108 -14.49 -58.58 55.88
N VAL B 1109 -14.88 -58.46 54.62
CA VAL B 1109 -16.16 -58.99 54.15
C VAL B 1109 -15.88 -60.12 53.18
N TYR B 1110 -16.32 -61.34 53.53
CA TYR B 1110 -16.19 -62.51 52.68
C TYR B 1110 -17.51 -62.78 51.99
N THR B 1111 -17.46 -63.06 50.69
CA THR B 1111 -18.63 -63.37 49.89
C THR B 1111 -18.56 -64.81 49.43
N PHE B 1112 -19.68 -65.52 49.54
CA PHE B 1112 -19.74 -66.95 49.30
C PHE B 1112 -20.73 -67.26 48.18
N ASP B 1113 -20.49 -68.37 47.50
CA ASP B 1113 -21.39 -68.88 46.47
C ASP B 1113 -22.47 -69.75 47.12
N ALA B 1114 -23.31 -70.39 46.29
CA ALA B 1114 -24.40 -71.20 46.81
C ALA B 1114 -23.91 -72.39 47.62
N HIS B 1115 -22.66 -72.81 47.43
CA HIS B 1115 -22.07 -73.92 48.16
C HIS B 1115 -21.10 -73.47 49.25
N ASN B 1116 -21.20 -72.20 49.67
CA ASN B 1116 -20.48 -71.69 50.83
C ASN B 1116 -18.96 -71.73 50.64
N TYR B 1117 -18.51 -71.40 49.44
CA TYR B 1117 -17.09 -71.26 49.16
C TYR B 1117 -16.78 -69.80 48.82
N ILE B 1118 -15.62 -69.32 49.26
CA ILE B 1118 -15.28 -67.91 49.11
C ILE B 1118 -15.13 -67.57 47.64
N ILE B 1119 -15.89 -66.57 47.19
CA ILE B 1119 -15.75 -66.03 45.85
C ILE B 1119 -15.25 -64.59 45.83
N HIS B 1120 -15.45 -63.84 46.91
CA HIS B 1120 -14.91 -62.48 47.03
C HIS B 1120 -14.42 -62.26 48.45
N ILE B 1121 -13.40 -61.41 48.57
CA ILE B 1121 -12.90 -60.95 49.86
C ILE B 1121 -12.70 -59.45 49.76
N ASP B 1122 -13.43 -58.69 50.57
CA ASP B 1122 -13.29 -57.24 50.63
C ASP B 1122 -12.49 -56.88 51.87
N PHE B 1123 -11.31 -56.30 51.67
CA PHE B 1123 -10.38 -56.04 52.76
C PHE B 1123 -10.63 -54.65 53.36
N ALA B 1124 -9.91 -54.36 54.44
CA ALA B 1124 -10.13 -53.13 55.19
C ALA B 1124 -9.60 -51.90 54.48
N ASP B 1125 -8.79 -52.06 53.43
CA ASP B 1125 -8.31 -50.93 52.66
C ASP B 1125 -9.18 -50.60 51.45
N GLY B 1126 -10.28 -51.34 51.25
CA GLY B 1126 -11.17 -51.10 50.14
C GLY B 1126 -10.87 -51.90 48.89
N THR B 1127 -10.08 -52.97 48.99
CA THR B 1127 -9.73 -53.79 47.86
C THR B 1127 -10.52 -55.09 47.88
N ARG B 1128 -10.84 -55.58 46.68
CA ARG B 1128 -11.59 -56.83 46.52
C ARG B 1128 -10.77 -57.83 45.74
N GLN B 1129 -10.68 -59.06 46.25
CA GLN B 1129 -10.14 -60.19 45.52
C GLN B 1129 -11.29 -61.12 45.15
N SER B 1130 -11.21 -61.70 43.95
CA SER B 1130 -12.25 -62.57 43.43
C SER B 1130 -11.66 -63.93 43.11
N ARG B 1131 -12.46 -64.98 43.34
CA ARG B 1131 -12.04 -66.36 43.12
C ARG B 1131 -13.06 -67.04 42.22
N ILE B 1132 -12.62 -67.45 41.05
CA ILE B 1132 -13.47 -68.16 40.11
C ILE B 1132 -13.32 -69.65 40.36
N ARG B 1133 -14.44 -70.38 40.35
CA ARG B 1133 -14.45 -71.76 40.82
C ARG B 1133 -15.04 -72.70 39.78
N ASP B 1134 -14.45 -73.89 39.70
CA ASP B 1134 -14.97 -74.99 38.89
C ASP B 1134 -16.33 -75.44 39.43
N GLU B 1135 -17.03 -76.24 38.62
CA GLU B 1135 -18.29 -76.82 39.09
C GLU B 1135 -18.07 -77.85 40.18
N PHE B 1136 -16.85 -78.36 40.32
CA PHE B 1136 -16.43 -79.17 41.47
C PHE B 1136 -15.75 -78.33 42.55
N HIS B 1137 -15.97 -77.02 42.54
CA HIS B 1137 -15.53 -76.05 43.54
C HIS B 1137 -14.03 -75.80 43.57
N ASN B 1138 -13.25 -76.38 42.66
CA ASN B 1138 -11.84 -76.05 42.56
C ASN B 1138 -11.67 -74.60 42.12
N ILE B 1139 -10.60 -73.97 42.57
CA ILE B 1139 -10.30 -72.58 42.22
C ILE B 1139 -9.56 -72.56 40.89
N VAL B 1140 -10.23 -72.04 39.86
CA VAL B 1140 -9.64 -71.99 38.52
C VAL B 1140 -9.01 -70.63 38.22
N GLU B 1141 -9.36 -69.58 38.97
CA GLU B 1141 -8.81 -68.26 38.70
C GLU B 1141 -8.90 -67.41 39.96
N VAL B 1142 -7.83 -66.67 40.24
CA VAL B 1142 -7.78 -65.72 41.34
C VAL B 1142 -7.51 -64.34 40.75
N ARG B 1143 -8.36 -63.38 41.08
CA ARG B 1143 -8.24 -62.01 40.59
C ARG B 1143 -7.83 -61.09 41.73
N TYR B 1144 -6.75 -60.35 41.53
CA TYR B 1144 -6.20 -59.41 42.50
C TYR B 1144 -6.74 -58.01 42.24
N PRO B 1145 -6.62 -57.09 43.21
CA PRO B 1145 -7.25 -55.77 43.05
C PRO B 1145 -6.73 -54.95 41.87
N ASP B 1146 -5.60 -55.31 41.27
CA ASP B 1146 -5.15 -54.66 40.04
C ASP B 1146 -5.55 -55.45 38.80
N ASP B 1147 -6.57 -56.30 38.91
CA ASP B 1147 -7.05 -57.17 37.83
C ASP B 1147 -5.95 -58.08 37.30
N SER B 1148 -4.92 -58.36 38.09
CA SER B 1148 -3.93 -59.36 37.74
C SER B 1148 -4.47 -60.74 38.07
N PHE B 1149 -4.13 -61.73 37.25
CA PHE B 1149 -4.76 -63.04 37.32
C PHE B 1149 -3.78 -64.12 37.74
N GLU B 1150 -4.33 -65.13 38.43
CA GLU B 1150 -3.64 -66.37 38.74
C GLU B 1150 -4.58 -67.51 38.36
N LYS B 1151 -4.28 -68.19 37.26
CA LYS B 1151 -5.20 -69.14 36.66
C LYS B 1151 -4.69 -70.56 36.87
N TYR B 1152 -5.58 -71.45 37.31
CA TYR B 1152 -5.24 -72.84 37.55
C TYR B 1152 -6.07 -73.74 36.65
N GLU B 1153 -5.48 -74.86 36.23
CA GLU B 1153 -6.16 -75.86 35.42
C GLU B 1153 -5.95 -77.23 36.04
N TYR B 1154 -7.01 -78.04 36.04
CA TYR B 1154 -7.05 -79.31 36.75
C TYR B 1154 -7.40 -80.45 35.79
N ASP B 1155 -6.98 -81.66 36.17
CA ASP B 1155 -7.41 -82.88 35.51
C ASP B 1155 -8.71 -83.35 36.18
N GLU B 1156 -9.17 -84.57 35.86
CA GLU B 1156 -10.40 -85.05 36.47
C GLU B 1156 -10.19 -85.73 37.82
N PHE B 1157 -8.96 -85.74 38.34
CA PHE B 1157 -8.69 -86.13 39.72
C PHE B 1157 -8.29 -84.94 40.58
N ASP B 1158 -8.66 -83.73 40.16
CA ASP B 1158 -8.43 -82.49 40.91
C ASP B 1158 -6.95 -82.21 41.13
N ASN B 1159 -6.10 -82.72 40.25
CA ASN B 1159 -4.67 -82.40 40.28
C ASN B 1159 -4.42 -81.19 39.39
N ILE B 1160 -3.67 -80.23 39.90
CA ILE B 1160 -3.42 -78.98 39.19
C ILE B 1160 -2.44 -79.24 38.04
N LEU B 1161 -2.93 -79.12 36.80
CA LEU B 1161 -2.11 -79.35 35.62
C LEU B 1161 -1.32 -78.12 35.19
N LYS B 1162 -1.93 -76.94 35.25
CA LYS B 1162 -1.33 -75.74 34.67
C LYS B 1162 -1.53 -74.54 35.58
N LEU B 1163 -0.43 -73.85 35.88
CA LEU B 1163 -0.43 -72.60 36.63
C LEU B 1163 -0.07 -71.47 35.65
N THR B 1164 -1.05 -70.62 35.34
CA THR B 1164 -0.84 -69.48 34.46
C THR B 1164 -0.70 -68.23 35.33
N ARG B 1165 0.55 -67.82 35.55
CA ARG B 1165 0.86 -66.67 36.39
C ARG B 1165 0.59 -65.36 35.63
N ALA B 1166 0.90 -64.25 36.27
CA ALA B 1166 0.96 -62.99 35.54
C ALA B 1166 2.08 -63.03 34.51
N ASP B 1167 1.95 -62.20 33.48
CA ASP B 1167 2.72 -62.26 32.23
C ASP B 1167 2.40 -63.53 31.46
N HIS B 1168 1.43 -64.33 31.93
CA HIS B 1168 0.93 -65.53 31.26
C HIS B 1168 1.97 -66.65 31.24
N THR B 1169 3.04 -66.53 32.02
CA THR B 1169 4.02 -67.59 32.14
C THR B 1169 3.39 -68.80 32.82
N THR B 1170 3.83 -69.98 32.43
CA THR B 1170 3.15 -71.22 32.81
C THR B 1170 4.09 -72.19 33.50
N VAL B 1171 3.56 -72.86 34.52
CA VAL B 1171 4.22 -73.99 35.17
C VAL B 1171 3.29 -75.19 35.04
N GLY B 1172 3.84 -76.32 34.62
CA GLY B 1172 3.04 -77.50 34.32
C GLY B 1172 3.47 -78.71 35.13
N TRP B 1173 2.50 -79.57 35.45
CA TRP B 1173 2.75 -80.80 36.16
C TRP B 1173 1.98 -81.93 35.50
N GLU B 1174 2.49 -83.16 35.66
CA GLU B 1174 1.82 -84.37 35.18
C GLU B 1174 1.77 -85.38 36.32
N TYR B 1175 0.75 -86.23 36.27
CA TYR B 1175 0.46 -87.12 37.38
C TYR B 1175 0.16 -88.53 36.85
N ASP B 1176 0.38 -89.52 37.71
CA ASP B 1176 0.04 -90.90 37.42
C ASP B 1176 -1.35 -91.20 37.95
N GLN B 1177 -1.76 -92.47 37.89
CA GLN B 1177 -3.05 -92.86 38.43
C GLN B 1177 -3.12 -92.67 39.94
N TYR B 1178 -1.98 -92.63 40.62
CA TYR B 1178 -1.93 -92.42 42.05
C TYR B 1178 -1.83 -90.95 42.44
N SER B 1179 -2.03 -90.03 41.49
CA SER B 1179 -2.04 -88.59 41.74
C SER B 1179 -0.67 -88.12 42.25
N GLN B 1180 0.39 -88.76 41.78
CA GLN B 1180 1.76 -88.41 42.14
C GLN B 1180 2.42 -87.69 40.98
N ILE B 1181 3.22 -86.67 41.29
CA ILE B 1181 3.81 -85.82 40.27
C ILE B 1181 4.82 -86.64 39.45
N THR B 1182 4.55 -86.77 38.16
CA THR B 1182 5.42 -87.49 37.23
C THR B 1182 6.40 -86.59 36.49
N LYS B 1183 5.95 -85.39 36.09
CA LYS B 1183 6.77 -84.46 35.34
C LYS B 1183 6.53 -83.05 35.85
N ILE B 1184 7.60 -82.25 35.89
CA ILE B 1184 7.53 -80.85 36.28
C ILE B 1184 8.19 -80.03 35.18
N VAL B 1185 7.49 -79.01 34.69
CA VAL B 1185 8.00 -78.10 33.67
C VAL B 1185 7.94 -76.68 34.20
N ASP B 1186 9.07 -75.98 34.13
CA ASP B 1186 9.17 -74.63 34.63
C ASP B 1186 8.74 -73.63 33.56
N PRO B 1187 8.63 -72.35 33.89
CA PRO B 1187 8.26 -71.36 32.85
C PRO B 1187 9.24 -71.30 31.70
N GLY B 1188 10.49 -71.74 31.87
CA GLY B 1188 11.46 -71.76 30.80
C GLY B 1188 11.44 -73.00 29.93
N GLY B 1189 10.50 -73.92 30.18
CA GLY B 1189 10.41 -75.15 29.42
C GLY B 1189 11.31 -76.27 29.89
N ASN B 1190 12.08 -76.07 30.96
CA ASN B 1190 12.95 -77.13 31.47
C ASN B 1190 12.11 -78.18 32.19
N ILE B 1191 12.46 -79.45 31.95
CA ILE B 1191 11.65 -80.58 32.39
C ILE B 1191 12.35 -81.28 33.55
N TRP B 1192 11.60 -81.53 34.63
CA TRP B 1192 12.02 -82.39 35.72
C TRP B 1192 11.08 -83.59 35.78
N THR B 1193 11.63 -84.78 36.00
CA THR B 1193 10.84 -86.00 36.00
C THR B 1193 11.05 -86.76 37.29
N ARG B 1194 10.06 -87.59 37.63
CA ARG B 1194 10.09 -88.40 38.84
C ARG B 1194 9.52 -89.77 38.54
N ASP B 1195 10.09 -90.78 39.19
CA ASP B 1195 9.65 -92.16 39.02
C ASP B 1195 9.25 -92.75 40.36
N TYR B 1196 8.30 -93.68 40.31
CA TYR B 1196 7.76 -94.30 41.51
C TYR B 1196 7.68 -95.81 41.29
N ASP B 1197 7.68 -96.54 42.39
CA ASP B 1197 7.55 -97.99 42.32
C ASP B 1197 6.09 -98.38 42.46
N GLN B 1198 5.81 -99.68 42.56
CA GLN B 1198 4.44 -100.15 42.74
C GLN B 1198 3.93 -99.90 44.15
N PHE B 1199 4.77 -99.40 45.05
CA PHE B 1199 4.40 -99.21 46.45
C PHE B 1199 4.20 -97.76 46.84
N GLY B 1200 4.41 -96.82 45.90
CA GLY B 1200 4.16 -95.41 46.14
C GLY B 1200 5.36 -94.58 46.52
N ASN B 1201 6.55 -95.16 46.60
CA ASN B 1201 7.75 -94.43 46.95
C ASN B 1201 8.37 -93.76 45.73
N MET B 1202 8.96 -92.58 45.94
CA MET B 1202 9.62 -91.86 44.86
C MET B 1202 11.02 -92.44 44.68
N ILE B 1203 11.23 -93.15 43.57
CA ILE B 1203 12.51 -93.84 43.37
C ILE B 1203 13.57 -92.91 42.82
N ARG B 1204 13.20 -92.05 41.86
CA ARG B 1204 14.19 -91.23 41.18
C ARG B 1204 13.71 -89.80 41.04
N GLU B 1205 14.68 -88.87 41.01
CA GLU B 1205 14.46 -87.48 40.67
C GLU B 1205 15.45 -87.10 39.58
N THR B 1206 14.96 -86.53 38.48
CA THR B 1206 15.81 -86.24 37.34
C THR B 1206 15.67 -84.76 36.99
N ASP B 1207 16.80 -84.10 36.78
CA ASP B 1207 16.84 -82.68 36.44
C ASP B 1207 16.92 -82.50 34.93
N PRO B 1208 16.68 -81.27 34.44
CA PRO B 1208 16.78 -81.03 32.99
C PRO B 1208 18.18 -81.19 32.45
N LYS B 1209 19.19 -81.27 33.31
CA LYS B 1209 20.56 -81.49 32.90
C LYS B 1209 20.87 -82.96 32.66
N GLY B 1210 19.94 -83.86 32.97
CA GLY B 1210 20.10 -85.28 32.73
C GLY B 1210 20.52 -86.07 33.94
N HIS B 1211 21.00 -85.41 35.00
CA HIS B 1211 21.47 -86.12 36.18
C HIS B 1211 20.31 -86.75 36.94
N THR B 1212 20.59 -87.86 37.62
CA THR B 1212 19.57 -88.64 38.31
C THR B 1212 20.07 -89.06 39.69
N SER B 1213 19.22 -88.91 40.69
CA SER B 1213 19.48 -89.39 42.04
C SER B 1213 18.60 -90.60 42.33
N GLU B 1214 19.14 -91.55 43.09
CA GLU B 1214 18.44 -92.80 43.40
C GLU B 1214 17.93 -92.77 44.83
N PHE B 1215 16.74 -93.32 45.04
CA PHE B 1215 16.15 -93.46 46.37
C PHE B 1215 15.64 -94.88 46.53
N GLN B 1216 15.98 -95.51 47.65
CA GLN B 1216 15.55 -96.87 47.96
C GLN B 1216 14.91 -96.89 49.34
N TYR B 1217 13.79 -97.60 49.45
CA TYR B 1217 12.96 -97.60 50.65
C TYR B 1217 12.78 -99.01 51.18
N THR B 1218 12.31 -99.09 52.41
CA THR B 1218 12.03 -100.36 53.07
C THR B 1218 10.55 -100.69 52.98
N ALA B 1219 10.19 -101.86 53.50
CA ALA B 1219 8.81 -102.32 53.45
C ALA B 1219 7.87 -101.42 54.24
N GLU B 1220 8.38 -100.61 55.15
CA GLU B 1220 7.57 -99.66 55.90
C GLU B 1220 7.53 -98.28 55.24
N GLY B 1221 8.17 -98.11 54.09
CA GLY B 1221 8.13 -96.85 53.37
C GLY B 1221 9.18 -95.84 53.78
N LEU B 1222 10.06 -96.20 54.71
CA LEU B 1222 11.12 -95.29 55.14
C LEU B 1222 12.25 -95.26 54.13
N LEU B 1223 12.74 -94.05 53.84
CA LEU B 1223 13.90 -93.91 52.97
C LEU B 1223 15.13 -94.43 53.69
N ILE B 1224 15.73 -95.49 53.16
CA ILE B 1224 16.82 -96.18 53.85
C ILE B 1224 18.18 -95.76 53.31
N GLN B 1225 18.29 -95.54 52.00
CA GLN B 1225 19.57 -95.19 51.39
C GLN B 1225 19.30 -94.39 50.12
N SER B 1226 20.21 -93.47 49.81
CA SER B 1226 20.06 -92.59 48.67
C SER B 1226 21.43 -92.38 48.01
N VAL B 1227 21.39 -92.26 46.68
CA VAL B 1227 22.58 -92.02 45.87
C VAL B 1227 22.36 -90.74 45.09
N ASN B 1228 23.27 -89.78 45.23
CA ASN B 1228 23.15 -88.50 44.57
C ASN B 1228 23.58 -88.59 43.12
N PRO B 1229 23.29 -87.57 42.31
CA PRO B 1229 23.71 -87.60 40.89
C PRO B 1229 25.18 -87.86 40.66
N ALA B 1230 26.06 -87.45 41.59
CA ALA B 1230 27.49 -87.68 41.44
C ALA B 1230 27.91 -89.10 41.82
N GLY B 1231 26.96 -89.98 42.12
CA GLY B 1231 27.26 -91.33 42.51
C GLY B 1231 27.56 -91.54 43.98
N GLY B 1232 27.55 -90.48 44.77
CA GLY B 1232 27.81 -90.62 46.20
C GLY B 1232 26.64 -91.31 46.89
N VAL B 1233 26.95 -92.29 47.73
CA VAL B 1233 25.94 -93.14 48.36
C VAL B 1233 25.76 -92.70 49.81
N SER B 1234 24.52 -92.41 50.17
CA SER B 1234 24.16 -92.04 51.54
C SER B 1234 23.26 -93.12 52.12
N THR B 1235 23.48 -93.44 53.40
CA THR B 1235 22.76 -94.53 54.05
C THR B 1235 22.14 -94.03 55.35
N LEU B 1236 21.02 -94.64 55.73
CA LEU B 1236 20.30 -94.29 56.94
C LEU B 1236 19.84 -95.58 57.62
N SER B 1237 19.47 -95.44 58.89
CA SER B 1237 18.96 -96.57 59.66
C SER B 1237 18.04 -96.04 60.74
N TYR B 1238 17.01 -96.83 61.06
CA TYR B 1238 15.97 -96.41 61.98
C TYR B 1238 15.77 -97.46 63.06
N ASN B 1239 15.28 -97.03 64.21
CA ASN B 1239 14.87 -97.93 65.27
C ASN B 1239 13.52 -98.55 64.91
N PRO B 1240 13.08 -99.59 65.65
CA PRO B 1240 11.75 -100.14 65.40
C PRO B 1240 10.62 -99.14 65.49
N ALA B 1241 10.86 -97.97 66.08
CA ALA B 1241 9.88 -96.90 66.16
C ALA B 1241 9.96 -95.93 65.00
N GLY B 1242 10.67 -96.29 63.93
CA GLY B 1242 10.74 -95.44 62.76
C GLY B 1242 11.47 -94.13 62.98
N LEU B 1243 12.22 -94.01 64.07
CA LEU B 1243 12.97 -92.81 64.39
C LEU B 1243 14.41 -92.98 63.89
N LEU B 1244 14.94 -91.95 63.24
CA LEU B 1244 16.25 -92.05 62.63
C LEU B 1244 17.32 -92.33 63.66
N ILE B 1245 17.89 -93.54 63.62
CA ILE B 1245 18.94 -93.92 64.57
C ILE B 1245 20.33 -93.59 64.04
N ARG B 1246 20.53 -93.63 62.72
CA ARG B 1246 21.85 -93.45 62.14
C ARG B 1246 21.72 -92.77 60.78
N TYR B 1247 22.72 -91.94 60.46
CA TYR B 1247 22.85 -91.33 59.15
C TYR B 1247 24.32 -91.30 58.75
N SER B 1248 24.61 -91.76 57.53
CA SER B 1248 25.95 -91.73 56.97
C SER B 1248 25.91 -90.98 55.65
N ASP B 1249 26.81 -90.01 55.49
CA ASP B 1249 26.82 -89.16 54.30
C ASP B 1249 27.51 -89.89 53.15
N CYS B 1250 27.79 -89.15 52.06
CA CYS B 1250 28.49 -89.71 50.92
C CYS B 1250 29.93 -90.11 51.24
N SER B 1251 30.46 -89.68 52.38
CA SER B 1251 31.81 -90.04 52.81
C SER B 1251 31.81 -91.06 53.94
N ASN B 1252 30.67 -91.67 54.23
CA ASN B 1252 30.51 -92.66 55.30
C ASN B 1252 30.80 -92.09 56.68
N LYS B 1253 30.68 -90.78 56.86
CA LYS B 1253 30.78 -90.17 58.18
C LYS B 1253 29.42 -90.27 58.86
N THR B 1254 29.39 -90.95 60.02
CA THR B 1254 28.16 -91.43 60.62
C THR B 1254 27.77 -90.59 61.83
N ARG B 1255 26.58 -90.01 61.79
CA ARG B 1255 25.96 -89.39 62.96
C ARG B 1255 24.88 -90.32 63.49
N ARG B 1256 24.76 -90.40 64.82
CA ARG B 1256 23.84 -91.35 65.44
C ARG B 1256 23.08 -90.69 66.58
N TRP B 1257 21.90 -91.25 66.86
CA TRP B 1257 21.03 -90.78 67.93
C TRP B 1257 20.54 -91.97 68.75
N GLU B 1258 20.32 -91.72 70.05
CA GLU B 1258 19.74 -92.70 70.94
C GLU B 1258 18.45 -92.14 71.51
N TYR B 1259 17.52 -93.04 71.85
CA TYR B 1259 16.14 -92.63 72.11
C TYR B 1259 15.64 -93.18 73.43
N ASP B 1260 14.76 -92.40 74.06
CA ASP B 1260 14.10 -92.75 75.30
C ASP B 1260 13.06 -93.85 75.06
N LEU B 1261 12.48 -94.33 76.15
CA LEU B 1261 11.37 -95.28 76.08
C LEU B 1261 10.12 -94.64 75.50
N LEU B 1262 10.07 -93.30 75.42
CA LEU B 1262 8.97 -92.58 74.82
C LEU B 1262 9.34 -92.00 73.46
N GLY B 1263 10.41 -92.51 72.84
CA GLY B 1263 10.79 -92.01 71.53
C GLY B 1263 11.44 -90.64 71.57
N ARG B 1264 11.97 -90.24 72.73
CA ARG B 1264 12.60 -88.94 72.89
C ARG B 1264 14.11 -89.06 72.76
N THR B 1265 14.71 -88.12 72.04
CA THR B 1265 16.15 -88.14 71.81
C THR B 1265 16.90 -87.86 73.10
N VAL B 1266 17.78 -88.79 73.49
CA VAL B 1266 18.58 -88.63 74.69
C VAL B 1266 20.07 -88.49 74.38
N LYS B 1267 20.51 -88.86 73.18
CA LYS B 1267 21.89 -88.73 72.79
C LYS B 1267 22.00 -88.36 71.31
N GLN B 1268 23.01 -87.56 71.00
CA GLN B 1268 23.45 -87.34 69.63
C GLN B 1268 24.97 -87.47 69.63
N THR B 1269 25.49 -88.20 68.64
CA THR B 1269 26.91 -88.50 68.58
C THR B 1269 27.48 -87.90 67.30
N ASP B 1270 28.45 -87.01 67.44
CA ASP B 1270 29.07 -86.38 66.30
C ASP B 1270 29.87 -87.42 65.51
N PRO B 1271 30.13 -87.16 64.23
CA PRO B 1271 30.97 -88.09 63.45
C PRO B 1271 32.36 -88.29 64.03
N CYS B 1272 32.80 -87.40 64.93
CA CYS B 1272 34.07 -87.55 65.63
C CYS B 1272 33.92 -88.28 66.95
N GLY B 1273 32.73 -88.79 67.27
CA GLY B 1273 32.51 -89.58 68.46
C GLY B 1273 32.13 -88.80 69.69
N ASN B 1274 32.01 -87.47 69.60
CA ASN B 1274 31.68 -86.64 70.76
C ASN B 1274 30.16 -86.63 70.95
N ALA B 1275 29.71 -87.08 72.12
CA ALA B 1275 28.29 -87.34 72.37
C ALA B 1275 27.67 -86.23 73.21
N GLU B 1276 26.55 -85.70 72.73
CA GLU B 1276 25.72 -84.77 73.49
C GLU B 1276 24.55 -85.53 74.11
N SER B 1277 24.17 -85.15 75.33
CA SER B 1277 23.14 -85.86 76.08
C SER B 1277 21.99 -84.93 76.44
N TYR B 1278 20.79 -85.50 76.53
CA TYR B 1278 19.56 -84.74 76.73
C TYR B 1278 18.79 -85.30 77.91
N GLU B 1279 18.22 -84.42 78.72
CA GLU B 1279 17.42 -84.78 79.88
C GLU B 1279 16.11 -84.00 79.86
N TYR B 1280 15.04 -84.61 80.37
CA TYR B 1280 13.69 -84.10 80.23
C TYR B 1280 13.06 -83.77 81.57
N ASN B 1281 12.20 -82.75 81.55
CA ASN B 1281 11.50 -82.26 82.74
C ASN B 1281 10.19 -83.02 82.92
N ARG B 1282 9.23 -82.45 83.66
CA ARG B 1282 7.96 -83.13 83.90
C ARG B 1282 7.13 -83.24 82.62
N TYR B 1283 7.21 -82.24 81.74
CA TYR B 1283 6.28 -82.11 80.63
C TYR B 1283 6.85 -82.60 79.30
N GLY B 1284 7.93 -83.39 79.33
CA GLY B 1284 8.48 -83.94 78.12
C GLY B 1284 9.36 -83.00 77.32
N PHE B 1285 9.58 -81.78 77.79
CA PHE B 1285 10.47 -80.85 77.11
C PHE B 1285 11.88 -80.98 77.68
N ILE B 1286 12.85 -80.48 76.92
CA ILE B 1286 14.25 -80.63 77.31
C ILE B 1286 14.50 -79.87 78.60
N ASN B 1287 15.17 -80.52 79.55
CA ASN B 1287 15.51 -79.90 80.83
C ASN B 1287 16.94 -79.41 80.87
N GLU B 1288 17.89 -80.23 80.45
CA GLU B 1288 19.29 -79.83 80.37
C GLU B 1288 19.95 -80.49 79.17
N VAL B 1289 21.00 -79.86 78.66
CA VAL B 1289 21.79 -80.37 77.54
C VAL B 1289 23.22 -80.49 78.04
N ARG B 1290 23.72 -81.72 78.11
CA ARG B 1290 25.05 -82.01 78.62
C ARG B 1290 25.98 -82.32 77.45
N ARG B 1291 27.03 -81.52 77.29
CA ARG B 1291 27.88 -81.58 76.11
C ARG B 1291 29.22 -82.26 76.42
N PRO B 1292 29.95 -82.68 75.39
CA PRO B 1292 31.20 -83.44 75.63
C PRO B 1292 32.22 -82.74 76.51
N ASP B 1293 32.31 -81.42 76.47
CA ASP B 1293 33.31 -80.71 77.28
C ASP B 1293 32.90 -80.57 78.74
N GLY B 1294 31.80 -81.20 79.16
CA GLY B 1294 31.33 -81.09 80.52
C GLY B 1294 30.41 -79.91 80.78
N SER B 1295 30.26 -79.01 79.81
CA SER B 1295 29.36 -77.88 79.99
C SER B 1295 27.90 -78.34 79.96
N VAL B 1296 27.05 -77.62 80.66
CA VAL B 1296 25.64 -77.97 80.81
C VAL B 1296 24.79 -76.73 80.62
N LEU B 1297 23.81 -76.81 79.72
CA LEU B 1297 22.75 -75.81 79.65
C LEU B 1297 21.57 -76.29 80.47
N THR B 1298 20.93 -75.37 81.16
CA THR B 1298 19.72 -75.66 81.91
C THR B 1298 18.58 -74.82 81.37
N LEU B 1299 17.43 -75.45 81.17
CA LEU B 1299 16.29 -74.80 80.53
C LEU B 1299 15.04 -75.01 81.37
N ASP B 1300 14.05 -74.17 81.11
CA ASP B 1300 12.76 -74.23 81.79
C ASP B 1300 11.68 -73.95 80.75
N PHE B 1301 10.57 -74.70 80.83
CA PHE B 1301 9.55 -74.65 79.79
C PHE B 1301 8.16 -74.59 80.41
N ASP B 1302 7.28 -73.85 79.75
CA ASP B 1302 5.87 -73.84 80.07
C ASP B 1302 5.27 -75.24 79.88
N GLU B 1303 4.04 -75.42 80.37
CA GLU B 1303 3.31 -76.64 80.04
C GLU B 1303 3.03 -76.74 78.55
N GLU B 1304 3.02 -75.62 77.82
CA GLU B 1304 2.79 -75.60 76.38
C GLU B 1304 4.06 -75.36 75.59
N GLY B 1305 5.22 -75.51 76.23
CA GLY B 1305 6.49 -75.44 75.53
C GLY B 1305 7.10 -74.06 75.37
N ARG B 1306 6.52 -73.03 75.98
CA ARG B 1306 7.13 -71.71 75.93
C ARG B 1306 8.33 -71.66 76.87
N LEU B 1307 9.48 -71.30 76.33
CA LEU B 1307 10.71 -71.26 77.12
C LEU B 1307 10.61 -70.16 78.18
N LEU B 1308 10.76 -70.54 79.44
CA LEU B 1308 10.67 -69.60 80.55
C LEU B 1308 12.02 -69.08 81.02
N SER B 1309 13.06 -69.90 81.00
CA SER B 1309 14.36 -69.48 81.50
C SER B 1309 15.45 -70.31 80.84
N PHE B 1310 16.66 -69.75 80.81
CA PHE B 1310 17.82 -70.40 80.22
C PHE B 1310 19.05 -70.04 81.04
N ILE B 1311 19.87 -71.04 81.35
CA ILE B 1311 21.04 -70.89 82.19
C ILE B 1311 22.28 -71.30 81.41
N ASP B 1312 23.29 -70.43 81.40
CA ASP B 1312 24.55 -70.73 80.75
C ASP B 1312 25.28 -71.84 81.50
N PRO B 1313 26.32 -72.42 80.90
CA PRO B 1313 27.21 -73.30 81.66
C PRO B 1313 27.98 -72.57 82.75
N ILE B 1314 27.89 -71.24 82.79
CA ILE B 1314 28.53 -70.42 83.81
C ILE B 1314 27.49 -69.70 84.67
N ASP B 1315 26.27 -70.25 84.71
CA ASP B 1315 25.17 -69.87 85.61
C ASP B 1315 24.52 -68.53 85.28
N ASN B 1316 24.79 -67.94 84.12
CA ASN B 1316 24.06 -66.74 83.72
C ASN B 1316 22.61 -67.10 83.39
N LEU B 1317 21.68 -66.38 84.00
CA LEU B 1317 20.25 -66.67 83.88
C LEU B 1317 19.56 -65.61 83.04
N THR B 1318 18.82 -66.06 82.03
CA THR B 1318 17.94 -65.22 81.24
C THR B 1318 16.51 -65.71 81.43
N VAL B 1319 15.60 -64.78 81.72
CA VAL B 1319 14.22 -65.11 82.06
C VAL B 1319 13.30 -64.51 81.01
N TYR B 1320 12.22 -65.23 80.69
CA TYR B 1320 11.23 -64.77 79.73
C TYR B 1320 9.86 -64.83 80.38
N ALA B 1321 9.05 -63.81 80.13
CA ALA B 1321 7.72 -63.68 80.73
C ALA B 1321 6.67 -63.55 79.64
N TYR B 1322 5.51 -64.16 79.87
CA TYR B 1322 4.44 -64.20 78.89
C TYR B 1322 3.15 -63.69 79.53
N ASP B 1323 2.38 -62.93 78.77
CA ASP B 1323 1.18 -62.29 79.30
C ASP B 1323 0.01 -63.27 79.30
N GLY B 1324 -1.18 -62.78 79.64
CA GLY B 1324 -2.37 -63.62 79.73
C GLY B 1324 -2.87 -64.19 78.42
N ALA B 1325 -2.23 -63.84 77.30
CA ALA B 1325 -2.60 -64.38 76.01
C ALA B 1325 -1.52 -65.29 75.42
N GLY B 1326 -0.39 -65.46 76.11
CA GLY B 1326 0.70 -66.27 75.62
C GLY B 1326 1.77 -65.53 74.85
N ARG B 1327 1.74 -64.20 74.86
CA ARG B 1327 2.71 -63.40 74.12
C ARG B 1327 3.88 -63.02 75.02
N LEU B 1328 5.09 -63.12 74.47
CA LEU B 1328 6.30 -62.76 75.21
C LEU B 1328 6.26 -61.29 75.59
N ALA B 1329 6.33 -61.01 76.89
CA ALA B 1329 6.21 -59.65 77.38
C ALA B 1329 7.49 -59.07 77.95
N ARG B 1330 8.42 -59.91 78.43
CA ARG B 1330 9.64 -59.40 79.04
C ARG B 1330 10.73 -60.46 78.98
N LYS B 1331 11.93 -60.02 78.59
CA LYS B 1331 13.14 -60.82 78.71
C LYS B 1331 14.09 -60.11 79.67
N THR B 1332 14.61 -60.85 80.64
CA THR B 1332 15.50 -60.29 81.65
C THR B 1332 16.91 -60.84 81.45
N ASP B 1333 17.89 -59.95 81.42
CA ASP B 1333 19.26 -60.31 81.09
C ASP B 1333 19.97 -60.85 82.32
N PRO B 1334 21.12 -61.49 82.14
CA PRO B 1334 21.90 -61.93 83.31
C PRO B 1334 22.34 -60.79 84.21
N LEU B 1335 22.45 -59.57 83.68
CA LEU B 1335 22.64 -58.39 84.51
C LEU B 1335 21.31 -57.82 85.02
N LYS B 1336 20.22 -58.57 84.85
CA LYS B 1336 18.89 -58.21 85.34
C LYS B 1336 18.37 -56.92 84.72
N GLN B 1337 18.84 -56.60 83.52
CA GLN B 1337 18.24 -55.52 82.75
C GLN B 1337 17.02 -56.07 82.01
N ASP B 1338 15.97 -55.26 81.93
CA ASP B 1338 14.71 -55.69 81.36
C ASP B 1338 14.50 -55.16 79.95
N PHE B 1339 13.99 -56.03 79.08
CA PHE B 1339 13.53 -55.65 77.74
C PHE B 1339 12.06 -56.02 77.65
N HIS B 1340 11.21 -55.04 77.40
CA HIS B 1340 9.77 -55.20 77.48
C HIS B 1340 9.14 -55.23 76.09
N TYR B 1341 8.09 -56.03 75.96
CA TYR B 1341 7.30 -56.11 74.73
C TYR B 1341 5.85 -55.77 75.07
N ASN B 1342 5.23 -54.92 74.26
CA ASN B 1342 3.87 -54.48 74.47
C ASN B 1342 3.09 -54.63 73.16
N TYR B 1343 1.79 -54.89 73.29
CA TYR B 1343 0.96 -55.24 72.15
C TYR B 1343 -0.29 -54.37 72.12
N ASP B 1344 -0.83 -54.18 70.92
CA ASP B 1344 -2.03 -53.39 70.73
C ASP B 1344 -3.27 -54.22 71.04
N LYS B 1345 -4.44 -53.71 70.66
CA LYS B 1345 -5.70 -54.36 70.99
C LYS B 1345 -5.89 -55.68 70.26
N LYS B 1346 -5.21 -55.89 69.14
CA LYS B 1346 -5.33 -57.12 68.36
C LYS B 1346 -4.14 -58.05 68.54
N GLY B 1347 -3.19 -57.69 69.38
CA GLY B 1347 -2.02 -58.53 69.63
C GLY B 1347 -0.83 -58.24 68.76
N ARG B 1348 -0.87 -57.19 67.94
CA ARG B 1348 0.27 -56.79 67.15
C ARG B 1348 1.23 -55.98 68.03
N LEU B 1349 2.53 -56.12 67.74
CA LEU B 1349 3.55 -55.43 68.51
C LEU B 1349 3.39 -53.92 68.44
N ALA B 1350 3.01 -53.30 69.55
CA ALA B 1350 2.74 -51.86 69.57
C ALA B 1350 3.95 -51.05 69.99
N SER B 1351 4.80 -51.58 70.86
CA SER B 1351 5.97 -50.84 71.33
C SER B 1351 6.98 -51.80 71.93
N LEU B 1352 8.25 -51.42 71.85
CA LEU B 1352 9.35 -52.08 72.53
C LEU B 1352 9.95 -51.13 73.56
N GLN B 1353 10.76 -51.68 74.46
CA GLN B 1353 11.45 -50.88 75.46
C GLN B 1353 12.81 -51.52 75.75
N ASP B 1354 13.89 -50.86 75.32
CA ASP B 1354 15.21 -51.43 75.43
C ASP B 1354 15.75 -51.28 76.86
N GLU B 1355 16.96 -51.80 77.07
CA GLU B 1355 17.59 -51.79 78.39
C GLU B 1355 17.95 -50.38 78.87
N ASN B 1356 18.01 -49.40 77.97
CA ASN B 1356 18.29 -48.02 78.37
C ASN B 1356 17.04 -47.25 78.75
N GLY B 1357 15.86 -47.79 78.48
CA GLY B 1357 14.61 -47.09 78.71
C GLY B 1357 14.02 -46.43 77.48
N ALA B 1358 14.66 -46.57 76.32
CA ALA B 1358 14.14 -46.00 75.09
C ALA B 1358 13.04 -46.88 74.52
N GLN B 1359 12.20 -46.29 73.69
CA GLN B 1359 11.02 -46.96 73.13
C GLN B 1359 11.13 -47.07 71.62
N PHE B 1360 10.68 -48.21 71.09
CA PHE B 1360 10.51 -48.41 69.66
C PHE B 1360 9.01 -48.56 69.39
N THR B 1361 8.49 -47.76 68.47
CA THR B 1361 7.06 -47.70 68.20
C THR B 1361 6.75 -48.31 66.84
N PHE B 1362 5.67 -49.07 66.76
CA PHE B 1362 5.16 -49.63 65.52
C PHE B 1362 3.78 -49.05 65.19
N GLN B 1363 3.48 -48.98 63.91
CA GLN B 1363 2.20 -48.48 63.42
C GLN B 1363 1.77 -49.27 62.20
N PHE B 1364 0.53 -49.75 62.20
CA PHE B 1364 0.03 -50.62 61.14
C PHE B 1364 -1.21 -50.00 60.50
N ASP B 1365 -1.42 -50.35 59.23
CA ASP B 1365 -2.65 -49.96 58.53
C ASP B 1365 -3.76 -50.94 58.89
N PRO B 1366 -5.01 -50.66 58.45
CA PRO B 1366 -6.11 -51.60 58.76
C PRO B 1366 -5.94 -52.99 58.18
N VAL B 1367 -4.90 -53.22 57.37
CA VAL B 1367 -4.66 -54.54 56.80
C VAL B 1367 -3.30 -55.05 57.28
N ASP B 1368 -2.88 -54.60 58.46
CA ASP B 1368 -1.71 -55.11 59.16
C ASP B 1368 -0.40 -54.88 58.41
N ARG B 1369 -0.39 -53.98 57.43
CA ARG B 1369 0.87 -53.59 56.79
C ARG B 1369 1.57 -52.56 57.65
N LEU B 1370 2.85 -52.80 57.96
CA LEU B 1370 3.62 -51.91 58.81
C LEU B 1370 3.81 -50.59 58.07
N ILE B 1371 3.06 -49.57 58.46
CA ILE B 1371 3.09 -48.31 57.72
C ILE B 1371 4.18 -47.37 58.22
N ARG B 1372 4.49 -47.39 59.52
CA ARG B 1372 5.48 -46.45 60.04
C ARG B 1372 6.00 -46.93 61.38
N THR B 1373 7.28 -46.63 61.65
CA THR B 1373 7.92 -46.95 62.92
C THR B 1373 8.73 -45.76 63.41
N VAL B 1374 8.87 -45.68 64.74
CA VAL B 1374 9.71 -44.68 65.40
C VAL B 1374 10.71 -45.43 66.27
N GLY B 1375 12.00 -45.28 65.96
CA GLY B 1375 13.05 -46.05 66.59
C GLY B 1375 13.42 -45.57 67.97
N PHE B 1376 14.33 -46.32 68.61
CA PHE B 1376 14.84 -45.93 69.92
C PHE B 1376 15.48 -44.55 69.89
N ASP B 1377 16.18 -44.22 68.80
CA ASP B 1377 16.69 -42.88 68.60
C ASP B 1377 15.58 -41.85 68.40
N GLY B 1378 14.35 -42.28 68.19
CA GLY B 1378 13.29 -41.40 67.75
C GLY B 1378 13.24 -41.14 66.26
N LYS B 1379 14.06 -41.84 65.48
CA LYS B 1379 14.05 -41.66 64.03
C LYS B 1379 12.76 -42.21 63.44
N VAL B 1380 12.10 -41.41 62.61
CA VAL B 1380 10.86 -41.81 61.95
C VAL B 1380 11.19 -42.52 60.65
N LYS B 1381 10.51 -43.64 60.41
CA LYS B 1381 10.61 -44.37 59.15
C LYS B 1381 9.19 -44.70 58.68
N LYS B 1382 8.88 -44.33 57.44
CA LYS B 1382 7.54 -44.43 56.90
C LYS B 1382 7.53 -45.33 55.68
N TYR B 1383 6.40 -46.01 55.45
CA TYR B 1383 6.24 -46.94 54.35
C TYR B 1383 4.90 -46.69 53.66
N ASN B 1384 4.96 -46.12 52.45
CA ASN B 1384 3.76 -45.80 51.67
C ASN B 1384 3.50 -46.94 50.69
N TYR B 1385 2.60 -47.84 51.07
CA TYR B 1385 2.24 -48.96 50.23
C TYR B 1385 1.23 -48.57 49.16
N ASP B 1386 1.30 -49.25 48.02
CA ASP B 1386 0.27 -49.13 47.00
C ASP B 1386 -0.97 -49.90 47.42
N LYS B 1387 -2.14 -49.39 47.06
CA LYS B 1387 -3.37 -50.01 47.53
C LYS B 1387 -3.74 -51.25 46.71
N PRO B 1388 -3.84 -51.17 45.38
CA PRO B 1388 -4.28 -52.37 44.64
C PRO B 1388 -3.27 -53.51 44.65
N THR B 1389 -1.98 -53.21 44.45
CA THR B 1389 -0.97 -54.25 44.38
C THR B 1389 -0.39 -54.61 45.74
N GLY B 1390 -0.53 -53.75 46.75
CA GLY B 1390 0.04 -54.02 48.04
C GLY B 1390 1.55 -53.90 48.12
N LEU B 1391 2.20 -53.42 47.06
CA LEU B 1391 3.65 -53.34 47.01
C LEU B 1391 4.15 -52.04 47.63
N LEU B 1392 5.32 -52.10 48.24
CA LEU B 1392 5.95 -50.94 48.88
C LEU B 1392 6.52 -50.03 47.81
N PHE B 1393 5.79 -48.97 47.46
CA PHE B 1393 6.26 -48.05 46.43
C PHE B 1393 7.34 -47.10 46.95
N SER B 1394 7.20 -46.60 48.18
CA SER B 1394 8.13 -45.61 48.70
C SER B 1394 8.37 -45.83 50.18
N MET B 1395 9.63 -45.83 50.57
CA MET B 1395 10.08 -45.91 51.96
C MET B 1395 10.75 -44.60 52.34
N GLU B 1396 10.34 -44.02 53.45
CA GLU B 1396 10.92 -42.75 53.90
C GLU B 1396 11.77 -43.07 55.12
N ASP B 1397 13.09 -43.05 54.94
CA ASP B 1397 14.04 -43.19 56.04
C ASP B 1397 14.42 -41.80 56.53
N ALA B 1398 13.72 -41.31 57.55
CA ALA B 1398 13.98 -39.99 58.12
C ALA B 1398 13.80 -38.99 56.98
N ASP B 1399 14.75 -38.10 56.72
CA ASP B 1399 14.60 -37.14 55.62
C ASP B 1399 15.13 -37.72 54.30
N ARG B 1400 14.74 -38.95 53.98
CA ARG B 1400 15.19 -39.61 52.75
C ARG B 1400 14.06 -40.48 52.23
N GLU B 1401 13.54 -40.14 51.05
CA GLU B 1401 12.49 -40.93 50.41
C GLU B 1401 13.10 -41.75 49.28
N THR B 1402 12.76 -43.04 49.24
CA THR B 1402 13.24 -43.95 48.21
C THR B 1402 12.05 -44.56 47.51
N HIS B 1403 11.98 -44.40 46.19
CA HIS B 1403 10.86 -44.87 45.39
C HIS B 1403 11.20 -46.21 44.73
N PHE B 1404 10.18 -47.04 44.54
CA PHE B 1404 10.34 -48.38 44.01
C PHE B 1404 9.36 -48.62 42.89
N GLU B 1405 9.77 -49.45 41.93
CA GLU B 1405 8.95 -49.82 40.78
C GLU B 1405 9.05 -51.31 40.58
N TYR B 1406 7.92 -51.93 40.21
CA TYR B 1406 7.81 -53.38 40.12
C TYR B 1406 7.14 -53.75 38.80
N ASP B 1407 7.06 -55.05 38.56
CA ASP B 1407 6.31 -55.60 37.43
C ASP B 1407 5.06 -56.31 37.97
N VAL B 1408 4.34 -56.98 37.07
CA VAL B 1408 3.13 -57.70 37.46
C VAL B 1408 3.41 -58.93 38.30
N MET B 1409 4.67 -59.37 38.37
CA MET B 1409 5.07 -60.49 39.21
C MET B 1409 5.59 -60.04 40.57
N GLY B 1410 5.54 -58.75 40.87
CA GLY B 1410 6.04 -58.26 42.14
C GLY B 1410 7.53 -58.22 42.25
N GLN B 1411 8.25 -58.24 41.12
CA GLN B 1411 9.70 -58.17 41.12
C GLN B 1411 10.15 -56.73 40.99
N LEU B 1412 11.04 -56.31 41.88
CA LEU B 1412 11.54 -54.94 41.87
C LEU B 1412 12.31 -54.66 40.60
N LEU B 1413 11.87 -53.67 39.83
CA LEU B 1413 12.52 -53.31 38.57
C LEU B 1413 13.44 -52.10 38.69
N LYS B 1414 13.07 -51.11 39.49
CA LYS B 1414 13.88 -49.90 39.63
C LYS B 1414 13.82 -49.37 41.06
N ARG B 1415 14.97 -48.88 41.54
CA ARG B 1415 15.10 -48.23 42.83
C ARG B 1415 15.62 -46.81 42.58
N ARG B 1416 14.78 -45.81 42.86
CA ARG B 1416 15.09 -44.43 42.55
C ARG B 1416 15.11 -43.60 43.82
N ALA B 1417 16.16 -42.81 43.99
CA ALA B 1417 16.23 -41.83 45.08
C ALA B 1417 17.27 -40.77 44.73
N GLY B 1418 16.82 -39.54 44.54
CA GLY B 1418 17.74 -38.45 44.23
C GLY B 1418 18.57 -38.71 42.99
N HIS B 1419 19.90 -38.63 43.15
CA HIS B 1419 20.81 -38.77 42.01
C HIS B 1419 20.98 -40.21 41.54
N LEU B 1420 20.48 -41.20 42.28
CA LEU B 1420 20.81 -42.59 42.03
C LEU B 1420 19.59 -43.36 41.54
N VAL B 1421 19.82 -44.25 40.57
CA VAL B 1421 18.81 -45.19 40.09
C VAL B 1421 19.47 -46.56 39.91
N ASP B 1422 18.90 -47.59 40.51
CA ASP B 1422 19.27 -48.96 40.26
C ASP B 1422 18.14 -49.66 39.53
N SER B 1423 18.49 -50.54 38.59
CA SER B 1423 17.49 -51.21 37.76
C SER B 1423 17.84 -52.68 37.62
N PHE B 1424 16.80 -53.50 37.43
CA PHE B 1424 16.95 -54.95 37.38
C PHE B 1424 16.07 -55.52 36.29
N GLU B 1425 16.53 -56.61 35.67
CA GLU B 1425 15.81 -57.28 34.60
C GLU B 1425 15.73 -58.77 34.90
N TYR B 1426 14.58 -59.36 34.61
CA TYR B 1426 14.29 -60.75 34.95
C TYR B 1426 13.85 -61.52 33.72
N ASP B 1427 14.19 -62.81 33.70
CA ASP B 1427 13.70 -63.71 32.67
C ASP B 1427 12.36 -64.30 33.09
N ILE B 1428 11.82 -65.20 32.26
CA ILE B 1428 10.57 -65.87 32.59
C ILE B 1428 10.73 -66.79 33.79
N SER B 1429 11.96 -67.21 34.10
CA SER B 1429 12.22 -68.10 35.22
C SER B 1429 12.60 -67.34 36.48
N ASN B 1430 12.31 -66.04 36.54
CA ASN B 1430 12.41 -65.21 37.74
C ASN B 1430 13.85 -65.05 38.22
N ARG B 1431 14.84 -65.30 37.39
CA ARG B 1431 16.23 -65.02 37.74
C ARG B 1431 16.60 -63.60 37.34
N ILE B 1432 17.49 -63.00 38.12
CA ILE B 1432 17.99 -61.66 37.80
C ILE B 1432 18.93 -61.78 36.61
N ILE B 1433 18.48 -61.31 35.45
CA ILE B 1433 19.31 -61.41 34.25
C ILE B 1433 20.31 -60.25 34.18
N ARG B 1434 19.85 -59.04 34.47
CA ARG B 1434 20.69 -57.86 34.35
C ARG B 1434 20.39 -56.90 35.49
N ALA B 1435 21.45 -56.30 36.04
CA ALA B 1435 21.31 -55.32 37.12
C ALA B 1435 22.34 -54.23 36.87
N HIS B 1436 21.87 -53.01 36.60
CA HIS B 1436 22.76 -51.95 36.14
C HIS B 1436 22.39 -50.62 36.80
N ASN B 1437 23.41 -49.78 36.97
CA ASN B 1437 23.25 -48.37 37.29
C ASN B 1437 24.24 -47.58 36.44
N GLU B 1438 24.30 -46.27 36.67
CA GLU B 1438 25.17 -45.43 35.85
C GLU B 1438 26.65 -45.78 36.01
N TYR B 1439 27.02 -46.50 37.08
CA TYR B 1439 28.40 -46.86 37.30
C TYR B 1439 28.74 -48.31 37.02
N CYS B 1440 27.74 -49.19 36.99
CA CYS B 1440 28.00 -50.63 36.91
C CYS B 1440 26.89 -51.31 36.13
N ASP B 1441 27.26 -52.05 35.08
CA ASP B 1441 26.34 -52.88 34.33
C ASP B 1441 26.77 -54.33 34.48
N GLN B 1442 25.87 -55.17 34.99
CA GLN B 1442 26.17 -56.56 35.27
C GLN B 1442 25.15 -57.47 34.60
N HIS B 1443 25.64 -58.45 33.86
CA HIS B 1443 24.82 -59.42 33.14
C HIS B 1443 25.14 -60.82 33.64
N PHE B 1444 24.09 -61.62 33.85
CA PHE B 1444 24.26 -62.97 34.40
C PHE B 1444 23.60 -63.98 33.47
N GLU B 1445 24.27 -65.11 33.28
CA GLU B 1445 23.78 -66.21 32.47
C GLU B 1445 23.81 -67.49 33.29
N TYR B 1446 22.75 -68.28 33.19
CA TYR B 1446 22.55 -69.44 34.05
C TYR B 1446 22.32 -70.68 33.22
N ASP B 1447 22.65 -71.84 33.81
CA ASP B 1447 22.25 -73.12 33.25
C ASP B 1447 20.84 -73.47 33.76
N VAL B 1448 20.38 -74.68 33.41
CA VAL B 1448 19.04 -75.10 33.84
C VAL B 1448 18.95 -75.35 35.33
N LEU B 1449 20.08 -75.43 36.04
CA LEU B 1449 20.09 -75.58 37.49
C LEU B 1449 20.34 -74.26 38.21
N ASN B 1450 20.13 -73.14 37.53
CA ASN B 1450 20.23 -71.78 38.09
C ASN B 1450 21.64 -71.45 38.58
N ASN B 1451 22.64 -72.21 38.15
CA ASN B 1451 24.02 -71.91 38.53
C ASN B 1451 24.57 -70.82 37.62
N PRO B 1452 25.22 -69.78 38.19
CA PRO B 1452 25.80 -68.73 37.34
C PRO B 1452 26.97 -69.22 36.51
N ILE B 1453 26.69 -69.67 35.29
CA ILE B 1453 27.75 -70.17 34.43
C ILE B 1453 28.61 -69.05 33.85
N ARG B 1454 28.08 -67.83 33.79
CA ARG B 1454 28.80 -66.74 33.14
C ARG B 1454 28.35 -65.41 33.75
N GLU B 1455 29.32 -64.54 34.02
CA GLU B 1455 29.07 -63.24 34.60
C GLU B 1455 29.87 -62.19 33.85
N THR B 1456 29.26 -61.03 33.62
CA THR B 1456 29.92 -59.92 32.93
C THR B 1456 29.70 -58.65 33.74
N HIS B 1457 30.77 -58.13 34.34
CA HIS B 1457 30.73 -56.88 35.08
C HIS B 1457 31.38 -55.79 34.24
N ILE B 1458 30.61 -54.74 33.96
CA ILE B 1458 31.10 -53.61 33.16
C ILE B 1458 31.13 -52.38 34.07
N TYR B 1459 32.34 -51.88 34.31
CA TYR B 1459 32.50 -50.70 35.14
C TYR B 1459 32.67 -49.45 34.27
N ASN B 1460 32.15 -48.33 34.78
CA ASN B 1460 32.21 -47.06 34.08
C ASN B 1460 32.19 -45.97 35.15
N ALA B 1461 33.31 -45.84 35.85
CA ALA B 1461 33.43 -44.90 36.97
C ALA B 1461 34.72 -44.12 36.80
N PHE B 1462 34.72 -42.90 37.37
CA PHE B 1462 35.87 -41.99 37.31
C PHE B 1462 36.29 -41.73 35.87
N GLY B 1463 35.34 -41.84 34.94
CA GLY B 1463 35.62 -41.59 33.54
C GLY B 1463 36.42 -42.66 32.85
N GLN B 1464 36.58 -43.83 33.46
CA GLN B 1464 37.39 -44.90 32.89
C GLN B 1464 36.56 -46.18 32.81
N ASN B 1465 36.76 -46.95 31.75
CA ASN B 1465 36.00 -48.17 31.48
C ASN B 1465 36.77 -49.43 31.90
N ARG B 1466 36.04 -50.37 32.50
CA ARG B 1466 36.51 -51.70 32.85
C ARG B 1466 35.48 -52.74 32.43
N GLU B 1467 35.96 -53.88 31.94
CA GLU B 1467 35.10 -55.01 31.60
C GLU B 1467 35.67 -56.27 32.23
N TYR B 1468 34.86 -56.94 33.05
CA TYR B 1468 35.28 -58.15 33.75
C TYR B 1468 34.29 -59.27 33.44
N VAL B 1469 34.82 -60.41 33.00
CA VAL B 1469 34.00 -61.56 32.62
C VAL B 1469 34.36 -62.74 33.53
N TRP B 1470 33.36 -63.28 34.22
CA TRP B 1470 33.51 -64.49 35.02
C TRP B 1470 32.82 -65.65 34.32
N GLU B 1471 33.51 -66.78 34.22
CA GLU B 1471 32.96 -67.99 33.63
C GLU B 1471 33.22 -69.18 34.56
N ASN B 1472 32.15 -69.90 34.90
CA ASN B 1472 32.17 -70.93 35.92
C ASN B 1472 31.71 -72.26 35.36
N GLU B 1473 32.30 -73.34 35.87
CA GLU B 1473 31.88 -74.70 35.56
C GLU B 1473 31.34 -75.37 36.82
N PHE B 1474 30.26 -76.11 36.68
CA PHE B 1474 29.59 -76.77 37.80
C PHE B 1474 29.43 -78.25 37.51
N ASP B 1475 29.55 -79.07 38.55
CA ASP B 1475 29.36 -80.51 38.43
C ASP B 1475 27.86 -80.83 38.46
N GLU B 1476 27.53 -82.12 38.57
CA GLU B 1476 26.14 -82.53 38.69
C GLU B 1476 25.56 -82.23 40.06
N LEU B 1477 26.39 -81.90 41.04
CA LEU B 1477 25.94 -81.50 42.38
C LEU B 1477 25.85 -79.99 42.53
N SER B 1478 25.87 -79.25 41.42
CA SER B 1478 25.81 -77.79 41.43
C SER B 1478 26.96 -77.17 42.22
N ASN B 1479 28.10 -77.85 42.26
CA ASN B 1479 29.32 -77.35 42.88
C ASN B 1479 30.28 -76.86 41.81
N ARG B 1480 30.84 -75.66 42.03
CA ARG B 1480 31.69 -75.02 41.04
C ARG B 1480 33.03 -75.73 40.92
N LEU B 1481 33.32 -76.28 39.74
CA LEU B 1481 34.59 -76.98 39.55
C LEU B 1481 35.72 -76.06 39.11
N THR B 1482 35.45 -75.11 38.21
CA THR B 1482 36.49 -74.28 37.65
C THR B 1482 35.96 -72.88 37.40
N THR B 1483 36.82 -71.89 37.57
CA THR B 1483 36.49 -70.49 37.28
C THR B 1483 37.65 -69.85 36.55
N ARG B 1484 37.36 -69.20 35.42
CA ARG B 1484 38.32 -68.38 34.71
C ARG B 1484 38.08 -66.93 35.15
N ARG B 1485 39.00 -66.40 35.95
CA ARG B 1485 38.84 -65.07 36.49
C ARG B 1485 39.09 -64.02 35.42
N PRO B 1486 38.53 -62.81 35.58
CA PRO B 1486 38.67 -61.80 34.51
C PRO B 1486 40.11 -61.43 34.21
N SER B 1487 41.00 -61.48 35.20
CA SER B 1487 42.39 -61.10 34.98
C SER B 1487 43.13 -62.11 34.12
N GLY B 1488 42.58 -63.29 33.90
CA GLY B 1488 43.17 -64.30 33.03
C GLY B 1488 43.59 -65.58 33.73
N GLU B 1489 43.56 -65.66 35.05
CA GLU B 1489 43.97 -66.88 35.74
C GLU B 1489 42.78 -67.83 35.86
N LYS B 1490 43.08 -69.13 35.91
CA LYS B 1490 42.07 -70.16 36.04
C LYS B 1490 42.21 -70.82 37.40
N VAL B 1491 41.12 -70.83 38.17
CA VAL B 1491 41.09 -71.42 39.50
C VAL B 1491 40.24 -72.68 39.44
N SER B 1492 40.79 -73.79 39.94
CA SER B 1492 40.12 -75.08 39.91
C SER B 1492 40.00 -75.62 41.32
N TRP B 1493 38.82 -76.15 41.65
CA TRP B 1493 38.54 -76.71 42.96
C TRP B 1493 38.38 -78.22 42.82
N LEU B 1494 39.24 -78.97 43.50
CA LEU B 1494 39.16 -80.43 43.53
C LEU B 1494 38.41 -80.85 44.78
N ARG B 1495 37.29 -81.54 44.61
CA ARG B 1495 36.44 -81.85 45.75
C ARG B 1495 35.96 -83.29 45.70
N TYR B 1496 35.53 -83.77 46.87
CA TYR B 1496 34.98 -85.12 47.04
C TYR B 1496 33.64 -85.07 47.74
N GLY B 1497 33.06 -86.24 48.03
CA GLY B 1497 31.74 -86.35 48.64
C GLY B 1497 30.70 -85.42 48.05
N ALA B 1498 30.26 -84.45 48.85
CA ALA B 1498 29.23 -83.49 48.47
C ALA B 1498 29.82 -82.14 48.08
N GLY B 1499 31.14 -81.98 48.12
CA GLY B 1499 31.75 -80.70 47.79
C GLY B 1499 32.85 -80.24 48.72
N HIS B 1500 33.31 -81.11 49.61
CA HIS B 1500 34.43 -80.76 50.48
C HIS B 1500 35.71 -80.62 49.66
N VAL B 1501 36.33 -79.45 49.73
CA VAL B 1501 37.50 -79.13 48.94
C VAL B 1501 38.71 -79.90 49.48
N HIS B 1502 39.33 -80.71 48.62
CA HIS B 1502 40.57 -81.40 48.97
C HIS B 1502 41.76 -80.87 48.19
N GLY B 1503 41.56 -79.86 47.36
CA GLY B 1503 42.64 -79.28 46.58
C GLY B 1503 42.22 -78.11 45.72
N ILE B 1504 43.14 -77.18 45.48
CA ILE B 1504 42.88 -75.99 44.66
C ILE B 1504 44.03 -75.85 43.67
N LEU B 1505 43.68 -75.56 42.41
CA LEU B 1505 44.64 -75.50 41.32
C LEU B 1505 44.55 -74.14 40.63
N LEU B 1506 45.62 -73.35 40.70
CA LEU B 1506 45.75 -72.18 39.85
C LEU B 1506 46.45 -72.58 38.56
N ASP B 1507 45.75 -72.43 37.43
CA ASP B 1507 46.25 -72.81 36.11
C ASP B 1507 46.81 -74.23 36.11
N ASP B 1508 46.04 -75.16 36.68
CA ASP B 1508 46.35 -76.58 36.70
C ASP B 1508 47.67 -76.86 37.43
N GLN B 1509 47.93 -76.10 38.49
CA GLN B 1509 49.07 -76.36 39.36
C GLN B 1509 48.62 -76.25 40.81
N GLU B 1510 49.04 -77.21 41.62
CA GLU B 1510 48.60 -77.30 43.01
C GLU B 1510 49.12 -76.14 43.84
N VAL B 1511 48.19 -75.38 44.42
CA VAL B 1511 48.52 -74.32 45.37
C VAL B 1511 48.26 -74.83 46.77
N LEU B 1512 47.24 -75.69 46.94
CA LEU B 1512 46.81 -76.13 48.25
C LEU B 1512 46.25 -77.53 48.19
N SER B 1513 46.50 -78.30 49.27
CA SER B 1513 45.88 -79.60 49.48
C SER B 1513 45.31 -79.65 50.89
N PHE B 1514 44.23 -80.40 51.07
CA PHE B 1514 43.52 -80.44 52.34
C PHE B 1514 43.28 -81.88 52.77
N GLU B 1515 43.66 -82.20 54.00
CA GLU B 1515 43.22 -83.40 54.69
C GLU B 1515 42.24 -83.00 55.78
N ARG B 1516 41.13 -83.74 55.88
CA ARG B 1516 40.02 -83.36 56.72
C ARG B 1516 39.62 -84.50 57.66
N ASP B 1517 39.03 -84.13 58.79
CA ASP B 1517 38.60 -85.10 59.79
C ASP B 1517 37.23 -85.66 59.40
N ASN B 1518 36.63 -86.43 60.31
CA ASN B 1518 35.31 -87.01 60.06
C ASN B 1518 34.20 -85.97 60.01
N SER B 1519 34.45 -84.77 60.54
CA SER B 1519 33.50 -83.67 60.45
C SER B 1519 33.79 -82.74 59.28
N HIS B 1520 34.69 -83.13 58.39
CA HIS B 1520 34.99 -82.39 57.16
C HIS B 1520 35.57 -81.00 57.42
N ARG B 1521 36.18 -80.81 58.58
CA ARG B 1521 36.92 -79.59 58.88
C ARG B 1521 38.36 -79.70 58.39
N ALA B 1522 38.93 -78.56 58.00
CA ALA B 1522 40.29 -78.53 57.50
C ALA B 1522 41.26 -78.75 58.65
N VAL B 1523 41.98 -79.87 58.62
CA VAL B 1523 42.93 -80.22 59.66
C VAL B 1523 44.37 -79.90 59.25
N ARG B 1524 44.77 -80.34 58.05
CA ARG B 1524 46.12 -80.11 57.56
C ARG B 1524 46.04 -79.44 56.20
N LYS B 1525 46.79 -78.35 56.04
CA LYS B 1525 46.78 -77.55 54.81
C LYS B 1525 48.20 -77.53 54.24
N ARG B 1526 48.46 -78.40 53.28
CA ARG B 1526 49.72 -78.35 52.55
C ARG B 1526 49.74 -77.14 51.62
N GLN B 1527 50.87 -76.45 51.58
CA GLN B 1527 50.99 -75.23 50.79
C GLN B 1527 52.13 -75.36 49.79
N SER B 1528 52.05 -74.54 48.74
CA SER B 1528 53.08 -74.52 47.71
C SER B 1528 54.38 -73.95 48.23
N ASN B 1529 54.37 -73.37 49.43
CA ASN B 1529 55.50 -72.70 50.03
C ASN B 1529 56.31 -73.61 50.95
N SER B 1530 56.26 -74.92 50.74
CA SER B 1530 56.97 -75.90 51.56
C SER B 1530 56.57 -75.79 53.03
N LEU B 1531 55.41 -75.18 53.28
CA LEU B 1531 54.89 -74.97 54.63
C LEU B 1531 53.72 -75.90 54.90
N LEU B 1532 53.52 -76.23 56.17
CA LEU B 1532 52.42 -77.08 56.59
C LEU B 1532 51.68 -76.39 57.71
N ALA B 1533 50.39 -76.16 57.52
CA ALA B 1533 49.52 -75.58 58.52
C ALA B 1533 48.58 -76.67 59.02
N VAL B 1534 48.70 -77.03 60.30
CA VAL B 1534 47.87 -78.06 60.91
C VAL B 1534 46.99 -77.40 61.96
N THR B 1535 45.73 -77.82 62.02
CA THR B 1535 44.76 -77.27 62.95
C THR B 1535 44.13 -78.39 63.74
N ASN B 1536 44.12 -78.25 65.07
CA ASN B 1536 43.51 -79.23 65.96
C ASN B 1536 42.24 -78.65 66.57
N TYR B 1537 41.18 -79.44 66.54
CA TYR B 1537 39.88 -79.01 67.04
C TYR B 1537 39.58 -79.64 68.40
N ASP B 1538 38.71 -78.97 69.14
CA ASP B 1538 38.33 -79.39 70.49
C ASP B 1538 37.27 -80.49 70.40
N VAL B 1539 36.80 -80.95 71.56
CA VAL B 1539 35.67 -81.86 71.58
C VAL B 1539 34.40 -81.14 71.16
N MET B 1540 34.36 -79.83 71.34
CA MET B 1540 33.36 -78.99 70.69
C MET B 1540 33.87 -78.63 69.30
N GLY B 1541 33.15 -77.76 68.60
CA GLY B 1541 33.59 -77.39 67.27
C GLY B 1541 34.69 -76.34 67.20
N ARG B 1542 35.25 -75.94 68.33
CA ARG B 1542 36.16 -74.80 68.36
C ARG B 1542 37.61 -75.23 68.13
N VAL B 1543 38.38 -74.33 67.51
CA VAL B 1543 39.79 -74.59 67.26
C VAL B 1543 40.56 -74.51 68.57
N LYS B 1544 41.39 -75.52 68.82
CA LYS B 1544 42.17 -75.60 70.05
C LYS B 1544 43.63 -75.28 69.87
N GLU B 1545 44.20 -75.51 68.69
CA GLU B 1545 45.61 -75.22 68.46
C GLU B 1545 45.86 -75.07 66.97
N GLN B 1546 46.82 -74.21 66.62
CA GLN B 1546 47.25 -74.01 65.24
C GLN B 1546 48.77 -74.05 65.17
N LYS B 1547 49.29 -74.66 64.11
CA LYS B 1547 50.74 -74.71 63.89
C LYS B 1547 51.02 -74.44 62.42
N LEU B 1548 52.20 -73.88 62.17
CA LEU B 1548 52.69 -73.60 60.81
C LEU B 1548 54.13 -74.11 60.73
N ASN B 1549 54.33 -75.23 60.04
CA ASN B 1549 55.60 -75.92 60.04
C ASN B 1549 56.18 -76.02 58.62
N LEU B 1550 57.51 -76.09 58.56
CA LEU B 1550 58.23 -76.36 57.32
C LEU B 1550 58.03 -77.83 56.97
N ALA B 1551 57.03 -78.10 56.12
CA ALA B 1551 56.66 -79.48 55.80
C ALA B 1551 57.79 -80.28 55.17
N GLN B 1552 58.67 -79.63 54.41
CA GLN B 1552 59.66 -80.36 53.63
C GLN B 1552 61.05 -80.39 54.25
N GLY B 1553 61.38 -79.44 55.13
CA GLY B 1553 62.70 -79.40 55.71
C GLY B 1553 62.98 -80.58 56.62
N ASN B 1554 64.27 -80.84 56.83
CA ASN B 1554 64.67 -81.92 57.73
C ASN B 1554 64.31 -81.59 59.17
N ARG B 1555 64.51 -80.33 59.58
CA ARG B 1555 64.04 -79.84 60.87
C ARG B 1555 62.84 -78.94 60.60
N THR B 1556 61.65 -79.44 60.91
CA THR B 1556 60.39 -78.78 60.56
C THR B 1556 60.11 -77.68 61.58
N ASN B 1557 60.81 -76.55 61.42
CA ASN B 1557 60.61 -75.42 62.30
C ASN B 1557 59.18 -74.89 62.19
N LEU B 1558 58.70 -74.26 63.25
CA LEU B 1558 57.27 -74.05 63.40
C LEU B 1558 56.95 -72.65 63.92
N ARG B 1559 55.66 -72.34 63.86
CA ARG B 1559 55.03 -71.17 64.47
C ARG B 1559 53.68 -71.63 64.98
N SER B 1560 53.41 -71.42 66.27
CA SER B 1560 52.26 -72.04 66.91
C SER B 1560 51.46 -71.03 67.70
N ARG B 1561 50.26 -71.46 68.11
CA ARG B 1561 49.29 -70.61 68.80
C ARG B 1561 48.26 -71.50 69.46
N GLN B 1562 48.04 -71.30 70.76
CA GLN B 1562 47.13 -72.13 71.55
C GLN B 1562 45.92 -71.31 71.99
N TYR B 1563 44.76 -71.97 72.01
CA TYR B 1563 43.50 -71.35 72.39
C TYR B 1563 42.90 -72.08 73.58
N ALA B 1564 42.16 -71.34 74.41
CA ALA B 1564 41.53 -71.89 75.60
C ALA B 1564 40.17 -71.23 75.79
N TYR B 1565 39.17 -72.02 76.20
CA TYR B 1565 37.80 -71.56 76.25
C TYR B 1565 37.20 -71.85 77.63
N GLY B 1566 36.18 -71.06 77.96
CA GLY B 1566 35.37 -71.34 79.13
C GLY B 1566 34.30 -72.37 78.83
N LEU B 1567 33.50 -72.69 79.85
CA LEU B 1567 32.47 -73.69 79.67
C LEU B 1567 31.35 -73.18 78.77
N ASP B 1568 31.07 -71.87 78.78
CA ASP B 1568 30.06 -71.32 77.90
C ASP B 1568 30.52 -71.32 76.45
N GLY B 1569 31.83 -71.26 76.21
CA GLY B 1569 32.39 -71.20 74.88
C GLY B 1569 33.20 -69.97 74.60
N SER B 1570 33.24 -69.00 75.52
CA SER B 1570 33.99 -67.77 75.28
C SER B 1570 35.49 -68.02 75.37
N LEU B 1571 36.24 -67.40 74.48
CA LEU B 1571 37.68 -67.56 74.44
C LEU B 1571 38.31 -66.77 75.59
N VAL B 1572 38.98 -67.48 76.50
CA VAL B 1572 39.51 -66.86 77.71
C VAL B 1572 40.97 -66.49 77.56
N ALA B 1573 41.78 -67.34 76.94
CA ALA B 1573 43.21 -67.07 76.86
C ALA B 1573 43.77 -67.61 75.56
N ILE B 1574 44.81 -66.94 75.07
CA ILE B 1574 45.54 -67.36 73.87
C ILE B 1574 47.03 -67.27 74.17
N GLU B 1575 47.78 -68.26 73.69
CA GLU B 1575 49.23 -68.29 73.81
C GLU B 1575 49.84 -68.36 72.42
N ASP B 1576 50.63 -67.35 72.08
CA ASP B 1576 51.28 -67.30 70.79
C ASP B 1576 52.78 -67.50 71.00
N SER B 1577 53.44 -68.06 69.99
CA SER B 1577 54.87 -68.33 70.09
C SER B 1577 55.73 -67.12 69.74
N ARG B 1578 55.11 -65.95 69.54
CA ARG B 1578 55.86 -64.74 69.24
C ARG B 1578 55.27 -63.56 70.01
N HIS B 1579 53.94 -63.46 70.06
CA HIS B 1579 53.28 -62.39 70.79
C HIS B 1579 53.00 -62.73 72.25
N GLY B 1580 53.00 -64.02 72.60
CA GLY B 1580 52.84 -64.43 73.98
C GLY B 1580 51.42 -64.62 74.47
N THR B 1581 51.23 -64.44 75.77
CA THR B 1581 49.94 -64.68 76.42
C THR B 1581 48.96 -63.54 76.16
N THR B 1582 47.74 -63.88 75.76
CA THR B 1582 46.62 -62.96 75.68
C THR B 1582 45.46 -63.51 76.50
N THR B 1583 44.89 -62.68 77.37
CA THR B 1583 43.83 -63.11 78.28
C THR B 1583 42.63 -62.19 78.16
N TYR B 1584 41.43 -62.77 78.08
CA TYR B 1584 40.20 -62.00 77.99
C TYR B 1584 39.26 -62.36 79.13
N ARG B 1585 38.54 -61.35 79.64
CA ARG B 1585 37.51 -61.52 80.65
C ARG B 1585 36.21 -60.91 80.15
N TYR B 1586 35.09 -61.54 80.47
CA TYR B 1586 33.78 -61.14 79.98
C TYR B 1586 32.83 -60.92 81.16
N ASP B 1587 31.81 -60.10 80.93
CA ASP B 1587 30.76 -59.88 81.91
C ASP B 1587 29.66 -60.94 81.70
N ALA B 1588 28.51 -60.74 82.35
CA ALA B 1588 27.40 -61.68 82.26
C ALA B 1588 26.62 -61.56 80.95
N LEU B 1589 27.05 -60.71 80.02
CA LEU B 1589 26.38 -60.58 78.73
C LEU B 1589 27.31 -60.92 77.58
N ASP B 1590 28.34 -61.72 77.83
CA ASP B 1590 29.34 -62.08 76.84
C ASP B 1590 30.01 -60.85 76.23
N ARG B 1591 30.09 -59.76 76.99
CA ARG B 1591 30.69 -58.53 76.50
C ARG B 1591 32.12 -58.41 77.03
N LEU B 1592 33.07 -58.20 76.12
CA LEU B 1592 34.48 -58.13 76.48
C LEU B 1592 34.72 -56.86 77.30
N VAL B 1593 35.04 -57.03 78.58
CA VAL B 1593 35.20 -55.90 79.49
C VAL B 1593 36.67 -55.64 79.74
N SER B 1594 37.50 -56.69 79.62
CA SER B 1594 38.93 -56.58 79.85
C SER B 1594 39.66 -57.49 78.88
N ALA B 1595 40.73 -56.97 78.27
CA ALA B 1595 41.55 -57.76 77.36
C ALA B 1595 43.01 -57.50 77.70
N THR B 1596 43.72 -58.55 78.11
CA THR B 1596 45.13 -58.48 78.46
C THR B 1596 45.97 -59.03 77.31
N ALA B 1597 46.95 -58.25 76.87
CA ALA B 1597 47.85 -58.67 75.81
C ALA B 1597 49.02 -57.69 75.74
N PHE B 1598 50.12 -58.15 75.15
CA PHE B 1598 51.30 -57.31 74.92
C PHE B 1598 51.79 -56.65 76.20
N ASN B 1599 51.67 -57.36 77.33
CA ASN B 1599 52.07 -56.87 78.65
C ASN B 1599 51.26 -55.65 79.08
N GLU B 1600 50.06 -55.47 78.53
CA GLU B 1600 49.20 -54.35 78.86
C GLU B 1600 47.78 -54.89 78.94
N THR B 1601 46.86 -54.08 79.47
CA THR B 1601 45.48 -54.51 79.63
C THR B 1601 44.54 -53.39 79.23
N GLU B 1602 43.64 -53.68 78.28
CA GLU B 1602 42.67 -52.73 77.79
C GLU B 1602 41.31 -53.04 78.42
N LEU B 1603 40.62 -52.00 78.85
CA LEU B 1603 39.36 -52.15 79.57
C LEU B 1603 38.25 -51.44 78.83
N PHE B 1604 37.04 -51.99 78.93
CA PHE B 1604 35.88 -51.48 78.21
C PHE B 1604 34.69 -51.38 79.15
N ALA B 1605 33.86 -50.35 78.94
CA ALA B 1605 32.66 -50.13 79.73
C ALA B 1605 31.46 -49.96 78.80
N PHE B 1606 30.33 -50.55 79.18
CA PHE B 1606 29.14 -50.56 78.35
C PHE B 1606 27.93 -50.09 79.14
N ASP B 1607 27.06 -49.34 78.49
CA ASP B 1607 25.77 -48.99 79.07
C ASP B 1607 24.83 -50.19 78.95
N PRO B 1608 23.66 -50.14 79.61
CA PRO B 1608 22.70 -51.25 79.48
C PRO B 1608 22.41 -51.71 78.05
N ALA B 1609 22.31 -50.78 77.10
CA ALA B 1609 22.08 -51.14 75.71
C ALA B 1609 23.35 -51.55 74.97
N SER B 1610 24.44 -51.84 75.69
CA SER B 1610 25.67 -52.39 75.12
C SER B 1610 26.40 -51.38 74.23
N ASN B 1611 26.21 -50.08 74.47
CA ASN B 1611 27.01 -49.07 73.78
C ASN B 1611 28.32 -48.88 74.54
N LEU B 1612 29.44 -49.00 73.82
CA LEU B 1612 30.76 -48.85 74.45
C LEU B 1612 30.92 -47.38 74.81
N VAL B 1613 30.76 -47.06 76.10
CA VAL B 1613 30.78 -45.66 76.52
C VAL B 1613 32.20 -45.16 76.71
N ASP B 1614 33.10 -46.00 77.22
CA ASP B 1614 34.47 -45.57 77.48
C ASP B 1614 35.40 -46.78 77.40
N ARG B 1615 36.64 -46.52 77.01
CA ARG B 1615 37.69 -47.53 77.05
C ARG B 1615 39.01 -46.89 77.42
N ASP B 1616 39.78 -47.61 78.24
CA ASP B 1616 41.08 -47.15 78.71
C ASP B 1616 42.01 -48.35 78.82
N LYS B 1617 43.31 -48.11 78.72
CA LYS B 1617 44.32 -49.15 78.76
C LYS B 1617 45.12 -49.06 80.05
N THR B 1618 46.24 -49.79 80.11
CA THR B 1618 47.11 -49.79 81.27
C THR B 1618 48.34 -48.93 81.01
N SER B 1632 27.88 -41.63 81.25
CA SER B 1632 26.42 -41.70 81.32
C SER B 1632 25.89 -42.66 80.25
N LYS B 1633 24.57 -42.74 80.12
CA LYS B 1633 23.94 -43.67 79.19
C LYS B 1633 23.84 -43.04 77.81
N VAL B 1634 24.00 -43.86 76.77
CA VAL B 1634 23.77 -43.44 75.40
C VAL B 1634 22.31 -43.70 75.04
N LEU B 1635 21.41 -42.89 75.58
CA LEU B 1635 19.99 -43.05 75.29
C LEU B 1635 19.72 -42.75 73.83
N GLY B 1636 19.03 -43.67 73.15
CA GLY B 1636 18.86 -43.59 71.72
C GLY B 1636 19.95 -44.28 70.91
N ASN B 1637 20.97 -44.82 71.57
CA ASN B 1637 22.01 -45.67 70.98
C ASN B 1637 22.89 -44.95 69.96
N ILE B 1638 22.74 -43.64 69.78
CA ILE B 1638 23.62 -42.87 68.91
C ILE B 1638 24.78 -42.39 69.77
N LEU B 1639 25.93 -43.04 69.62
CA LEU B 1639 27.11 -42.75 70.44
C LEU B 1639 27.71 -41.41 70.07
N LYS B 1640 27.56 -40.42 70.93
CA LYS B 1640 28.09 -39.09 70.69
C LYS B 1640 29.53 -38.92 71.14
N ARG B 1641 29.96 -39.65 72.17
CA ARG B 1641 31.27 -39.46 72.76
C ARG B 1641 31.79 -40.80 73.29
N CYS B 1642 33.11 -40.98 73.20
CA CYS B 1642 33.76 -42.19 73.70
C CYS B 1642 35.28 -42.06 73.71
N ALA B 1643 35.89 -42.28 74.88
CA ALA B 1643 37.35 -42.40 75.02
C ALA B 1643 38.07 -41.19 74.42
N GLY B 1644 37.52 -40.01 74.65
CA GLY B 1644 38.12 -38.81 74.10
C GLY B 1644 37.82 -38.55 72.65
N MET B 1645 36.94 -39.34 72.04
CA MET B 1645 36.54 -39.16 70.66
C MET B 1645 35.12 -38.60 70.63
N HIS B 1646 34.88 -37.66 69.71
CA HIS B 1646 33.61 -36.98 69.58
C HIS B 1646 33.02 -37.27 68.21
N PHE B 1647 31.74 -37.60 68.18
CA PHE B 1647 31.06 -38.00 66.95
C PHE B 1647 29.84 -37.12 66.71
N GLU B 1648 29.52 -36.94 65.43
CA GLU B 1648 28.34 -36.20 64.99
C GLU B 1648 27.68 -36.99 63.87
N TYR B 1649 26.34 -37.07 63.91
CA TYR B 1649 25.63 -38.03 63.08
C TYR B 1649 24.64 -37.34 62.13
N ASP B 1650 24.31 -38.08 61.07
CA ASP B 1650 23.35 -37.68 60.07
C ASP B 1650 21.92 -37.82 60.63
N ALA B 1651 20.96 -37.26 59.89
CA ALA B 1651 19.56 -37.44 60.26
C ALA B 1651 19.12 -38.90 60.19
N GLN B 1652 19.74 -39.70 59.33
CA GLN B 1652 19.44 -41.12 59.22
C GLN B 1652 20.25 -41.98 60.19
N GLY B 1653 21.02 -41.38 61.08
CA GLY B 1653 21.89 -42.12 61.96
C GLY B 1653 23.25 -42.44 61.40
N ASN B 1654 23.59 -41.95 60.20
CA ASN B 1654 24.90 -42.18 59.64
C ASN B 1654 25.91 -41.23 60.25
N LEU B 1655 27.17 -41.66 60.30
CA LEU B 1655 28.23 -40.81 60.84
C LEU B 1655 28.52 -39.67 59.87
N ILE B 1656 28.77 -38.48 60.41
CA ILE B 1656 29.01 -37.29 59.61
C ILE B 1656 30.35 -36.65 59.95
N ARG B 1657 30.70 -36.59 61.23
CA ARG B 1657 31.93 -35.95 61.67
C ARG B 1657 32.54 -36.79 62.77
N LYS B 1658 33.85 -36.98 62.70
CA LYS B 1658 34.59 -37.78 63.68
C LYS B 1658 35.83 -36.99 64.09
N ARG B 1659 35.84 -36.51 65.34
CA ARG B 1659 36.94 -35.71 65.87
C ARG B 1659 37.75 -36.55 66.85
N LYS B 1660 38.83 -37.11 66.37
CA LYS B 1660 39.88 -37.71 67.17
C LYS B 1660 40.86 -36.60 67.58
N PRO B 1661 41.53 -36.72 68.74
CA PRO B 1661 42.33 -35.58 69.24
C PRO B 1661 43.23 -34.92 68.20
N ASP B 1662 43.84 -35.69 67.30
CA ASP B 1662 44.76 -35.17 66.31
C ASP B 1662 44.28 -35.40 64.88
N SER B 1663 42.99 -35.70 64.69
CA SER B 1663 42.47 -35.97 63.35
C SER B 1663 40.99 -35.64 63.29
N LEU B 1664 40.62 -34.90 62.25
CA LEU B 1664 39.22 -34.58 61.94
C LEU B 1664 38.80 -35.28 60.66
N GLN B 1665 37.69 -36.01 60.73
CA GLN B 1665 37.16 -36.76 59.60
C GLN B 1665 35.72 -36.33 59.32
N GLU B 1666 35.38 -36.22 58.05
CA GLU B 1666 34.05 -35.84 57.62
C GLU B 1666 33.55 -36.82 56.57
N PHE B 1667 32.27 -37.16 56.64
CA PHE B 1667 31.68 -38.19 55.79
C PHE B 1667 30.44 -37.65 55.09
N GLU B 1668 30.20 -38.16 53.89
CA GLU B 1668 29.04 -37.81 53.08
C GLU B 1668 28.36 -39.10 52.65
N TRP B 1669 27.03 -39.10 52.67
CA TRP B 1669 26.26 -40.31 52.44
C TRP B 1669 25.32 -40.14 51.25
N ASP B 1670 25.21 -41.19 50.43
CA ASP B 1670 24.39 -41.13 49.23
C ASP B 1670 22.91 -41.30 49.59
N GLU B 1671 22.06 -41.30 48.56
CA GLU B 1671 20.62 -41.42 48.77
C GLU B 1671 20.17 -42.82 49.14
N PHE B 1672 21.08 -43.80 49.12
CA PHE B 1672 20.71 -45.17 49.46
C PHE B 1672 21.27 -45.65 50.79
N GLY B 1673 22.10 -44.86 51.45
CA GLY B 1673 22.60 -45.21 52.76
C GLY B 1673 24.03 -45.70 52.82
N ARG B 1674 24.85 -45.38 51.83
CA ARG B 1674 26.22 -45.86 51.75
C ARG B 1674 27.19 -44.69 51.76
N LEU B 1675 28.38 -44.92 52.33
CA LEU B 1675 29.40 -43.89 52.45
C LEU B 1675 29.95 -43.55 51.07
N ARG B 1676 29.67 -42.33 50.59
CA ARG B 1676 30.09 -41.93 49.26
C ARG B 1676 31.35 -41.07 49.26
N LYS B 1677 31.65 -40.39 50.36
CA LYS B 1677 32.80 -39.50 50.39
C LYS B 1677 33.42 -39.47 51.79
N THR B 1678 34.74 -39.41 51.83
CA THR B 1678 35.49 -39.27 53.07
C THR B 1678 36.51 -38.16 52.91
N VAL B 1679 36.61 -37.29 53.92
CA VAL B 1679 37.63 -36.25 53.97
C VAL B 1679 38.33 -36.37 55.31
N ASN B 1680 39.62 -36.66 55.29
CA ASN B 1680 40.42 -36.81 56.51
C ASN B 1680 41.49 -35.72 56.50
N THR B 1681 41.51 -34.92 57.56
CA THR B 1681 42.47 -33.84 57.70
C THR B 1681 43.37 -34.20 58.88
N ASP B 1682 44.65 -34.47 58.58
CA ASP B 1682 45.61 -34.70 59.66
C ASP B 1682 45.91 -33.38 60.33
N LEU B 1683 45.76 -33.35 61.65
CA LEU B 1683 45.92 -32.13 62.42
C LEU B 1683 47.35 -31.90 62.87
N ASN B 1684 48.21 -32.91 62.78
CA ASN B 1684 49.60 -32.76 63.19
C ASN B 1684 50.41 -31.98 62.17
N SER B 1685 50.08 -32.10 60.88
CA SER B 1685 50.82 -31.42 59.82
C SER B 1685 49.93 -30.66 58.86
N LYS B 1686 48.61 -30.66 59.08
CA LYS B 1686 47.64 -29.98 58.21
C LYS B 1686 47.75 -30.50 56.77
N HIS B 1687 47.37 -31.76 56.60
CA HIS B 1687 47.42 -32.45 55.32
C HIS B 1687 46.08 -33.14 55.08
N VAL B 1688 45.36 -32.70 54.05
CA VAL B 1688 44.02 -33.16 53.73
C VAL B 1688 44.10 -34.36 52.78
N SER B 1689 43.12 -35.25 52.89
CA SER B 1689 43.01 -36.42 52.03
C SER B 1689 41.54 -36.70 51.79
N GLU B 1690 41.15 -36.76 50.52
CA GLU B 1690 39.76 -36.98 50.12
C GLU B 1690 39.61 -38.37 49.50
N ALA B 1691 38.40 -38.92 49.60
CA ALA B 1691 38.10 -40.22 49.03
C ALA B 1691 36.64 -40.28 48.60
N GLU B 1692 36.39 -40.95 47.48
CA GLU B 1692 35.04 -41.18 46.96
C GLU B 1692 34.86 -42.67 46.72
N TYR B 1693 33.63 -43.14 46.94
CA TYR B 1693 33.30 -44.55 46.87
C TYR B 1693 32.17 -44.76 45.87
N ILE B 1694 32.24 -45.85 45.11
CA ILE B 1694 31.27 -46.19 44.08
C ILE B 1694 30.77 -47.59 44.35
N TYR B 1695 29.47 -47.81 44.18
CA TYR B 1695 28.83 -49.06 44.57
C TYR B 1695 28.07 -49.67 43.40
N ASP B 1696 27.85 -50.98 43.50
CA ASP B 1696 27.08 -51.74 42.54
C ASP B 1696 25.60 -51.67 42.92
N THR B 1697 24.73 -52.26 42.09
CA THR B 1697 23.31 -52.32 42.39
C THR B 1697 23.01 -53.17 43.62
N PHE B 1698 23.98 -53.97 44.08
CA PHE B 1698 23.83 -54.82 45.25
C PHE B 1698 24.66 -54.29 46.42
N ASP B 1699 24.95 -53.00 46.44
CA ASP B 1699 25.71 -52.31 47.48
C ASP B 1699 27.16 -52.78 47.58
N ARG B 1700 27.66 -53.50 46.58
CA ARG B 1700 29.08 -53.85 46.55
C ARG B 1700 29.89 -52.67 46.05
N ARG B 1701 30.85 -52.23 46.85
CA ARG B 1701 31.73 -51.13 46.46
C ARG B 1701 32.63 -51.60 45.32
N ILE B 1702 32.42 -51.03 44.12
CA ILE B 1702 33.16 -51.47 42.94
C ILE B 1702 34.39 -50.63 42.67
N GLY B 1703 34.53 -49.47 43.30
CA GLY B 1703 35.70 -48.65 43.07
C GLY B 1703 35.82 -47.55 44.11
N LYS B 1704 37.04 -47.04 44.24
CA LYS B 1704 37.33 -45.93 45.15
C LYS B 1704 38.48 -45.12 44.57
N VAL B 1705 38.44 -43.81 44.76
CA VAL B 1705 39.49 -42.91 44.32
C VAL B 1705 40.01 -42.14 45.52
N ASN B 1706 41.34 -42.12 45.68
CA ASN B 1706 41.99 -41.40 46.74
C ASN B 1706 42.72 -40.20 46.16
N GLN B 1707 42.44 -39.01 46.70
CA GLN B 1707 42.95 -37.75 46.15
C GLN B 1707 43.68 -36.99 47.24
N GLN B 1708 44.91 -37.42 47.53
CA GLN B 1708 45.80 -36.60 48.34
C GLN B 1708 46.06 -35.28 47.63
N GLU B 1709 46.10 -34.20 48.40
CA GLU B 1709 45.98 -32.86 47.83
C GLU B 1709 47.14 -32.55 46.88
N THR B 1710 48.35 -32.98 47.23
CA THR B 1710 49.52 -32.71 46.40
C THR B 1710 50.32 -33.96 46.06
N SER B 1711 49.87 -35.15 46.46
CA SER B 1711 50.64 -36.37 46.24
C SER B 1711 49.93 -37.33 45.31
N GLY B 1712 49.51 -36.85 44.15
CA GLY B 1712 48.89 -37.68 43.13
C GLY B 1712 47.50 -38.17 43.48
N ALA B 1713 47.01 -39.06 42.62
CA ALA B 1713 45.70 -39.67 42.76
C ALA B 1713 45.85 -41.19 42.74
N ALA B 1714 44.80 -41.88 43.17
CA ALA B 1714 44.84 -43.34 43.26
C ALA B 1714 43.44 -43.88 42.95
N VAL B 1715 43.25 -44.35 41.72
CA VAL B 1715 41.98 -44.94 41.30
C VAL B 1715 42.06 -46.46 41.51
N THR B 1716 41.19 -46.98 42.39
CA THR B 1716 41.15 -48.40 42.71
C THR B 1716 39.83 -48.99 42.25
N PHE B 1717 39.88 -50.23 41.76
CA PHE B 1717 38.70 -50.97 41.33
C PHE B 1717 38.64 -52.33 42.02
N TYR B 1718 37.42 -52.78 42.30
CA TYR B 1718 37.20 -54.02 43.03
C TYR B 1718 36.32 -54.96 42.21
N GLY B 1719 36.67 -56.24 42.23
CA GLY B 1719 35.90 -57.27 41.54
C GLY B 1719 35.34 -58.25 42.56
N TRP B 1720 34.10 -58.67 42.34
CA TRP B 1720 33.36 -59.42 43.35
C TRP B 1720 32.95 -60.79 42.80
N ASP B 1721 33.47 -61.84 43.42
CA ASP B 1721 33.05 -63.22 43.15
C ASP B 1721 31.94 -63.55 44.15
N GLY B 1722 30.70 -63.25 43.76
CA GLY B 1722 29.57 -63.38 44.66
C GLY B 1722 29.64 -62.38 45.80
N HIS B 1723 29.75 -62.87 47.03
CA HIS B 1723 29.88 -62.02 48.20
C HIS B 1723 31.33 -61.78 48.59
N HIS B 1724 32.28 -62.31 47.83
CA HIS B 1724 33.69 -62.27 48.17
C HIS B 1724 34.43 -61.26 47.29
N LEU B 1725 35.32 -60.49 47.90
CA LEU B 1725 36.18 -59.57 47.16
C LEU B 1725 37.18 -60.38 46.36
N ALA B 1726 36.98 -60.46 45.04
CA ALA B 1726 37.81 -61.31 44.20
C ALA B 1726 39.19 -60.72 43.97
N PHE B 1727 39.26 -59.42 43.69
CA PHE B 1727 40.54 -58.77 43.45
C PHE B 1727 40.39 -57.27 43.64
N GLU B 1728 41.54 -56.60 43.71
CA GLU B 1728 41.60 -55.14 43.82
C GLU B 1728 42.66 -54.63 42.84
N GLU B 1729 42.31 -53.61 42.07
CA GLU B 1729 43.18 -53.04 41.06
C GLU B 1729 43.34 -51.55 41.33
N SER B 1730 44.55 -51.13 41.69
CA SER B 1730 44.86 -49.74 41.99
C SER B 1730 45.79 -49.19 40.92
N THR B 1731 45.42 -48.06 40.34
CA THR B 1731 46.19 -47.40 39.29
C THR B 1731 46.58 -46.01 39.79
N VAL B 1732 47.86 -45.85 40.14
CA VAL B 1732 48.38 -44.57 40.60
C VAL B 1732 49.29 -44.04 39.49
N GLY B 1733 48.76 -43.15 38.67
CA GLY B 1733 49.54 -42.63 37.55
C GLY B 1733 49.83 -43.72 36.55
N ASP B 1734 51.12 -43.91 36.26
CA ASP B 1734 51.56 -44.96 35.35
C ASP B 1734 51.52 -46.33 35.99
N ALA B 1735 51.77 -46.42 37.30
CA ALA B 1735 51.89 -47.70 37.97
C ALA B 1735 50.52 -48.34 38.20
N VAL B 1736 50.39 -49.62 37.84
CA VAL B 1736 49.18 -50.38 38.06
C VAL B 1736 49.54 -51.57 38.95
N ASP B 1737 48.79 -51.74 40.03
CA ASP B 1737 49.02 -52.83 40.98
C ASP B 1737 47.73 -53.61 41.17
N LYS B 1738 47.79 -54.92 40.92
CA LYS B 1738 46.63 -55.80 40.98
C LYS B 1738 46.93 -56.94 41.94
N THR B 1739 46.01 -57.20 42.86
CA THR B 1739 46.16 -58.27 43.84
C THR B 1739 44.85 -59.04 43.93
N HIS B 1740 44.94 -60.37 43.98
CA HIS B 1740 43.75 -61.21 43.97
C HIS B 1740 43.66 -61.98 45.29
N TYR B 1741 42.48 -62.51 45.55
CA TYR B 1741 42.18 -63.16 46.82
C TYR B 1741 41.37 -64.42 46.57
N LEU B 1742 41.50 -65.38 47.51
CA LEU B 1742 40.76 -66.62 47.48
C LEU B 1742 40.52 -67.04 48.93
N TYR B 1743 39.27 -67.41 49.23
CA TYR B 1743 38.83 -67.62 50.60
C TYR B 1743 38.31 -69.04 50.79
N GLU B 1744 38.08 -69.40 52.05
CA GLU B 1744 37.24 -70.57 52.32
C GLU B 1744 35.89 -70.33 51.67
N GLU B 1745 35.36 -71.34 50.99
CA GLU B 1745 34.24 -71.08 50.07
C GLU B 1745 33.01 -70.62 50.84
N ASN B 1746 32.78 -71.19 52.03
CA ASN B 1746 31.58 -70.90 52.81
C ASN B 1746 31.90 -70.01 54.01
N SER B 1747 32.93 -69.17 53.89
CA SER B 1747 33.29 -68.21 54.92
C SER B 1747 34.10 -67.10 54.25
N PHE B 1748 34.44 -66.08 55.03
CA PHE B 1748 35.34 -65.03 54.57
C PHE B 1748 36.77 -65.23 55.08
N VAL B 1749 37.12 -66.45 55.49
CA VAL B 1749 38.49 -66.78 55.88
C VAL B 1749 39.37 -66.81 54.64
N PRO B 1750 40.34 -65.92 54.50
CA PRO B 1750 41.19 -65.92 53.30
C PRO B 1750 42.20 -67.05 53.33
N LEU B 1751 42.43 -67.63 52.15
CA LEU B 1751 43.41 -68.70 52.00
C LEU B 1751 44.72 -68.20 51.40
N ILE B 1752 44.66 -67.55 50.24
CA ILE B 1752 45.86 -67.10 49.53
C ILE B 1752 45.67 -65.68 49.02
N GLN B 1753 46.81 -65.04 48.79
CA GLN B 1753 46.89 -63.73 48.12
C GLN B 1753 47.87 -63.88 46.98
N TYR B 1754 47.40 -63.70 45.75
CA TYR B 1754 48.25 -63.92 44.59
C TYR B 1754 48.17 -62.76 43.61
N GLN B 1755 49.23 -62.62 42.81
CA GLN B 1755 49.37 -61.54 41.86
C GLN B 1755 49.62 -62.09 40.45
N HIS B 1768 52.97 -61.37 38.06
CA HIS B 1768 54.07 -62.03 38.76
C HIS B 1768 53.84 -63.53 38.93
N LEU B 1769 52.57 -63.94 38.89
CA LEU B 1769 52.13 -65.34 38.99
C LEU B 1769 52.38 -65.91 40.39
N SER B 1770 52.95 -65.12 41.30
CA SER B 1770 53.26 -65.61 42.64
C SER B 1770 52.00 -65.71 43.50
N VAL B 1771 52.03 -66.63 44.46
CA VAL B 1771 50.91 -66.89 45.35
C VAL B 1771 51.45 -66.88 46.79
N SER B 1772 50.74 -66.19 47.67
CA SER B 1772 51.12 -66.07 49.07
C SER B 1772 50.01 -66.63 49.95
N HIS B 1773 50.40 -67.34 51.02
CA HIS B 1773 49.46 -68.08 51.84
C HIS B 1773 49.17 -67.35 53.14
N TYR B 1774 47.90 -67.39 53.56
CA TYR B 1774 47.44 -66.77 54.79
C TYR B 1774 47.39 -67.77 55.94
N GLN B 1775 47.65 -67.27 57.15
CA GLN B 1775 47.44 -68.02 58.38
C GLN B 1775 46.54 -67.18 59.28
N CYS B 1776 45.31 -67.65 59.51
CA CYS B 1776 44.30 -66.89 60.23
C CYS B 1776 44.08 -67.47 61.63
N ASP B 1777 43.28 -66.75 62.41
CA ASP B 1777 42.99 -67.17 63.78
C ASP B 1777 41.74 -68.06 63.80
N HIS B 1778 41.10 -68.19 64.96
CA HIS B 1778 39.94 -69.06 65.08
C HIS B 1778 38.72 -68.51 64.34
N ILE B 1779 38.64 -67.20 64.14
CA ILE B 1779 37.51 -66.58 63.47
C ILE B 1779 37.88 -66.03 62.10
N GLY B 1780 39.07 -66.33 61.61
CA GLY B 1780 39.47 -65.93 60.28
C GLY B 1780 40.24 -64.63 60.18
N THR B 1781 40.62 -64.02 61.30
CA THR B 1781 41.45 -62.82 61.25
C THR B 1781 42.86 -63.18 60.81
N PRO B 1782 43.34 -62.68 59.68
CA PRO B 1782 44.67 -63.08 59.19
C PRO B 1782 45.77 -62.64 60.13
N GLN B 1783 46.64 -63.60 60.49
CA GLN B 1783 47.77 -63.33 61.38
C GLN B 1783 49.11 -63.33 60.65
N LEU B 1784 49.29 -64.18 59.63
CA LEU B 1784 50.54 -64.27 58.90
C LEU B 1784 50.26 -64.32 57.41
N LEU B 1785 51.24 -63.89 56.62
CA LEU B 1785 51.21 -64.04 55.16
C LEU B 1785 52.61 -64.38 54.70
N THR B 1786 52.75 -65.51 54.02
CA THR B 1786 54.05 -66.05 53.62
C THR B 1786 54.17 -66.08 52.10
N ASP B 1787 55.36 -65.74 51.60
CA ASP B 1787 55.57 -65.64 50.16
C ASP B 1787 55.72 -67.02 49.53
N ASP B 1788 56.35 -67.10 48.36
CA ASP B 1788 56.60 -68.39 47.71
C ASP B 1788 57.87 -69.05 48.19
N ASN B 1789 58.54 -68.49 49.20
CA ASN B 1789 59.86 -68.94 49.62
C ASN B 1789 59.92 -69.38 51.08
N GLY B 1790 58.79 -69.35 51.80
CA GLY B 1790 58.72 -69.75 53.18
C GLY B 1790 58.88 -68.63 54.17
N HIS B 1791 59.07 -67.40 53.70
CA HIS B 1791 59.32 -66.25 54.56
C HIS B 1791 58.04 -65.46 54.77
N ILE B 1792 57.82 -65.04 56.01
CA ILE B 1792 56.65 -64.24 56.36
C ILE B 1792 56.86 -62.81 55.85
N VAL B 1793 56.00 -62.38 54.92
CA VAL B 1793 56.13 -61.05 54.36
C VAL B 1793 55.23 -60.03 55.05
N TRP B 1794 54.25 -60.48 55.84
CA TRP B 1794 53.38 -59.59 56.59
C TRP B 1794 52.86 -60.34 57.80
N GLU B 1795 52.86 -59.67 58.95
CA GLU B 1795 52.32 -60.22 60.17
C GLU B 1795 51.31 -59.23 60.75
N GLY B 1796 50.20 -59.75 61.25
CA GLY B 1796 49.10 -58.92 61.74
C GLY B 1796 49.04 -58.97 63.25
N ARG B 1797 48.87 -57.79 63.84
CA ARG B 1797 48.73 -57.63 65.29
C ARG B 1797 47.60 -56.64 65.53
N TYR B 1798 46.68 -56.99 66.43
CA TYR B 1798 45.41 -56.29 66.55
C TYR B 1798 45.10 -55.94 68.00
N SER B 1799 44.37 -54.84 68.16
CA SER B 1799 43.82 -54.48 69.45
C SER B 1799 42.61 -55.36 69.76
N ALA B 1800 42.02 -55.18 70.94
CA ALA B 1800 40.85 -55.97 71.30
C ALA B 1800 39.65 -55.68 70.39
N LEU B 1801 39.61 -54.51 69.74
CA LEU B 1801 38.56 -54.20 68.79
C LEU B 1801 38.99 -54.34 67.33
N GLY B 1802 40.22 -54.77 67.08
CA GLY B 1802 40.65 -55.14 65.75
C GLY B 1802 41.42 -54.12 64.94
N LYS B 1803 41.84 -53.01 65.54
CA LYS B 1803 42.69 -52.08 64.82
C LYS B 1803 44.10 -52.65 64.70
N GLN B 1804 44.69 -52.53 63.51
CA GLN B 1804 46.03 -53.06 63.28
C GLN B 1804 47.02 -52.27 64.10
N LEU B 1805 47.38 -52.80 65.27
CA LEU B 1805 48.33 -52.12 66.15
C LEU B 1805 49.73 -52.08 65.53
N ASP B 1806 50.18 -53.18 64.96
CA ASP B 1806 51.53 -53.29 64.40
C ASP B 1806 51.48 -52.81 62.96
N SER B 1807 51.80 -51.52 62.77
CA SER B 1807 51.85 -50.98 61.42
C SER B 1807 53.09 -51.43 60.66
N ILE B 1808 54.11 -51.92 61.36
CA ILE B 1808 55.34 -52.37 60.73
C ILE B 1808 55.42 -53.88 60.69
N ALA B 1812 56.72 -53.35 52.71
CA ALA B 1812 55.93 -52.31 52.08
C ALA B 1812 54.78 -52.91 51.27
N GLY B 1813 53.62 -52.27 51.34
CA GLY B 1813 52.43 -52.77 50.68
C GLY B 1813 52.16 -52.18 49.31
N VAL B 1814 53.10 -52.38 48.39
CA VAL B 1814 52.95 -51.95 47.00
C VAL B 1814 53.02 -53.20 46.12
N ALA B 1815 51.99 -53.41 45.32
CA ALA B 1815 51.86 -54.63 44.49
C ALA B 1815 51.97 -55.88 45.37
N GLY B 1816 51.15 -55.90 46.42
CA GLY B 1816 51.22 -56.98 47.39
C GLY B 1816 52.20 -56.69 48.51
N GLY B 1817 52.42 -57.71 49.33
CA GLY B 1817 53.30 -57.59 50.47
C GLY B 1817 52.63 -57.21 51.76
N GLN B 1818 51.45 -56.60 51.70
CA GLN B 1818 50.67 -56.28 52.89
C GLN B 1818 49.23 -56.75 52.69
N ASN B 1819 48.51 -56.87 53.81
CA ASN B 1819 47.17 -57.42 53.80
C ASN B 1819 46.18 -56.37 54.26
N ASN B 1820 45.25 -56.01 53.37
CA ASN B 1820 44.18 -55.08 53.72
C ASN B 1820 42.92 -55.80 54.14
N LEU B 1821 42.97 -57.13 54.21
CA LEU B 1821 41.83 -57.92 54.67
C LEU B 1821 42.06 -58.29 56.12
N CYS B 1822 41.10 -57.95 56.97
CA CYS B 1822 41.17 -58.26 58.38
C CYS B 1822 39.88 -58.92 58.79
N TYR B 1823 39.97 -59.77 59.83
CA TYR B 1823 38.80 -60.47 60.34
C TYR B 1823 38.09 -61.21 59.22
N GLN B 1824 36.77 -61.12 59.17
CA GLN B 1824 35.99 -61.76 58.12
C GLN B 1824 35.16 -60.69 57.43
N GLY B 1825 35.36 -60.52 56.13
CA GLY B 1825 34.59 -59.52 55.40
C GLY B 1825 34.90 -58.09 55.80
N GLN B 1826 35.99 -57.85 56.50
CA GLN B 1826 36.35 -56.51 56.96
C GLN B 1826 37.52 -56.08 56.10
N TYR B 1827 37.28 -55.11 55.21
CA TYR B 1827 38.33 -54.60 54.34
C TYR B 1827 38.88 -53.31 54.93
N TYR B 1828 40.20 -53.24 55.04
CA TYR B 1828 40.85 -52.10 55.68
C TYR B 1828 41.02 -50.99 54.67
N ASP B 1829 40.22 -49.93 54.82
CA ASP B 1829 40.43 -48.70 54.06
C ASP B 1829 41.47 -47.91 54.83
N ARG B 1830 42.70 -47.91 54.31
CA ARG B 1830 43.81 -47.32 55.05
C ARG B 1830 43.65 -45.82 55.21
N GLU B 1831 42.97 -45.16 54.26
CA GLU B 1831 42.83 -43.71 54.33
C GLU B 1831 41.89 -43.29 55.45
N SER B 1832 40.89 -44.11 55.77
CA SER B 1832 39.87 -43.75 56.75
C SER B 1832 40.03 -44.43 58.09
N GLY B 1833 40.76 -45.55 58.16
CA GLY B 1833 40.79 -46.34 59.37
C GLY B 1833 39.56 -47.18 59.62
N LEU B 1834 38.60 -47.18 58.70
CA LEU B 1834 37.38 -47.96 58.84
C LEU B 1834 37.55 -49.33 58.21
N HIS B 1835 36.67 -50.24 58.60
CA HIS B 1835 36.64 -51.59 58.05
C HIS B 1835 35.36 -51.74 57.23
N TYR B 1836 35.52 -52.07 55.96
CA TYR B 1836 34.38 -52.15 55.04
C TYR B 1836 33.80 -53.55 55.07
N ASN B 1837 32.59 -53.68 55.60
CA ASN B 1837 31.77 -54.87 55.42
C ASN B 1837 30.88 -54.59 54.21
N ARG B 1838 30.47 -55.66 53.52
CA ARG B 1838 29.87 -55.51 52.20
C ARG B 1838 28.78 -54.44 52.18
N PHE B 1839 27.98 -54.35 53.25
CA PHE B 1839 26.96 -53.33 53.35
C PHE B 1839 27.28 -52.19 54.32
N ARG B 1840 28.17 -52.42 55.29
CA ARG B 1840 28.35 -51.46 56.37
C ARG B 1840 29.84 -51.25 56.65
N TYR B 1841 30.12 -50.14 57.34
CA TYR B 1841 31.48 -49.74 57.65
C TYR B 1841 31.72 -49.88 59.14
N TYR B 1842 32.81 -50.54 59.51
CA TYR B 1842 33.12 -50.86 60.90
C TYR B 1842 34.24 -49.96 61.40
N ASP B 1843 34.06 -49.41 62.60
CA ASP B 1843 35.08 -48.56 63.21
C ASP B 1843 35.80 -49.34 64.30
N PRO B 1844 37.08 -49.69 64.13
CA PRO B 1844 37.78 -50.46 65.17
C PRO B 1844 38.13 -49.63 66.40
N ASP B 1845 37.89 -48.31 66.38
CA ASP B 1845 38.15 -47.49 67.55
C ASP B 1845 37.06 -47.63 68.60
N ILE B 1846 35.84 -47.99 68.20
CA ILE B 1846 34.71 -48.05 69.12
C ILE B 1846 33.99 -49.39 68.98
N GLY B 1847 34.38 -50.17 67.99
CA GLY B 1847 33.82 -51.50 67.83
C GLY B 1847 32.37 -51.55 67.40
N ARG B 1848 31.88 -50.50 66.74
CA ARG B 1848 30.50 -50.42 66.30
C ARG B 1848 30.46 -49.93 64.85
N PHE B 1849 29.36 -50.21 64.17
CA PHE B 1849 29.17 -49.66 62.84
C PHE B 1849 28.83 -48.17 62.90
N ILE B 1850 29.29 -47.45 61.89
CA ILE B 1850 29.11 -46.00 61.86
C ILE B 1850 27.78 -45.67 61.18
N GLN B 1851 26.95 -46.68 60.96
CA GLN B 1851 25.62 -46.48 60.37
C GLN B 1851 24.69 -47.54 60.94
N GLN B 1852 23.40 -47.20 60.98
CA GLN B 1852 22.41 -48.12 61.53
C GLN B 1852 22.24 -49.33 60.63
N ASP B 1853 21.63 -50.36 61.21
CA ASP B 1853 21.48 -51.64 60.54
C ASP B 1853 20.39 -51.57 59.48
N PRO B 1854 20.69 -51.91 58.22
CA PRO B 1854 19.62 -51.98 57.22
C PRO B 1854 18.61 -53.08 57.52
N ILE B 1855 19.04 -54.17 58.16
CA ILE B 1855 18.11 -55.24 58.53
C ILE B 1855 17.04 -54.73 59.47
N GLY B 1856 17.41 -53.85 60.39
CA GLY B 1856 16.46 -53.34 61.36
C GLY B 1856 16.42 -54.18 62.61
N LEU B 1857 15.26 -54.22 63.28
CA LEU B 1857 15.12 -54.98 64.52
C LEU B 1857 15.23 -56.48 64.33
N PHE B 1858 15.16 -56.98 63.09
CA PHE B 1858 15.31 -58.42 62.87
C PHE B 1858 16.67 -58.92 63.35
N GLY B 1859 17.69 -58.07 63.29
CA GLY B 1859 19.03 -58.45 63.70
C GLY B 1859 19.34 -58.25 65.17
N ASP B 1860 19.27 -57.00 65.64
CA ASP B 1860 19.61 -56.71 67.03
C ASP B 1860 18.89 -55.45 67.46
N SER B 1861 18.67 -55.33 68.77
CA SER B 1861 17.99 -54.15 69.32
C SER B 1861 18.81 -52.89 69.09
N ASN B 1862 20.11 -52.94 69.36
CA ASN B 1862 21.01 -51.85 69.03
C ASN B 1862 21.48 -52.02 67.59
N PHE B 1863 21.24 -51.00 66.76
CA PHE B 1863 21.49 -51.11 65.33
C PHE B 1863 22.96 -50.90 64.96
N TYR B 1864 23.76 -50.31 65.85
CA TYR B 1864 25.17 -50.05 65.54
C TYR B 1864 26.10 -51.14 66.04
N THR B 1865 25.69 -51.93 67.02
CA THR B 1865 26.62 -52.88 67.63
C THR B 1865 26.97 -54.00 66.66
N TYR B 1866 28.27 -54.28 66.54
CA TYR B 1866 28.76 -55.38 65.73
C TYR B 1866 28.82 -56.66 66.56
N ALA B 1867 29.66 -56.66 67.59
CA ALA B 1867 29.84 -57.78 68.50
C ALA B 1867 30.71 -57.36 69.67
N PRO B 1868 30.11 -56.94 70.81
CA PRO B 1868 30.92 -56.63 72.01
C PRO B 1868 31.86 -57.77 72.35
N ASN B 1869 31.49 -58.98 71.93
CA ASN B 1869 32.32 -60.17 72.08
C ASN B 1869 33.17 -60.40 70.82
N THR B 1870 34.07 -59.46 70.57
CA THR B 1870 34.95 -59.58 69.41
C THR B 1870 35.75 -60.87 69.45
N ALA B 1871 36.31 -61.20 70.61
CA ALA B 1871 37.10 -62.41 70.81
C ALA B 1871 36.43 -63.71 70.37
N ASN B 1872 35.34 -64.11 71.06
CA ASN B 1872 34.74 -65.41 70.79
C ASN B 1872 34.12 -65.51 69.40
N TRP B 1873 33.18 -64.62 69.07
CA TRP B 1873 32.37 -64.84 67.88
C TRP B 1873 32.06 -63.52 67.20
N ILE B 1874 32.12 -63.52 65.87
CA ILE B 1874 31.89 -62.35 65.04
C ILE B 1874 31.22 -62.77 63.74
N ASP B 1875 30.27 -61.94 63.28
CA ASP B 1875 29.51 -62.21 62.05
C ASP B 1875 30.15 -61.50 60.86
N PRO B 1876 30.30 -62.18 59.73
CA PRO B 1876 31.02 -61.57 58.59
C PRO B 1876 30.32 -60.36 58.01
N PHE B 1877 29.08 -60.53 57.57
CA PHE B 1877 28.32 -59.41 57.01
C PHE B 1877 28.00 -58.38 58.10
N GLY B 1878 27.97 -57.12 57.70
CA GLY B 1878 27.53 -56.07 58.59
C GLY B 1878 26.11 -56.25 59.09
N LEU B 1879 25.30 -56.98 58.35
CA LEU B 1879 23.92 -57.28 58.74
C LEU B 1879 23.85 -57.97 60.10
N ALA C 826 -70.05 39.85 -54.73
CA ALA C 826 -69.79 41.13 -55.36
C ALA C 826 -68.32 41.27 -55.73
N ASP C 827 -67.93 42.48 -56.09
CA ASP C 827 -66.56 42.84 -56.46
C ASP C 827 -65.88 43.64 -55.34
N CYS C 828 -64.55 43.57 -55.29
CA CYS C 828 -63.84 44.33 -54.29
C CYS C 828 -63.92 45.83 -54.61
N LYS C 829 -63.51 46.66 -53.65
CA LYS C 829 -63.42 48.10 -53.83
C LYS C 829 -61.96 48.52 -53.68
N GLU C 830 -61.49 49.38 -54.58
CA GLU C 830 -60.09 49.76 -54.63
C GLU C 830 -59.65 50.56 -53.41
N CYS C 831 -60.58 51.05 -52.59
CA CYS C 831 -60.21 51.79 -51.38
C CYS C 831 -59.74 50.88 -50.25
N ARG C 832 -59.93 49.57 -50.37
CA ARG C 832 -59.55 48.63 -49.32
C ARG C 832 -58.26 47.87 -49.64
N GLY C 833 -58.24 47.16 -50.77
CA GLY C 833 -57.07 46.37 -51.12
C GLY C 833 -56.02 47.22 -51.82
N ARG C 834 -54.75 46.95 -51.49
CA ARG C 834 -53.66 47.74 -52.05
C ARG C 834 -53.30 47.27 -53.46
N VAL C 835 -53.05 45.97 -53.63
CA VAL C 835 -52.86 45.41 -54.96
C VAL C 835 -53.90 44.31 -55.16
N GLY C 836 -55.10 44.70 -55.57
CA GLY C 836 -56.19 43.75 -55.69
C GLY C 836 -56.54 43.36 -57.11
N GLY C 837 -55.58 43.50 -58.02
CA GLY C 837 -55.78 43.01 -59.36
C GLY C 837 -54.81 43.50 -60.40
N SER C 838 -54.30 42.59 -61.24
CA SER C 838 -53.58 42.99 -62.44
C SER C 838 -54.56 43.31 -63.55
N ILE C 839 -55.49 42.40 -63.80
CA ILE C 839 -56.74 42.70 -64.49
C ILE C 839 -57.91 42.73 -63.50
N GLY C 840 -57.98 41.73 -62.63
CA GLY C 840 -58.94 41.62 -61.55
C GLY C 840 -58.73 40.28 -60.87
N LEU C 841 -58.43 40.29 -59.57
CA LEU C 841 -58.03 39.05 -58.90
C LEU C 841 -59.16 38.38 -58.13
N ASP C 842 -60.24 39.10 -57.82
CA ASP C 842 -61.33 38.48 -57.08
C ASP C 842 -62.26 37.70 -58.02
N VAL C 843 -62.64 38.29 -59.14
CA VAL C 843 -63.59 37.67 -60.06
C VAL C 843 -63.07 37.61 -61.49
N GLY C 844 -61.90 38.17 -61.78
CA GLY C 844 -61.30 38.01 -63.09
C GLY C 844 -61.76 38.98 -64.16
N ASP C 845 -62.40 40.08 -63.78
CA ASP C 845 -62.87 41.05 -64.75
C ASP C 845 -61.74 41.95 -65.22
N GLU C 846 -61.81 42.36 -66.49
CA GLU C 846 -60.89 43.33 -67.05
C GLU C 846 -61.43 44.74 -66.87
N ARG C 847 -60.54 45.69 -66.56
CA ARG C 847 -60.97 47.07 -66.36
C ARG C 847 -59.82 48.00 -66.77
N PHE C 848 -59.78 48.34 -68.05
CA PHE C 848 -58.83 49.32 -68.58
C PHE C 848 -59.53 50.66 -68.77
N SER C 849 -58.72 51.72 -68.85
CA SER C 849 -59.23 53.08 -68.99
C SER C 849 -58.46 53.81 -70.08
N HIS C 850 -59.19 54.48 -70.98
CA HIS C 850 -58.61 55.27 -72.05
C HIS C 850 -59.08 56.71 -71.94
N LEU C 851 -58.19 57.64 -72.25
CA LEU C 851 -58.42 59.07 -72.10
C LEU C 851 -58.53 59.73 -73.46
N ASP C 852 -59.58 60.52 -73.67
CA ASP C 852 -59.79 61.23 -74.92
C ASP C 852 -59.27 62.67 -74.89
N PHE C 853 -59.62 63.43 -73.87
CA PHE C 853 -59.17 64.81 -73.77
C PHE C 853 -59.18 65.26 -72.33
N VAL C 854 -58.29 66.23 -72.03
CA VAL C 854 -58.25 66.90 -70.73
C VAL C 854 -58.34 68.39 -71.00
N LEU C 855 -59.53 68.96 -70.83
CA LEU C 855 -59.69 70.40 -71.00
C LEU C 855 -59.27 71.11 -69.71
N PRO C 856 -58.45 72.15 -69.79
CA PRO C 856 -57.90 72.76 -68.58
C PRO C 856 -58.95 73.58 -67.83
N GLY C 857 -58.72 73.75 -66.55
CA GLY C 857 -59.60 74.52 -65.70
C GLY C 857 -59.34 74.22 -64.25
N VAL C 858 -59.94 75.06 -63.39
CA VAL C 858 -59.91 74.76 -61.96
C VAL C 858 -60.66 73.46 -61.69
N PHE C 859 -61.77 73.25 -62.39
CA PHE C 859 -62.38 71.93 -62.52
C PHE C 859 -62.14 71.46 -63.95
N PRO C 860 -61.11 70.64 -64.19
CA PRO C 860 -60.85 70.19 -65.56
C PRO C 860 -61.88 69.17 -66.02
N LEU C 861 -62.21 69.23 -67.31
CA LEU C 861 -63.09 68.26 -67.93
C LEU C 861 -62.22 67.17 -68.57
N GLU C 862 -62.20 66.00 -67.93
CA GLU C 862 -61.35 64.88 -68.34
C GLU C 862 -62.24 63.71 -68.74
N TRP C 863 -62.36 63.47 -70.04
CA TRP C 863 -63.22 62.42 -70.58
C TRP C 863 -62.47 61.09 -70.61
N ASN C 864 -62.28 60.52 -69.42
CA ASN C 864 -61.66 59.21 -69.29
C ASN C 864 -62.73 58.14 -69.45
N ARG C 865 -62.52 57.23 -70.39
CA ARG C 865 -63.47 56.15 -70.67
C ARG C 865 -62.97 54.86 -70.01
N THR C 866 -63.72 54.36 -69.06
CA THR C 866 -63.38 53.12 -68.35
C THR C 866 -64.26 51.99 -68.86
N TYR C 867 -63.64 50.84 -69.13
CA TYR C 867 -64.35 49.63 -69.51
C TYR C 867 -64.35 48.66 -68.34
N ARG C 868 -65.51 48.05 -68.09
CA ARG C 868 -65.65 47.07 -67.03
C ARG C 868 -66.33 45.84 -67.62
N SER C 869 -65.69 44.68 -67.44
CA SER C 869 -66.16 43.47 -68.13
C SER C 869 -67.53 43.02 -67.62
N ASN C 870 -67.74 43.08 -66.31
CA ASN C 870 -68.97 42.57 -65.72
C ASN C 870 -70.02 43.65 -65.50
N MET C 871 -69.83 44.85 -66.04
CA MET C 871 -70.84 45.91 -65.94
C MET C 871 -71.90 45.68 -67.01
N THR C 872 -73.07 45.20 -66.58
CA THR C 872 -74.23 45.03 -67.45
C THR C 872 -75.13 46.27 -67.50
N ALA C 873 -74.75 47.36 -66.83
CA ALA C 873 -75.65 48.48 -66.64
C ALA C 873 -75.97 49.20 -67.96
N LYS C 874 -74.99 49.37 -68.84
CA LYS C 874 -75.14 50.19 -70.03
C LYS C 874 -75.34 49.38 -71.31
N ASP C 875 -75.69 48.09 -71.19
CA ASP C 875 -75.85 47.27 -72.38
C ASP C 875 -77.03 47.75 -73.23
N GLY C 876 -78.18 48.00 -72.60
CA GLY C 876 -79.37 48.32 -73.37
C GLY C 876 -79.30 49.67 -74.03
N GLN C 877 -79.04 50.72 -73.24
CA GLN C 877 -78.94 52.10 -73.74
C GLN C 877 -77.63 52.68 -73.24
N GLY C 878 -76.56 52.45 -74.00
CA GLY C 878 -75.23 52.93 -73.63
C GLY C 878 -74.90 54.19 -74.40
N GLU C 879 -74.38 55.19 -73.69
CA GLU C 879 -73.95 56.41 -74.36
C GLU C 879 -72.67 56.19 -75.15
N LEU C 880 -71.82 55.24 -74.72
CA LEU C 880 -70.57 54.94 -75.40
C LEU C 880 -70.44 53.46 -75.74
N GLY C 881 -71.55 52.73 -75.73
CA GLY C 881 -71.51 51.30 -75.96
C GLY C 881 -72.01 50.51 -74.77
N PRO C 882 -71.94 49.18 -74.85
CA PRO C 882 -72.53 48.34 -73.81
C PRO C 882 -71.88 48.44 -72.45
N ARG C 883 -70.55 48.36 -72.41
CA ARG C 883 -69.81 48.20 -71.16
C ARG C 883 -68.80 49.32 -70.94
N TRP C 884 -69.18 50.54 -71.31
CA TRP C 884 -68.32 51.71 -71.16
C TRP C 884 -68.94 52.70 -70.19
N ILE C 885 -68.09 53.33 -69.38
CA ILE C 885 -68.55 54.31 -68.39
C ILE C 885 -67.48 55.39 -68.25
N THR C 886 -67.92 56.61 -67.96
CA THR C 886 -67.03 57.74 -67.69
C THR C 886 -67.53 58.46 -66.44
N ALA C 887 -66.73 59.43 -65.99
CA ALA C 887 -67.11 60.22 -64.83
C ALA C 887 -68.39 61.01 -65.05
N PHE C 888 -68.75 61.28 -66.30
CA PHE C 888 -69.95 62.03 -66.64
C PHE C 888 -71.12 61.15 -67.03
N THR C 889 -70.97 59.82 -66.96
CA THR C 889 -72.03 58.90 -67.37
C THR C 889 -72.54 58.05 -66.20
N LEU C 890 -72.29 58.47 -64.96
CA LEU C 890 -72.76 57.73 -63.80
C LEU C 890 -74.28 57.68 -63.77
N VAL C 891 -74.80 56.67 -63.06
CA VAL C 891 -76.24 56.45 -62.95
C VAL C 891 -76.51 55.70 -61.66
N VAL C 892 -77.62 56.06 -61.01
CA VAL C 892 -78.10 55.38 -59.80
C VAL C 892 -79.41 54.67 -60.15
N LEU C 893 -79.45 53.35 -59.99
CA LEU C 893 -80.60 52.57 -60.40
C LEU C 893 -81.40 52.13 -59.17
N PRO C 894 -82.68 52.49 -59.07
CA PRO C 894 -83.50 52.02 -57.94
C PRO C 894 -83.79 50.54 -58.05
N LEU C 895 -84.01 49.92 -56.88
CA LEU C 895 -84.29 48.49 -56.79
C LEU C 895 -85.73 48.23 -56.34
N GLU C 896 -86.22 47.03 -56.68
CA GLU C 896 -87.52 46.60 -56.22
C GLU C 896 -87.50 46.16 -54.77
N THR C 897 -86.33 45.78 -54.25
CA THR C 897 -86.14 45.36 -52.87
C THR C 897 -85.99 46.52 -51.90
N GLY C 898 -86.21 47.75 -52.35
CA GLY C 898 -86.04 48.92 -51.51
C GLY C 898 -84.58 49.27 -51.34
N GLY C 899 -83.97 49.78 -52.42
CA GLY C 899 -82.58 50.16 -52.40
C GLY C 899 -82.19 50.71 -53.75
N TYR C 900 -80.88 50.93 -53.93
CA TYR C 900 -80.35 51.46 -55.17
C TYR C 900 -79.07 50.73 -55.56
N GLU C 901 -78.63 50.98 -56.79
CA GLU C 901 -77.35 50.50 -57.28
C GLU C 901 -76.65 51.68 -57.95
N TYR C 902 -75.48 52.03 -57.45
CA TYR C 902 -74.73 53.19 -57.94
C TYR C 902 -73.63 52.67 -58.86
N ILE C 903 -73.75 52.97 -60.15
CA ILE C 903 -72.76 52.52 -61.13
C ILE C 903 -71.60 53.49 -61.04
N SER C 904 -70.56 53.11 -60.28
CA SER C 904 -69.47 54.00 -59.94
C SER C 904 -68.62 54.33 -61.17
N GLU C 905 -67.66 55.23 -60.98
CA GLU C 905 -66.80 55.67 -62.07
C GLU C 905 -66.03 54.49 -62.67
N VAL C 906 -65.76 53.46 -61.87
CA VAL C 906 -65.04 52.29 -62.32
C VAL C 906 -65.98 51.16 -62.74
N GLY C 907 -67.28 51.44 -62.86
CA GLY C 907 -68.22 50.45 -63.33
C GLY C 907 -68.74 49.49 -62.29
N ARG C 908 -68.33 49.63 -61.04
CA ARG C 908 -68.74 48.73 -59.97
C ARG C 908 -70.11 49.12 -59.43
N ALA C 909 -70.97 48.12 -59.23
CA ALA C 909 -72.33 48.34 -58.73
C ALA C 909 -72.30 48.60 -57.23
N VAL C 910 -72.63 49.83 -56.82
CA VAL C 910 -72.64 50.23 -55.41
C VAL C 910 -74.07 50.25 -54.89
N SER C 911 -74.32 49.53 -53.79
CA SER C 911 -75.64 49.44 -53.18
C SER C 911 -75.90 50.58 -52.19
N VAL C 912 -77.15 51.06 -52.14
CA VAL C 912 -77.56 52.13 -51.23
C VAL C 912 -78.67 51.58 -50.34
N ILE C 913 -78.79 52.17 -49.14
CA ILE C 913 -79.71 51.69 -48.11
C ILE C 913 -81.08 52.37 -48.12
N GLU C 914 -81.52 52.84 -49.30
CA GLU C 914 -82.86 53.43 -49.45
C GLU C 914 -83.08 54.53 -48.41
N LEU C 915 -82.34 55.62 -48.61
CA LEU C 915 -82.39 56.74 -47.68
C LEU C 915 -83.64 57.58 -47.94
N GLU C 916 -84.49 57.69 -46.92
CA GLU C 916 -85.64 58.57 -46.99
C GLU C 916 -85.18 60.03 -46.90
N PRO C 917 -85.99 60.97 -47.38
CA PRO C 917 -85.56 62.37 -47.41
C PRO C 917 -85.10 62.89 -46.06
N GLY C 918 -83.93 63.53 -46.06
CA GLY C 918 -83.32 64.05 -44.85
C GLY C 918 -82.37 63.10 -44.15
N GLN C 919 -82.05 61.96 -44.75
CA GLN C 919 -81.20 60.95 -44.14
C GLN C 919 -79.80 60.98 -44.75
N GLU C 920 -78.81 60.63 -43.93
CA GLU C 920 -77.44 60.49 -44.38
C GLU C 920 -76.89 59.13 -43.96
N TRP C 921 -75.80 58.73 -44.62
CA TRP C 921 -75.20 57.42 -44.39
C TRP C 921 -73.81 57.44 -44.97
N TYR C 922 -72.81 57.20 -44.12
CA TYR C 922 -71.44 56.99 -44.57
C TYR C 922 -71.22 55.49 -44.74
N ASP C 923 -71.16 55.04 -45.99
CA ASP C 923 -71.00 53.62 -46.28
C ASP C 923 -69.60 53.20 -45.88
N ARG C 924 -69.48 52.54 -44.72
CA ARG C 924 -68.18 52.10 -44.25
C ARG C 924 -67.50 51.18 -45.25
N THR C 925 -68.28 50.32 -45.91
CA THR C 925 -67.69 49.33 -46.81
C THR C 925 -67.08 49.96 -48.05
N GLU C 926 -67.61 51.10 -48.52
CA GLU C 926 -67.10 51.72 -49.73
C GLU C 926 -66.77 53.20 -49.61
N GLU C 927 -66.84 53.78 -48.41
CA GLU C 927 -66.40 55.16 -48.15
C GLU C 927 -67.15 56.17 -49.02
N LEU C 928 -68.47 56.13 -48.96
CA LEU C 928 -69.32 57.09 -49.65
C LEU C 928 -70.30 57.71 -48.67
N ILE C 929 -70.37 59.03 -48.66
CA ILE C 929 -71.35 59.76 -47.85
C ILE C 929 -72.56 60.01 -48.74
N TRP C 930 -73.69 59.41 -48.38
CA TRP C 930 -74.90 59.47 -49.18
C TRP C 930 -75.92 60.36 -48.49
N ARG C 931 -76.62 61.17 -49.28
CA ARG C 931 -77.61 62.11 -48.77
C ARG C 931 -78.81 62.11 -49.70
N ARG C 932 -79.98 62.44 -49.12
CA ARG C 932 -81.23 62.54 -49.85
C ARG C 932 -81.70 63.98 -49.72
N PRO C 933 -81.24 64.88 -50.59
CA PRO C 933 -81.63 66.30 -50.44
C PRO C 933 -83.11 66.55 -50.64
N ASP C 934 -83.74 65.84 -51.58
CA ASP C 934 -85.15 66.06 -51.88
C ASP C 934 -85.74 64.76 -52.40
N VAL C 935 -87.05 64.78 -52.67
CA VAL C 935 -87.73 63.58 -53.12
C VAL C 935 -87.17 63.08 -54.45
N ASP C 936 -86.80 64.01 -55.34
CA ASP C 936 -86.29 63.67 -56.66
C ASP C 936 -84.79 63.88 -56.78
N THR C 937 -84.07 63.94 -55.66
CA THR C 937 -82.66 64.25 -55.67
C THR C 937 -81.89 63.28 -54.78
N LEU C 938 -80.74 62.83 -55.26
CA LEU C 938 -79.80 62.03 -54.51
C LEU C 938 -78.41 62.64 -54.67
N GLU C 939 -77.63 62.64 -53.59
CA GLU C 939 -76.34 63.29 -53.59
C GLU C 939 -75.29 62.39 -52.97
N VAL C 940 -74.11 62.36 -53.57
CA VAL C 940 -73.00 61.50 -53.16
C VAL C 940 -71.79 62.37 -52.88
N SER C 941 -71.01 61.99 -51.87
CA SER C 941 -69.77 62.67 -51.54
C SER C 941 -68.71 61.61 -51.28
N GLN C 942 -67.55 61.76 -51.93
CA GLN C 942 -66.44 60.82 -51.74
C GLN C 942 -65.57 61.31 -50.59
N LYS C 943 -66.11 61.15 -49.38
CA LYS C 943 -65.47 61.62 -48.15
C LYS C 943 -65.11 63.09 -48.25
N TYR C 944 -66.04 63.89 -48.77
CA TYR C 944 -65.90 65.33 -48.96
C TYR C 944 -64.77 65.70 -49.92
N GLN C 945 -64.15 64.72 -50.57
CA GLN C 945 -63.11 65.03 -51.55
C GLN C 945 -63.71 65.36 -52.91
N ARG C 946 -64.90 64.83 -53.20
CA ARG C 946 -65.59 65.11 -54.44
C ARG C 946 -67.08 64.86 -54.19
N THR C 947 -67.93 65.56 -54.94
CA THR C 947 -69.37 65.48 -54.72
C THR C 947 -70.10 65.32 -56.04
N GLU C 948 -71.07 64.41 -56.05
CA GLU C 948 -71.93 64.15 -57.21
C GLU C 948 -73.38 64.24 -56.79
N THR C 949 -74.19 64.91 -57.59
CA THR C 949 -75.62 65.09 -57.32
C THR C 949 -76.41 64.48 -58.45
N PHE C 950 -77.47 63.74 -58.10
CA PHE C 950 -78.27 63.00 -59.05
C PHE C 950 -79.71 63.46 -58.99
N GLU C 951 -80.35 63.58 -60.14
CA GLU C 951 -81.74 64.00 -60.24
C GLU C 951 -82.52 62.91 -60.99
N ARG C 952 -83.68 62.53 -60.44
CA ARG C 952 -84.50 61.49 -61.05
C ARG C 952 -85.16 61.99 -62.33
N SER C 953 -84.96 61.27 -63.43
CA SER C 953 -85.60 61.57 -64.70
C SER C 953 -86.25 60.31 -65.28
N GLY C 954 -87.16 59.70 -64.52
CA GLY C 954 -87.90 58.55 -65.03
C GLY C 954 -87.22 57.21 -64.83
N ASP C 955 -87.44 56.59 -63.66
CA ASP C 955 -86.86 55.29 -63.34
C ASP C 955 -85.33 55.31 -63.46
N VAL C 956 -84.74 56.49 -63.25
CA VAL C 956 -83.30 56.66 -63.40
C VAL C 956 -82.93 57.93 -62.65
N PHE C 957 -81.68 58.01 -62.22
CA PHE C 957 -81.12 59.20 -61.57
C PHE C 957 -79.99 59.71 -62.46
N ARG C 958 -80.35 60.48 -63.48
CA ARG C 958 -79.34 61.05 -64.37
C ARG C 958 -78.41 61.96 -63.58
N LEU C 959 -77.11 61.82 -63.81
CA LEU C 959 -76.12 62.65 -63.14
C LEU C 959 -76.36 64.11 -63.48
N LYS C 960 -76.56 64.93 -62.44
CA LYS C 960 -76.83 66.34 -62.64
C LYS C 960 -75.56 67.19 -62.63
N THR C 961 -74.68 66.97 -61.66
CA THR C 961 -73.50 67.82 -61.53
C THR C 961 -72.42 67.11 -60.74
N ILE C 962 -71.19 67.57 -60.94
CA ILE C 962 -70.03 67.10 -60.20
C ILE C 962 -69.37 68.30 -59.54
N ALA C 963 -68.91 68.13 -58.31
CA ALA C 963 -68.44 69.24 -57.51
C ALA C 963 -67.06 68.97 -56.94
N ASP C 964 -66.32 70.06 -56.71
CA ASP C 964 -64.98 70.02 -56.14
C ASP C 964 -65.06 70.24 -54.62
N ARG C 965 -63.93 70.04 -53.95
CA ARG C 965 -63.85 70.41 -52.54
C ARG C 965 -64.09 71.90 -52.33
N ALA C 966 -63.64 72.73 -53.27
CA ALA C 966 -63.78 74.17 -53.18
C ALA C 966 -65.05 74.69 -53.80
N GLY C 967 -66.00 73.81 -54.15
CA GLY C 967 -67.28 74.23 -54.68
C GLY C 967 -67.34 74.41 -56.18
N ASN C 968 -66.24 74.18 -56.89
CA ASN C 968 -66.27 74.25 -58.35
C ASN C 968 -67.21 73.19 -58.89
N GLN C 969 -67.89 73.51 -59.99
CA GLN C 969 -68.96 72.69 -60.51
C GLN C 969 -68.77 72.42 -62.00
N ALA C 970 -69.26 71.25 -62.42
CA ALA C 970 -69.50 70.94 -63.82
C ALA C 970 -70.96 70.52 -63.95
N GLN C 971 -71.70 71.20 -64.81
CA GLN C 971 -73.14 71.02 -64.91
C GLN C 971 -73.46 70.23 -66.17
N LEU C 972 -74.32 69.23 -66.04
CA LEU C 972 -74.71 68.38 -67.15
C LEU C 972 -76.09 68.81 -67.62
N ILE C 973 -76.24 69.01 -68.93
CA ILE C 973 -77.48 69.48 -69.52
C ILE C 973 -77.98 68.45 -70.51
N TYR C 974 -79.27 68.13 -70.44
CA TYR C 974 -79.87 67.08 -71.26
C TYR C 974 -80.95 67.66 -72.16
N ASP C 975 -81.26 66.93 -73.23
CA ASP C 975 -82.28 67.36 -74.17
C ASP C 975 -83.67 67.14 -73.60
N ALA C 976 -84.62 67.96 -74.06
CA ALA C 976 -86.00 67.87 -73.57
C ALA C 976 -86.76 66.72 -74.22
N GLU C 977 -86.50 66.43 -75.48
CA GLU C 977 -87.18 65.36 -76.20
C GLU C 977 -86.39 64.08 -76.26
N ASN C 978 -85.08 64.15 -76.53
CA ASN C 978 -84.27 62.95 -76.66
C ASN C 978 -83.92 62.36 -75.29
N GLY C 979 -83.68 63.21 -74.30
CA GLY C 979 -83.16 62.76 -73.03
C GLY C 979 -81.68 62.43 -73.05
N PHE C 980 -80.98 62.76 -74.13
CA PHE C 980 -79.56 62.46 -74.25
C PHE C 980 -78.73 63.56 -73.58
N LEU C 981 -77.56 63.17 -73.08
CA LEU C 981 -76.61 64.13 -72.54
C LEU C 981 -76.04 64.94 -73.70
N VAL C 982 -76.56 66.15 -73.89
CA VAL C 982 -76.19 66.93 -75.06
C VAL C 982 -75.00 67.85 -74.80
N ARG C 983 -74.80 68.32 -73.57
CA ARG C 983 -73.69 69.20 -73.30
C ARG C 983 -73.37 69.22 -71.81
N VAL C 984 -72.12 69.56 -71.51
CA VAL C 984 -71.64 69.76 -70.14
C VAL C 984 -71.00 71.13 -70.08
N GLU C 985 -71.22 71.84 -68.97
CA GLU C 985 -70.80 73.23 -68.86
C GLU C 985 -69.95 73.46 -67.61
N THR C 986 -68.98 74.37 -67.77
CA THR C 986 -68.07 74.76 -66.69
C THR C 986 -67.93 76.28 -66.78
N ALA C 987 -67.34 76.87 -65.73
CA ALA C 987 -67.24 78.32 -65.62
C ALA C 987 -66.72 78.97 -66.90
N ILE C 988 -65.82 78.29 -67.62
CA ILE C 988 -65.24 78.85 -68.83
C ILE C 988 -65.41 77.95 -70.05
N GLN C 989 -65.72 76.67 -69.88
CA GLN C 989 -65.70 75.72 -70.98
C GLN C 989 -67.09 75.14 -71.22
N THR C 990 -67.37 74.86 -72.50
CA THR C 990 -68.62 74.24 -72.91
C THR C 990 -68.29 73.09 -73.86
N VAL C 991 -68.85 71.91 -73.57
CA VAL C 991 -68.59 70.70 -74.35
C VAL C 991 -69.92 70.16 -74.83
N HIS C 992 -70.05 69.99 -76.15
CA HIS C 992 -71.28 69.50 -76.75
C HIS C 992 -71.09 68.06 -77.22
N LEU C 993 -72.17 67.28 -77.14
CA LEU C 993 -72.15 65.86 -77.46
C LEU C 993 -73.18 65.56 -78.53
N ASP C 994 -72.75 64.94 -79.62
CA ASP C 994 -73.64 64.53 -80.70
C ASP C 994 -74.01 63.06 -80.53
N HIS C 995 -75.27 62.74 -80.79
CA HIS C 995 -75.79 61.39 -80.59
C HIS C 995 -76.41 60.88 -81.87
N ASP C 996 -76.29 59.57 -82.10
CA ASP C 996 -76.92 58.91 -83.24
C ASP C 996 -78.38 58.60 -82.90
N ALA C 997 -79.03 57.81 -83.75
CA ALA C 997 -80.42 57.44 -83.52
C ALA C 997 -80.60 56.55 -82.30
N HIS C 998 -79.53 55.89 -81.83
CA HIS C 998 -79.60 54.98 -80.70
C HIS C 998 -79.17 55.64 -79.39
N GLY C 999 -78.91 56.95 -79.40
CA GLY C 999 -78.49 57.65 -78.22
C GLY C 999 -77.02 57.55 -77.91
N ARG C 1000 -76.24 56.87 -78.74
CA ARG C 1000 -74.82 56.73 -78.52
C ARG C 1000 -74.07 57.95 -79.05
N ILE C 1001 -73.05 58.38 -78.32
CA ILE C 1001 -72.27 59.53 -78.73
C ILE C 1001 -71.52 59.21 -80.01
N THR C 1002 -71.57 60.13 -80.97
CA THR C 1002 -70.90 59.96 -82.26
C THR C 1002 -69.69 60.86 -82.38
N THR C 1003 -69.84 62.14 -82.03
CA THR C 1003 -68.75 63.10 -82.08
C THR C 1003 -68.87 64.02 -80.86
N ILE C 1004 -67.73 64.52 -80.40
CA ILE C 1004 -67.68 65.41 -79.25
C ILE C 1004 -66.95 66.67 -79.66
N TRP C 1005 -67.57 67.81 -79.41
CA TRP C 1005 -67.05 69.12 -79.79
C TRP C 1005 -66.83 69.97 -78.55
N HIS C 1006 -65.96 70.97 -78.72
CA HIS C 1006 -65.70 71.94 -77.67
C HIS C 1006 -65.46 73.29 -78.31
N GLU C 1007 -66.08 74.33 -77.75
CA GLU C 1007 -65.88 75.68 -78.24
C GLU C 1007 -64.57 76.19 -77.67
N VAL C 1008 -63.78 76.87 -78.50
CA VAL C 1008 -62.44 77.28 -78.07
C VAL C 1008 -62.58 78.38 -77.03
N THR C 1009 -62.06 78.13 -75.83
CA THR C 1009 -62.20 79.10 -74.74
C THR C 1009 -61.28 80.29 -74.93
N GLY C 1010 -60.03 80.04 -75.31
CA GLY C 1010 -59.07 81.12 -75.55
C GLY C 1010 -59.42 82.04 -76.69
N ASP C 1011 -60.46 81.71 -77.46
CA ASP C 1011 -60.87 82.56 -78.58
C ASP C 1011 -61.32 83.93 -78.08
N ASP C 1012 -60.66 84.98 -78.58
CA ASP C 1012 -61.05 86.34 -78.27
C ASP C 1012 -61.96 86.96 -79.32
N GLY C 1013 -62.10 86.33 -80.48
CA GLY C 1013 -62.92 86.86 -81.55
C GLY C 1013 -64.12 86.01 -81.88
N THR C 1014 -64.11 85.40 -83.08
CA THR C 1014 -65.31 84.70 -83.49
C THR C 1014 -65.26 83.23 -83.06
N PRO C 1015 -66.43 82.67 -82.76
CA PRO C 1015 -66.48 81.30 -82.22
C PRO C 1015 -65.88 80.26 -83.16
N LEU C 1016 -65.02 79.42 -82.58
CA LEU C 1016 -64.35 78.34 -83.31
C LEU C 1016 -64.64 77.05 -82.55
N ARG C 1017 -65.26 76.10 -83.23
CA ARG C 1017 -65.66 74.84 -82.61
C ARG C 1017 -64.84 73.70 -83.18
N ARG C 1018 -64.27 72.89 -82.28
CA ARG C 1018 -63.29 71.87 -82.64
C ARG C 1018 -63.76 70.51 -82.16
N THR C 1019 -63.73 69.53 -83.05
CA THR C 1019 -64.01 68.15 -82.66
C THR C 1019 -63.00 67.65 -81.62
N LEU C 1020 -63.51 66.92 -80.65
CA LEU C 1020 -62.74 66.50 -79.50
C LEU C 1020 -62.73 64.99 -79.30
N ALA C 1021 -63.74 64.27 -79.80
CA ALA C 1021 -63.77 62.82 -79.74
C ALA C 1021 -64.60 62.31 -80.91
N ARG C 1022 -64.25 61.10 -81.38
CA ARG C 1022 -64.91 60.50 -82.53
C ARG C 1022 -65.13 59.02 -82.25
N TYR C 1023 -66.36 58.55 -82.42
CA TYR C 1023 -66.73 57.20 -82.01
C TYR C 1023 -67.37 56.45 -83.18
N GLN C 1024 -67.08 55.15 -83.26
CA GLN C 1024 -67.60 54.29 -84.30
C GLN C 1024 -68.11 52.98 -83.70
N TYR C 1025 -69.27 52.52 -84.17
CA TYR C 1025 -69.88 51.30 -83.67
C TYR C 1025 -70.22 50.39 -84.86
N ASP C 1026 -70.19 49.09 -84.61
CA ASP C 1026 -70.44 48.10 -85.65
C ASP C 1026 -71.78 47.40 -85.39
N GLU C 1027 -72.00 46.30 -86.11
CA GLU C 1027 -73.27 45.59 -86.01
C GLU C 1027 -73.51 45.00 -84.63
N ALA C 1028 -72.46 44.76 -83.85
CA ALA C 1028 -72.60 44.23 -82.49
C ALA C 1028 -72.83 45.31 -81.45
N HIS C 1029 -73.00 46.56 -81.89
CA HIS C 1029 -73.24 47.73 -81.05
C HIS C 1029 -72.08 48.02 -80.10
N ASP C 1030 -70.96 47.33 -80.26
CA ASP C 1030 -69.77 47.61 -79.46
C ASP C 1030 -69.03 48.82 -79.99
N LEU C 1031 -68.41 49.56 -79.09
CA LEU C 1031 -67.53 50.67 -79.47
C LEU C 1031 -66.25 50.07 -80.04
N VAL C 1032 -66.17 49.98 -81.37
CA VAL C 1032 -65.04 49.31 -82.00
C VAL C 1032 -63.89 50.27 -82.35
N ALA C 1033 -64.16 51.57 -82.44
CA ALA C 1033 -63.12 52.53 -82.78
C ALA C 1033 -63.42 53.85 -82.09
N ALA C 1034 -62.37 54.47 -81.57
CA ALA C 1034 -62.47 55.78 -80.92
C ALA C 1034 -61.29 56.63 -81.33
N VAL C 1035 -61.57 57.89 -81.66
CA VAL C 1035 -60.56 58.82 -82.15
C VAL C 1035 -60.60 60.07 -81.27
N ASP C 1036 -59.43 60.54 -80.87
CA ASP C 1036 -59.33 61.64 -79.91
C ASP C 1036 -59.12 62.97 -80.64
N GLN C 1037 -58.83 64.01 -79.87
CA GLN C 1037 -58.70 65.36 -80.41
C GLN C 1037 -57.54 65.51 -81.38
N TYR C 1038 -56.58 64.58 -81.37
CA TYR C 1038 -55.42 64.65 -82.25
C TYR C 1038 -55.44 63.57 -83.33
N GLU C 1039 -56.62 63.01 -83.62
CA GLU C 1039 -56.79 61.98 -84.65
C GLU C 1039 -55.94 60.74 -84.35
N ARG C 1040 -55.92 60.33 -83.09
CA ARG C 1040 -55.28 59.09 -82.67
C ARG C 1040 -56.37 58.06 -82.37
N THR C 1041 -56.19 56.85 -82.89
CA THR C 1041 -57.24 55.86 -82.94
C THR C 1041 -57.00 54.73 -81.95
N HIS C 1042 -58.01 54.47 -81.12
CA HIS C 1042 -58.09 53.22 -80.36
C HIS C 1042 -58.94 52.22 -81.12
N THR C 1043 -58.53 50.96 -81.09
CA THR C 1043 -59.27 49.87 -81.73
C THR C 1043 -59.59 48.81 -80.70
N TYR C 1044 -60.82 48.29 -80.77
CA TYR C 1044 -61.32 47.33 -79.79
C TYR C 1044 -61.93 46.12 -80.48
N ALA C 1045 -61.75 44.95 -79.86
CA ALA C 1045 -62.32 43.70 -80.36
C ALA C 1045 -62.99 42.99 -79.19
N TYR C 1046 -64.10 42.32 -79.47
CA TYR C 1046 -64.97 41.79 -78.43
C TYR C 1046 -65.35 40.35 -78.72
N GLN C 1047 -65.71 39.64 -77.65
CA GLN C 1047 -66.38 38.35 -77.72
C GLN C 1047 -67.58 38.45 -76.78
N ASN C 1048 -68.77 38.66 -77.35
CA ASN C 1048 -69.98 38.92 -76.57
C ASN C 1048 -69.75 40.07 -75.59
N HIS C 1049 -69.21 41.17 -76.12
CA HIS C 1049 -68.89 42.41 -75.41
C HIS C 1049 -67.78 42.26 -74.38
N LEU C 1050 -67.14 41.09 -74.30
CA LEU C 1050 -65.93 40.91 -73.50
C LEU C 1050 -64.71 41.24 -74.36
N ILE C 1051 -63.92 42.21 -73.92
CA ILE C 1051 -62.76 42.65 -74.69
C ILE C 1051 -61.81 41.47 -74.89
N THR C 1052 -61.39 41.26 -76.13
CA THR C 1052 -60.36 40.28 -76.45
C THR C 1052 -59.06 40.94 -76.92
N ARG C 1053 -59.11 42.21 -77.32
CA ARG C 1053 -57.92 42.97 -77.62
C ARG C 1053 -58.28 44.45 -77.60
N TYR C 1054 -57.42 45.24 -76.95
CA TYR C 1054 -57.55 46.70 -77.00
C TYR C 1054 -56.18 47.30 -77.25
N SER C 1055 -56.15 48.39 -77.99
CA SER C 1055 -54.92 48.94 -78.52
C SER C 1055 -54.65 50.32 -77.94
N ASP C 1056 -53.38 50.62 -77.71
CA ASP C 1056 -52.96 51.98 -77.45
C ASP C 1056 -53.03 52.81 -78.74
N LYS C 1057 -52.85 54.12 -78.59
CA LYS C 1057 -52.94 55.01 -79.74
C LYS C 1057 -51.87 54.78 -80.80
N THR C 1058 -50.93 53.86 -80.57
CA THR C 1058 -49.89 53.54 -81.54
C THR C 1058 -50.11 52.20 -82.24
N GLY C 1059 -51.19 51.49 -81.92
CA GLY C 1059 -51.49 50.20 -82.52
C GLY C 1059 -51.05 49.00 -81.71
N ARG C 1060 -50.14 49.20 -80.76
CA ARG C 1060 -49.69 48.10 -79.90
C ARG C 1060 -50.82 47.70 -78.96
N GLY C 1061 -51.09 46.40 -78.85
CA GLY C 1061 -52.27 45.91 -78.18
C GLY C 1061 -51.98 44.95 -77.04
N ILE C 1062 -53.05 44.66 -76.29
CA ILE C 1062 -53.05 43.67 -75.22
C ILE C 1062 -54.24 42.73 -75.46
N ASN C 1063 -53.97 41.42 -75.45
CA ASN C 1063 -54.95 40.42 -75.84
C ASN C 1063 -55.42 39.63 -74.63
N LEU C 1064 -56.68 39.20 -74.67
CA LEU C 1064 -57.32 38.52 -73.56
C LEU C 1064 -58.13 37.32 -74.07
N GLU C 1065 -58.39 36.39 -73.14
CA GLU C 1065 -59.28 35.25 -73.41
C GLU C 1065 -60.16 35.04 -72.17
N TRP C 1066 -61.30 34.40 -72.39
CA TRP C 1066 -62.35 34.35 -71.37
C TRP C 1066 -62.89 32.94 -71.20
N ASP C 1067 -63.64 32.74 -70.11
CA ASP C 1067 -64.27 31.46 -69.80
C ASP C 1067 -65.57 31.21 -70.54
N GLY C 1068 -66.10 32.20 -71.26
CA GLY C 1068 -67.37 32.01 -71.93
C GLY C 1068 -67.91 33.33 -72.44
N ASP C 1069 -69.20 33.31 -72.79
CA ASP C 1069 -69.88 34.49 -73.29
C ASP C 1069 -70.65 35.25 -72.22
N HIS C 1070 -70.89 34.62 -71.07
CA HIS C 1070 -71.66 35.27 -70.02
C HIS C 1070 -70.90 36.48 -69.48
N PRO C 1071 -71.62 37.49 -68.98
CA PRO C 1071 -70.94 38.69 -68.46
C PRO C 1071 -70.09 38.46 -67.23
N GLN C 1072 -70.34 37.41 -66.45
CA GLN C 1072 -69.54 37.10 -65.27
C GLN C 1072 -68.35 36.20 -65.58
N ALA C 1073 -67.97 36.07 -66.85
CA ALA C 1073 -66.87 35.19 -67.20
C ALA C 1073 -65.55 35.73 -66.67
N LYS C 1074 -64.64 34.81 -66.34
CA LYS C 1074 -63.34 35.14 -65.78
C LYS C 1074 -62.29 35.08 -66.87
N CYS C 1075 -61.50 36.15 -66.99
CA CYS C 1075 -60.42 36.17 -67.97
C CYS C 1075 -59.32 35.21 -67.56
N VAL C 1076 -58.90 34.37 -68.51
CA VAL C 1076 -57.96 33.30 -68.22
C VAL C 1076 -56.57 33.55 -68.78
N ARG C 1077 -56.42 34.45 -69.76
CA ARG C 1077 -55.11 34.68 -70.35
C ARG C 1077 -54.95 36.14 -70.73
N GLU C 1078 -53.75 36.67 -70.51
CA GLU C 1078 -53.34 38.00 -70.94
C GLU C 1078 -51.99 37.92 -71.63
N TYR C 1079 -51.92 38.46 -72.84
CA TYR C 1079 -50.69 38.46 -73.63
C TYR C 1079 -50.73 39.63 -74.59
N ARG C 1080 -49.56 40.12 -74.96
CA ARG C 1080 -49.46 41.24 -75.88
C ARG C 1080 -49.33 40.73 -77.32
N ASP C 1081 -49.23 41.66 -78.27
CA ASP C 1081 -49.28 41.28 -79.68
C ASP C 1081 -48.10 40.40 -80.08
N ASP C 1082 -46.94 40.60 -79.46
CA ASP C 1082 -45.79 39.74 -79.74
C ASP C 1082 -45.83 38.44 -78.95
N GLY C 1083 -46.83 38.23 -78.11
CA GLY C 1083 -46.94 37.02 -77.31
C GLY C 1083 -46.30 37.09 -75.93
N SER C 1084 -45.47 38.11 -75.66
CA SER C 1084 -44.76 38.18 -74.40
C SER C 1084 -45.70 38.60 -73.27
N ASN C 1085 -45.16 38.63 -72.05
CA ASN C 1085 -45.90 39.04 -70.85
C ASN C 1085 -47.13 38.16 -70.63
N LEU C 1086 -46.99 36.86 -70.93
CA LEU C 1086 -48.08 35.93 -70.74
C LEU C 1086 -48.46 35.84 -69.27
N LEU C 1087 -49.77 35.85 -69.01
CA LEU C 1087 -50.31 35.60 -67.68
C LEU C 1087 -51.38 34.52 -67.77
N ARG C 1088 -51.32 33.57 -66.84
CA ARG C 1088 -52.26 32.45 -66.80
C ARG C 1088 -52.98 32.49 -65.46
N PHE C 1089 -54.31 32.59 -65.51
CA PHE C 1089 -55.14 32.71 -64.32
C PHE C 1089 -55.95 31.43 -64.12
N ARG C 1090 -56.00 30.98 -62.87
CA ARG C 1090 -56.77 29.79 -62.48
C ARG C 1090 -57.59 30.13 -61.25
N TRP C 1091 -58.78 29.53 -61.17
CA TRP C 1091 -59.74 29.88 -60.13
C TRP C 1091 -60.22 28.62 -59.42
N ASP C 1092 -60.13 28.61 -58.10
CA ASP C 1092 -60.60 27.52 -57.24
C ASP C 1092 -61.77 28.05 -56.41
N GLU C 1093 -62.98 27.91 -56.95
CA GLU C 1093 -64.16 28.47 -56.30
C GLU C 1093 -64.52 27.74 -55.00
N SER C 1094 -63.97 26.55 -54.77
CA SER C 1094 -64.22 25.83 -53.54
C SER C 1094 -63.18 26.12 -52.46
N GLU C 1095 -62.08 26.80 -52.80
CA GLU C 1095 -61.08 27.18 -51.82
C GLU C 1095 -60.83 28.68 -51.75
N SER C 1096 -61.54 29.48 -52.54
CA SER C 1096 -61.40 30.93 -52.54
C SER C 1096 -59.95 31.34 -52.79
N LYS C 1097 -59.36 30.77 -53.82
CA LYS C 1097 -57.98 31.02 -54.19
C LYS C 1097 -57.87 31.36 -55.66
N THR C 1098 -56.92 32.23 -55.98
CA THR C 1098 -56.64 32.64 -57.34
C THR C 1098 -55.18 32.35 -57.64
N TYR C 1099 -54.93 31.55 -58.68
CA TYR C 1099 -53.58 31.21 -59.10
C TYR C 1099 -53.23 32.05 -60.31
N VAL C 1100 -52.16 32.84 -60.20
CA VAL C 1100 -51.67 33.66 -61.29
C VAL C 1100 -50.28 33.19 -61.66
N THR C 1101 -50.12 32.69 -62.89
CA THR C 1101 -48.86 32.18 -63.39
C THR C 1101 -48.34 33.11 -64.48
N ASP C 1102 -47.05 33.41 -64.43
CA ASP C 1102 -46.44 34.37 -65.33
C ASP C 1102 -45.86 33.67 -66.56
N ALA C 1103 -45.06 34.39 -67.34
CA ALA C 1103 -44.50 33.83 -68.56
C ALA C 1103 -43.38 32.83 -68.31
N LEU C 1104 -42.91 32.70 -67.08
CA LEU C 1104 -41.86 31.75 -66.73
C LEU C 1104 -42.34 30.72 -65.72
N SER C 1105 -43.65 30.46 -65.71
CA SER C 1105 -44.28 29.42 -64.89
C SER C 1105 -44.15 29.67 -63.39
N ALA C 1106 -43.83 30.90 -62.99
CA ALA C 1106 -43.88 31.26 -61.58
C ALA C 1106 -45.31 31.63 -61.21
N THR C 1107 -45.79 31.10 -60.08
CA THR C 1107 -47.18 31.21 -59.70
C THR C 1107 -47.32 31.94 -58.37
N THR C 1108 -48.23 32.91 -58.33
CA THR C 1108 -48.60 33.61 -57.11
C THR C 1108 -50.06 33.27 -56.78
N VAL C 1109 -50.30 32.90 -55.53
CA VAL C 1109 -51.61 32.42 -55.09
C VAL C 1109 -52.20 33.42 -54.12
N TYR C 1110 -53.33 34.01 -54.49
CA TYR C 1110 -54.03 34.96 -53.64
C TYR C 1110 -55.20 34.25 -52.96
N THR C 1111 -55.36 34.50 -51.66
CA THR C 1111 -56.44 33.91 -50.88
C THR C 1111 -57.39 35.01 -50.44
N PHE C 1112 -58.69 34.78 -50.59
CA PHE C 1112 -59.72 35.78 -50.36
C PHE C 1112 -60.68 35.31 -49.28
N ASP C 1113 -61.30 36.28 -48.61
CA ASP C 1113 -62.34 36.00 -47.64
C ASP C 1113 -63.70 35.93 -48.36
N ALA C 1114 -64.77 35.77 -47.56
CA ALA C 1114 -66.10 35.68 -48.13
C ALA C 1114 -66.53 36.95 -48.83
N HIS C 1115 -65.86 38.08 -48.56
CA HIS C 1115 -66.19 39.36 -49.17
C HIS C 1115 -65.20 39.75 -50.26
N ASN C 1116 -64.46 38.78 -50.80
CA ASN C 1116 -63.60 38.98 -51.96
C ASN C 1116 -62.48 39.99 -51.67
N TYR C 1117 -61.95 39.96 -50.45
CA TYR C 1117 -60.80 40.77 -50.09
C TYR C 1117 -59.62 39.88 -49.73
N ILE C 1118 -58.43 40.32 -50.11
CA ILE C 1118 -57.22 39.52 -49.91
C ILE C 1118 -56.93 39.36 -48.43
N ILE C 1119 -56.78 38.12 -47.99
CA ILE C 1119 -56.35 37.81 -46.63
C ILE C 1119 -55.00 37.12 -46.59
N HIS C 1120 -54.60 36.43 -47.66
CA HIS C 1120 -53.29 35.81 -47.75
C HIS C 1120 -52.77 35.95 -49.18
N ILE C 1121 -51.46 36.05 -49.31
CA ILE C 1121 -50.79 36.02 -50.61
C ILE C 1121 -49.59 35.10 -50.50
N ASP C 1122 -49.58 34.03 -51.31
CA ASP C 1122 -48.45 33.11 -51.37
C ASP C 1122 -47.65 33.42 -52.63
N PHE C 1123 -46.41 33.84 -52.44
CA PHE C 1123 -45.57 34.30 -53.54
C PHE C 1123 -44.77 33.15 -54.14
N ALA C 1124 -44.08 33.46 -55.24
CA ALA C 1124 -43.36 32.45 -56.02
C ALA C 1124 -42.08 31.97 -55.36
N ASP C 1125 -41.61 32.64 -54.31
CA ASP C 1125 -40.42 32.19 -53.58
C ASP C 1125 -40.76 31.30 -52.40
N GLY C 1126 -42.04 31.01 -52.17
CA GLY C 1126 -42.45 30.19 -51.05
C GLY C 1126 -42.79 30.95 -49.80
N THR C 1127 -42.99 32.26 -49.89
CA THR C 1127 -43.31 33.09 -48.74
C THR C 1127 -44.79 33.47 -48.77
N ARG C 1128 -45.38 33.59 -47.58
CA ARG C 1128 -46.77 33.97 -47.42
C ARG C 1128 -46.86 35.26 -46.62
N GLN C 1129 -47.61 36.22 -47.15
CA GLN C 1129 -48.00 37.41 -46.40
C GLN C 1129 -49.48 37.33 -46.11
N SER C 1130 -49.86 37.77 -44.91
CA SER C 1130 -51.25 37.72 -44.45
C SER C 1130 -51.72 39.12 -44.10
N ARG C 1131 -52.98 39.40 -44.38
CA ARG C 1131 -53.59 40.70 -44.14
C ARG C 1131 -54.84 40.50 -43.30
N ILE C 1132 -54.84 41.05 -42.10
CA ILE C 1132 -55.99 40.97 -41.20
C ILE C 1132 -56.87 42.18 -41.46
N ARG C 1133 -58.18 41.97 -41.48
CA ARG C 1133 -59.09 42.99 -41.97
C ARG C 1133 -60.17 43.32 -40.95
N ASP C 1134 -60.51 44.61 -40.90
CA ASP C 1134 -61.62 45.11 -40.10
C ASP C 1134 -62.94 44.51 -40.61
N GLU C 1135 -63.96 44.56 -39.76
CA GLU C 1135 -65.30 44.19 -40.20
C GLU C 1135 -65.80 45.09 -41.32
N PHE C 1136 -65.20 46.27 -41.47
CA PHE C 1136 -65.49 47.20 -42.55
C PHE C 1136 -64.49 47.06 -43.70
N HIS C 1137 -63.79 45.93 -43.76
CA HIS C 1137 -62.84 45.53 -44.79
C HIS C 1137 -61.56 46.34 -44.77
N ASN C 1138 -61.39 47.25 -43.81
CA ASN C 1138 -60.13 47.94 -43.66
C ASN C 1138 -59.04 46.96 -43.23
N ILE C 1139 -57.80 47.24 -43.63
CA ILE C 1139 -56.66 46.41 -43.28
C ILE C 1139 -56.15 46.87 -41.92
N VAL C 1140 -56.31 46.02 -40.90
CA VAL C 1140 -55.88 46.37 -39.56
C VAL C 1140 -54.49 45.82 -39.21
N GLU C 1141 -54.00 44.81 -39.91
CA GLU C 1141 -52.69 44.25 -39.61
C GLU C 1141 -52.17 43.49 -40.82
N VAL C 1142 -50.89 43.68 -41.12
CA VAL C 1142 -50.20 42.94 -42.19
C VAL C 1142 -49.05 42.17 -41.54
N ARG C 1143 -49.03 40.87 -41.74
CA ARG C 1143 -48.02 39.99 -41.16
C ARG C 1143 -47.07 39.52 -42.26
N TYR C 1144 -45.77 39.57 -41.95
CA TYR C 1144 -44.73 39.26 -42.91
C TYR C 1144 -44.08 37.91 -42.57
N PRO C 1145 -43.39 37.29 -43.53
CA PRO C 1145 -42.83 35.95 -43.28
C PRO C 1145 -41.76 35.90 -42.19
N ASP C 1146 -41.23 37.05 -41.76
CA ASP C 1146 -40.28 37.11 -40.65
C ASP C 1146 -40.97 37.44 -39.33
N ASP C 1147 -42.27 37.18 -39.21
CA ASP C 1147 -43.07 37.52 -38.03
C ASP C 1147 -43.05 39.00 -37.72
N SER C 1148 -42.75 39.85 -38.70
CA SER C 1148 -42.88 41.28 -38.52
C SER C 1148 -44.32 41.73 -38.72
N PHE C 1149 -44.76 42.65 -37.88
CA PHE C 1149 -46.16 43.10 -37.88
C PHE C 1149 -46.21 44.59 -38.16
N GLU C 1150 -47.27 45.01 -38.85
CA GLU C 1150 -47.63 46.42 -38.96
C GLU C 1150 -49.13 46.57 -38.74
N LYS C 1151 -49.49 47.28 -37.68
CA LYS C 1151 -50.88 47.38 -37.23
C LYS C 1151 -51.46 48.74 -37.56
N TYR C 1152 -52.77 48.77 -37.79
CA TYR C 1152 -53.50 49.99 -38.15
C TYR C 1152 -54.77 50.09 -37.32
N GLU C 1153 -55.15 51.31 -37.00
CA GLU C 1153 -56.37 51.58 -36.23
C GLU C 1153 -57.20 52.64 -36.94
N TYR C 1154 -58.52 52.47 -36.91
CA TYR C 1154 -59.43 53.31 -37.66
C TYR C 1154 -60.48 53.91 -36.72
N ASP C 1155 -61.00 55.07 -37.11
CA ASP C 1155 -62.14 55.69 -36.44
C ASP C 1155 -63.44 55.19 -37.09
N GLU C 1156 -64.56 55.85 -36.79
CA GLU C 1156 -65.82 55.51 -37.42
C GLU C 1156 -65.97 56.14 -38.80
N PHE C 1157 -64.93 56.79 -39.31
CA PHE C 1157 -64.89 57.27 -40.69
C PHE C 1157 -63.77 56.62 -41.50
N ASP C 1158 -63.27 55.46 -41.04
CA ASP C 1158 -62.29 54.67 -41.76
C ASP C 1158 -60.98 55.43 -42.00
N ASN C 1159 -60.68 56.41 -41.15
CA ASN C 1159 -59.41 57.11 -41.20
C ASN C 1159 -58.39 56.43 -40.31
N ILE C 1160 -57.17 56.26 -40.81
CA ILE C 1160 -56.13 55.56 -40.07
C ILE C 1160 -55.69 56.47 -38.93
N LEU C 1161 -56.01 56.07 -37.69
CA LEU C 1161 -55.66 56.90 -36.55
C LEU C 1161 -54.24 56.62 -36.07
N LYS C 1162 -53.82 55.37 -36.06
CA LYS C 1162 -52.56 54.97 -35.44
C LYS C 1162 -51.89 53.90 -36.29
N LEU C 1163 -50.63 54.13 -36.65
CA LEU C 1163 -49.82 53.16 -37.37
C LEU C 1163 -48.80 52.58 -36.41
N THR C 1164 -48.94 51.30 -36.09
CA THR C 1164 -48.02 50.60 -35.20
C THR C 1164 -47.06 49.79 -36.06
N ARG C 1165 -45.85 50.31 -36.25
CA ARG C 1165 -44.86 49.65 -37.10
C ARG C 1165 -44.22 48.48 -36.36
N ALA C 1166 -43.31 47.78 -37.03
CA ALA C 1166 -42.41 46.90 -36.32
C ALA C 1166 -41.46 47.76 -35.48
N ASP C 1167 -40.83 47.13 -34.48
CA ASP C 1167 -40.13 47.78 -33.38
C ASP C 1167 -41.12 48.51 -32.47
N HIS C 1168 -42.41 48.38 -32.73
CA HIS C 1168 -43.52 48.87 -31.90
C HIS C 1168 -43.61 50.39 -31.87
N THR C 1169 -42.85 51.09 -32.70
CA THR C 1169 -42.99 52.53 -32.80
C THR C 1169 -44.29 52.89 -33.51
N THR C 1170 -44.87 54.03 -33.12
CA THR C 1170 -46.20 54.42 -33.54
C THR C 1170 -46.18 55.79 -34.20
N VAL C 1171 -46.97 55.94 -35.26
CA VAL C 1171 -47.25 57.22 -35.88
C VAL C 1171 -48.76 57.43 -35.83
N GLY C 1172 -49.18 58.60 -35.39
CA GLY C 1172 -50.59 58.88 -35.17
C GLY C 1172 -51.06 60.09 -35.96
N TRP C 1173 -52.33 60.05 -36.34
CA TRP C 1173 -52.98 61.14 -37.05
C TRP C 1173 -54.33 61.43 -36.42
N GLU C 1174 -54.78 62.66 -36.55
CA GLU C 1174 -56.10 63.07 -36.06
C GLU C 1174 -56.84 63.80 -37.17
N TYR C 1175 -58.17 63.71 -37.14
CA TYR C 1175 -59.00 64.18 -38.24
C TYR C 1175 -60.20 64.93 -37.68
N ASP C 1176 -60.74 65.82 -38.52
CA ASP C 1176 -61.98 66.50 -38.20
C ASP C 1176 -63.16 65.72 -38.77
N GLN C 1177 -64.37 66.27 -38.68
CA GLN C 1177 -65.53 65.58 -39.24
C GLN C 1177 -65.47 65.49 -40.76
N TYR C 1178 -64.70 66.35 -41.42
CA TYR C 1178 -64.54 66.31 -42.87
C TYR C 1178 -63.35 65.46 -43.31
N SER C 1179 -62.77 64.67 -42.40
CA SER C 1179 -61.72 63.70 -42.72
C SER C 1179 -60.44 64.35 -43.25
N GLN C 1180 -60.11 65.54 -42.76
CA GLN C 1180 -58.86 66.21 -43.13
C GLN C 1180 -57.89 66.12 -41.96
N ILE C 1181 -56.61 65.91 -42.28
CA ILE C 1181 -55.61 65.68 -41.25
C ILE C 1181 -55.39 66.96 -40.46
N THR C 1182 -55.69 66.93 -39.17
CA THR C 1182 -55.49 68.05 -38.26
C THR C 1182 -54.19 67.98 -37.49
N LYS C 1183 -53.78 66.79 -37.07
CA LYS C 1183 -52.58 66.62 -36.26
C LYS C 1183 -51.79 65.42 -36.72
N ILE C 1184 -50.46 65.55 -36.73
CA ILE C 1184 -49.54 64.47 -37.05
C ILE C 1184 -48.50 64.39 -35.94
N VAL C 1185 -48.26 63.19 -35.43
CA VAL C 1185 -47.25 62.95 -34.41
C VAL C 1185 -46.24 61.95 -34.95
N ASP C 1186 -44.97 62.29 -34.85
CA ASP C 1186 -43.88 61.50 -35.42
C ASP C 1186 -43.47 60.39 -34.45
N PRO C 1187 -42.59 59.48 -34.87
CA PRO C 1187 -42.12 58.44 -33.94
C PRO C 1187 -41.46 58.97 -32.68
N GLY C 1188 -40.94 60.20 -32.70
CA GLY C 1188 -40.35 60.81 -31.53
C GLY C 1188 -41.31 61.55 -30.63
N GLY C 1189 -42.61 61.54 -30.94
CA GLY C 1189 -43.59 62.26 -30.17
C GLY C 1189 -43.75 63.72 -30.53
N ASN C 1190 -43.03 64.21 -31.53
CA ASN C 1190 -43.17 65.60 -31.95
C ASN C 1190 -44.47 65.78 -32.72
N ILE C 1191 -45.16 66.89 -32.46
CA ILE C 1191 -46.51 67.13 -32.96
C ILE C 1191 -46.47 68.13 -34.11
N TRP C 1192 -47.16 67.81 -35.19
CA TRP C 1192 -47.41 68.72 -36.30
C TRP C 1192 -48.91 68.95 -36.39
N THR C 1193 -49.32 70.21 -36.64
CA THR C 1193 -50.73 70.56 -36.65
C THR C 1193 -51.09 71.27 -37.95
N ARG C 1194 -52.37 71.19 -38.32
CA ARG C 1194 -52.89 71.79 -39.55
C ARG C 1194 -54.29 72.34 -39.29
N ASP C 1195 -54.60 73.47 -39.94
CA ASP C 1195 -55.89 74.15 -39.82
C ASP C 1195 -56.52 74.33 -41.20
N TYR C 1196 -57.85 74.37 -41.23
CA TYR C 1196 -58.60 74.47 -42.49
C TYR C 1196 -59.71 75.52 -42.38
N ASP C 1197 -60.13 76.02 -43.55
CA ASP C 1197 -61.21 76.99 -43.66
C ASP C 1197 -62.53 76.28 -43.95
N GLN C 1198 -63.58 77.07 -44.26
CA GLN C 1198 -64.89 76.49 -44.55
C GLN C 1198 -64.97 75.81 -45.91
N PHE C 1199 -63.94 75.94 -46.76
CA PHE C 1199 -63.95 75.36 -48.10
C PHE C 1199 -63.00 74.18 -48.25
N GLY C 1200 -62.27 73.82 -47.20
CA GLY C 1200 -61.39 72.67 -47.25
C GLY C 1200 -59.94 73.00 -47.53
N ASN C 1201 -59.60 74.28 -47.64
CA ASN C 1201 -58.22 74.66 -47.91
C ASN C 1201 -57.43 74.68 -46.62
N MET C 1202 -56.17 74.26 -46.71
CA MET C 1202 -55.29 74.22 -45.54
C MET C 1202 -54.71 75.61 -45.30
N ILE C 1203 -55.16 76.25 -44.22
CA ILE C 1203 -54.77 77.64 -43.94
C ILE C 1203 -53.42 77.69 -43.23
N ARG C 1204 -53.19 76.78 -42.28
CA ARG C 1204 -52.00 76.80 -41.47
C ARG C 1204 -51.34 75.43 -41.43
N GLU C 1205 -50.01 75.44 -41.28
CA GLU C 1205 -49.23 74.24 -41.02
C GLU C 1205 -48.13 74.63 -40.04
N THR C 1206 -48.01 73.89 -38.95
CA THR C 1206 -47.11 74.23 -37.86
C THR C 1206 -46.15 73.08 -37.57
N ASP C 1207 -44.89 73.40 -37.40
CA ASP C 1207 -43.84 72.41 -37.12
C ASP C 1207 -43.65 72.29 -35.61
N PRO C 1208 -42.95 71.25 -35.13
CA PRO C 1208 -42.77 71.09 -33.68
C PRO C 1208 -41.96 72.19 -33.02
N LYS C 1209 -41.27 73.03 -33.78
CA LYS C 1209 -40.56 74.18 -33.19
C LYS C 1209 -41.47 75.37 -32.97
N GLY C 1210 -42.73 75.30 -33.38
CA GLY C 1210 -43.68 76.37 -33.19
C GLY C 1210 -43.91 77.26 -34.39
N HIS C 1211 -43.04 77.18 -35.40
CA HIS C 1211 -43.20 78.02 -36.59
C HIS C 1211 -44.42 77.59 -37.40
N THR C 1212 -45.02 78.55 -38.10
CA THR C 1212 -46.26 78.34 -38.82
C THR C 1212 -46.16 78.95 -40.21
N SER C 1213 -46.65 78.21 -41.21
CA SER C 1213 -46.72 78.69 -42.58
C SER C 1213 -48.17 79.02 -42.92
N GLU C 1214 -48.39 80.18 -43.52
CA GLU C 1214 -49.72 80.68 -43.84
C GLU C 1214 -50.02 80.49 -45.32
N PHE C 1215 -51.21 80.00 -45.63
CA PHE C 1215 -51.64 79.78 -47.00
C PHE C 1215 -52.96 80.48 -47.23
N GLN C 1216 -53.08 81.18 -48.36
CA GLN C 1216 -54.27 81.93 -48.71
C GLN C 1216 -54.71 81.58 -50.12
N TYR C 1217 -56.01 81.37 -50.30
CA TYR C 1217 -56.58 80.81 -51.50
C TYR C 1217 -57.66 81.72 -52.05
N THR C 1218 -58.07 81.44 -53.28
CA THR C 1218 -59.13 82.18 -53.95
C THR C 1218 -60.45 81.41 -53.79
N ALA C 1219 -61.53 82.01 -54.29
CA ALA C 1219 -62.84 81.39 -54.15
C ALA C 1219 -62.94 80.05 -54.86
N GLU C 1220 -62.06 79.79 -55.82
CA GLU C 1220 -62.02 78.50 -56.52
C GLU C 1220 -61.00 77.54 -55.91
N GLY C 1221 -60.33 77.93 -54.83
CA GLY C 1221 -59.42 77.03 -54.14
C GLY C 1221 -57.98 77.02 -54.62
N LEU C 1222 -57.62 77.87 -55.58
CA LEU C 1222 -56.23 77.91 -56.04
C LEU C 1222 -55.36 78.64 -55.04
N LEU C 1223 -54.17 78.08 -54.79
CA LEU C 1223 -53.22 78.71 -53.88
C LEU C 1223 -52.67 79.98 -54.52
N ILE C 1224 -52.97 81.13 -53.91
CA ILE C 1224 -52.61 82.43 -54.46
C ILE C 1224 -51.37 83.00 -53.78
N GLN C 1225 -51.22 82.77 -52.47
CA GLN C 1225 -50.16 83.38 -51.70
C GLN C 1225 -49.77 82.45 -50.57
N SER C 1226 -48.47 82.46 -50.23
CA SER C 1226 -47.93 81.60 -49.19
C SER C 1226 -46.86 82.36 -48.42
N VAL C 1227 -46.78 82.13 -47.11
CA VAL C 1227 -45.80 82.75 -46.24
C VAL C 1227 -45.04 81.65 -45.52
N ASN C 1228 -43.72 81.65 -45.65
CA ASN C 1228 -42.86 80.65 -45.03
C ASN C 1228 -42.62 81.00 -43.57
N PRO C 1229 -42.06 80.08 -42.78
CA PRO C 1229 -41.78 80.39 -41.37
C PRO C 1229 -40.94 81.63 -41.16
N ALA C 1230 -40.07 81.99 -42.10
CA ALA C 1230 -39.25 83.19 -41.96
C ALA C 1230 -39.99 84.47 -42.32
N GLY C 1231 -41.30 84.38 -42.60
CA GLY C 1231 -42.07 85.55 -42.96
C GLY C 1231 -42.00 85.91 -44.43
N GLY C 1232 -41.22 85.19 -45.23
CA GLY C 1232 -41.13 85.49 -46.65
C GLY C 1232 -42.42 85.11 -47.36
N VAL C 1233 -42.91 86.02 -48.20
CA VAL C 1233 -44.21 85.86 -48.85
C VAL C 1233 -43.99 85.47 -50.32
N SER C 1234 -44.64 84.40 -50.74
CA SER C 1234 -44.59 83.94 -52.13
C SER C 1234 -45.96 84.10 -52.76
N THR C 1235 -45.99 84.53 -54.02
CA THR C 1235 -47.23 84.86 -54.70
C THR C 1235 -47.34 84.10 -56.00
N LEU C 1236 -48.59 83.84 -56.40
CA LEU C 1236 -48.89 83.13 -57.63
C LEU C 1236 -50.08 83.80 -58.30
N SER C 1237 -50.25 83.50 -59.59
CA SER C 1237 -51.38 84.03 -60.36
C SER C 1237 -51.70 83.06 -61.48
N TYR C 1238 -52.99 82.96 -61.79
CA TYR C 1238 -53.47 81.96 -62.75
C TYR C 1238 -54.37 82.63 -63.78
N ASN C 1239 -54.47 81.97 -64.94
CA ASN C 1239 -55.44 82.33 -65.95
C ASN C 1239 -56.82 81.80 -65.52
N PRO C 1240 -57.89 82.20 -66.21
CA PRO C 1240 -59.21 81.64 -65.88
C PRO C 1240 -59.27 80.12 -65.96
N ALA C 1241 -58.30 79.48 -66.62
CA ALA C 1241 -58.22 78.02 -66.69
C ALA C 1241 -57.39 77.41 -65.57
N GLY C 1242 -57.09 78.18 -64.52
CA GLY C 1242 -56.35 77.64 -63.40
C GLY C 1242 -54.92 77.26 -63.71
N LEU C 1243 -54.36 77.74 -64.81
CA LEU C 1243 -52.98 77.44 -65.19
C LEU C 1243 -52.07 78.55 -64.68
N LEU C 1244 -50.95 78.16 -64.09
CA LEU C 1244 -50.05 79.10 -63.44
C LEU C 1244 -49.47 80.11 -64.42
N ILE C 1245 -49.86 81.37 -64.27
CA ILE C 1245 -49.38 82.43 -65.16
C ILE C 1245 -48.11 83.06 -64.61
N ARG C 1246 -47.99 83.19 -63.29
CA ARG C 1246 -46.89 83.90 -62.67
C ARG C 1246 -46.57 83.28 -61.32
N TYR C 1247 -45.29 83.32 -60.96
CA TYR C 1247 -44.85 82.95 -59.62
C TYR C 1247 -43.74 83.90 -59.20
N SER C 1248 -43.85 84.44 -57.98
CA SER C 1248 -42.83 85.31 -57.40
C SER C 1248 -42.36 84.70 -56.10
N ASP C 1249 -41.05 84.58 -55.93
CA ASP C 1249 -40.47 83.91 -54.78
C ASP C 1249 -40.46 84.85 -53.59
N CYS C 1250 -39.74 84.46 -52.53
CA CYS C 1250 -39.62 85.30 -51.34
C CYS C 1250 -38.90 86.61 -51.62
N SER C 1251 -38.24 86.73 -52.77
CA SER C 1251 -37.61 87.98 -53.18
C SER C 1251 -38.37 88.66 -54.31
N ASN C 1252 -39.59 88.18 -54.60
CA ASN C 1252 -40.44 88.73 -55.66
C ASN C 1252 -39.79 88.66 -57.04
N LYS C 1253 -38.92 87.68 -57.24
CA LYS C 1253 -38.37 87.39 -58.56
C LYS C 1253 -39.41 86.62 -59.35
N THR C 1254 -39.81 87.15 -60.51
CA THR C 1254 -41.04 86.72 -61.17
C THR C 1254 -40.73 85.79 -62.34
N ARG C 1255 -41.30 84.59 -62.29
CA ARG C 1255 -41.33 83.66 -63.41
C ARG C 1255 -42.71 83.70 -64.06
N ARG C 1256 -42.74 83.60 -65.39
CA ARG C 1256 -43.99 83.76 -66.12
C ARG C 1256 -44.15 82.68 -67.19
N TRP C 1257 -45.41 82.38 -67.51
CA TRP C 1257 -45.76 81.41 -68.53
C TRP C 1257 -46.86 81.98 -69.42
N GLU C 1258 -46.83 81.59 -70.69
CA GLU C 1258 -47.87 81.94 -71.66
C GLU C 1258 -48.46 80.66 -72.23
N TYR C 1259 -49.73 80.72 -72.64
CA TYR C 1259 -50.48 79.50 -72.93
C TYR C 1259 -51.16 79.58 -74.29
N ASP C 1260 -51.28 78.42 -74.93
CA ASP C 1260 -51.96 78.26 -76.20
C ASP C 1260 -53.47 78.37 -76.02
N LEU C 1261 -54.19 78.34 -77.15
CA LEU C 1261 -55.65 78.33 -77.11
C LEU C 1261 -56.23 77.05 -76.52
N LEU C 1262 -55.42 75.99 -76.40
CA LEU C 1262 -55.84 74.75 -75.78
C LEU C 1262 -55.21 74.55 -74.40
N GLY C 1263 -54.73 75.63 -73.78
CA GLY C 1263 -54.15 75.53 -72.46
C GLY C 1263 -52.77 74.94 -72.41
N ARG C 1264 -52.05 74.94 -73.53
CA ARG C 1264 -50.71 74.39 -73.60
C ARG C 1264 -49.67 75.50 -73.49
N THR C 1265 -48.61 75.23 -72.72
CA THR C 1265 -47.57 76.21 -72.47
C THR C 1265 -46.77 76.48 -73.74
N VAL C 1266 -46.72 77.75 -74.14
CA VAL C 1266 -45.97 78.14 -75.34
C VAL C 1266 -44.77 79.02 -75.02
N LYS C 1267 -44.71 79.63 -73.84
CA LYS C 1267 -43.57 80.44 -73.45
C LYS C 1267 -43.34 80.30 -71.94
N GLN C 1268 -42.08 80.31 -71.54
CA GLN C 1268 -41.68 80.44 -70.15
C GLN C 1268 -40.57 81.47 -70.05
N THR C 1269 -40.70 82.39 -69.11
CA THR C 1269 -39.76 83.50 -68.95
C THR C 1269 -39.13 83.41 -67.56
N ASP C 1270 -37.80 83.26 -67.53
CA ASP C 1270 -37.08 83.21 -66.27
C ASP C 1270 -37.10 84.57 -65.58
N PRO C 1271 -36.80 84.62 -64.28
CA PRO C 1271 -36.78 85.91 -63.58
C PRO C 1271 -35.82 86.94 -64.17
N CYS C 1272 -34.89 86.54 -65.02
CA CYS C 1272 -34.00 87.49 -65.69
C CYS C 1272 -34.53 87.95 -67.04
N GLY C 1273 -35.74 87.56 -67.41
CA GLY C 1273 -36.36 88.03 -68.64
C GLY C 1273 -36.06 87.21 -69.88
N ASN C 1274 -35.29 86.13 -69.76
CA ASN C 1274 -34.94 85.30 -70.90
C ASN C 1274 -36.08 84.32 -71.17
N ALA C 1275 -36.63 84.37 -72.37
CA ALA C 1275 -37.86 83.64 -72.70
C ALA C 1275 -37.54 82.39 -73.50
N GLU C 1276 -38.06 81.26 -73.04
CA GLU C 1276 -38.01 80.01 -73.78
C GLU C 1276 -39.34 79.78 -74.48
N SER C 1277 -39.29 79.21 -75.68
CA SER C 1277 -40.46 79.06 -76.53
C SER C 1277 -40.68 77.58 -76.85
N TYR C 1278 -41.96 77.23 -77.02
CA TYR C 1278 -42.37 75.84 -77.21
C TYR C 1278 -43.23 75.71 -78.46
N GLU C 1279 -43.02 74.62 -79.19
CA GLU C 1279 -43.78 74.30 -80.38
C GLU C 1279 -44.29 72.87 -80.27
N TYR C 1280 -45.46 72.61 -80.86
CA TYR C 1280 -46.16 71.35 -80.66
C TYR C 1280 -46.31 70.61 -81.99
N ASN C 1281 -46.28 69.29 -81.91
CA ASN C 1281 -46.37 68.44 -83.08
C ASN C 1281 -47.84 68.14 -83.40
N ARG C 1282 -48.08 67.13 -84.23
CA ARG C 1282 -49.44 66.79 -84.63
C ARG C 1282 -50.24 66.14 -83.52
N TYR C 1283 -49.58 65.58 -82.51
CA TYR C 1283 -50.26 64.83 -81.44
C TYR C 1283 -50.21 65.55 -80.10
N GLY C 1284 -49.96 66.86 -80.10
CA GLY C 1284 -49.99 67.64 -78.88
C GLY C 1284 -48.73 67.59 -78.02
N PHE C 1285 -47.71 66.85 -78.43
CA PHE C 1285 -46.45 66.87 -77.71
C PHE C 1285 -45.52 67.90 -78.32
N ILE C 1286 -44.50 68.28 -77.56
CA ILE C 1286 -43.60 69.36 -77.99
C ILE C 1286 -42.84 68.94 -79.23
N ASN C 1287 -42.78 69.82 -80.21
CA ASN C 1287 -42.06 69.60 -81.46
C ASN C 1287 -40.67 70.22 -81.45
N GLU C 1288 -40.56 71.48 -81.06
CA GLU C 1288 -39.25 72.12 -80.93
C GLU C 1288 -39.27 73.09 -79.77
N VAL C 1289 -38.09 73.33 -79.20
CA VAL C 1289 -37.91 74.27 -78.11
C VAL C 1289 -36.88 75.30 -78.56
N ARG C 1290 -37.32 76.55 -78.68
CA ARG C 1290 -36.48 77.63 -79.18
C ARG C 1290 -36.05 78.48 -77.99
N ARG C 1291 -34.74 78.57 -77.76
CA ARG C 1291 -34.20 79.16 -76.55
C ARG C 1291 -33.66 80.57 -76.81
N PRO C 1292 -33.44 81.37 -75.75
CA PRO C 1292 -33.03 82.77 -75.95
C PRO C 1292 -31.78 82.95 -76.80
N ASP C 1293 -30.81 82.04 -76.74
CA ASP C 1293 -29.59 82.19 -77.52
C ASP C 1293 -29.77 81.79 -78.98
N GLY C 1294 -30.99 81.50 -79.41
CA GLY C 1294 -31.26 81.09 -80.76
C GLY C 1294 -31.13 79.60 -81.02
N SER C 1295 -30.62 78.84 -80.06
CA SER C 1295 -30.50 77.40 -80.23
C SER C 1295 -31.89 76.75 -80.19
N VAL C 1296 -32.02 75.63 -80.89
CA VAL C 1296 -33.30 74.95 -81.05
C VAL C 1296 -33.11 73.45 -80.86
N LEU C 1297 -33.91 72.85 -79.97
CA LEU C 1297 -34.03 71.40 -79.90
C LEU C 1297 -35.23 70.96 -80.73
N THR C 1298 -35.08 69.84 -81.42
CA THR C 1298 -36.17 69.24 -82.20
C THR C 1298 -36.46 67.85 -81.68
N LEU C 1299 -37.73 67.52 -81.50
CA LEU C 1299 -38.16 66.27 -80.92
C LEU C 1299 -39.21 65.60 -81.79
N ASP C 1300 -39.38 64.30 -81.59
CA ASP C 1300 -40.36 63.51 -82.29
C ASP C 1300 -40.95 62.51 -81.30
N PHE C 1301 -42.27 62.31 -81.37
CA PHE C 1301 -42.97 61.53 -80.35
C PHE C 1301 -43.97 60.59 -81.01
N ASP C 1302 -44.13 59.41 -80.42
CA ASP C 1302 -45.21 58.51 -80.78
C ASP C 1302 -46.56 59.14 -80.50
N GLU C 1303 -47.60 58.50 -81.02
CA GLU C 1303 -48.97 58.85 -80.66
C GLU C 1303 -49.22 58.64 -79.17
N GLU C 1304 -48.42 57.81 -78.51
CA GLU C 1304 -48.54 57.53 -77.09
C GLU C 1304 -47.46 58.23 -76.26
N GLY C 1305 -46.75 59.18 -76.84
CA GLY C 1305 -45.81 60.01 -76.11
C GLY C 1305 -44.41 59.46 -75.95
N ARG C 1306 -44.11 58.33 -76.57
CA ARG C 1306 -42.75 57.77 -76.51
C ARG C 1306 -41.83 58.57 -77.43
N LEU C 1307 -40.73 59.09 -76.87
CA LEU C 1307 -39.79 59.87 -77.65
C LEU C 1307 -39.09 59.00 -78.69
N LEU C 1308 -39.21 59.39 -79.96
CA LEU C 1308 -38.63 58.65 -81.06
C LEU C 1308 -37.27 59.18 -81.50
N SER C 1309 -37.07 60.49 -81.45
CA SER C 1309 -35.81 61.07 -81.92
C SER C 1309 -35.58 62.41 -81.22
N PHE C 1310 -34.32 62.81 -81.19
CA PHE C 1310 -33.89 64.06 -80.57
C PHE C 1310 -32.76 64.64 -81.39
N ILE C 1311 -32.84 65.93 -81.68
CA ILE C 1311 -31.89 66.62 -82.54
C ILE C 1311 -31.26 67.76 -81.76
N ASP C 1312 -29.92 67.82 -81.77
CA ASP C 1312 -29.19 68.90 -81.14
C ASP C 1312 -29.42 70.20 -81.90
N PRO C 1313 -29.07 71.34 -81.30
CA PRO C 1313 -29.04 72.58 -82.09
C PRO C 1313 -28.00 72.58 -83.19
N ILE C 1314 -27.15 71.55 -83.25
CA ILE C 1314 -26.16 71.39 -84.30
C ILE C 1314 -26.46 70.16 -85.16
N ASP C 1315 -27.72 69.74 -85.17
CA ASP C 1315 -28.27 68.72 -86.07
C ASP C 1315 -27.81 67.31 -85.74
N ASN C 1316 -27.20 67.09 -84.58
CA ASN C 1316 -26.87 65.73 -84.16
C ASN C 1316 -28.16 64.99 -83.81
N LEU C 1317 -28.34 63.81 -84.39
CA LEU C 1317 -29.58 63.05 -84.29
C LEU C 1317 -29.39 61.82 -83.42
N THR C 1318 -30.27 61.65 -82.44
CA THR C 1318 -30.36 60.44 -81.63
C THR C 1318 -31.72 59.81 -81.86
N VAL C 1319 -31.74 58.51 -82.14
CA VAL C 1319 -32.96 57.79 -82.50
C VAL C 1319 -33.22 56.71 -81.46
N TYR C 1320 -34.50 56.48 -81.17
CA TYR C 1320 -34.93 55.48 -80.20
C TYR C 1320 -35.94 54.54 -80.86
N ALA C 1321 -35.82 53.25 -80.56
CA ALA C 1321 -36.67 52.23 -81.16
C ALA C 1321 -37.41 51.45 -80.07
N TYR C 1322 -38.65 51.08 -80.37
CA TYR C 1322 -39.54 50.42 -79.42
C TYR C 1322 -40.12 49.15 -80.04
N ASP C 1323 -40.23 48.10 -79.24
CA ASP C 1323 -40.67 46.80 -79.72
C ASP C 1323 -42.19 46.75 -79.82
N GLY C 1324 -42.73 45.58 -80.15
CA GLY C 1324 -44.16 45.39 -80.31
C GLY C 1324 -44.96 45.48 -79.02
N ALA C 1325 -44.30 45.65 -77.88
CA ALA C 1325 -44.98 45.83 -76.60
C ALA C 1325 -44.79 47.21 -76.02
N GLY C 1326 -44.05 48.09 -76.69
CA GLY C 1326 -43.79 49.43 -76.21
C GLY C 1326 -42.52 49.62 -75.41
N ARG C 1327 -41.64 48.62 -75.36
CA ARG C 1327 -40.40 48.72 -74.61
C ARG C 1327 -39.25 49.19 -75.50
N LEU C 1328 -38.44 50.09 -74.96
CA LEU C 1328 -37.30 50.63 -75.68
C LEU C 1328 -36.33 49.51 -76.07
N ALA C 1329 -36.06 49.40 -77.38
CA ALA C 1329 -35.25 48.30 -77.89
C ALA C 1329 -33.88 48.72 -78.41
N ARG C 1330 -33.68 49.98 -78.80
CA ARG C 1330 -32.41 50.39 -79.35
C ARG C 1330 -32.22 51.89 -79.18
N LYS C 1331 -31.01 52.28 -78.80
CA LYS C 1331 -30.58 53.67 -78.78
C LYS C 1331 -29.45 53.85 -79.79
N THR C 1332 -29.62 54.80 -80.71
CA THR C 1332 -28.67 55.06 -81.78
C THR C 1332 -28.03 56.44 -81.57
N ASP C 1333 -26.71 56.48 -81.61
CA ASP C 1333 -25.98 57.71 -81.32
C ASP C 1333 -25.90 58.59 -82.56
N PRO C 1334 -25.54 59.87 -82.40
CA PRO C 1334 -25.31 60.72 -83.57
C PRO C 1334 -24.17 60.23 -84.45
N LEU C 1335 -23.23 59.46 -83.91
CA LEU C 1335 -22.22 58.78 -84.70
C LEU C 1335 -22.70 57.44 -85.25
N LYS C 1336 -24.01 57.19 -85.18
CA LYS C 1336 -24.65 56.00 -85.74
C LYS C 1336 -24.18 54.70 -85.10
N GLN C 1337 -23.69 54.77 -83.86
CA GLN C 1337 -23.45 53.56 -83.09
C GLN C 1337 -24.74 53.14 -82.39
N ASP C 1338 -24.95 51.83 -82.33
CA ASP C 1338 -26.18 51.28 -81.77
C ASP C 1338 -25.96 50.75 -80.35
N PHE C 1339 -26.93 51.04 -79.48
CA PHE C 1339 -26.98 50.50 -78.13
C PHE C 1339 -28.29 49.74 -77.99
N HIS C 1340 -28.22 48.46 -77.68
CA HIS C 1340 -29.37 47.57 -77.73
C HIS C 1340 -29.86 47.21 -76.33
N TYR C 1341 -31.18 47.07 -76.22
CA TYR C 1341 -31.85 46.62 -75.00
C TYR C 1341 -32.64 45.37 -75.33
N ASN C 1342 -32.55 44.36 -74.47
CA ASN C 1342 -33.22 43.09 -74.69
C ASN C 1342 -33.98 42.69 -73.44
N TYR C 1343 -35.10 41.98 -73.63
CA TYR C 1343 -36.00 41.64 -72.56
C TYR C 1343 -36.33 40.15 -72.59
N ASP C 1344 -36.63 39.61 -71.42
CA ASP C 1344 -37.01 38.20 -71.30
C ASP C 1344 -38.51 38.05 -71.60
N LYS C 1345 -39.06 36.87 -71.33
CA LYS C 1345 -40.46 36.61 -71.62
C LYS C 1345 -41.39 37.40 -70.71
N LYS C 1346 -40.90 37.84 -69.56
CA LYS C 1346 -41.71 38.58 -68.58
C LYS C 1346 -41.66 40.09 -68.80
N GLY C 1347 -40.84 40.57 -69.73
CA GLY C 1347 -40.68 41.98 -69.96
C GLY C 1347 -39.62 42.66 -69.12
N ARG C 1348 -38.86 41.89 -68.34
CA ARG C 1348 -37.76 42.42 -67.56
C ARG C 1348 -36.51 42.59 -68.44
N LEU C 1349 -35.73 43.61 -68.12
CA LEU C 1349 -34.51 43.90 -68.89
C LEU C 1349 -33.56 42.72 -68.79
N ALA C 1350 -33.39 41.99 -69.89
CA ALA C 1350 -32.60 40.75 -69.87
C ALA C 1350 -31.15 40.95 -70.28
N SER C 1351 -30.86 41.89 -71.18
CA SER C 1351 -29.49 42.06 -71.65
C SER C 1351 -29.32 43.44 -72.28
N LEU C 1352 -28.09 43.93 -72.19
CA LEU C 1352 -27.66 45.13 -72.90
C LEU C 1352 -26.56 44.77 -73.89
N GLN C 1353 -26.31 45.69 -74.82
CA GLN C 1353 -25.22 45.53 -75.78
C GLN C 1353 -24.69 46.91 -76.11
N ASP C 1354 -23.47 47.21 -75.65
CA ASP C 1354 -22.92 48.54 -75.82
C ASP C 1354 -22.39 48.72 -77.25
N GLU C 1355 -21.88 49.92 -77.52
CA GLU C 1355 -21.39 50.24 -78.85
C GLU C 1355 -20.14 49.46 -79.24
N ASN C 1356 -19.46 48.86 -78.27
CA ASN C 1356 -18.29 48.03 -78.56
C ASN C 1356 -18.65 46.59 -78.90
N GLY C 1357 -19.90 46.17 -78.66
CA GLY C 1357 -20.30 44.80 -78.86
C GLY C 1357 -20.33 43.94 -77.61
N ALA C 1358 -19.98 44.51 -76.46
CA ALA C 1358 -20.00 43.77 -75.21
C ALA C 1358 -21.42 43.67 -74.67
N GLN C 1359 -21.65 42.68 -73.82
CA GLN C 1359 -22.96 42.38 -73.28
C GLN C 1359 -22.99 42.57 -71.77
N PHE C 1360 -24.11 43.12 -71.29
CA PHE C 1360 -24.43 43.15 -69.86
C PHE C 1360 -25.64 42.26 -69.64
N THR C 1361 -25.52 41.30 -68.74
CA THR C 1361 -26.55 40.30 -68.51
C THR C 1361 -27.23 40.53 -67.16
N PHE C 1362 -28.55 40.37 -67.13
CA PHE C 1362 -29.32 40.43 -65.90
C PHE C 1362 -29.94 39.06 -65.62
N GLN C 1363 -30.12 38.75 -64.34
CA GLN C 1363 -30.72 37.50 -63.91
C GLN C 1363 -31.54 37.77 -62.66
N PHE C 1364 -32.80 37.32 -62.66
CA PHE C 1364 -33.74 37.60 -61.59
C PHE C 1364 -34.29 36.30 -61.01
N ASP C 1365 -34.69 36.36 -59.74
CA ASP C 1365 -35.37 35.27 -59.08
C ASP C 1365 -36.86 35.29 -59.43
N PRO C 1366 -37.62 34.27 -59.03
CA PRO C 1366 -39.06 34.26 -59.37
C PRO C 1366 -39.87 35.43 -58.83
N VAL C 1367 -39.29 36.31 -58.01
CA VAL C 1367 -40.02 37.47 -57.53
C VAL C 1367 -39.31 38.74 -57.97
N ASP C 1368 -38.62 38.65 -59.12
CA ASP C 1368 -38.03 39.79 -59.82
C ASP C 1368 -36.93 40.49 -59.04
N ARG C 1369 -36.35 39.84 -58.02
CA ARG C 1369 -35.17 40.39 -57.36
C ARG C 1369 -33.93 40.04 -58.19
N LEU C 1370 -33.11 41.04 -58.46
CA LEU C 1370 -31.92 40.86 -59.28
C LEU C 1370 -30.95 39.94 -58.55
N ILE C 1371 -30.88 38.69 -59.00
CA ILE C 1371 -30.07 37.69 -58.31
C ILE C 1371 -28.63 37.65 -58.82
N ARG C 1372 -28.40 37.95 -60.10
CA ARG C 1372 -27.06 37.86 -60.65
C ARG C 1372 -26.95 38.76 -61.88
N THR C 1373 -25.76 39.32 -62.08
CA THR C 1373 -25.45 40.09 -63.29
C THR C 1373 -24.07 39.72 -63.78
N VAL C 1374 -23.89 39.83 -65.10
CA VAL C 1374 -22.59 39.69 -65.74
C VAL C 1374 -22.35 40.94 -66.57
N GLY C 1375 -21.33 41.71 -66.18
CA GLY C 1375 -21.11 43.01 -66.77
C GLY C 1375 -20.40 42.96 -68.11
N PHE C 1376 -20.25 44.15 -68.71
CA PHE C 1376 -19.48 44.26 -69.94
C PHE C 1376 -18.06 43.76 -69.76
N ASP C 1377 -17.50 43.95 -68.56
CA ASP C 1377 -16.21 43.40 -68.20
C ASP C 1377 -16.23 41.87 -68.18
N GLY C 1378 -17.41 41.25 -68.19
CA GLY C 1378 -17.53 39.84 -67.91
C GLY C 1378 -17.46 39.52 -66.44
N LYS C 1379 -17.39 40.53 -65.58
CA LYS C 1379 -17.34 40.33 -64.15
C LYS C 1379 -18.69 39.84 -63.64
N VAL C 1380 -18.67 38.76 -62.87
CA VAL C 1380 -19.89 38.21 -62.30
C VAL C 1380 -20.17 38.93 -60.98
N LYS C 1381 -21.43 39.34 -60.80
CA LYS C 1381 -21.86 40.00 -59.57
C LYS C 1381 -23.17 39.36 -59.12
N LYS C 1382 -23.20 38.91 -57.86
CA LYS C 1382 -24.33 38.17 -57.34
C LYS C 1382 -24.91 38.90 -56.13
N TYR C 1383 -26.22 38.71 -55.92
CA TYR C 1383 -26.95 39.34 -54.82
C TYR C 1383 -27.77 38.27 -54.13
N ASN C 1384 -27.35 37.87 -52.95
CA ASN C 1384 -28.02 36.82 -52.19
C ASN C 1384 -28.99 37.48 -51.20
N TYR C 1385 -30.25 37.60 -51.61
CA TYR C 1385 -31.28 38.15 -50.74
C TYR C 1385 -31.77 37.09 -49.77
N ASP C 1386 -32.16 37.53 -48.58
CA ASP C 1386 -32.83 36.63 -47.65
C ASP C 1386 -34.27 36.42 -48.09
N LYS C 1387 -34.76 35.21 -47.85
CA LYS C 1387 -36.10 34.87 -48.34
C LYS C 1387 -37.19 35.42 -47.44
N PRO C 1388 -37.18 35.17 -46.11
CA PRO C 1388 -38.29 35.68 -45.30
C PRO C 1388 -38.32 37.20 -45.19
N THR C 1389 -37.17 37.85 -45.00
CA THR C 1389 -37.13 39.29 -44.82
C THR C 1389 -37.00 40.05 -46.14
N GLY C 1390 -36.57 39.39 -47.21
CA GLY C 1390 -36.36 40.07 -48.48
C GLY C 1390 -35.16 40.99 -48.51
N LEU C 1391 -34.36 41.02 -47.45
CA LEU C 1391 -33.23 41.93 -47.35
C LEU C 1391 -31.98 41.30 -47.95
N LEU C 1392 -31.12 42.16 -48.49
CA LEU C 1392 -29.86 41.74 -49.09
C LEU C 1392 -28.87 41.42 -47.98
N PHE C 1393 -28.73 40.13 -47.66
CA PHE C 1393 -27.79 39.74 -46.61
C PHE C 1393 -26.34 39.77 -47.10
N SER C 1394 -26.09 39.30 -48.31
CA SER C 1394 -24.72 39.20 -48.80
C SER C 1394 -24.69 39.47 -50.29
N MET C 1395 -23.76 40.34 -50.70
CA MET C 1395 -23.50 40.61 -52.11
C MET C 1395 -22.08 40.15 -52.45
N GLU C 1396 -21.95 39.35 -53.49
CA GLU C 1396 -20.65 38.83 -53.90
C GLU C 1396 -20.24 39.51 -55.20
N ASP C 1397 -19.30 40.45 -55.09
CA ASP C 1397 -18.67 41.06 -56.26
C ASP C 1397 -17.36 40.34 -56.54
N ALA C 1398 -17.33 39.50 -57.57
CA ALA C 1398 -16.12 38.80 -57.98
C ALA C 1398 -15.57 38.03 -56.77
N ASP C 1399 -14.30 38.17 -56.40
CA ASP C 1399 -13.72 37.38 -55.31
C ASP C 1399 -14.11 37.84 -53.92
N ARG C 1400 -14.75 38.99 -53.78
CA ARG C 1400 -14.97 39.62 -52.48
C ARG C 1400 -16.46 39.62 -52.15
N GLU C 1401 -16.79 39.08 -50.98
CA GLU C 1401 -18.15 39.03 -50.45
C GLU C 1401 -18.30 40.08 -49.37
N THR C 1402 -19.41 40.81 -49.41
CA THR C 1402 -19.72 41.83 -48.41
C THR C 1402 -21.02 41.44 -47.73
N HIS C 1403 -20.98 41.27 -46.42
CA HIS C 1403 -22.12 40.81 -45.66
C HIS C 1403 -22.81 41.98 -44.97
N PHE C 1404 -24.13 41.86 -44.80
CA PHE C 1404 -24.96 42.92 -44.27
C PHE C 1404 -25.85 42.38 -43.16
N GLU C 1405 -26.16 43.24 -42.19
CA GLU C 1405 -27.00 42.90 -41.07
C GLU C 1405 -28.01 44.01 -40.86
N TYR C 1406 -29.25 43.63 -40.53
CA TYR C 1406 -30.36 44.57 -40.45
C TYR C 1406 -31.15 44.33 -39.18
N ASP C 1407 -32.11 45.22 -38.93
CA ASP C 1407 -33.11 45.08 -37.88
C ASP C 1407 -34.48 44.83 -38.52
N VAL C 1408 -35.52 44.85 -37.69
CA VAL C 1408 -36.88 44.62 -38.18
C VAL C 1408 -37.40 45.75 -39.04
N MET C 1409 -36.72 46.91 -39.04
CA MET C 1409 -37.07 48.03 -39.89
C MET C 1409 -36.29 48.06 -41.20
N GLY C 1410 -35.45 47.05 -41.46
CA GLY C 1410 -34.70 47.05 -42.69
C GLY C 1410 -33.58 48.05 -42.72
N GLN C 1411 -33.14 48.53 -41.57
CA GLN C 1411 -32.06 49.51 -41.49
C GLN C 1411 -30.73 48.77 -41.38
N LEU C 1412 -29.79 49.12 -42.26
CA LEU C 1412 -28.49 48.46 -42.28
C LEU C 1412 -27.75 48.75 -40.98
N LEU C 1413 -27.43 47.69 -40.24
CA LEU C 1413 -26.74 47.84 -38.96
C LEU C 1413 -25.25 47.57 -39.05
N LYS C 1414 -24.83 46.59 -39.85
CA LYS C 1414 -23.42 46.26 -39.96
C LYS C 1414 -23.07 45.83 -41.37
N ARG C 1415 -21.88 46.25 -41.82
CA ARG C 1415 -21.31 45.89 -43.11
C ARG C 1415 -19.98 45.20 -42.86
N ARG C 1416 -19.89 43.92 -43.23
CA ARG C 1416 -18.76 43.07 -42.89
C ARG C 1416 -18.07 42.57 -44.15
N ALA C 1417 -16.74 42.71 -44.20
CA ALA C 1417 -15.94 42.08 -45.25
C ALA C 1417 -14.50 42.03 -44.79
N GLY C 1418 -13.99 40.81 -44.57
CA GLY C 1418 -12.60 40.63 -44.18
C GLY C 1418 -12.18 41.39 -42.95
N HIS C 1419 -11.16 42.25 -43.11
CA HIS C 1419 -10.59 43.01 -42.00
C HIS C 1419 -11.48 44.16 -41.55
N LEU C 1420 -12.53 44.48 -42.30
CA LEU C 1420 -13.31 45.70 -42.09
C LEU C 1420 -14.72 45.39 -41.61
N VAL C 1421 -15.19 46.19 -40.65
CA VAL C 1421 -16.58 46.16 -40.20
C VAL C 1421 -17.04 47.61 -40.03
N ASP C 1422 -18.17 47.95 -40.66
CA ASP C 1422 -18.84 49.21 -40.42
C ASP C 1422 -20.16 48.94 -39.70
N SER C 1423 -20.53 49.84 -38.79
CA SER C 1423 -21.72 49.65 -37.97
C SER C 1423 -22.48 50.96 -37.87
N PHE C 1424 -23.80 50.86 -37.70
CA PHE C 1424 -24.68 52.02 -37.68
C PHE C 1424 -25.70 51.85 -36.57
N GLU C 1425 -26.10 52.99 -36.00
CA GLU C 1425 -27.07 53.04 -34.91
C GLU C 1425 -28.14 54.07 -35.24
N TYR C 1426 -29.38 53.75 -34.91
CA TYR C 1426 -30.52 54.58 -35.28
C TYR C 1426 -31.33 54.93 -34.05
N ASP C 1427 -31.94 56.12 -34.08
CA ASP C 1427 -32.87 56.54 -33.06
C ASP C 1427 -34.27 56.05 -33.39
N ILE C 1428 -35.24 56.43 -32.56
CA ILE C 1428 -36.62 56.05 -32.81
C ILE C 1428 -37.17 56.71 -34.06
N SER C 1429 -36.57 57.83 -34.50
CA SER C 1429 -37.02 58.56 -35.67
C SER C 1429 -36.23 58.18 -36.93
N ASN C 1430 -35.55 57.03 -36.91
CA ASN C 1430 -34.88 56.45 -38.07
C ASN C 1430 -33.72 57.29 -38.59
N ARG C 1431 -33.19 58.19 -37.76
CA ARG C 1431 -31.98 58.92 -38.12
C ARG C 1431 -30.74 58.14 -37.67
N ILE C 1432 -29.66 58.28 -38.43
CA ILE C 1432 -28.40 57.64 -38.06
C ILE C 1432 -27.79 58.45 -36.92
N ILE C 1433 -27.82 57.90 -35.71
CA ILE C 1433 -27.27 58.58 -34.55
C ILE C 1433 -25.77 58.36 -34.45
N ARG C 1434 -25.32 57.12 -34.69
CA ARG C 1434 -23.92 56.76 -34.52
C ARG C 1434 -23.51 55.83 -35.66
N ALA C 1435 -22.32 56.08 -36.20
CA ALA C 1435 -21.74 55.26 -37.27
C ALA C 1435 -20.25 55.12 -36.99
N HIS C 1436 -19.80 53.90 -36.76
CA HIS C 1436 -18.45 53.68 -36.25
C HIS C 1436 -17.78 52.50 -36.96
N ASN C 1437 -16.47 52.61 -37.09
CA ASN C 1437 -15.61 51.51 -37.51
C ASN C 1437 -14.34 51.55 -36.66
N GLU C 1438 -13.37 50.69 -37.00
CA GLU C 1438 -12.14 50.59 -36.22
C GLU C 1438 -11.35 51.89 -36.19
N TYR C 1439 -11.56 52.78 -37.16
CA TYR C 1439 -10.79 54.02 -37.23
C TYR C 1439 -11.57 55.27 -36.89
N CYS C 1440 -12.90 55.23 -36.93
CA CYS C 1440 -13.68 56.46 -36.81
C CYS C 1440 -14.99 56.17 -36.10
N ASP C 1441 -15.26 56.92 -35.03
CA ASP C 1441 -16.54 56.91 -34.34
C ASP C 1441 -17.18 58.27 -34.51
N GLN C 1442 -18.39 58.28 -35.07
CA GLN C 1442 -19.09 59.52 -35.40
C GLN C 1442 -20.45 59.52 -34.73
N HIS C 1443 -20.75 60.60 -34.02
CA HIS C 1443 -22.01 60.76 -33.31
C HIS C 1443 -22.73 61.99 -33.83
N PHE C 1444 -24.04 61.86 -34.04
CA PHE C 1444 -24.83 62.93 -34.62
C PHE C 1444 -26.02 63.24 -33.72
N GLU C 1445 -26.31 64.53 -33.57
CA GLU C 1445 -27.44 65.01 -32.79
C GLU C 1445 -28.31 65.90 -33.67
N TYR C 1446 -29.62 65.72 -33.56
CA TYR C 1446 -30.57 66.38 -34.45
C TYR C 1446 -31.61 67.13 -33.64
N ASP C 1447 -32.16 68.18 -34.24
CA ASP C 1447 -33.34 68.84 -33.72
C ASP C 1447 -34.59 68.13 -34.25
N VAL C 1448 -35.77 68.67 -33.92
CA VAL C 1448 -37.01 68.06 -34.37
C VAL C 1448 -37.22 68.20 -35.86
N LEU C 1449 -36.45 69.05 -36.54
CA LEU C 1449 -36.48 69.17 -37.98
C LEU C 1449 -35.36 68.39 -38.66
N ASN C 1450 -34.77 67.42 -37.94
CA ASN C 1450 -33.74 66.52 -38.46
C ASN C 1450 -32.47 67.24 -38.88
N ASN C 1451 -32.27 68.47 -38.42
CA ASN C 1451 -31.06 69.20 -38.76
C ASN C 1451 -29.92 68.75 -37.85
N PRO C 1452 -28.74 68.44 -38.41
CA PRO C 1452 -27.61 68.03 -37.57
C PRO C 1452 -27.10 69.18 -36.73
N ILE C 1453 -27.61 69.31 -35.50
CA ILE C 1453 -27.21 70.43 -34.66
C ILE C 1453 -25.80 70.24 -34.10
N ARG C 1454 -25.33 69.00 -33.98
CA ARG C 1454 -24.03 68.78 -33.37
C ARG C 1454 -23.48 67.43 -33.83
N GLU C 1455 -22.20 67.40 -34.17
CA GLU C 1455 -21.52 66.21 -34.65
C GLU C 1455 -20.18 66.05 -33.93
N THR C 1456 -19.82 64.81 -33.64
CA THR C 1456 -18.57 64.49 -32.95
C THR C 1456 -17.83 63.41 -33.73
N HIS C 1457 -16.70 63.77 -34.32
CA HIS C 1457 -15.86 62.83 -35.06
C HIS C 1457 -14.66 62.47 -34.18
N ILE C 1458 -14.51 61.19 -33.88
CA ILE C 1458 -13.41 60.69 -33.05
C ILE C 1458 -12.54 59.81 -33.94
N TYR C 1459 -11.30 60.24 -34.17
CA TYR C 1459 -10.36 59.50 -34.98
C TYR C 1459 -9.42 58.69 -34.10
N ASN C 1460 -9.02 57.51 -34.60
CA ASN C 1460 -8.13 56.62 -33.88
C ASN C 1460 -7.34 55.83 -34.92
N ALA C 1461 -6.43 56.51 -35.61
CA ALA C 1461 -5.65 55.93 -36.69
C ALA C 1461 -4.19 56.35 -36.55
N PHE C 1462 -3.30 55.52 -37.09
CA PHE C 1462 -1.86 55.79 -37.11
C PHE C 1462 -1.30 56.04 -35.71
N GLY C 1463 -1.92 55.44 -34.70
CA GLY C 1463 -1.47 55.57 -33.33
C GLY C 1463 -1.75 56.90 -32.66
N GLN C 1464 -2.56 57.75 -33.27
CA GLN C 1464 -2.91 59.04 -32.68
C GLN C 1464 -4.42 59.21 -32.65
N ASN C 1465 -4.93 59.77 -31.55
CA ASN C 1465 -6.35 60.02 -31.39
C ASN C 1465 -6.64 61.48 -31.67
N ARG C 1466 -7.74 61.73 -32.38
CA ARG C 1466 -8.20 63.08 -32.67
C ARG C 1466 -9.70 63.13 -32.43
N GLU C 1467 -10.17 64.26 -31.89
CA GLU C 1467 -11.60 64.48 -31.66
C GLU C 1467 -12.00 65.81 -32.27
N TYR C 1468 -12.99 65.78 -33.14
CA TYR C 1468 -13.47 66.96 -33.84
C TYR C 1468 -14.96 67.13 -33.55
N VAL C 1469 -15.35 68.31 -33.08
CA VAL C 1469 -16.72 68.59 -32.68
C VAL C 1469 -17.28 69.68 -33.58
N TRP C 1470 -18.39 69.39 -34.25
CA TRP C 1470 -19.12 70.36 -35.04
C TRP C 1470 -20.41 70.73 -34.31
N GLU C 1471 -20.69 72.04 -34.23
CA GLU C 1471 -21.90 72.55 -33.61
C GLU C 1471 -22.56 73.51 -34.58
N ASN C 1472 -23.82 73.26 -34.93
CA ASN C 1472 -24.51 74.01 -35.97
C ASN C 1472 -25.80 74.60 -35.42
N GLU C 1473 -26.13 75.82 -35.87
CA GLU C 1473 -27.42 76.43 -35.59
C GLU C 1473 -28.14 76.68 -36.91
N PHE C 1474 -29.45 76.45 -36.92
CA PHE C 1474 -30.24 76.56 -38.13
C PHE C 1474 -31.40 77.53 -37.88
N ASP C 1475 -31.75 78.28 -38.93
CA ASP C 1475 -32.85 79.23 -38.84
C ASP C 1475 -34.19 78.50 -38.94
N GLU C 1476 -35.27 79.26 -39.10
CA GLU C 1476 -36.60 78.69 -39.24
C GLU C 1476 -36.85 78.05 -40.61
N LEU C 1477 -35.98 78.31 -41.58
CA LEU C 1477 -36.06 77.66 -42.88
C LEU C 1477 -35.15 76.44 -42.97
N SER C 1478 -34.67 75.95 -41.83
CA SER C 1478 -33.74 74.82 -41.78
C SER C 1478 -32.45 75.12 -42.52
N ASN C 1479 -32.07 76.39 -42.61
CA ASN C 1479 -30.83 76.81 -43.22
C ASN C 1479 -29.84 77.17 -42.10
N ARG C 1480 -28.62 76.65 -42.21
CA ARG C 1480 -27.62 76.85 -41.15
C ARG C 1480 -27.12 78.29 -41.16
N LEU C 1481 -27.29 78.99 -40.04
CA LEU C 1481 -26.83 80.36 -39.89
C LEU C 1481 -25.38 80.43 -39.43
N THR C 1482 -24.98 79.56 -38.51
CA THR C 1482 -23.66 79.62 -37.91
C THR C 1482 -23.16 78.20 -37.65
N THR C 1483 -21.85 78.04 -37.74
CA THR C 1483 -21.18 76.77 -37.46
C THR C 1483 -19.97 77.02 -36.57
N ARG C 1484 -19.86 76.25 -35.49
CA ARG C 1484 -18.68 76.24 -34.64
C ARG C 1484 -17.79 75.10 -35.12
N ARG C 1485 -16.72 75.44 -35.83
CA ARG C 1485 -15.83 74.44 -36.40
C ARG C 1485 -14.93 73.85 -35.32
N PRO C 1486 -14.43 72.63 -35.53
CA PRO C 1486 -13.64 71.98 -34.48
C PRO C 1486 -12.39 72.74 -34.06
N SER C 1487 -11.77 73.49 -34.99
CA SER C 1487 -10.55 74.21 -34.66
C SER C 1487 -10.80 75.40 -33.74
N GLY C 1488 -12.05 75.83 -33.58
CA GLY C 1488 -12.38 76.91 -32.68
C GLY C 1488 -12.93 78.16 -33.34
N GLU C 1489 -12.91 78.23 -34.66
CA GLU C 1489 -13.38 79.41 -35.37
C GLU C 1489 -14.90 79.35 -35.57
N LYS C 1490 -15.49 80.52 -35.70
CA LYS C 1490 -16.93 80.67 -35.90
C LYS C 1490 -17.19 81.13 -37.33
N VAL C 1491 -17.97 80.35 -38.08
CA VAL C 1491 -18.34 80.69 -39.44
C VAL C 1491 -19.83 81.00 -39.45
N SER C 1492 -20.18 82.18 -39.97
CA SER C 1492 -21.57 82.62 -40.00
C SER C 1492 -21.92 82.98 -41.43
N TRP C 1493 -23.10 82.53 -41.88
CA TRP C 1493 -23.58 82.82 -43.23
C TRP C 1493 -24.78 83.75 -43.10
N LEU C 1494 -24.69 84.92 -43.73
CA LEU C 1494 -25.79 85.87 -43.74
C LEU C 1494 -26.61 85.62 -45.00
N ARG C 1495 -27.91 85.37 -44.82
CA ARG C 1495 -28.77 84.92 -45.90
C ARG C 1495 -30.06 85.74 -45.91
N TYR C 1496 -30.73 85.73 -47.06
CA TYR C 1496 -31.98 86.46 -47.23
C TYR C 1496 -33.03 85.59 -47.90
N GLY C 1497 -34.19 86.18 -48.16
CA GLY C 1497 -35.26 85.47 -48.83
C GLY C 1497 -35.53 84.05 -48.38
N ALA C 1498 -35.11 83.07 -49.21
CA ALA C 1498 -35.26 81.63 -49.03
C ALA C 1498 -33.98 80.97 -48.48
N GLY C 1499 -32.92 81.76 -48.33
CA GLY C 1499 -31.68 81.22 -47.83
C GLY C 1499 -30.44 81.52 -48.66
N HIS C 1500 -30.60 82.36 -49.68
CA HIS C 1500 -29.46 82.75 -50.51
C HIS C 1500 -28.47 83.57 -49.70
N VAL C 1501 -27.22 83.10 -49.65
CA VAL C 1501 -26.19 83.72 -48.83
C VAL C 1501 -25.76 85.05 -49.46
N HIS C 1502 -25.88 86.13 -48.69
CA HIS C 1502 -25.42 87.44 -49.12
C HIS C 1502 -24.18 87.91 -48.35
N GLY C 1503 -23.66 87.07 -47.45
CA GLY C 1503 -22.48 87.40 -46.66
C GLY C 1503 -21.98 86.25 -45.83
N ILE C 1504 -20.67 86.19 -45.60
CA ILE C 1504 -20.04 85.12 -44.83
C ILE C 1504 -19.10 85.76 -43.81
N LEU C 1505 -19.16 85.29 -42.56
CA LEU C 1505 -18.41 85.88 -41.46
C LEU C 1505 -17.57 84.81 -40.75
N LEU C 1506 -16.25 84.93 -40.84
CA LEU C 1506 -15.35 84.19 -39.97
C LEU C 1506 -15.09 85.02 -38.72
N ASP C 1507 -15.40 84.44 -37.55
CA ASP C 1507 -15.31 85.16 -36.27
C ASP C 1507 -16.12 86.44 -36.30
N ASP C 1508 -17.26 86.39 -36.99
CA ASP C 1508 -18.17 87.54 -37.12
C ASP C 1508 -17.46 88.75 -37.73
N GLN C 1509 -16.57 88.49 -38.68
CA GLN C 1509 -15.89 89.52 -39.45
C GLN C 1509 -16.05 89.18 -40.93
N GLU C 1510 -16.32 90.20 -41.74
CA GLU C 1510 -16.63 90.00 -43.15
C GLU C 1510 -15.46 89.40 -43.92
N VAL C 1511 -15.69 88.24 -44.52
CA VAL C 1511 -14.75 87.65 -45.45
C VAL C 1511 -15.26 87.87 -46.87
N LEU C 1512 -16.59 87.84 -47.03
CA LEU C 1512 -17.20 87.92 -48.35
C LEU C 1512 -18.59 88.56 -48.27
N SER C 1513 -18.94 89.32 -49.30
CA SER C 1513 -20.29 89.82 -49.51
C SER C 1513 -20.71 89.53 -50.95
N PHE C 1514 -22.01 89.32 -51.16
CA PHE C 1514 -22.51 88.87 -52.46
C PHE C 1514 -23.66 89.74 -52.91
N GLU C 1515 -23.57 90.23 -54.15
CA GLU C 1515 -24.70 90.80 -54.87
C GLU C 1515 -25.14 89.83 -55.95
N ARG C 1516 -26.45 89.62 -56.06
CA ARG C 1516 -27.00 88.55 -56.90
C ARG C 1516 -28.04 89.11 -57.88
N ASP C 1517 -28.20 88.39 -58.99
CA ASP C 1517 -29.16 88.76 -60.02
C ASP C 1517 -30.55 88.27 -59.64
N ASN C 1518 -31.50 88.38 -60.57
CA ASN C 1518 -32.87 87.93 -60.31
C ASN C 1518 -32.97 86.42 -60.19
N SER C 1519 -31.97 85.67 -60.66
CA SER C 1519 -31.92 84.23 -60.49
C SER C 1519 -31.06 83.83 -59.29
N HIS C 1520 -30.63 84.80 -58.48
CA HIS C 1520 -29.89 84.56 -57.24
C HIS C 1520 -28.55 83.87 -57.48
N ARG C 1521 -27.98 84.05 -58.67
CA ARG C 1521 -26.62 83.61 -58.92
C ARG C 1521 -25.65 84.70 -58.47
N ALA C 1522 -24.46 84.28 -58.06
CA ALA C 1522 -23.47 85.22 -57.56
C ALA C 1522 -22.91 86.04 -58.73
N VAL C 1523 -23.21 87.33 -58.74
CA VAL C 1523 -22.77 88.22 -59.80
C VAL C 1523 -21.57 89.06 -59.36
N ARG C 1524 -21.61 89.58 -58.14
CA ARG C 1524 -20.57 90.47 -57.63
C ARG C 1524 -20.11 89.98 -56.28
N LYS C 1525 -18.79 89.89 -56.09
CA LYS C 1525 -18.19 89.40 -54.84
C LYS C 1525 -17.16 90.43 -54.37
N ARG C 1526 -17.49 91.20 -53.35
CA ARG C 1526 -16.48 92.01 -52.67
C ARG C 1526 -15.82 91.15 -51.61
N GLN C 1527 -14.49 91.23 -51.54
CA GLN C 1527 -13.70 90.36 -50.68
C GLN C 1527 -12.89 91.20 -49.69
N SER C 1528 -12.50 90.58 -48.59
CA SER C 1528 -11.77 91.27 -47.55
C SER C 1528 -10.34 91.63 -47.95
N ASN C 1529 -9.83 91.08 -49.04
CA ASN C 1529 -8.46 91.33 -49.49
C ASN C 1529 -8.39 92.45 -50.52
N SER C 1530 -9.30 93.42 -50.44
CA SER C 1530 -9.40 94.56 -51.36
C SER C 1530 -9.70 94.13 -52.79
N LEU C 1531 -10.23 92.93 -52.98
CA LEU C 1531 -10.56 92.41 -54.30
C LEU C 1531 -12.06 92.37 -54.53
N LEU C 1532 -12.45 92.49 -55.80
CA LEU C 1532 -13.84 92.39 -56.22
C LEU C 1532 -13.92 91.40 -57.37
N ALA C 1533 -14.75 90.37 -57.21
CA ALA C 1533 -14.95 89.34 -58.22
C ALA C 1533 -16.32 89.54 -58.87
N VAL C 1534 -16.33 89.82 -60.17
CA VAL C 1534 -17.55 90.05 -60.93
C VAL C 1534 -17.71 88.93 -61.94
N THR C 1535 -18.94 88.44 -62.09
CA THR C 1535 -19.26 87.38 -63.03
C THR C 1535 -20.42 87.83 -63.90
N ASN C 1536 -20.26 87.71 -65.22
CA ASN C 1536 -21.30 88.06 -66.17
C ASN C 1536 -21.84 86.80 -66.82
N TYR C 1537 -23.17 86.67 -66.86
CA TYR C 1537 -23.82 85.50 -67.42
C TYR C 1537 -24.46 85.86 -68.75
N ASP C 1538 -24.61 84.86 -69.62
CA ASP C 1538 -25.22 85.05 -70.92
C ASP C 1538 -26.74 85.00 -70.77
N VAL C 1539 -27.46 85.04 -71.90
CA VAL C 1539 -28.91 84.87 -71.85
C VAL C 1539 -29.29 83.45 -71.45
N MET C 1540 -28.41 82.48 -71.65
CA MET C 1540 -28.54 81.17 -71.04
C MET C 1540 -27.98 81.21 -69.62
N GLY C 1541 -27.88 80.06 -68.97
CA GLY C 1541 -27.32 80.00 -67.64
C GLY C 1541 -25.81 80.01 -67.57
N ARG C 1542 -25.12 80.24 -68.68
CA ARG C 1542 -23.68 80.04 -68.75
C ARG C 1542 -22.90 81.29 -68.34
N VAL C 1543 -21.73 81.06 -67.75
CA VAL C 1543 -20.84 82.15 -67.38
C VAL C 1543 -20.19 82.71 -68.65
N LYS C 1544 -20.47 83.98 -68.96
CA LYS C 1544 -19.92 84.60 -70.14
C LYS C 1544 -18.58 85.29 -69.87
N GLU C 1545 -18.39 85.84 -68.67
CA GLU C 1545 -17.16 86.55 -68.36
C GLU C 1545 -16.94 86.55 -66.86
N GLN C 1546 -15.66 86.56 -66.47
CA GLN C 1546 -15.24 86.67 -65.08
C GLN C 1546 -14.17 87.74 -64.99
N LYS C 1547 -14.17 88.47 -63.87
CA LYS C 1547 -13.29 89.62 -63.70
C LYS C 1547 -12.95 89.78 -62.23
N LEU C 1548 -11.65 89.77 -61.92
CA LEU C 1548 -11.17 89.97 -60.55
C LEU C 1548 -10.39 91.28 -60.51
N ASN C 1549 -11.04 92.33 -59.99
CA ASN C 1549 -10.47 93.66 -59.95
C ASN C 1549 -10.48 94.18 -58.52
N LEU C 1550 -9.57 95.11 -58.23
CA LEU C 1550 -9.56 95.81 -56.95
C LEU C 1550 -10.76 96.75 -56.86
N ALA C 1551 -11.70 96.46 -55.96
CA ALA C 1551 -12.88 97.31 -55.84
C ALA C 1551 -12.50 98.75 -55.53
N GLN C 1552 -11.43 98.94 -54.76
CA GLN C 1552 -10.94 100.26 -54.38
C GLN C 1552 -9.44 100.33 -54.65
N GLY C 1553 -8.98 101.55 -54.94
CA GLY C 1553 -7.59 101.79 -55.27
C GLY C 1553 -7.45 102.31 -56.69
N ASN C 1554 -6.37 101.90 -57.35
CA ASN C 1554 -6.26 102.21 -58.77
C ASN C 1554 -7.17 101.33 -59.61
N ARG C 1555 -7.84 100.35 -58.99
CA ARG C 1555 -8.83 99.49 -59.65
C ARG C 1555 -8.22 98.76 -60.85
N THR C 1556 -6.99 98.29 -60.68
CA THR C 1556 -6.36 97.49 -61.72
C THR C 1556 -7.00 96.11 -61.79
N ASN C 1557 -7.05 95.55 -62.99
CA ASN C 1557 -7.60 94.22 -63.20
C ASN C 1557 -6.48 93.19 -63.05
N LEU C 1558 -6.59 92.33 -62.05
CA LEU C 1558 -5.59 91.28 -61.86
C LEU C 1558 -5.67 90.24 -62.96
N ARG C 1559 -6.88 89.73 -63.22
CA ARG C 1559 -7.06 88.65 -64.18
C ARG C 1559 -8.51 88.62 -64.65
N SER C 1560 -8.70 88.63 -65.97
CA SER C 1560 -10.02 88.75 -66.57
C SER C 1560 -10.14 87.67 -67.64
N ARG C 1561 -11.21 86.86 -67.54
CA ARG C 1561 -11.37 85.67 -68.37
C ARG C 1561 -12.73 85.72 -69.06
N GLN C 1562 -12.73 85.51 -70.37
CA GLN C 1562 -13.94 85.53 -71.18
C GLN C 1562 -14.19 84.16 -71.78
N TYR C 1563 -15.46 83.77 -71.86
CA TYR C 1563 -15.86 82.44 -72.31
C TYR C 1563 -16.76 82.55 -73.54
N ALA C 1564 -16.74 81.50 -74.36
CA ALA C 1564 -17.54 81.43 -75.57
C ALA C 1564 -18.07 80.02 -75.77
N TYR C 1565 -19.33 79.90 -76.18
CA TYR C 1565 -20.01 78.62 -76.24
C TYR C 1565 -20.65 78.41 -77.61
N GLY C 1566 -20.85 77.13 -77.94
CA GLY C 1566 -21.64 76.75 -79.10
C GLY C 1566 -23.13 76.73 -78.79
N LEU C 1567 -23.90 76.39 -79.83
CA LEU C 1567 -25.35 76.34 -79.68
C LEU C 1567 -25.80 75.17 -78.82
N ASP C 1568 -25.06 74.06 -78.83
CA ASP C 1568 -25.42 72.93 -77.99
C ASP C 1568 -25.17 73.22 -76.52
N GLY C 1569 -24.23 74.11 -76.22
CA GLY C 1569 -23.87 74.45 -74.86
C GLY C 1569 -22.42 74.15 -74.51
N SER C 1570 -21.69 73.49 -75.40
CA SER C 1570 -20.30 73.13 -75.15
C SER C 1570 -19.41 74.36 -75.28
N LEU C 1571 -18.43 74.46 -74.39
CA LEU C 1571 -17.51 75.59 -74.38
C LEU C 1571 -16.52 75.44 -75.53
N VAL C 1572 -16.52 76.41 -76.43
CA VAL C 1572 -15.72 76.33 -77.65
C VAL C 1572 -14.39 77.07 -77.49
N ALA C 1573 -14.40 78.23 -76.85
CA ALA C 1573 -13.21 79.05 -76.75
C ALA C 1573 -13.19 79.76 -75.42
N ILE C 1574 -11.98 80.00 -74.91
CA ILE C 1574 -11.76 80.73 -73.68
C ILE C 1574 -10.67 81.78 -73.93
N GLU C 1575 -10.85 82.98 -73.39
CA GLU C 1575 -9.85 84.03 -73.50
C GLU C 1575 -9.47 84.50 -72.11
N ASP C 1576 -8.20 84.32 -71.76
CA ASP C 1576 -7.66 84.74 -70.47
C ASP C 1576 -6.68 85.88 -70.68
N SER C 1577 -6.48 86.68 -69.63
CA SER C 1577 -5.60 87.84 -69.75
C SER C 1577 -4.13 87.45 -69.58
N ARG C 1578 -3.86 86.35 -68.87
CA ARG C 1578 -2.49 85.87 -68.69
C ARG C 1578 -2.15 84.78 -69.70
N HIS C 1579 -2.90 83.69 -69.69
CA HIS C 1579 -2.60 82.53 -70.52
C HIS C 1579 -2.83 82.84 -72.00
N GLY C 1580 -4.09 83.00 -72.40
CA GLY C 1580 -4.36 83.34 -73.78
C GLY C 1580 -5.56 82.63 -74.35
N THR C 1581 -5.54 82.38 -75.66
CA THR C 1581 -6.65 81.71 -76.32
C THR C 1581 -6.62 80.23 -75.99
N THR C 1582 -7.77 79.70 -75.58
CA THR C 1582 -7.97 78.26 -75.43
C THR C 1582 -9.15 77.85 -76.30
N THR C 1583 -8.95 76.84 -77.14
CA THR C 1583 -9.96 76.43 -78.11
C THR C 1583 -10.20 74.94 -77.99
N TYR C 1584 -11.48 74.55 -78.02
CA TYR C 1584 -11.89 73.16 -77.91
C TYR C 1584 -12.70 72.76 -79.14
N ARG C 1585 -12.56 71.50 -79.53
CA ARG C 1585 -13.38 70.89 -80.58
C ARG C 1585 -14.00 69.62 -80.05
N TYR C 1586 -15.24 69.35 -80.47
CA TYR C 1586 -15.97 68.17 -80.01
C TYR C 1586 -16.54 67.42 -81.20
N ASP C 1587 -16.74 66.11 -81.01
CA ASP C 1587 -17.34 65.27 -82.03
C ASP C 1587 -18.86 65.27 -81.89
N ALA C 1588 -19.52 64.36 -82.59
CA ALA C 1588 -20.98 64.26 -82.55
C ALA C 1588 -21.51 63.61 -81.28
N LEU C 1589 -20.63 63.27 -80.33
CA LEU C 1589 -21.04 62.73 -79.04
C LEU C 1589 -20.59 63.62 -77.89
N ASP C 1590 -20.35 64.91 -78.17
CA ASP C 1590 -19.89 65.87 -77.18
C ASP C 1590 -18.60 65.43 -76.50
N ARG C 1591 -17.75 64.69 -77.22
CA ARG C 1591 -16.48 64.22 -76.69
C ARG C 1591 -15.35 65.12 -77.18
N LEU C 1592 -14.54 65.61 -76.23
CA LEU C 1592 -13.45 66.52 -76.56
C LEU C 1592 -12.38 65.77 -77.34
N VAL C 1593 -12.21 66.11 -78.61
CA VAL C 1593 -11.27 65.40 -79.48
C VAL C 1593 -9.99 66.21 -79.66
N SER C 1594 -10.10 67.53 -79.57
CA SER C 1594 -8.93 68.39 -79.75
C SER C 1594 -9.03 69.59 -78.83
N ALA C 1595 -7.92 69.95 -78.20
CA ALA C 1595 -7.85 71.16 -77.38
C ALA C 1595 -6.58 71.88 -77.78
N THR C 1596 -6.74 73.04 -78.42
CA THR C 1596 -5.62 73.86 -78.88
C THR C 1596 -5.45 75.01 -77.89
N ALA C 1597 -4.76 74.73 -76.80
CA ALA C 1597 -4.52 75.68 -75.73
C ALA C 1597 -3.03 75.93 -75.58
N PHE C 1598 -2.69 77.06 -74.96
CA PHE C 1598 -1.28 77.48 -74.81
C PHE C 1598 -0.72 77.63 -76.23
N ASN C 1599 0.55 77.33 -76.44
CA ASN C 1599 1.17 77.24 -77.76
C ASN C 1599 1.28 75.80 -78.25
N GLU C 1600 0.38 74.94 -77.78
CA GLU C 1600 0.42 73.51 -78.08
C GLU C 1600 -0.99 73.02 -78.43
N THR C 1601 -1.07 71.77 -78.89
CA THR C 1601 -2.34 71.18 -79.28
C THR C 1601 -2.42 69.74 -78.77
N GLU C 1602 -3.47 69.46 -77.99
CA GLU C 1602 -3.70 68.13 -77.46
C GLU C 1602 -4.80 67.46 -78.26
N LEU C 1603 -4.60 66.18 -78.58
CA LEU C 1603 -5.52 65.42 -79.41
C LEU C 1603 -6.00 64.19 -78.66
N PHE C 1604 -7.25 63.81 -78.91
CA PHE C 1604 -7.83 62.66 -78.21
C PHE C 1604 -8.59 61.79 -79.19
N ALA C 1605 -8.53 60.48 -78.97
CA ALA C 1605 -9.24 59.49 -79.78
C ALA C 1605 -10.03 58.57 -78.87
N PHE C 1606 -11.25 58.24 -79.29
CA PHE C 1606 -12.17 57.45 -78.48
C PHE C 1606 -12.69 56.26 -79.29
N ASP C 1607 -12.84 55.13 -78.62
CA ASP C 1607 -13.54 53.99 -79.20
C ASP C 1607 -15.04 54.23 -79.11
N PRO C 1608 -15.86 53.40 -79.77
CA PRO C 1608 -17.32 53.58 -79.67
C PRO C 1608 -17.85 53.73 -78.24
N ALA C 1609 -17.32 52.97 -77.28
CA ALA C 1609 -17.77 53.10 -75.89
C ALA C 1609 -17.08 54.23 -75.14
N SER C 1610 -16.43 55.16 -75.85
CA SER C 1610 -15.85 56.38 -75.27
C SER C 1610 -14.66 56.09 -74.37
N ASN C 1611 -13.95 54.98 -74.61
CA ASN C 1611 -12.70 54.73 -73.90
C ASN C 1611 -11.56 55.45 -74.62
N LEU C 1612 -10.79 56.22 -73.86
CA LEU C 1612 -9.68 56.98 -74.43
C LEU C 1612 -8.59 56.01 -74.88
N VAL C 1613 -8.53 55.75 -76.19
CA VAL C 1613 -7.59 54.77 -76.72
C VAL C 1613 -6.21 55.40 -76.91
N ASP C 1614 -6.17 56.65 -77.35
CA ASP C 1614 -4.89 57.32 -77.60
C ASP C 1614 -5.05 58.82 -77.40
N ARG C 1615 -3.97 59.45 -76.93
CA ARG C 1615 -3.88 60.90 -76.87
C ARG C 1615 -2.43 61.28 -77.12
N ASP C 1616 -2.23 62.39 -77.83
CA ASP C 1616 -0.87 62.82 -78.17
C ASP C 1616 -0.78 64.34 -78.11
N LYS C 1617 0.46 64.81 -77.98
CA LYS C 1617 0.77 66.24 -77.90
C LYS C 1617 1.56 66.66 -79.13
N THR C 1618 1.42 67.93 -79.50
CA THR C 1618 2.10 68.45 -80.68
C THR C 1618 3.60 68.62 -80.43
N SER C 1632 -7.70 50.36 -81.66
CA SER C 1632 -8.59 49.22 -81.55
C SER C 1632 -9.64 49.45 -80.47
N LYS C 1633 -10.47 48.43 -80.21
CA LYS C 1633 -11.54 48.55 -79.24
C LYS C 1633 -11.04 48.18 -77.84
N VAL C 1634 -11.54 48.90 -76.84
CA VAL C 1634 -11.34 48.52 -75.45
C VAL C 1634 -12.54 47.68 -75.03
N LEU C 1635 -12.62 46.45 -75.54
CA LEU C 1635 -13.74 45.59 -75.25
C LEU C 1635 -13.73 45.20 -73.78
N GLY C 1636 -14.87 45.37 -73.11
CA GLY C 1636 -14.94 45.23 -71.67
C GLY C 1636 -14.69 46.52 -70.90
N ASN C 1637 -14.35 47.60 -71.59
CA ASN C 1637 -14.23 48.95 -71.04
C ASN C 1637 -13.11 49.12 -70.02
N ILE C 1638 -12.29 48.09 -69.81
CA ILE C 1638 -11.12 48.21 -68.94
C ILE C 1638 -9.95 48.67 -69.79
N LEU C 1639 -9.57 49.94 -69.63
CA LEU C 1639 -8.49 50.53 -70.42
C LEU C 1639 -7.16 49.93 -69.98
N LYS C 1640 -6.57 49.09 -70.84
CA LYS C 1640 -5.32 48.43 -70.54
C LYS C 1640 -4.09 49.27 -70.88
N ARG C 1641 -4.20 50.12 -71.91
CA ARG C 1641 -3.06 50.91 -72.35
C ARG C 1641 -3.55 52.21 -72.98
N CYS C 1642 -2.72 53.25 -72.89
CA CYS C 1642 -3.02 54.53 -73.50
C CYS C 1642 -1.80 55.45 -73.51
N ALA C 1643 -1.42 55.94 -74.68
CA ALA C 1643 -0.39 56.97 -74.83
C ALA C 1643 0.93 56.55 -74.18
N GLY C 1644 1.29 55.28 -74.35
CA GLY C 1644 2.51 54.78 -73.77
C GLY C 1644 2.44 54.43 -72.30
N MET C 1645 1.24 54.46 -71.71
CA MET C 1645 1.04 54.09 -70.33
C MET C 1645 0.36 52.73 -70.27
N HIS C 1646 0.79 51.90 -69.32
CA HIS C 1646 0.32 50.53 -69.21
C HIS C 1646 -0.40 50.32 -67.87
N PHE C 1647 -1.55 49.67 -67.92
CA PHE C 1647 -2.38 49.47 -66.75
C PHE C 1647 -2.68 47.99 -66.54
N GLU C 1648 -2.79 47.61 -65.26
CA GLU C 1648 -3.16 46.26 -64.86
C GLU C 1648 -4.17 46.37 -63.72
N TYR C 1649 -5.17 45.50 -63.73
CA TYR C 1649 -6.38 45.73 -62.94
C TYR C 1649 -6.68 44.59 -61.98
N ASP C 1650 -7.46 44.93 -60.96
CA ASP C 1650 -7.95 43.98 -59.96
C ASP C 1650 -9.05 43.10 -60.55
N ALA C 1651 -9.39 42.05 -59.81
CA ALA C 1651 -10.55 41.25 -60.16
C ALA C 1651 -11.84 42.06 -60.06
N GLN C 1652 -11.84 43.13 -59.26
CA GLN C 1652 -12.99 43.98 -59.09
C GLN C 1652 -13.09 45.06 -60.16
N GLY C 1653 -12.17 45.08 -61.12
CA GLY C 1653 -12.08 46.16 -62.08
C GLY C 1653 -11.32 47.37 -61.61
N ASN C 1654 -10.76 47.32 -60.40
CA ASN C 1654 -9.99 48.43 -59.85
C ASN C 1654 -8.56 48.40 -60.39
N LEU C 1655 -7.95 49.58 -60.47
CA LEU C 1655 -6.58 49.67 -60.95
C LEU C 1655 -5.62 49.09 -59.91
N ILE C 1656 -4.61 48.37 -60.40
CA ILE C 1656 -3.63 47.70 -59.55
C ILE C 1656 -2.21 48.12 -59.91
N ARG C 1657 -1.92 48.29 -61.18
CA ARG C 1657 -0.58 48.61 -61.66
C ARG C 1657 -0.65 49.69 -62.72
N LYS C 1658 0.23 50.68 -62.61
CA LYS C 1658 0.32 51.77 -63.57
C LYS C 1658 1.80 52.02 -63.85
N ARG C 1659 2.23 51.73 -65.08
CA ARG C 1659 3.60 51.99 -65.50
C ARG C 1659 3.60 53.15 -66.49
N LYS C 1660 4.12 54.25 -66.07
CA LYS C 1660 4.38 55.48 -66.81
C LYS C 1660 5.87 55.54 -67.16
N PRO C 1661 6.25 56.17 -68.26
CA PRO C 1661 7.66 56.11 -68.70
C PRO C 1661 8.69 56.35 -67.61
N ASP C 1662 8.39 57.23 -66.65
CA ASP C 1662 9.35 57.57 -65.60
C ASP C 1662 8.86 57.20 -64.21
N SER C 1663 7.80 56.40 -64.09
CA SER C 1663 7.28 56.04 -62.78
C SER C 1663 6.47 54.76 -62.88
N LEU C 1664 6.70 53.84 -61.94
CA LEU C 1664 5.90 52.64 -61.80
C LEU C 1664 5.11 52.73 -60.50
N GLN C 1665 3.79 52.56 -60.59
CA GLN C 1665 2.90 52.68 -59.44
C GLN C 1665 2.08 51.42 -59.27
N GLU C 1666 1.88 51.03 -58.00
CA GLU C 1666 1.05 49.89 -57.66
C GLU C 1666 0.07 50.31 -56.59
N PHE C 1667 -1.15 49.80 -56.69
CA PHE C 1667 -2.25 50.22 -55.82
C PHE C 1667 -2.89 48.99 -55.17
N GLU C 1668 -3.40 49.19 -53.96
CA GLU C 1668 -4.10 48.14 -53.23
C GLU C 1668 -5.45 48.66 -52.78
N TRP C 1669 -6.45 47.79 -52.85
CA TRP C 1669 -7.83 48.15 -52.56
C TRP C 1669 -8.33 47.32 -51.39
N ASP C 1670 -9.09 47.95 -50.51
CA ASP C 1670 -9.55 47.30 -49.29
C ASP C 1670 -10.72 46.36 -49.61
N GLU C 1671 -11.23 45.72 -48.56
CA GLU C 1671 -12.31 44.75 -48.74
C GLU C 1671 -13.65 45.41 -49.01
N PHE C 1672 -13.73 46.74 -48.98
CA PHE C 1672 -14.95 47.46 -49.28
C PHE C 1672 -14.89 48.21 -50.62
N GLY C 1673 -13.73 48.24 -51.27
CA GLY C 1673 -13.61 48.85 -52.57
C GLY C 1673 -12.93 50.21 -52.64
N ARG C 1674 -12.13 50.58 -51.64
CA ARG C 1674 -11.46 51.87 -51.64
C ARG C 1674 -9.96 51.68 -51.61
N LEU C 1675 -9.24 52.64 -52.18
CA LEU C 1675 -7.79 52.59 -52.28
C LEU C 1675 -7.19 52.67 -50.88
N ARG C 1676 -6.58 51.56 -50.44
CA ARG C 1676 -6.03 51.50 -49.09
C ARG C 1676 -4.53 51.73 -49.03
N LYS C 1677 -3.79 51.47 -50.11
CA LYS C 1677 -2.36 51.68 -50.11
C LYS C 1677 -1.89 52.06 -51.51
N THR C 1678 -0.89 52.94 -51.56
CA THR C 1678 -0.26 53.34 -52.81
C THR C 1678 1.25 53.19 -52.67
N VAL C 1679 1.87 52.62 -53.71
CA VAL C 1679 3.33 52.47 -53.78
C VAL C 1679 3.80 53.07 -55.08
N ASN C 1680 4.63 54.10 -55.00
CA ASN C 1680 5.15 54.79 -56.19
C ASN C 1680 6.66 54.59 -56.25
N THR C 1681 7.12 53.98 -57.35
CA THR C 1681 8.54 53.73 -57.56
C THR C 1681 8.98 54.51 -58.80
N ASP C 1682 9.81 55.52 -58.60
CA ASP C 1682 10.41 56.25 -59.71
C ASP C 1682 11.50 55.41 -60.35
N LEU C 1683 11.47 55.31 -61.69
CA LEU C 1683 12.44 54.46 -62.38
C LEU C 1683 13.77 55.16 -62.62
N ASN C 1684 13.80 56.49 -62.56
CA ASN C 1684 15.03 57.23 -62.70
C ASN C 1684 15.87 57.20 -61.42
N SER C 1685 15.22 57.04 -60.25
CA SER C 1685 15.91 57.13 -58.98
C SER C 1685 15.70 55.93 -58.06
N LYS C 1686 14.86 54.96 -58.44
CA LYS C 1686 14.59 53.76 -57.63
C LYS C 1686 14.08 54.12 -56.23
N HIS C 1687 13.40 55.26 -56.12
CA HIS C 1687 12.92 55.76 -54.83
C HIS C 1687 11.51 55.23 -54.59
N VAL C 1688 11.36 54.37 -53.58
CA VAL C 1688 10.07 53.78 -53.27
C VAL C 1688 9.37 54.72 -52.30
N SER C 1689 8.04 54.83 -52.43
CA SER C 1689 7.27 55.70 -51.55
C SER C 1689 5.90 55.07 -51.33
N GLU C 1690 5.54 54.92 -50.06
CA GLU C 1690 4.27 54.30 -49.68
C GLU C 1690 3.30 55.35 -49.15
N ALA C 1691 2.01 55.05 -49.31
CA ALA C 1691 0.94 55.88 -48.78
C ALA C 1691 -0.20 54.96 -48.42
N GLU C 1692 -0.86 55.24 -47.30
CA GLU C 1692 -2.00 54.46 -46.85
C GLU C 1692 -3.16 55.39 -46.55
N TYR C 1693 -4.37 54.91 -46.81
CA TYR C 1693 -5.57 55.72 -46.69
C TYR C 1693 -6.56 55.09 -45.72
N ILE C 1694 -7.24 55.93 -44.96
CA ILE C 1694 -8.19 55.49 -43.93
C ILE C 1694 -9.52 56.18 -44.19
N TYR C 1695 -10.61 55.42 -44.05
CA TYR C 1695 -11.94 55.90 -44.41
C TYR C 1695 -12.90 55.66 -43.26
N ASP C 1696 -13.97 56.46 -43.22
CA ASP C 1696 -15.04 56.29 -42.26
C ASP C 1696 -16.10 55.33 -42.84
N THR C 1697 -17.17 55.12 -42.08
CA THR C 1697 -18.26 54.26 -42.53
C THR C 1697 -18.99 54.80 -43.76
N PHE C 1698 -18.77 56.07 -44.13
CA PHE C 1698 -19.39 56.66 -45.31
C PHE C 1698 -18.40 56.85 -46.45
N ASP C 1699 -17.31 56.09 -46.45
CA ASP C 1699 -16.27 56.11 -47.49
C ASP C 1699 -15.57 57.45 -47.62
N ARG C 1700 -15.74 58.35 -46.65
CA ARG C 1700 -15.00 59.60 -46.64
C ARG C 1700 -13.60 59.34 -46.08
N ARG C 1701 -12.58 59.68 -46.86
CA ARG C 1701 -11.20 59.50 -46.43
C ARG C 1701 -10.88 60.47 -45.30
N ILE C 1702 -10.67 59.94 -44.10
CA ILE C 1702 -10.44 60.78 -42.93
C ILE C 1702 -8.96 61.01 -42.65
N GLY C 1703 -8.06 60.22 -43.23
CA GLY C 1703 -6.65 60.40 -43.00
C GLY C 1703 -5.82 59.58 -43.96
N LYS C 1704 -4.57 60.01 -44.11
CA LYS C 1704 -3.61 59.27 -44.93
C LYS C 1704 -2.22 59.52 -44.37
N VAL C 1705 -1.36 58.52 -44.51
CA VAL C 1705 0.03 58.59 -44.05
C VAL C 1705 0.95 58.40 -45.25
N ASN C 1706 1.92 59.29 -45.39
CA ASN C 1706 2.91 59.22 -46.45
C ASN C 1706 4.24 58.83 -45.85
N GLN C 1707 4.86 57.77 -46.39
CA GLN C 1707 6.06 57.18 -45.82
C GLN C 1707 7.14 57.13 -46.90
N GLN C 1708 7.75 58.29 -47.16
CA GLN C 1708 8.98 58.30 -47.94
C GLN C 1708 10.05 57.50 -47.22
N GLU C 1709 10.84 56.74 -47.98
CA GLU C 1709 11.65 55.69 -47.40
C GLU C 1709 12.70 56.23 -46.42
N THR C 1710 13.30 57.37 -46.76
CA THR C 1710 14.32 57.97 -45.90
C THR C 1710 14.05 59.43 -45.56
N SER C 1711 12.93 60.00 -45.99
CA SER C 1711 12.67 61.41 -45.77
C SER C 1711 11.46 61.64 -44.86
N GLY C 1712 11.46 60.98 -43.70
CA GLY C 1712 10.43 61.17 -42.70
C GLY C 1712 9.07 60.59 -43.09
N ALA C 1713 8.10 60.89 -42.24
CA ALA C 1713 6.72 60.46 -42.43
C ALA C 1713 5.81 61.68 -42.38
N ALA C 1714 4.57 61.49 -42.84
CA ALA C 1714 3.61 62.59 -42.90
C ALA C 1714 2.22 62.02 -42.62
N VAL C 1715 1.74 62.18 -41.40
CA VAL C 1715 0.41 61.75 -41.01
C VAL C 1715 -0.55 62.91 -41.19
N THR C 1716 -1.52 62.74 -42.09
CA THR C 1716 -2.49 63.78 -42.41
C THR C 1716 -3.88 63.33 -41.98
N PHE C 1717 -4.68 64.28 -41.48
CA PHE C 1717 -6.06 64.01 -41.09
C PHE C 1717 -7.00 64.96 -41.82
N TYR C 1718 -8.18 64.47 -42.16
CA TYR C 1718 -9.16 65.22 -42.94
C TYR C 1718 -10.47 65.32 -42.17
N GLY C 1719 -11.09 66.49 -42.23
CA GLY C 1719 -12.38 66.72 -41.61
C GLY C 1719 -13.42 67.04 -42.66
N TRP C 1720 -14.61 66.47 -42.50
CA TRP C 1720 -15.64 66.50 -43.53
C TRP C 1720 -16.92 67.13 -42.97
N ASP C 1721 -17.30 68.28 -43.53
CA ASP C 1721 -18.56 68.93 -43.25
C ASP C 1721 -19.58 68.46 -44.28
N GLY C 1722 -20.26 67.35 -43.96
CA GLY C 1722 -21.14 66.70 -44.92
C GLY C 1722 -20.37 66.10 -46.07
N HIS C 1723 -20.61 66.59 -47.29
CA HIS C 1723 -19.88 66.15 -48.46
C HIS C 1723 -18.68 67.03 -48.78
N HIS C 1724 -18.40 68.03 -47.95
CA HIS C 1724 -17.35 69.00 -48.21
C HIS C 1724 -16.15 68.77 -47.29
N LEU C 1725 -14.96 68.85 -47.88
CA LEU C 1725 -13.72 68.74 -47.10
C LEU C 1725 -13.55 69.99 -46.26
N ALA C 1726 -13.74 69.85 -44.95
CA ALA C 1726 -13.72 71.01 -44.06
C ALA C 1726 -12.31 71.52 -43.82
N PHE C 1727 -11.36 70.63 -43.57
CA PHE C 1727 -9.99 71.04 -43.30
C PHE C 1727 -9.05 69.86 -43.49
N GLU C 1728 -7.74 70.18 -43.53
CA GLU C 1728 -6.69 69.19 -43.64
C GLU C 1728 -5.59 69.51 -42.63
N GLU C 1729 -5.19 68.51 -41.85
CA GLU C 1729 -4.17 68.68 -40.81
C GLU C 1729 -3.08 67.64 -40.99
N SER C 1730 -1.87 68.10 -41.28
CA SER C 1730 -0.72 67.23 -41.49
C SER C 1730 0.28 67.41 -40.35
N THR C 1731 0.74 66.31 -39.77
CA THR C 1731 1.69 66.32 -38.67
C THR C 1731 2.96 65.60 -39.14
N VAL C 1732 3.99 66.38 -39.44
CA VAL C 1732 5.29 65.87 -39.86
C VAL C 1732 6.26 66.14 -38.73
N GLY C 1733 6.54 65.12 -37.91
CA GLY C 1733 7.38 65.33 -36.74
C GLY C 1733 6.69 66.23 -35.75
N ASP C 1734 7.47 67.16 -35.18
CA ASP C 1734 6.88 68.15 -34.28
C ASP C 1734 6.12 69.22 -35.05
N ALA C 1735 6.54 69.51 -36.28
CA ALA C 1735 5.89 70.54 -37.08
C ALA C 1735 4.53 70.05 -37.59
N VAL C 1736 3.51 70.87 -37.40
CA VAL C 1736 2.14 70.58 -37.83
C VAL C 1736 1.69 71.68 -38.79
N ASP C 1737 1.08 71.27 -39.91
CA ASP C 1737 0.56 72.20 -40.91
C ASP C 1737 -0.92 71.92 -41.09
N LYS C 1738 -1.75 72.94 -40.84
CA LYS C 1738 -3.21 72.80 -40.87
C LYS C 1738 -3.81 73.86 -41.77
N THR C 1739 -4.71 73.44 -42.66
CA THR C 1739 -5.38 74.33 -43.59
C THR C 1739 -6.86 74.00 -43.66
N HIS C 1740 -7.71 75.03 -43.69
CA HIS C 1740 -9.16 74.89 -43.68
C HIS C 1740 -9.76 75.38 -44.99
N TYR C 1741 -11.00 74.96 -45.26
CA TYR C 1741 -11.66 75.25 -46.53
C TYR C 1741 -13.12 75.61 -46.31
N LEU C 1742 -13.66 76.40 -47.24
CA LEU C 1742 -15.07 76.79 -47.23
C LEU C 1742 -15.53 76.96 -48.68
N TYR C 1743 -16.69 76.41 -49.00
CA TYR C 1743 -17.16 76.29 -50.36
C TYR C 1743 -18.48 77.03 -50.60
N GLU C 1744 -18.82 77.16 -51.88
CA GLU C 1744 -20.13 77.63 -52.29
C GLU C 1744 -21.22 76.69 -51.78
N GLU C 1745 -22.37 77.27 -51.43
CA GLU C 1745 -23.34 76.57 -50.60
C GLU C 1745 -23.87 75.31 -51.27
N ASN C 1746 -24.22 75.40 -52.57
CA ASN C 1746 -24.83 74.28 -53.28
C ASN C 1746 -23.92 73.71 -54.37
N SER C 1747 -22.61 73.81 -54.20
CA SER C 1747 -21.67 73.27 -55.17
C SER C 1747 -20.35 72.99 -54.46
N PHE C 1748 -19.41 72.38 -55.20
CA PHE C 1748 -18.07 72.15 -54.70
C PHE C 1748 -17.10 73.23 -55.15
N VAL C 1749 -17.60 74.39 -55.58
CA VAL C 1749 -16.77 75.53 -55.92
C VAL C 1749 -16.19 76.13 -54.65
N PRO C 1750 -14.88 76.10 -54.47
CA PRO C 1750 -14.29 76.63 -53.23
C PRO C 1750 -14.33 78.14 -53.20
N LEU C 1751 -14.57 78.70 -52.01
CA LEU C 1751 -14.62 80.14 -51.81
C LEU C 1751 -13.36 80.70 -51.19
N ILE C 1752 -12.94 80.18 -50.03
CA ILE C 1752 -11.79 80.70 -49.31
C ILE C 1752 -10.92 79.57 -48.78
N GLN C 1753 -9.66 79.91 -48.51
CA GLN C 1753 -8.73 79.02 -47.83
C GLN C 1753 -8.13 79.77 -46.65
N TYR C 1754 -8.38 79.29 -45.44
CA TYR C 1754 -7.95 79.99 -44.23
C TYR C 1754 -7.27 79.04 -43.27
N GLN C 1755 -6.48 79.61 -42.37
CA GLN C 1755 -5.71 78.87 -41.37
C GLN C 1755 -6.07 79.32 -39.97
N HIS C 1768 -3.41 80.53 -37.41
CA HIS C 1768 -2.66 81.55 -38.14
C HIS C 1768 -3.55 82.75 -38.44
N LEU C 1769 -4.86 82.51 -38.44
CA LEU C 1769 -5.92 83.51 -38.58
C LEU C 1769 -5.99 84.15 -39.95
N SER C 1770 -5.09 83.81 -40.87
CA SER C 1770 -5.11 84.38 -42.21
C SER C 1770 -6.21 83.76 -43.06
N VAL C 1771 -6.70 84.53 -44.03
CA VAL C 1771 -7.76 84.09 -44.94
C VAL C 1771 -7.34 84.39 -46.37
N SER C 1772 -7.47 83.41 -47.25
CA SER C 1772 -7.10 83.54 -48.65
C SER C 1772 -8.30 83.24 -49.54
N HIS C 1773 -8.44 84.00 -50.62
CA HIS C 1773 -9.60 83.94 -51.48
C HIS C 1773 -9.30 83.20 -52.77
N TYR C 1774 -10.26 82.40 -53.23
CA TYR C 1774 -10.15 81.66 -54.47
C TYR C 1774 -10.85 82.40 -55.60
N GLN C 1775 -10.30 82.25 -56.81
CA GLN C 1775 -10.95 82.69 -58.04
C GLN C 1775 -10.97 81.50 -58.99
N CYS C 1776 -12.15 80.95 -59.23
CA CYS C 1776 -12.32 79.74 -60.02
C CYS C 1776 -12.94 80.09 -61.37
N ASP C 1777 -12.99 79.09 -62.25
CA ASP C 1777 -13.55 79.26 -63.58
C ASP C 1777 -15.05 78.94 -63.54
N HIS C 1778 -15.65 78.66 -64.70
CA HIS C 1778 -17.08 78.43 -64.77
C HIS C 1778 -17.50 77.11 -64.11
N ILE C 1779 -16.61 76.13 -64.00
CA ILE C 1779 -16.95 74.83 -63.45
C ILE C 1779 -16.33 74.61 -62.07
N GLY C 1780 -15.71 75.63 -61.49
CA GLY C 1780 -15.16 75.54 -60.17
C GLY C 1780 -13.72 75.11 -60.09
N THR C 1781 -13.04 74.98 -61.21
CA THR C 1781 -11.61 74.66 -61.19
C THR C 1781 -10.84 75.88 -60.71
N PRO C 1782 -10.12 75.79 -59.58
CA PRO C 1782 -9.45 76.98 -59.05
C PRO C 1782 -8.36 77.47 -59.99
N GLN C 1783 -8.42 78.76 -60.30
CA GLN C 1783 -7.44 79.42 -61.17
C GLN C 1783 -6.48 80.32 -60.41
N LEU C 1784 -6.96 80.98 -59.35
CA LEU C 1784 -6.14 81.90 -58.58
C LEU C 1784 -6.36 81.65 -57.09
N LEU C 1785 -5.36 82.06 -56.31
CA LEU C 1785 -5.48 82.11 -54.85
C LEU C 1785 -4.81 83.39 -54.38
N THR C 1786 -5.59 84.24 -53.71
CA THR C 1786 -5.09 85.53 -53.25
C THR C 1786 -5.14 85.55 -51.73
N ASP C 1787 -4.07 86.04 -51.12
CA ASP C 1787 -3.92 85.99 -49.67
C ASP C 1787 -4.75 87.09 -49.01
N ASP C 1788 -4.52 87.29 -47.71
CA ASP C 1788 -5.23 88.32 -46.96
C ASP C 1788 -4.83 89.72 -47.39
N ASN C 1789 -3.68 89.86 -48.04
CA ASN C 1789 -3.16 91.17 -48.44
C ASN C 1789 -3.48 91.52 -49.89
N GLY C 1790 -4.18 90.63 -50.62
CA GLY C 1790 -4.55 90.92 -51.99
C GLY C 1790 -3.58 90.43 -53.05
N HIS C 1791 -2.52 89.73 -52.67
CA HIS C 1791 -1.51 89.29 -53.63
C HIS C 1791 -1.80 87.87 -54.10
N ILE C 1792 -1.58 87.64 -55.40
CA ILE C 1792 -1.76 86.31 -55.97
C ILE C 1792 -0.60 85.43 -55.49
N VAL C 1793 -0.90 84.44 -54.67
CA VAL C 1793 0.12 83.55 -54.13
C VAL C 1793 0.23 82.23 -54.88
N TRP C 1794 -0.77 81.86 -55.68
CA TRP C 1794 -0.73 80.62 -56.44
C TRP C 1794 -1.60 80.75 -57.67
N GLU C 1795 -1.09 80.24 -58.80
CA GLU C 1795 -1.84 80.22 -60.04
C GLU C 1795 -1.88 78.80 -60.59
N GLY C 1796 -3.04 78.39 -61.09
CA GLY C 1796 -3.26 77.03 -61.56
C GLY C 1796 -3.43 76.99 -63.07
N ARG C 1797 -2.79 75.99 -63.70
CA ARG C 1797 -2.92 75.75 -65.13
C ARG C 1797 -3.14 74.26 -65.33
N TYR C 1798 -4.10 73.90 -66.16
CA TYR C 1798 -4.58 72.54 -66.25
C TYR C 1798 -4.66 72.08 -67.71
N SER C 1799 -4.44 70.78 -67.91
CA SER C 1799 -4.59 70.16 -69.21
C SER C 1799 -6.07 69.96 -69.55
N ALA C 1800 -6.33 69.45 -70.75
CA ALA C 1800 -7.70 69.18 -71.17
C ALA C 1800 -8.35 68.08 -70.34
N LEU C 1801 -7.57 67.20 -69.71
CA LEU C 1801 -8.10 66.19 -68.82
C LEU C 1801 -7.96 66.54 -67.35
N GLY C 1802 -7.44 67.73 -67.03
CA GLY C 1802 -7.44 68.23 -65.69
C GLY C 1802 -6.18 68.01 -64.89
N LYS C 1803 -5.10 67.57 -65.53
CA LYS C 1803 -3.84 67.43 -64.82
C LYS C 1803 -3.22 68.79 -64.55
N GLN C 1804 -2.74 68.98 -63.33
CA GLN C 1804 -2.08 70.22 -62.94
C GLN C 1804 -0.77 70.30 -63.71
N LEU C 1805 -0.77 71.08 -64.80
CA LEU C 1805 0.41 71.16 -65.66
C LEU C 1805 1.59 71.76 -64.91
N ASP C 1806 1.34 72.78 -64.10
CA ASP C 1806 2.39 73.34 -63.25
C ASP C 1806 1.81 73.76 -61.90
N GLY C 1816 3.82 77.14 -47.78
CA GLY C 1816 2.99 78.27 -47.40
C GLY C 1816 1.80 78.48 -48.33
N GLY C 1817 2.09 78.88 -49.56
CA GLY C 1817 1.05 79.15 -50.53
C GLY C 1817 0.87 78.05 -51.56
N GLN C 1818 -0.03 77.12 -51.29
CA GLN C 1818 -0.37 76.07 -52.24
C GLN C 1818 -1.84 75.75 -52.14
N ASN C 1819 -2.41 75.27 -53.25
CA ASN C 1819 -3.80 74.81 -53.31
C ASN C 1819 -3.81 73.37 -53.77
N ASN C 1820 -4.33 72.48 -52.92
CA ASN C 1820 -4.46 71.07 -53.23
C ASN C 1820 -5.82 70.72 -53.80
N LEU C 1821 -6.63 71.72 -54.10
CA LEU C 1821 -7.95 71.53 -54.71
C LEU C 1821 -7.83 71.72 -56.21
N CYS C 1822 -8.29 70.73 -56.97
CA CYS C 1822 -8.31 70.77 -58.42
C CYS C 1822 -9.71 70.38 -58.88
N TYR C 1823 -10.15 70.93 -60.01
CA TYR C 1823 -11.50 70.66 -60.52
C TYR C 1823 -12.56 70.93 -59.45
N GLN C 1824 -13.55 70.04 -59.37
CA GLN C 1824 -14.64 70.12 -58.39
C GLN C 1824 -14.64 68.89 -57.52
N GLY C 1825 -14.52 69.09 -56.21
CA GLY C 1825 -14.53 67.98 -55.28
C GLY C 1825 -13.36 67.04 -55.40
N GLN C 1826 -12.31 67.45 -56.11
CA GLN C 1826 -11.14 66.63 -56.37
C GLN C 1826 -9.95 67.15 -55.58
N TYR C 1827 -9.42 66.33 -54.69
CA TYR C 1827 -8.23 66.65 -53.91
C TYR C 1827 -7.01 66.05 -54.58
N TYR C 1828 -5.97 66.86 -54.78
CA TYR C 1828 -4.77 66.42 -55.47
C TYR C 1828 -3.87 65.68 -54.49
N ASP C 1829 -3.79 64.36 -54.62
CA ASP C 1829 -2.82 63.57 -53.86
C ASP C 1829 -1.49 63.61 -54.61
N ARG C 1830 -0.53 64.38 -54.09
CA ARG C 1830 0.73 64.60 -54.79
C ARG C 1830 1.54 63.32 -54.91
N GLU C 1831 1.38 62.38 -53.97
CA GLU C 1831 2.21 61.18 -54.01
C GLU C 1831 1.81 60.28 -55.16
N SER C 1832 0.53 60.26 -55.54
CA SER C 1832 0.05 59.37 -56.59
C SER C 1832 -0.29 60.08 -57.89
N GLY C 1833 -0.50 61.39 -57.88
CA GLY C 1833 -1.01 62.08 -59.04
C GLY C 1833 -2.49 61.90 -59.29
N LEU C 1834 -3.21 61.22 -58.41
CA LEU C 1834 -4.64 61.00 -58.58
C LEU C 1834 -5.44 62.12 -57.92
N HIS C 1835 -6.69 62.26 -58.34
CA HIS C 1835 -7.61 63.24 -57.79
C HIS C 1835 -8.72 62.50 -57.06
N TYR C 1836 -8.88 62.78 -55.78
CA TYR C 1836 -9.83 62.07 -54.92
C TYR C 1836 -11.19 62.76 -54.94
N ASN C 1837 -12.20 62.11 -55.50
CA ASN C 1837 -13.60 62.48 -55.30
C ASN C 1837 -14.17 61.64 -54.17
N ARG C 1838 -15.39 61.96 -53.76
CA ARG C 1838 -16.06 61.13 -52.77
C ARG C 1838 -16.52 59.84 -53.43
N PHE C 1839 -16.08 58.70 -52.87
CA PHE C 1839 -16.35 57.33 -53.28
C PHE C 1839 -15.45 56.87 -54.44
N ARG C 1840 -14.74 57.75 -55.12
CA ARG C 1840 -14.00 57.37 -56.32
C ARG C 1840 -12.67 58.11 -56.39
N TYR C 1841 -11.79 57.62 -57.27
CA TYR C 1841 -10.49 58.23 -57.54
C TYR C 1841 -10.35 58.52 -59.03
N TYR C 1842 -9.97 59.75 -59.36
CA TYR C 1842 -9.88 60.22 -60.74
C TYR C 1842 -8.43 60.33 -61.17
N ASP C 1843 -8.12 59.82 -62.36
CA ASP C 1843 -6.77 59.88 -62.91
C ASP C 1843 -6.73 60.94 -64.00
N PRO C 1844 -6.02 62.05 -63.81
CA PRO C 1844 -6.00 63.11 -64.84
C PRO C 1844 -5.16 62.76 -66.06
N ASP C 1845 -4.43 61.65 -66.05
CA ASP C 1845 -3.66 61.24 -67.21
C ASP C 1845 -4.53 60.61 -68.30
N ILE C 1846 -5.68 60.05 -67.93
CA ILE C 1846 -6.53 59.33 -68.88
C ILE C 1846 -7.96 59.86 -68.79
N GLY C 1847 -8.22 60.73 -67.82
CA GLY C 1847 -9.53 61.33 -67.71
C GLY C 1847 -10.60 60.37 -67.28
N ARG C 1848 -10.24 59.32 -66.56
CA ARG C 1848 -11.14 58.28 -66.12
C ARG C 1848 -10.91 57.98 -64.65
N PHE C 1849 -11.95 57.44 -64.00
CA PHE C 1849 -11.78 56.89 -62.67
C PHE C 1849 -11.06 55.55 -62.76
N ILE C 1850 -10.22 55.27 -61.78
CA ILE C 1850 -9.41 54.05 -61.79
C ILE C 1850 -10.18 52.92 -61.14
N GLN C 1851 -11.48 53.12 -60.92
CA GLN C 1851 -12.32 52.10 -60.30
C GLN C 1851 -13.72 52.22 -60.87
N GLN C 1852 -14.41 51.09 -60.92
CA GLN C 1852 -15.74 51.04 -61.50
C GLN C 1852 -16.75 51.76 -60.60
N ASP C 1853 -17.88 52.13 -61.21
CA ASP C 1853 -18.89 52.93 -60.53
C ASP C 1853 -19.72 52.05 -59.60
N PRO C 1854 -19.81 52.36 -58.30
CA PRO C 1854 -20.75 51.62 -57.45
C PRO C 1854 -22.20 51.86 -57.84
N ILE C 1855 -22.52 53.03 -58.40
CA ILE C 1855 -23.89 53.32 -58.79
C ILE C 1855 -24.40 52.29 -59.80
N GLY C 1856 -23.54 51.84 -60.70
CA GLY C 1856 -23.94 50.86 -61.69
C GLY C 1856 -24.52 51.47 -62.94
N LEU C 1857 -25.41 50.74 -63.60
CA LEU C 1857 -26.02 51.21 -64.83
C LEU C 1857 -26.95 52.40 -64.63
N PHE C 1858 -27.31 52.73 -63.39
CA PHE C 1858 -28.13 53.92 -63.16
C PHE C 1858 -27.43 55.19 -63.64
N GLY C 1859 -26.11 55.23 -63.56
CA GLY C 1859 -25.38 56.42 -63.99
C GLY C 1859 -25.04 56.43 -65.46
N ASP C 1860 -24.23 55.45 -65.89
CA ASP C 1860 -23.80 55.37 -67.27
C ASP C 1860 -23.41 53.93 -67.58
N SER C 1861 -23.52 53.57 -68.87
CA SER C 1861 -23.16 52.21 -69.27
C SER C 1861 -21.68 51.93 -69.06
N ASN C 1862 -20.82 52.89 -69.41
CA ASN C 1862 -19.39 52.79 -69.11
C ASN C 1862 -19.15 53.29 -67.69
N PHE C 1863 -18.57 52.43 -66.85
CA PHE C 1863 -18.43 52.74 -65.43
C PHE C 1863 -17.22 53.60 -65.12
N TYR C 1864 -16.27 53.73 -66.05
CA TYR C 1864 -15.07 54.53 -65.81
C TYR C 1864 -15.20 55.96 -66.31
N THR C 1865 -16.17 56.24 -67.17
CA THR C 1865 -16.26 57.55 -67.80
C THR C 1865 -16.60 58.62 -66.76
N TYR C 1866 -15.87 59.73 -66.81
CA TYR C 1866 -16.12 60.87 -65.95
C TYR C 1866 -17.18 61.78 -66.57
N ALA C 1867 -16.93 62.23 -67.79
CA ALA C 1867 -17.81 63.14 -68.51
C ALA C 1867 -17.38 63.21 -69.97
N PRO C 1868 -18.27 62.93 -70.92
CA PRO C 1868 -17.90 63.04 -72.34
C PRO C 1868 -17.19 64.34 -72.68
N ASN C 1869 -17.56 65.44 -72.03
CA ASN C 1869 -16.83 66.68 -72.09
C ASN C 1869 -15.88 66.80 -70.90
N THR C 1870 -14.76 67.48 -71.11
CA THR C 1870 -13.89 67.87 -70.02
C THR C 1870 -13.80 69.40 -70.01
N ALA C 1871 -13.63 69.96 -68.81
CA ALA C 1871 -13.61 71.41 -68.60
C ALA C 1871 -14.93 72.05 -69.01
N ASN C 1872 -16.00 71.24 -69.06
CA ASN C 1872 -17.34 71.65 -69.43
C ASN C 1872 -18.29 70.48 -69.19
N TRP C 1873 -19.51 70.77 -68.72
CA TRP C 1873 -20.55 69.77 -68.48
C TRP C 1873 -19.99 68.53 -67.79
N ILE C 1874 -19.28 68.77 -66.69
CA ILE C 1874 -18.75 67.71 -65.85
C ILE C 1874 -19.56 67.68 -64.57
N ASP C 1875 -19.88 66.49 -64.09
CA ASP C 1875 -20.77 66.30 -62.95
C ASP C 1875 -20.12 65.41 -61.90
N PRO C 1876 -19.30 65.97 -61.01
CA PRO C 1876 -18.82 65.19 -59.87
C PRO C 1876 -19.92 64.84 -58.87
N PHE C 1877 -21.07 65.52 -58.95
CA PHE C 1877 -22.22 65.12 -58.16
C PHE C 1877 -22.70 63.72 -58.53
N GLY C 1878 -22.61 63.36 -59.80
CA GLY C 1878 -23.08 62.07 -60.27
C GLY C 1878 -23.70 62.16 -61.65
N LEU C 1879 -23.97 61.01 -62.26
CA LEU C 1879 -24.56 60.98 -63.59
C LEU C 1879 -25.60 59.86 -63.72
N ALA D 826 34.42 50.89 -14.83
CA ALA D 826 34.37 49.49 -15.19
C ALA D 826 32.95 49.07 -15.56
N ASP D 827 32.71 47.77 -15.68
CA ASP D 827 31.40 47.24 -15.99
C ASP D 827 30.72 46.68 -14.74
N CYS D 828 29.40 46.66 -14.76
CA CYS D 828 28.59 46.16 -13.65
C CYS D 828 28.71 44.64 -13.53
N LYS D 829 28.18 44.11 -12.43
CA LYS D 829 28.06 42.67 -12.21
C LYS D 829 26.59 42.29 -12.08
N GLU D 830 26.22 41.18 -12.72
CA GLU D 830 24.83 40.75 -12.81
C GLU D 830 24.21 40.39 -11.46
N CYS D 831 25.02 40.22 -10.41
CA CYS D 831 24.45 39.88 -9.11
C CYS D 831 23.82 41.09 -8.41
N ARG D 832 24.06 42.30 -8.92
CA ARG D 832 23.55 43.52 -8.30
C ARG D 832 22.34 44.08 -9.04
N GLY D 833 22.50 44.37 -10.33
CA GLY D 833 21.41 44.97 -11.09
C GLY D 833 20.46 43.89 -11.60
N ARG D 834 19.18 44.21 -11.58
CA ARG D 834 18.16 43.24 -11.99
C ARG D 834 18.03 43.21 -13.51
N VAL D 835 17.84 44.37 -14.14
CA VAL D 835 17.85 44.47 -15.59
C VAL D 835 18.94 45.46 -15.98
N GLY D 836 20.18 45.01 -16.06
CA GLY D 836 21.29 45.89 -16.30
C GLY D 836 21.85 45.81 -17.71
N GLY D 837 21.04 45.37 -18.67
CA GLY D 837 21.45 45.40 -20.05
C GLY D 837 20.62 44.56 -21.00
N SER D 838 20.28 45.14 -22.16
CA SER D 838 19.73 44.36 -23.25
C SER D 838 20.86 43.70 -24.04
N ILE D 839 21.85 44.49 -24.44
CA ILE D 839 23.17 44.02 -24.79
C ILE D 839 24.19 44.35 -23.70
N GLY D 840 24.14 45.59 -23.21
CA GLY D 840 24.93 46.09 -22.11
C GLY D 840 24.65 47.56 -21.96
N LEU D 841 24.15 47.99 -20.80
CA LEU D 841 23.69 49.36 -20.63
C LEU D 841 24.71 50.27 -19.95
N ASP D 842 25.70 49.72 -19.27
CA ASP D 842 26.69 50.55 -18.60
C ASP D 842 27.78 51.02 -19.56
N VAL D 843 28.31 50.12 -20.39
CA VAL D 843 29.40 50.44 -21.29
C VAL D 843 29.11 50.04 -22.74
N GLY D 844 27.98 49.38 -23.00
CA GLY D 844 27.58 49.08 -24.36
C GLY D 844 28.18 47.84 -24.96
N ASP D 845 28.73 46.94 -24.14
CA ASP D 845 29.33 45.72 -24.66
C ASP D 845 28.27 44.69 -24.98
N GLU D 846 28.52 43.90 -26.03
CA GLU D 846 27.67 42.77 -26.37
C GLU D 846 28.16 41.53 -25.63
N ARG D 847 27.22 40.73 -25.14
CA ARG D 847 27.60 39.50 -24.44
C ARG D 847 26.51 38.46 -24.66
N PHE D 848 26.61 37.74 -25.76
CA PHE D 848 25.73 36.61 -26.02
C PHE D 848 26.47 35.31 -25.71
N SER D 849 25.69 34.26 -25.50
CA SER D 849 26.24 32.95 -25.17
C SER D 849 25.53 31.90 -26.00
N HIS D 850 26.30 31.02 -26.64
CA HIS D 850 25.78 29.93 -27.43
C HIS D 850 26.26 28.61 -26.84
N LEU D 851 25.39 27.60 -26.86
CA LEU D 851 25.64 26.33 -26.21
C LEU D 851 25.87 25.26 -27.27
N ASP D 852 26.94 24.48 -27.11
CA ASP D 852 27.29 23.44 -28.05
C ASP D 852 26.75 22.07 -27.65
N PHE D 853 26.98 21.67 -26.39
CA PHE D 853 26.49 20.38 -25.93
C PHE D 853 26.29 20.40 -24.42
N VAL D 854 25.35 19.59 -23.96
CA VAL D 854 25.11 19.35 -22.54
C VAL D 854 25.17 17.84 -22.34
N LEU D 855 26.31 17.35 -21.88
CA LEU D 855 26.46 15.92 -21.61
C LEU D 855 25.88 15.59 -20.24
N PRO D 856 25.07 14.54 -20.12
CA PRO D 856 24.39 14.29 -18.85
C PRO D 856 25.34 13.74 -17.79
N GLY D 857 24.92 13.91 -16.54
CA GLY D 857 25.69 13.46 -15.40
C GLY D 857 25.20 14.09 -14.13
N VAL D 858 25.70 13.57 -13.01
CA VAL D 858 25.40 14.20 -11.73
C VAL D 858 25.98 15.61 -11.69
N PHE D 859 27.19 15.79 -12.24
CA PHE D 859 27.71 17.12 -12.58
C PHE D 859 27.74 17.23 -14.10
N PRO D 860 26.77 17.91 -14.71
CA PRO D 860 26.72 17.96 -16.18
C PRO D 860 27.84 18.81 -16.77
N LEU D 861 28.32 18.37 -17.93
CA LEU D 861 29.29 19.12 -18.72
C LEU D 861 28.53 19.95 -19.75
N GLU D 862 28.49 21.27 -19.53
CA GLU D 862 27.73 22.18 -20.37
C GLU D 862 28.73 23.14 -21.02
N TRP D 863 29.00 22.92 -22.31
CA TRP D 863 29.97 23.73 -23.05
C TRP D 863 29.29 24.98 -23.59
N ASN D 864 28.98 25.90 -22.66
CA ASN D 864 28.41 27.18 -23.02
C ASN D 864 29.53 28.14 -23.40
N ARG D 865 29.46 28.68 -24.61
CA ARG D 865 30.48 29.57 -25.14
C ARG D 865 29.98 31.01 -25.06
N THR D 866 30.66 31.84 -24.28
CA THR D 866 30.30 33.24 -24.09
C THR D 866 31.24 34.15 -24.86
N TYR D 867 30.66 35.14 -25.55
CA TYR D 867 31.42 36.18 -26.23
C TYR D 867 31.28 37.49 -25.45
N ARG D 868 32.39 38.19 -25.26
CA ARG D 868 32.40 39.48 -24.58
C ARG D 868 33.21 40.47 -25.40
N SER D 869 32.61 41.63 -25.70
CA SER D 869 33.22 42.59 -26.61
C SER D 869 34.50 43.19 -26.02
N ASN D 870 34.47 43.53 -24.73
CA ASN D 870 35.60 44.23 -24.11
C ASN D 870 36.58 43.29 -23.42
N MET D 871 36.49 41.98 -23.67
CA MET D 871 37.45 41.03 -23.14
C MET D 871 38.74 41.07 -23.96
N THR D 872 39.79 41.66 -23.41
CA THR D 872 41.11 41.59 -24.01
C THR D 872 41.91 40.39 -23.49
N ALA D 873 41.31 39.59 -22.60
CA ALA D 873 42.07 38.55 -21.91
C ALA D 873 42.49 37.42 -22.86
N LYS D 874 41.61 37.04 -23.78
CA LYS D 874 41.86 35.89 -24.64
C LYS D 874 42.28 36.27 -26.06
N ASP D 875 42.62 37.55 -26.28
CA ASP D 875 42.98 37.99 -27.63
C ASP D 875 44.32 37.42 -28.07
N GLY D 876 45.34 37.49 -27.21
CA GLY D 876 46.68 37.13 -27.65
C GLY D 876 46.85 35.66 -27.95
N GLN D 877 46.50 34.81 -26.98
CA GLN D 877 46.59 33.35 -27.12
C GLN D 877 45.22 32.79 -26.72
N GLY D 878 44.32 32.67 -27.68
CA GLY D 878 42.96 32.24 -27.41
C GLY D 878 42.78 30.75 -27.63
N GLU D 879 42.16 30.10 -26.65
CA GLU D 879 41.83 28.69 -26.76
C GLU D 879 40.66 28.46 -27.70
N LEU D 880 39.74 29.42 -27.79
CA LEU D 880 38.58 29.35 -28.68
C LEU D 880 38.47 30.59 -29.55
N GLY D 881 39.54 31.38 -29.65
CA GLY D 881 39.51 32.61 -30.39
C GLY D 881 39.77 33.81 -29.49
N PRO D 882 39.71 35.01 -30.06
CA PRO D 882 40.10 36.22 -29.31
C PRO D 882 39.18 36.59 -28.15
N ARG D 883 37.86 36.63 -28.38
CA ARG D 883 36.94 37.18 -27.39
C ARG D 883 35.89 36.15 -26.95
N TRP D 884 36.27 34.88 -26.88
CA TRP D 884 35.37 33.81 -26.49
C TRP D 884 35.91 33.15 -25.22
N ILE D 885 35.00 32.79 -24.31
CA ILE D 885 35.38 32.13 -23.06
C ILE D 885 34.26 31.18 -22.66
N THR D 886 34.64 30.10 -21.96
CA THR D 886 33.70 29.14 -21.43
C THR D 886 34.03 28.87 -19.96
N ALA D 887 33.15 28.10 -19.31
CA ALA D 887 33.34 27.75 -17.90
C ALA D 887 34.60 26.92 -17.68
N PHE D 888 35.10 26.23 -18.69
CA PHE D 888 36.29 25.41 -18.57
C PHE D 888 37.54 26.13 -19.06
N THR D 889 37.41 27.37 -19.51
CA THR D 889 38.53 28.14 -20.03
C THR D 889 38.79 29.39 -19.17
N LEU D 890 38.29 29.41 -17.94
CA LEU D 890 38.54 30.51 -17.04
C LEU D 890 40.03 30.60 -16.73
N VAL D 891 40.46 31.79 -16.30
CA VAL D 891 41.86 32.04 -16.02
C VAL D 891 41.97 33.13 -14.98
N VAL D 892 42.95 32.98 -14.09
CA VAL D 892 43.27 33.99 -13.07
C VAL D 892 44.64 34.56 -13.41
N LEU D 893 44.68 35.86 -13.67
CA LEU D 893 45.90 36.51 -14.11
C LEU D 893 46.46 37.32 -12.95
N PRO D 894 47.70 37.06 -12.53
CA PRO D 894 48.29 37.88 -11.47
C PRO D 894 48.55 39.28 -11.99
N LEU D 895 48.54 40.25 -11.06
CA LEU D 895 48.81 41.62 -11.44
C LEU D 895 50.17 41.99 -10.90
N GLU D 896 50.84 42.89 -11.62
CA GLU D 896 52.20 43.28 -11.26
C GLU D 896 52.25 44.28 -10.10
N THR D 897 51.21 45.07 -9.90
CA THR D 897 51.19 46.02 -8.80
C THR D 897 50.75 45.37 -7.48
N GLY D 898 49.68 44.58 -7.50
CA GLY D 898 49.21 43.96 -6.27
C GLY D 898 47.82 43.38 -6.39
N GLY D 899 47.74 42.11 -6.73
CA GLY D 899 46.44 41.47 -6.78
C GLY D 899 46.43 40.40 -7.82
N TYR D 900 45.22 39.93 -8.12
CA TYR D 900 44.97 38.96 -9.16
C TYR D 900 43.75 39.45 -9.91
N GLU D 901 43.49 38.84 -11.06
CA GLU D 901 42.31 39.18 -11.86
C GLU D 901 41.63 37.88 -12.27
N TYR D 902 40.36 37.75 -11.92
CA TYR D 902 39.60 36.53 -12.20
C TYR D 902 38.73 36.78 -13.42
N ILE D 903 39.06 36.12 -14.53
CA ILE D 903 38.32 36.26 -15.78
C ILE D 903 37.11 35.34 -15.68
N SER D 904 35.98 35.90 -15.28
CA SER D 904 34.79 35.11 -14.96
C SER D 904 34.16 34.51 -16.21
N GLU D 905 33.18 33.64 -15.97
CA GLU D 905 32.47 32.97 -17.06
C GLU D 905 31.70 33.95 -17.93
N VAL D 906 31.32 35.10 -17.37
CA VAL D 906 30.55 36.09 -18.11
C VAL D 906 31.49 37.10 -18.75
N GLY D 907 32.78 36.79 -18.75
CA GLY D 907 33.79 37.58 -19.44
C GLY D 907 34.30 38.81 -18.73
N ARG D 908 33.79 39.13 -17.54
CA ARG D 908 34.24 40.32 -16.82
C ARG D 908 35.48 40.03 -16.01
N ALA D 909 36.47 40.93 -16.09
CA ALA D 909 37.68 40.83 -15.29
C ALA D 909 37.37 41.32 -13.87
N VAL D 910 37.40 40.41 -12.91
CA VAL D 910 37.09 40.71 -11.51
C VAL D 910 38.38 40.92 -10.74
N SER D 911 38.44 42.00 -9.97
CA SER D 911 39.65 42.34 -9.22
C SER D 911 39.74 41.51 -7.94
N VAL D 912 40.96 41.08 -7.63
CA VAL D 912 41.22 40.21 -6.48
C VAL D 912 42.24 40.90 -5.59
N ILE D 913 42.24 40.50 -4.32
CA ILE D 913 43.15 41.06 -3.32
C ILE D 913 44.42 40.23 -3.31
N GLU D 914 45.56 40.91 -3.19
CA GLU D 914 46.84 40.23 -3.08
C GLU D 914 46.82 39.32 -1.86
N LEU D 915 46.72 38.01 -2.07
CA LEU D 915 46.49 37.06 -1.00
C LEU D 915 47.80 36.44 -0.51
N GLU D 916 47.68 35.68 0.56
CA GLU D 916 48.76 34.98 1.24
C GLU D 916 48.24 33.63 1.67
N PRO D 917 49.08 32.59 1.66
CA PRO D 917 48.61 31.27 2.08
C PRO D 917 47.95 31.28 3.45
N GLY D 918 46.76 30.69 3.51
CA GLY D 918 45.97 30.66 4.73
C GLY D 918 45.00 31.81 4.91
N GLN D 919 44.87 32.69 3.92
CA GLN D 919 43.99 33.85 4.00
C GLN D 919 42.74 33.61 3.16
N GLU D 920 41.61 34.11 3.66
CA GLU D 920 40.34 34.03 2.95
C GLU D 920 39.68 35.40 2.98
N TRP D 921 38.78 35.63 2.02
CA TRP D 921 38.00 36.87 2.01
C TRP D 921 36.67 36.66 1.30
N TYR D 922 35.91 37.75 1.19
CA TYR D 922 34.60 37.76 0.54
C TYR D 922 34.51 39.09 -0.19
N ASP D 923 34.41 39.04 -1.52
CA ASP D 923 34.56 40.25 -2.32
C ASP D 923 33.48 41.28 -2.02
N ARG D 924 32.25 40.84 -1.75
CA ARG D 924 31.16 41.73 -1.35
C ARG D 924 30.79 42.75 -2.42
N THR D 925 31.71 43.04 -3.36
CA THR D 925 31.36 43.77 -4.56
C THR D 925 30.99 42.84 -5.69
N GLU D 926 31.55 41.64 -5.68
CA GLU D 926 31.27 40.62 -6.69
C GLU D 926 30.85 39.29 -6.07
N GLU D 927 30.51 39.29 -4.78
CA GLU D 927 29.98 38.11 -4.09
C GLU D 927 30.78 36.84 -4.39
N LEU D 928 32.08 36.92 -4.09
CA LEU D 928 32.99 35.80 -4.32
C LEU D 928 33.75 35.51 -3.03
N ILE D 929 33.75 34.25 -2.64
CA ILE D 929 34.54 33.80 -1.50
C ILE D 929 35.87 33.29 -2.03
N TRP D 930 36.95 33.98 -1.67
CA TRP D 930 38.28 33.68 -2.19
C TRP D 930 39.13 33.02 -1.11
N ARG D 931 40.02 32.13 -1.55
CA ARG D 931 40.83 31.34 -0.63
C ARG D 931 42.15 31.01 -1.31
N ARG D 932 43.24 31.14 -0.56
CA ARG D 932 44.58 30.79 -1.04
C ARG D 932 45.05 29.55 -0.28
N PRO D 933 44.71 28.34 -0.76
CA PRO D 933 45.14 27.14 -0.02
C PRO D 933 46.65 26.96 0.02
N ASP D 934 47.34 27.32 -1.06
CA ASP D 934 48.78 27.12 -1.14
C ASP D 934 49.39 28.20 -2.02
N VAL D 935 50.72 28.19 -2.12
CA VAL D 935 51.44 29.21 -2.88
C VAL D 935 51.04 29.17 -4.36
N ASP D 936 50.85 27.96 -4.89
CA ASP D 936 50.57 27.77 -6.31
C ASP D 936 49.11 27.42 -6.57
N THR D 937 48.21 27.71 -5.63
CA THR D 937 46.81 27.33 -5.76
C THR D 937 45.91 28.49 -5.38
N LEU D 938 44.85 28.69 -6.17
CA LEU D 938 43.81 29.66 -5.87
C LEU D 938 42.44 28.99 -6.01
N GLU D 939 41.53 29.32 -5.11
CA GLU D 939 40.21 28.71 -5.08
C GLU D 939 39.15 29.77 -4.88
N VAL D 940 38.04 29.65 -5.60
CA VAL D 940 36.93 30.61 -5.55
C VAL D 940 35.66 29.86 -5.17
N SER D 941 34.81 30.52 -4.39
CA SER D 941 33.53 29.95 -3.99
C SER D 941 32.44 31.00 -4.14
N GLN D 942 31.36 30.63 -4.84
CA GLN D 942 30.21 31.50 -5.07
C GLN D 942 29.17 31.24 -4.00
N LYS D 943 29.41 31.80 -2.80
CA LYS D 943 28.58 31.56 -1.63
C LYS D 943 28.44 30.07 -1.34
N TYR D 944 29.56 29.35 -1.47
CA TYR D 944 29.67 27.92 -1.20
C TYR D 944 28.76 27.08 -2.08
N GLN D 945 28.03 27.70 -3.02
CA GLN D 945 27.18 26.93 -3.92
C GLN D 945 27.94 26.40 -5.12
N ARG D 946 29.09 26.99 -5.44
CA ARG D 946 29.92 26.50 -6.54
C ARG D 946 31.35 26.84 -6.21
N THR D 947 32.28 25.99 -6.66
CA THR D 947 33.68 26.15 -6.31
C THR D 947 34.55 25.94 -7.54
N GLU D 948 35.53 26.82 -7.71
CA GLU D 948 36.49 26.73 -8.80
C GLU D 948 37.89 26.79 -8.21
N THR D 949 38.76 25.89 -8.66
CA THR D 949 40.12 25.77 -8.13
C THR D 949 41.13 25.99 -9.25
N PHE D 950 42.18 26.74 -8.96
CA PHE D 950 43.19 27.11 -9.93
C PHE D 950 44.57 26.65 -9.50
N GLU D 951 45.44 26.48 -10.50
CA GLU D 951 46.84 26.11 -10.30
C GLU D 951 47.70 26.97 -11.20
N ARG D 952 48.99 27.04 -10.89
CA ARG D 952 49.96 27.92 -11.57
C ARG D 952 50.68 27.17 -12.68
N SER D 953 50.68 27.73 -13.89
CA SER D 953 51.45 27.14 -14.99
C SER D 953 52.34 28.17 -15.67
N GLY D 954 53.06 28.98 -14.90
CA GLY D 954 54.00 29.93 -15.48
C GLY D 954 53.36 31.25 -15.89
N ASP D 955 53.52 32.29 -15.07
CA ASP D 955 52.99 33.62 -15.37
C ASP D 955 51.47 33.59 -15.59
N VAL D 956 50.80 32.58 -15.02
CA VAL D 956 49.37 32.41 -15.21
C VAL D 956 48.88 31.43 -14.16
N PHE D 957 47.59 31.49 -13.86
CA PHE D 957 46.93 30.52 -12.97
C PHE D 957 45.87 29.77 -13.78
N ARG D 958 46.17 28.52 -14.14
CA ARG D 958 45.23 27.71 -14.89
C ARG D 958 44.06 27.29 -14.02
N LEU D 959 42.94 26.97 -14.67
CA LEU D 959 41.81 26.36 -14.00
C LEU D 959 42.05 24.87 -13.86
N LYS D 960 42.05 24.37 -12.62
CA LYS D 960 42.32 22.95 -12.40
C LYS D 960 41.05 22.11 -12.33
N THR D 961 40.03 22.57 -11.59
CA THR D 961 38.83 21.77 -11.41
C THR D 961 37.67 22.67 -11.01
N ILE D 962 36.47 22.16 -11.24
CA ILE D 962 35.22 22.82 -10.89
C ILE D 962 34.43 21.89 -9.98
N ALA D 963 33.74 22.47 -9.00
CA ALA D 963 33.08 21.69 -7.96
C ALA D 963 31.60 22.04 -7.90
N ASP D 964 30.82 21.06 -7.43
CA ASP D 964 29.37 21.16 -7.35
C ASP D 964 28.92 21.67 -5.97
N ARG D 965 27.63 21.96 -5.87
CA ARG D 965 27.03 22.25 -4.57
C ARG D 965 27.18 21.08 -3.62
N ALA D 966 27.05 19.86 -4.14
CA ALA D 966 27.18 18.64 -3.34
C ALA D 966 28.59 18.04 -3.38
N GLY D 967 29.57 18.79 -3.90
CA GLY D 967 30.94 18.31 -3.93
C GLY D 967 31.34 17.53 -5.16
N ASN D 968 30.43 17.32 -6.12
CA ASN D 968 30.79 16.67 -7.38
C ASN D 968 31.82 17.51 -8.12
N GLN D 969 32.69 16.84 -8.87
CA GLN D 969 33.86 17.48 -9.46
C GLN D 969 33.94 17.22 -10.95
N ALA D 970 34.53 18.18 -11.66
CA ALA D 970 35.03 18.01 -13.02
C ALA D 970 36.49 18.40 -13.05
N GLN D 971 37.35 17.50 -13.51
CA GLN D 971 38.80 17.67 -13.44
C GLN D 971 39.36 18.01 -14.81
N LEU D 972 40.24 19.00 -14.86
CA LEU D 972 40.86 19.46 -16.09
C LEU D 972 42.29 18.93 -16.17
N ILE D 973 42.65 18.37 -17.32
CA ILE D 973 43.96 17.77 -17.52
C ILE D 973 44.68 18.48 -18.66
N TYR D 974 45.94 18.84 -18.43
CA TYR D 974 46.75 19.56 -19.40
C TYR D 974 47.97 18.73 -19.80
N ASP D 975 48.49 19.01 -20.99
CA ASP D 975 49.70 18.37 -21.47
C ASP D 975 50.93 18.99 -20.83
N ALA D 976 52.01 18.21 -20.76
CA ALA D 976 53.24 18.69 -20.15
C ALA D 976 54.02 19.62 -21.06
N GLU D 977 53.98 19.38 -22.38
CA GLU D 977 54.68 20.21 -23.35
C GLU D 977 53.80 21.27 -23.99
N ASN D 978 52.56 20.92 -24.33
CA ASN D 978 51.69 21.87 -25.02
C ASN D 978 51.20 22.95 -24.07
N GLY D 979 50.86 22.57 -22.84
CA GLY D 979 50.20 23.46 -21.92
C GLY D 979 48.75 23.70 -22.25
N PHE D 980 48.22 22.98 -23.23
CA PHE D 980 46.84 23.13 -23.66
C PHE D 980 45.91 22.24 -22.83
N LEU D 981 44.68 22.69 -22.69
CA LEU D 981 43.64 21.87 -22.06
C LEU D 981 43.29 20.75 -23.01
N VAL D 982 43.84 19.56 -22.78
CA VAL D 982 43.67 18.47 -23.72
C VAL D 982 42.44 17.61 -23.42
N ARG D 983 42.02 17.51 -22.16
CA ARG D 983 40.83 16.72 -21.84
C ARG D 983 40.30 17.16 -20.48
N VAL D 984 39.01 16.89 -20.28
CA VAL D 984 38.32 17.16 -19.02
C VAL D 984 37.69 15.86 -18.56
N GLU D 985 37.69 15.65 -17.24
CA GLU D 985 37.29 14.38 -16.66
C GLU D 985 36.11 14.57 -15.70
N THR D 986 35.20 13.60 -15.73
CA THR D 986 34.03 13.58 -14.85
C THR D 986 33.83 12.14 -14.39
N ALA D 987 32.98 11.97 -13.37
CA ALA D 987 32.76 10.66 -12.77
C ALA D 987 32.48 9.57 -13.79
N ILE D 988 31.79 9.89 -14.88
CA ILE D 988 31.45 8.88 -15.87
C ILE D 988 31.90 9.22 -17.29
N GLN D 989 32.15 10.48 -17.62
CA GLN D 989 32.41 10.88 -18.99
C GLN D 989 33.79 11.50 -19.14
N THR D 990 34.36 11.34 -20.33
CA THR D 990 35.66 11.91 -20.68
C THR D 990 35.53 12.64 -22.01
N VAL D 991 36.00 13.88 -22.04
CA VAL D 991 35.89 14.76 -23.20
C VAL D 991 37.28 15.15 -23.65
N HIS D 992 37.58 14.93 -24.93
CA HIS D 992 38.90 15.21 -25.49
C HIS D 992 38.84 16.46 -26.35
N LEU D 993 39.94 17.22 -26.34
CA LEU D 993 40.05 18.49 -27.04
C LEU D 993 41.26 18.46 -27.97
N ASP D 994 41.02 18.75 -29.25
CA ASP D 994 42.08 18.83 -30.25
C ASP D 994 42.50 20.29 -30.46
N HIS D 995 43.80 20.50 -30.63
CA HIS D 995 44.35 21.84 -30.81
C HIS D 995 45.13 21.91 -32.11
N ASP D 996 45.04 23.04 -32.80
CA ASP D 996 45.82 23.29 -34.00
C ASP D 996 47.20 23.84 -33.62
N ALA D 997 47.95 24.30 -34.62
CA ALA D 997 49.25 24.89 -34.38
C ALA D 997 49.16 26.22 -33.66
N HIS D 998 47.98 26.85 -33.66
CA HIS D 998 47.78 28.16 -33.06
C HIS D 998 47.23 28.09 -31.65
N GLY D 999 47.10 26.90 -31.08
CA GLY D 999 46.57 26.74 -29.74
C GLY D 999 45.06 26.76 -29.64
N ARG D 1000 44.36 26.98 -30.75
CA ARG D 1000 42.91 27.05 -30.74
C ARG D 1000 42.32 25.64 -30.80
N ILE D 1001 41.21 25.44 -30.09
CA ILE D 1001 40.51 24.16 -30.13
C ILE D 1001 39.82 24.02 -31.48
N THR D 1002 39.98 22.86 -32.10
CA THR D 1002 39.40 22.57 -33.41
C THR D 1002 38.25 21.58 -33.37
N THR D 1003 38.40 20.48 -32.63
CA THR D 1003 37.37 19.46 -32.54
C THR D 1003 37.29 18.95 -31.11
N ILE D 1004 36.10 18.50 -30.72
CA ILE D 1004 35.84 18.01 -29.37
C ILE D 1004 35.28 16.60 -29.47
N TRP D 1005 35.88 15.67 -28.72
CA TRP D 1005 35.51 14.26 -28.74
C TRP D 1005 35.03 13.85 -27.37
N HIS D 1006 34.19 12.81 -27.30
CA HIS D 1006 33.77 12.28 -26.01
C HIS D 1006 33.53 10.78 -26.15
N GLU D 1007 33.93 10.05 -25.11
CA GLU D 1007 33.74 8.59 -25.08
C GLU D 1007 32.31 8.22 -24.68
N VAL D 1008 31.77 7.21 -25.37
CA VAL D 1008 30.44 6.68 -25.10
C VAL D 1008 30.60 5.23 -24.65
N THR D 1009 29.95 4.89 -23.54
CA THR D 1009 30.02 3.53 -23.00
C THR D 1009 28.70 2.82 -23.33
N GLY D 1010 28.74 1.97 -24.36
CA GLY D 1010 27.56 1.23 -24.77
C GLY D 1010 27.41 -0.09 -24.06
N ASP D 1011 26.24 -0.71 -24.28
CA ASP D 1011 25.96 -2.01 -23.66
C ASP D 1011 26.91 -3.09 -24.18
N ASP D 1012 27.32 -2.98 -25.45
CA ASP D 1012 28.29 -3.93 -26.00
C ASP D 1012 29.67 -3.78 -25.40
N GLY D 1013 29.95 -2.68 -24.70
CA GLY D 1013 31.27 -2.42 -24.17
C GLY D 1013 32.30 -2.01 -25.20
N THR D 1014 31.96 -2.02 -26.47
CA THR D 1014 32.91 -1.64 -27.50
C THR D 1014 33.29 -0.16 -27.34
N PRO D 1015 34.58 0.17 -27.45
CA PRO D 1015 35.02 1.56 -27.24
C PRO D 1015 34.41 2.46 -28.30
N LEU D 1016 33.78 3.55 -27.84
CA LEU D 1016 33.11 4.48 -28.74
C LEU D 1016 33.52 5.91 -28.44
N ARG D 1017 34.10 6.57 -29.45
CA ARG D 1017 34.52 7.96 -29.37
C ARG D 1017 33.71 8.75 -30.38
N ARG D 1018 33.04 9.82 -29.94
CA ARG D 1018 32.09 10.56 -30.77
C ARG D 1018 32.49 12.02 -30.89
N THR D 1019 32.28 12.59 -32.08
CA THR D 1019 32.49 14.02 -32.28
C THR D 1019 31.37 14.82 -31.62
N LEU D 1020 31.75 15.92 -30.97
CA LEU D 1020 30.79 16.68 -30.18
C LEU D 1020 30.73 18.15 -30.58
N ALA D 1021 31.83 18.69 -31.08
CA ALA D 1021 31.86 20.08 -31.54
C ALA D 1021 32.95 20.25 -32.60
N ARG D 1022 32.71 21.17 -33.53
CA ARG D 1022 33.66 21.45 -34.61
C ARG D 1022 33.71 22.95 -34.86
N TYR D 1023 34.92 23.50 -34.93
CA TYR D 1023 35.14 24.94 -35.01
C TYR D 1023 35.95 25.29 -36.25
N GLN D 1024 35.63 26.46 -36.82
CA GLN D 1024 36.28 26.95 -38.03
C GLN D 1024 36.66 28.42 -37.83
N TYR D 1025 37.86 28.77 -38.27
CA TYR D 1025 38.39 30.12 -38.13
C TYR D 1025 38.86 30.63 -39.48
N ASP D 1026 38.84 31.95 -39.65
CA ASP D 1026 39.23 32.57 -40.90
C ASP D 1026 40.59 33.26 -40.74
N GLU D 1027 40.95 34.09 -41.72
CA GLU D 1027 42.25 34.74 -41.72
C GLU D 1027 42.42 35.73 -40.57
N ALA D 1028 41.32 36.24 -40.01
CA ALA D 1028 41.38 37.19 -38.90
C ALA D 1028 41.44 36.50 -37.54
N HIS D 1029 41.59 35.18 -37.52
CA HIS D 1029 41.64 34.37 -36.30
C HIS D 1029 40.38 34.44 -35.47
N ASP D 1030 39.30 35.02 -36.01
CA ASP D 1030 38.01 35.03 -35.34
C ASP D 1030 37.32 33.69 -35.51
N LEU D 1031 36.57 33.29 -34.48
CA LEU D 1031 35.74 32.09 -34.57
C LEU D 1031 34.56 32.41 -35.47
N VAL D 1032 34.66 32.04 -36.74
CA VAL D 1032 33.64 32.39 -37.72
C VAL D 1032 32.57 31.33 -37.89
N ALA D 1033 32.85 30.08 -37.52
CA ALA D 1033 31.87 29.02 -37.67
C ALA D 1033 32.05 27.99 -36.55
N ALA D 1034 30.93 27.51 -36.03
CA ALA D 1034 30.93 26.49 -34.99
C ALA D 1034 29.80 25.51 -35.27
N VAL D 1035 30.10 24.22 -35.14
CA VAL D 1035 29.15 23.15 -35.42
C VAL D 1035 29.07 22.26 -34.19
N ASP D 1036 27.84 21.93 -33.78
CA ASP D 1036 27.61 21.22 -32.52
C ASP D 1036 27.45 19.71 -32.77
N GLN D 1037 27.03 19.01 -31.71
CA GLN D 1037 26.94 17.55 -31.74
C GLN D 1037 25.90 17.02 -32.72
N TYR D 1038 24.97 17.86 -33.18
CA TYR D 1038 23.95 17.43 -34.14
C TYR D 1038 24.13 18.09 -35.50
N GLU D 1039 25.34 18.57 -35.80
CA GLU D 1039 25.66 19.18 -37.09
C GLU D 1039 24.79 20.41 -37.36
N ARG D 1040 24.61 21.23 -36.33
CA ARG D 1040 23.93 22.51 -36.45
C ARG D 1040 24.98 23.61 -36.37
N THR D 1041 24.90 24.58 -37.28
CA THR D 1041 25.97 25.52 -37.52
C THR D 1041 25.62 26.91 -36.99
N HIS D 1042 26.51 27.45 -36.16
CA HIS D 1042 26.50 28.88 -35.84
C HIS D 1042 27.46 29.61 -36.76
N THR D 1043 27.08 30.80 -37.19
CA THR D 1043 27.91 31.64 -38.04
C THR D 1043 28.12 32.99 -37.37
N TYR D 1044 29.35 33.48 -37.41
CA TYR D 1044 29.72 34.72 -36.73
C TYR D 1044 30.48 35.63 -37.69
N ALA D 1045 30.23 36.94 -37.56
CA ALA D 1045 30.93 37.94 -38.35
C ALA D 1045 31.39 39.05 -37.43
N TYR D 1046 32.58 39.60 -37.71
CA TYR D 1046 33.26 40.49 -36.78
C TYR D 1046 33.76 41.72 -37.50
N GLN D 1047 33.95 42.80 -36.73
CA GLN D 1047 34.68 43.98 -37.18
C GLN D 1047 35.71 44.32 -36.10
N ASN D 1048 36.97 43.99 -36.37
CA ASN D 1048 38.05 44.13 -35.39
C ASN D 1048 37.69 43.43 -34.08
N HIS D 1049 37.24 42.18 -34.20
CA HIS D 1049 36.83 41.30 -33.12
C HIS D 1049 35.60 41.79 -32.38
N LEU D 1050 34.99 42.90 -32.81
CA LEU D 1050 33.69 43.31 -32.31
C LEU D 1050 32.63 42.64 -33.18
N ILE D 1051 31.77 41.84 -32.54
CA ILE D 1051 30.78 41.08 -33.30
C ILE D 1051 29.86 42.04 -34.05
N THR D 1052 29.67 41.77 -35.35
CA THR D 1052 28.70 42.49 -36.15
C THR D 1052 27.53 41.63 -36.56
N ARG D 1053 27.65 40.31 -36.45
CA ARG D 1053 26.53 39.41 -36.66
C ARG D 1053 26.84 38.07 -36.00
N TYR D 1054 25.84 37.53 -35.30
CA TYR D 1054 25.90 36.17 -34.79
C TYR D 1054 24.58 35.51 -35.16
N SER D 1055 24.64 34.23 -35.46
CA SER D 1055 23.54 33.55 -36.13
C SER D 1055 22.88 32.52 -35.24
N ASP D 1056 21.56 32.40 -35.41
CA ASP D 1056 20.83 31.29 -34.84
C ASP D 1056 21.19 30.01 -35.58
N LYS D 1057 20.84 28.87 -34.98
CA LYS D 1057 21.12 27.61 -35.65
C LYS D 1057 20.27 27.42 -36.91
N THR D 1058 19.34 28.32 -37.17
CA THR D 1058 18.49 28.27 -38.34
C THR D 1058 18.89 29.29 -39.40
N GLY D 1059 19.93 30.07 -39.15
CA GLY D 1059 20.40 31.10 -40.05
C GLY D 1059 19.93 32.51 -39.73
N ARG D 1060 18.88 32.66 -38.93
CA ARG D 1060 18.45 33.99 -38.53
C ARG D 1060 19.47 34.63 -37.58
N GLY D 1061 19.81 35.89 -37.83
CA GLY D 1061 20.91 36.55 -37.17
C GLY D 1061 20.49 37.84 -36.47
N ILE D 1062 21.44 38.38 -35.70
CA ILE D 1062 21.31 39.67 -35.04
C ILE D 1062 22.54 40.50 -35.39
N ASN D 1063 22.33 41.72 -35.88
CA ASN D 1063 23.39 42.55 -36.43
C ASN D 1063 23.67 43.73 -35.51
N LEU D 1064 24.92 44.17 -35.49
CA LEU D 1064 25.36 45.23 -34.59
C LEU D 1064 26.26 46.22 -35.33
N GLU D 1065 26.34 47.42 -34.77
CA GLU D 1065 27.27 48.45 -35.22
C GLU D 1065 27.84 49.15 -34.00
N TRP D 1066 28.99 49.79 -34.17
CA TRP D 1066 29.79 50.25 -33.04
C TRP D 1066 30.22 51.70 -33.27
N ASP D 1067 30.66 52.33 -32.17
CA ASP D 1067 31.20 53.69 -32.22
C ASP D 1067 32.68 53.72 -32.57
N GLY D 1068 33.30 52.55 -32.72
CA GLY D 1068 34.71 52.47 -33.05
C GLY D 1068 35.19 51.03 -33.00
N ASP D 1069 36.51 50.88 -33.12
CA ASP D 1069 37.12 49.55 -33.16
C ASP D 1069 37.76 49.09 -31.86
N HIS D 1070 38.04 49.99 -30.92
CA HIS D 1070 38.72 49.61 -29.70
C HIS D 1070 37.84 48.66 -28.88
N PRO D 1071 38.45 47.81 -28.04
CA PRO D 1071 37.64 46.88 -27.24
C PRO D 1071 36.66 47.54 -26.30
N GLN D 1072 36.89 48.80 -25.92
CA GLN D 1072 35.95 49.54 -25.09
C GLN D 1072 34.88 50.26 -25.91
N ALA D 1073 34.71 49.90 -27.18
CA ALA D 1073 33.75 50.56 -28.04
C ALA D 1073 32.32 50.25 -27.59
N LYS D 1074 31.43 51.21 -27.81
CA LYS D 1074 30.04 51.12 -27.42
C LYS D 1074 29.19 50.77 -28.64
N CYS D 1075 28.37 49.73 -28.51
CA CYS D 1075 27.47 49.34 -29.59
C CYS D 1075 26.37 50.38 -29.77
N VAL D 1076 26.15 50.80 -31.02
CA VAL D 1076 25.23 51.89 -31.31
C VAL D 1076 23.93 51.43 -31.96
N ARG D 1077 23.89 50.26 -32.58
CA ARG D 1077 22.66 49.78 -33.22
C ARG D 1077 22.59 48.28 -33.08
N GLU D 1078 21.38 47.77 -32.84
CA GLU D 1078 21.11 46.34 -32.84
C GLU D 1078 19.86 46.10 -33.68
N TYR D 1079 19.96 45.20 -34.65
CA TYR D 1079 18.82 44.92 -35.52
C TYR D 1079 18.93 43.51 -36.08
N ARG D 1080 17.81 43.02 -36.60
CA ARG D 1080 17.71 41.65 -37.10
C ARG D 1080 17.80 41.65 -38.62
N ASP D 1081 17.76 40.44 -39.19
CA ASP D 1081 17.96 40.29 -40.64
C ASP D 1081 16.79 40.86 -41.43
N ASP D 1082 15.58 40.80 -40.89
CA ASP D 1082 14.43 41.41 -41.56
C ASP D 1082 14.32 42.91 -41.32
N GLY D 1083 15.23 43.49 -40.54
CA GLY D 1083 15.21 44.90 -40.22
C GLY D 1083 14.44 45.27 -38.98
N SER D 1084 13.61 44.36 -38.46
CA SER D 1084 12.77 44.67 -37.32
C SER D 1084 13.59 44.65 -36.02
N ASN D 1085 12.92 45.00 -34.92
CA ASN D 1085 13.50 44.97 -33.57
C ASN D 1085 14.73 45.88 -33.46
N LEU D 1086 14.71 47.00 -34.19
CA LEU D 1086 15.82 47.95 -34.13
C LEU D 1086 15.93 48.55 -32.73
N LEU D 1087 17.17 48.66 -32.25
CA LEU D 1087 17.48 49.37 -31.02
C LEU D 1087 18.57 50.40 -31.28
N ARG D 1088 18.44 51.57 -30.66
CA ARG D 1088 19.38 52.67 -30.86
C ARG D 1088 19.90 53.15 -29.51
N PHE D 1089 21.22 53.25 -29.38
CA PHE D 1089 21.87 53.58 -28.12
C PHE D 1089 22.59 54.92 -28.24
N ARG D 1090 22.58 55.68 -27.15
CA ARG D 1090 23.29 56.95 -27.08
C ARG D 1090 23.93 57.10 -25.71
N TRP D 1091 24.98 57.92 -25.63
CA TRP D 1091 25.84 57.98 -24.46
C TRP D 1091 26.27 59.41 -24.13
N ASP D 1092 26.11 59.76 -22.86
CA ASP D 1092 26.57 61.04 -22.29
C ASP D 1092 27.70 60.68 -21.33
N GLU D 1093 28.93 60.66 -21.86
CA GLU D 1093 30.07 60.21 -21.06
C GLU D 1093 30.38 61.15 -19.91
N SER D 1094 29.93 62.39 -19.96
CA SER D 1094 30.10 63.35 -18.89
C SER D 1094 28.91 63.44 -17.93
N GLU D 1095 27.79 62.79 -18.25
CA GLU D 1095 26.61 62.83 -17.39
C GLU D 1095 26.17 61.46 -16.89
N SER D 1096 26.88 60.39 -17.27
CA SER D 1096 26.62 59.04 -16.77
C SER D 1096 25.18 58.60 -16.99
N LYS D 1097 24.67 58.82 -18.19
CA LYS D 1097 23.32 58.39 -18.55
C LYS D 1097 23.35 57.70 -19.90
N THR D 1098 22.47 56.71 -20.08
CA THR D 1098 22.38 55.93 -21.30
C THR D 1098 20.98 56.02 -21.87
N TYR D 1099 20.86 56.46 -23.12
CA TYR D 1099 19.60 56.55 -23.83
C TYR D 1099 19.48 55.37 -24.78
N VAL D 1100 18.42 54.58 -24.63
CA VAL D 1100 18.14 53.47 -25.54
C VAL D 1100 16.79 53.75 -26.19
N THR D 1101 16.79 53.93 -27.51
CA THR D 1101 15.59 54.21 -28.28
C THR D 1101 15.29 53.02 -29.17
N ASP D 1102 14.01 52.64 -29.23
CA ASP D 1102 13.61 51.43 -29.93
C ASP D 1102 13.21 51.77 -31.37
N ALA D 1103 12.61 50.78 -32.05
CA ALA D 1103 12.21 50.93 -33.45
C ALA D 1103 10.95 51.78 -33.62
N LEU D 1104 10.28 52.14 -32.53
CA LEU D 1104 9.07 52.96 -32.59
C LEU D 1104 9.27 54.30 -31.87
N SER D 1105 10.51 54.76 -31.79
CA SER D 1105 10.88 56.07 -31.25
C SER D 1105 10.55 56.21 -29.76
N ALA D 1106 10.31 55.11 -29.06
CA ALA D 1106 10.17 55.15 -27.61
C ALA D 1106 11.55 55.09 -26.96
N THR D 1107 11.79 55.96 -25.98
CA THR D 1107 13.11 56.12 -25.39
C THR D 1107 13.04 55.86 -23.89
N THR D 1108 13.96 55.04 -23.40
CA THR D 1108 14.15 54.79 -21.99
C THR D 1108 15.53 55.31 -21.58
N VAL D 1109 15.59 56.07 -20.49
CA VAL D 1109 16.80 56.76 -20.05
C VAL D 1109 17.26 56.14 -18.74
N TYR D 1110 18.45 55.53 -18.77
CA TYR D 1110 19.07 54.95 -17.58
C TYR D 1110 20.15 55.89 -17.04
N THR D 1111 20.15 56.07 -15.73
CA THR D 1111 21.13 56.91 -15.04
C THR D 1111 22.00 56.04 -14.15
N PHE D 1112 23.31 56.29 -14.18
CA PHE D 1112 24.29 55.44 -13.51
C PHE D 1112 25.10 56.25 -12.50
N ASP D 1113 25.60 55.56 -11.49
CA ASP D 1113 26.50 56.14 -10.50
C ASP D 1113 27.95 56.03 -11.01
N ALA D 1114 28.91 56.42 -10.17
CA ALA D 1114 30.31 56.41 -10.58
C ALA D 1114 30.83 55.01 -10.86
N HIS D 1115 30.18 53.97 -10.32
CA HIS D 1115 30.59 52.59 -10.52
C HIS D 1115 29.67 51.85 -11.51
N ASN D 1116 28.96 52.58 -12.36
CA ASN D 1116 28.21 52.01 -13.48
C ASN D 1116 27.06 51.12 -13.00
N TYR D 1117 26.37 51.54 -11.96
CA TYR D 1117 25.16 50.87 -11.48
C TYR D 1117 23.96 51.80 -11.64
N ILE D 1118 22.82 51.20 -12.03
CA ILE D 1118 21.61 51.96 -12.32
C ILE D 1118 21.08 52.59 -11.03
N ILE D 1119 20.88 53.91 -11.06
CA ILE D 1119 20.26 54.59 -9.92
C ILE D 1119 18.93 55.21 -10.29
N HIS D 1120 18.74 55.52 -11.57
CA HIS D 1120 17.46 56.06 -12.04
C HIS D 1120 17.13 55.50 -13.42
N ILE D 1121 15.82 55.33 -13.67
CA ILE D 1121 15.31 54.92 -14.97
C ILE D 1121 14.10 55.78 -15.31
N ASP D 1122 14.18 56.54 -16.40
CA ASP D 1122 13.05 57.32 -16.90
C ASP D 1122 12.44 56.59 -18.10
N PHE D 1123 11.20 56.16 -17.96
CA PHE D 1123 10.54 55.34 -18.97
C PHE D 1123 9.82 56.21 -19.99
N ALA D 1124 9.29 55.55 -21.04
CA ALA D 1124 8.68 56.26 -22.15
C ALA D 1124 7.31 56.84 -21.81
N ASP D 1125 6.73 56.48 -20.69
CA ASP D 1125 5.46 57.06 -20.25
C ASP D 1125 5.65 58.26 -19.34
N GLY D 1126 6.89 58.66 -19.06
CA GLY D 1126 7.14 59.78 -18.18
C GLY D 1126 7.33 59.43 -16.73
N THR D 1127 7.58 58.15 -16.42
CA THR D 1127 7.75 57.70 -15.05
C THR D 1127 9.22 57.46 -14.74
N ARG D 1128 9.62 57.75 -13.50
CA ARG D 1128 10.98 57.55 -13.03
C ARG D 1128 11.00 56.60 -11.84
N GLN D 1129 11.89 55.62 -11.89
CA GLN D 1129 12.20 54.77 -10.76
C GLN D 1129 13.59 55.11 -10.22
N SER D 1130 13.75 55.09 -8.91
CA SER D 1130 15.01 55.39 -8.26
C SER D 1130 15.44 54.20 -7.42
N ARG D 1131 16.74 53.91 -7.41
CA ARG D 1131 17.30 52.78 -6.70
C ARG D 1131 18.46 53.25 -5.84
N ILE D 1132 18.33 53.11 -4.52
CA ILE D 1132 19.36 53.50 -3.58
C ILE D 1132 20.27 52.29 -3.33
N ARG D 1133 21.58 52.54 -3.26
CA ARG D 1133 22.55 51.46 -3.27
C ARG D 1133 23.50 51.58 -2.09
N ASP D 1134 23.85 50.42 -1.51
CA ASP D 1134 24.85 50.31 -0.46
C ASP D 1134 26.24 50.71 -0.94
N GLU D 1135 27.21 50.70 -0.02
CA GLU D 1135 28.61 50.70 -0.43
C GLU D 1135 29.00 49.36 -1.02
N PHE D 1136 28.21 48.32 -0.82
CA PHE D 1136 28.41 47.03 -1.46
C PHE D 1136 27.63 46.91 -2.77
N HIS D 1137 27.12 48.01 -3.30
CA HIS D 1137 26.38 48.08 -4.55
C HIS D 1137 25.04 47.36 -4.46
N ASN D 1138 24.66 46.85 -3.29
CA ASN D 1138 23.37 46.22 -3.09
C ASN D 1138 22.23 47.23 -3.22
N ILE D 1139 21.08 46.77 -3.66
CA ILE D 1139 19.89 47.59 -3.78
C ILE D 1139 19.16 47.56 -2.44
N VAL D 1140 19.18 48.69 -1.73
CA VAL D 1140 18.52 48.77 -0.42
C VAL D 1140 17.14 49.40 -0.50
N GLU D 1141 16.81 50.09 -1.59
CA GLU D 1141 15.51 50.75 -1.71
C GLU D 1141 15.18 50.94 -3.17
N VAL D 1142 13.92 50.66 -3.51
CA VAL D 1142 13.38 50.89 -4.85
C VAL D 1142 12.22 51.86 -4.72
N ARG D 1143 12.35 53.02 -5.34
CA ARG D 1143 11.37 54.10 -5.23
C ARG D 1143 10.61 54.20 -6.55
N TYR D 1144 9.29 54.07 -6.49
CA TYR D 1144 8.42 54.08 -7.65
C TYR D 1144 7.77 55.46 -7.83
N PRO D 1145 7.26 55.76 -9.04
CA PRO D 1145 6.71 57.10 -9.30
C PRO D 1145 5.50 57.46 -8.46
N ASP D 1146 4.88 56.50 -7.78
CA ASP D 1146 3.79 56.79 -6.85
C ASP D 1146 4.27 56.93 -5.42
N ASP D 1147 5.55 57.23 -5.22
CA ASP D 1147 6.18 57.34 -3.91
C ASP D 1147 6.05 56.06 -3.08
N SER D 1148 5.85 54.92 -3.75
CA SER D 1148 5.87 53.63 -3.10
C SER D 1148 7.29 53.12 -2.96
N PHE D 1149 7.55 52.42 -1.84
CA PHE D 1149 8.88 51.97 -1.49
C PHE D 1149 8.96 50.45 -1.44
N GLU D 1150 10.14 49.94 -1.78
CA GLU D 1150 10.51 48.54 -1.57
C GLU D 1150 11.88 48.55 -0.93
N LYS D 1151 11.97 48.16 0.34
CA LYS D 1151 13.18 48.33 1.14
C LYS D 1151 13.75 46.98 1.53
N TYR D 1152 15.08 46.85 1.41
CA TYR D 1152 15.79 45.62 1.68
C TYR D 1152 16.92 45.88 2.67
N GLU D 1153 17.22 44.88 3.50
CA GLU D 1153 18.30 44.94 4.46
C GLU D 1153 19.18 43.71 4.32
N TYR D 1154 20.49 43.89 4.44
CA TYR D 1154 21.46 42.84 4.14
C TYR D 1154 22.38 42.60 5.33
N ASP D 1155 22.90 41.38 5.40
CA ASP D 1155 23.97 41.05 6.32
C ASP D 1155 25.32 41.31 5.63
N GLU D 1156 26.42 40.88 6.25
CA GLU D 1156 27.72 41.10 5.63
C GLU D 1156 27.97 40.15 4.47
N PHE D 1157 27.21 39.06 4.37
CA PHE D 1157 27.30 38.14 3.24
C PHE D 1157 26.27 38.43 2.15
N ASP D 1158 25.73 39.65 2.13
CA ASP D 1158 24.85 40.11 1.04
C ASP D 1158 23.60 39.25 0.89
N ASN D 1159 23.17 38.59 1.97
CA ASN D 1159 21.91 37.85 1.96
C ASN D 1159 20.78 38.75 2.41
N ILE D 1160 19.66 38.71 1.68
CA ILE D 1160 18.55 39.61 1.97
C ILE D 1160 17.90 39.13 3.26
N LEU D 1161 18.05 39.91 4.33
CA LEU D 1161 17.48 39.56 5.63
C LEU D 1161 16.04 40.01 5.79
N LYS D 1162 15.72 41.19 5.27
CA LYS D 1162 14.44 41.84 5.54
C LYS D 1162 13.90 42.47 4.27
N LEU D 1163 12.67 42.11 3.92
CA LEU D 1163 11.94 42.73 2.81
C LEU D 1163 10.85 43.59 3.41
N THR D 1164 10.97 44.90 3.28
CA THR D 1164 9.95 45.83 3.75
C THR D 1164 9.14 46.25 2.53
N ARG D 1165 7.99 45.64 2.35
CA ARG D 1165 7.15 45.88 1.19
C ARG D 1165 6.40 47.21 1.35
N ALA D 1166 5.57 47.51 0.36
CA ALA D 1166 4.59 48.57 0.53
C ALA D 1166 3.56 48.15 1.58
N ASP D 1167 2.90 49.14 2.18
CA ASP D 1167 2.09 49.02 3.38
C ASP D 1167 2.95 48.67 4.59
N HIS D 1168 4.27 48.61 4.44
CA HIS D 1168 5.26 48.40 5.49
C HIS D 1168 5.21 47.00 6.08
N THR D 1169 4.49 46.07 5.46
CA THR D 1169 4.53 44.68 5.89
C THR D 1169 5.90 44.08 5.57
N THR D 1170 6.34 43.16 6.42
CA THR D 1170 7.72 42.69 6.39
C THR D 1170 7.78 41.18 6.23
N VAL D 1171 8.74 40.73 5.42
CA VAL D 1171 9.11 39.32 5.30
C VAL D 1171 10.57 39.20 5.68
N GLY D 1172 10.88 38.23 6.53
CA GLY D 1172 12.22 38.09 7.07
C GLY D 1172 12.82 36.73 6.79
N TRP D 1173 14.14 36.71 6.65
CA TRP D 1173 14.90 35.49 6.42
C TRP D 1173 16.11 35.46 7.32
N GLU D 1174 16.56 34.24 7.63
CA GLU D 1174 17.76 34.02 8.42
C GLU D 1174 18.65 33.03 7.68
N TYR D 1175 19.95 33.14 7.90
CA TYR D 1175 20.93 32.36 7.14
C TYR D 1175 21.98 31.81 8.08
N ASP D 1176 22.58 30.69 7.68
CA ASP D 1176 23.68 30.08 8.41
C ASP D 1176 25.00 30.56 7.82
N GLN D 1177 26.11 29.98 8.28
CA GLN D 1177 27.42 30.34 7.74
C GLN D 1177 27.56 29.96 6.28
N TYR D 1178 26.74 29.03 5.78
CA TYR D 1178 26.75 28.61 4.39
C TYR D 1178 25.79 29.42 3.53
N SER D 1179 25.24 30.51 4.07
CA SER D 1179 24.36 31.42 3.32
C SER D 1179 23.10 30.72 2.82
N GLN D 1180 22.60 29.77 3.59
CA GLN D 1180 21.36 29.05 3.28
C GLN D 1180 20.25 29.52 4.20
N ILE D 1181 19.03 29.59 3.65
CA ILE D 1181 17.89 30.10 4.40
C ILE D 1181 17.57 29.14 5.54
N THR D 1182 17.66 29.64 6.77
CA THR D 1182 17.38 28.81 7.94
C THR D 1182 15.93 28.98 8.42
N LYS D 1183 15.42 30.21 8.40
CA LYS D 1183 14.08 30.50 8.88
C LYS D 1183 13.42 31.51 7.95
N ILE D 1184 12.12 31.32 7.73
CA ILE D 1184 11.32 32.24 6.91
C ILE D 1184 10.12 32.66 7.74
N VAL D 1185 9.89 33.97 7.83
CA VAL D 1185 8.74 34.52 8.54
C VAL D 1185 7.94 35.38 7.57
N ASP D 1186 6.64 35.12 7.48
CA ASP D 1186 5.76 35.80 6.57
C ASP D 1186 5.25 37.10 7.18
N PRO D 1187 4.53 37.94 6.42
CA PRO D 1187 3.98 39.16 7.01
C PRO D 1187 3.05 38.92 8.19
N GLY D 1188 2.49 37.72 8.33
CA GLY D 1188 1.64 37.40 9.46
C GLY D 1188 2.38 36.89 10.68
N GLY D 1189 3.71 36.83 10.63
CA GLY D 1189 4.50 36.36 11.75
C GLY D 1189 4.68 34.85 11.81
N ASN D 1190 4.16 34.11 10.84
CA ASN D 1190 4.29 32.65 10.87
C ASN D 1190 5.71 32.25 10.46
N ILE D 1191 6.25 31.26 11.17
CA ILE D 1191 7.66 30.89 11.07
C ILE D 1191 7.78 29.58 10.29
N TRP D 1192 8.66 29.56 9.30
CA TRP D 1192 9.05 28.35 8.59
C TRP D 1192 10.53 28.10 8.81
N THR D 1193 10.91 26.85 9.03
CA THR D 1193 12.29 26.51 9.35
C THR D 1193 12.80 25.45 8.39
N ARG D 1194 14.13 25.43 8.24
CA ARG D 1194 14.81 24.48 7.36
C ARG D 1194 16.09 24.01 8.04
N ASP D 1195 16.45 22.76 7.78
CA ASP D 1195 17.64 22.14 8.35
C ASP D 1195 18.55 21.66 7.24
N TYR D 1196 19.86 21.66 7.52
CA TYR D 1196 20.86 21.26 6.54
C TYR D 1196 21.87 20.33 7.19
N ASP D 1197 22.51 19.52 6.34
CA ASP D 1197 23.53 18.60 6.80
C ASP D 1197 24.92 19.23 6.63
N GLN D 1198 25.97 18.43 6.84
CA GLN D 1198 27.33 18.91 6.68
C GLN D 1198 27.72 19.12 5.23
N PHE D 1199 26.87 18.71 4.29
CA PHE D 1199 27.20 18.74 2.87
C PHE D 1199 26.40 19.76 2.09
N GLY D 1200 25.49 20.50 2.73
CA GLY D 1200 24.74 21.55 2.09
C GLY D 1200 23.35 21.17 1.62
N ASN D 1201 22.92 19.93 1.86
CA ASN D 1201 21.59 19.50 1.44
C ASN D 1201 20.54 19.89 2.47
N MET D 1202 19.35 20.22 1.99
CA MET D 1202 18.24 20.59 2.88
C MET D 1202 17.62 19.31 3.43
N ILE D 1203 17.82 19.05 4.72
CA ILE D 1203 17.36 17.80 5.31
C ILE D 1203 15.89 17.88 5.70
N ARG D 1204 15.48 18.97 6.36
CA ARG D 1204 14.12 19.10 6.86
C ARG D 1204 13.58 20.48 6.54
N GLU D 1205 12.24 20.56 6.49
CA GLU D 1205 11.52 21.82 6.40
C GLU D 1205 10.24 21.70 7.20
N THR D 1206 10.01 22.68 8.08
CA THR D 1206 8.91 22.63 9.03
C THR D 1206 8.04 23.88 8.89
N ASP D 1207 6.72 23.68 8.87
CA ASP D 1207 5.77 24.76 8.75
C ASP D 1207 5.35 25.26 10.14
N PRO D 1208 4.68 26.40 10.23
CA PRO D 1208 4.29 26.92 11.55
C PRO D 1208 3.31 26.04 12.31
N LYS D 1209 2.67 25.06 11.67
CA LYS D 1209 1.79 24.14 12.36
C LYS D 1209 2.52 22.96 12.99
N GLY D 1210 3.83 22.85 12.78
CA GLY D 1210 4.61 21.77 13.36
C GLY D 1210 4.89 20.62 12.41
N HIS D 1211 4.23 20.57 11.26
CA HIS D 1211 4.45 19.47 10.33
C HIS D 1211 5.85 19.58 9.74
N THR D 1212 6.43 18.42 9.42
CA THR D 1212 7.81 18.35 8.97
C THR D 1212 7.94 17.42 7.78
N SER D 1213 8.69 17.86 6.77
CA SER D 1213 9.04 17.05 5.62
C SER D 1213 10.51 16.66 5.72
N GLU D 1214 10.80 15.37 5.53
CA GLU D 1214 12.13 14.82 5.71
C GLU D 1214 12.68 14.39 4.36
N PHE D 1215 13.93 14.76 4.07
CA PHE D 1215 14.57 14.45 2.81
C PHE D 1215 15.95 13.85 3.06
N GLN D 1216 16.27 12.79 2.33
CA GLN D 1216 17.55 12.11 2.42
C GLN D 1216 18.22 12.09 1.05
N TYR D 1217 19.53 12.32 1.03
CA TYR D 1217 20.29 12.48 -0.20
C TYR D 1217 21.41 11.45 -0.25
N THR D 1218 21.98 11.29 -1.44
CA THR D 1218 23.08 10.36 -1.67
C THR D 1218 24.40 11.10 -1.67
N ALA D 1219 25.50 10.33 -1.79
CA ALA D 1219 26.83 10.92 -1.79
C ALA D 1219 27.05 11.83 -2.98
N GLU D 1220 26.26 11.69 -4.05
CA GLU D 1220 26.35 12.57 -5.20
C GLU D 1220 25.40 13.75 -5.12
N GLY D 1221 24.66 13.88 -4.03
CA GLY D 1221 23.78 15.02 -3.81
C GLY D 1221 22.38 14.89 -4.37
N LEU D 1222 22.04 13.75 -4.97
CA LEU D 1222 20.70 13.56 -5.50
C LEU D 1222 19.73 13.24 -4.36
N LEU D 1223 18.55 13.86 -4.42
CA LEU D 1223 17.51 13.58 -3.44
C LEU D 1223 16.99 12.16 -3.68
N ILE D 1224 17.17 11.28 -2.70
CA ILE D 1224 16.93 9.86 -2.88
C ILE D 1224 15.57 9.44 -2.34
N GLN D 1225 15.16 9.98 -1.19
CA GLN D 1225 13.93 9.51 -0.54
C GLN D 1225 13.33 10.66 0.27
N SER D 1226 12.00 10.68 0.36
CA SER D 1226 11.28 11.76 1.03
C SER D 1226 10.08 11.23 1.81
N VAL D 1227 9.80 11.86 2.95
CA VAL D 1227 8.67 11.53 3.82
C VAL D 1227 7.84 12.79 4.04
N ASN D 1228 6.56 12.72 3.71
CA ASN D 1228 5.67 13.87 3.89
C ASN D 1228 5.20 13.94 5.34
N PRO D 1229 4.59 15.07 5.75
CA PRO D 1229 4.09 15.17 7.13
C PRO D 1229 3.11 14.07 7.51
N ALA D 1230 2.35 13.52 6.56
CA ALA D 1230 1.39 12.47 6.85
C ALA D 1230 2.03 11.09 6.93
N GLY D 1231 3.37 10.99 6.86
CA GLY D 1231 4.04 9.71 6.91
C GLY D 1231 4.18 9.01 5.58
N GLY D 1232 3.71 9.60 4.49
CA GLY D 1232 3.83 8.96 3.19
C GLY D 1232 5.28 8.95 2.72
N VAL D 1233 5.72 7.80 2.22
CA VAL D 1233 7.11 7.57 1.87
C VAL D 1233 7.27 7.63 0.35
N SER D 1234 8.17 8.48 -0.13
CA SER D 1234 8.48 8.61 -1.55
C SER D 1234 9.92 8.20 -1.81
N THR D 1235 10.14 7.47 -2.91
CA THR D 1235 11.45 6.94 -3.25
C THR D 1235 11.82 7.32 -4.68
N LEU D 1236 13.13 7.44 -4.93
CA LEU D 1236 13.65 7.77 -6.24
C LEU D 1236 14.88 6.92 -6.55
N SER D 1237 15.22 6.86 -7.83
CA SER D 1237 16.42 6.16 -8.27
C SER D 1237 16.89 6.76 -9.59
N TYR D 1238 18.21 6.79 -9.77
CA TYR D 1238 18.83 7.43 -10.93
C TYR D 1238 19.85 6.49 -11.55
N ASN D 1239 20.11 6.71 -12.84
CA ASN D 1239 21.21 6.04 -13.52
C ASN D 1239 22.53 6.70 -13.11
N PRO D 1240 23.67 6.10 -13.46
CA PRO D 1240 24.95 6.75 -13.15
C PRO D 1240 25.08 8.16 -13.73
N ALA D 1241 24.25 8.54 -14.69
CA ALA D 1241 24.24 9.88 -15.23
C ALA D 1241 23.29 10.82 -14.51
N GLY D 1242 22.80 10.42 -13.34
CA GLY D 1242 21.93 11.29 -12.56
C GLY D 1242 20.55 11.53 -13.17
N LEU D 1243 20.12 10.69 -14.10
CA LEU D 1243 18.82 10.85 -14.73
C LEU D 1243 17.79 9.99 -14.00
N LEU D 1244 16.64 10.58 -13.71
CA LEU D 1244 15.60 9.90 -12.92
C LEU D 1244 15.07 8.67 -13.64
N ILE D 1245 15.33 7.49 -13.09
CA ILE D 1245 14.88 6.25 -13.71
C ILE D 1245 13.49 5.86 -13.22
N ARG D 1246 13.18 6.11 -11.94
CA ARG D 1246 11.93 5.68 -11.36
C ARG D 1246 11.51 6.62 -10.24
N TYR D 1247 10.20 6.74 -10.05
CA TYR D 1247 9.63 7.47 -8.93
C TYR D 1247 8.45 6.67 -8.38
N SER D 1248 8.42 6.48 -7.07
CA SER D 1248 7.33 5.78 -6.40
C SER D 1248 6.69 6.70 -5.37
N ASP D 1249 5.37 6.81 -5.42
CA ASP D 1249 4.64 7.75 -4.57
C ASP D 1249 4.45 7.16 -3.17
N CYS D 1250 3.60 7.79 -2.38
CA CYS D 1250 3.31 7.33 -1.02
C CYS D 1250 2.65 5.96 -0.99
N SER D 1251 2.17 5.45 -2.13
CA SER D 1251 1.58 4.12 -2.21
C SER D 1251 2.50 3.12 -2.90
N ASN D 1252 3.77 3.49 -3.14
CA ASN D 1252 4.74 2.65 -3.83
C ASN D 1252 4.30 2.31 -5.24
N LYS D 1253 3.45 3.15 -5.84
CA LYS D 1253 3.09 3.01 -7.24
C LYS D 1253 4.22 3.62 -8.06
N THR D 1254 4.85 2.80 -8.89
CA THR D 1254 6.15 3.13 -9.47
C THR D 1254 5.98 3.57 -10.92
N ARG D 1255 6.43 4.78 -11.22
CA ARG D 1255 6.58 5.26 -12.59
C ARG D 1255 8.05 5.14 -12.96
N ARG D 1256 8.31 4.77 -14.21
CA ARG D 1256 9.66 4.46 -14.64
C ARG D 1256 9.97 5.14 -15.96
N TRP D 1257 11.25 5.41 -16.18
CA TRP D 1257 11.74 5.99 -17.42
C TRP D 1257 12.97 5.22 -17.88
N GLU D 1258 13.12 5.11 -19.19
CA GLU D 1258 14.30 4.52 -19.80
C GLU D 1258 14.92 5.53 -20.75
N TYR D 1259 16.23 5.43 -20.92
CA TYR D 1259 17.00 6.50 -21.54
C TYR D 1259 17.89 5.98 -22.66
N ASP D 1260 18.15 6.85 -23.62
CA ASP D 1260 19.01 6.55 -24.75
C ASP D 1260 20.46 6.40 -24.28
N LEU D 1261 21.32 5.97 -25.20
CA LEU D 1261 22.75 5.88 -24.93
C LEU D 1261 23.39 7.25 -24.75
N LEU D 1262 22.71 8.33 -25.14
CA LEU D 1262 23.18 9.69 -24.91
C LEU D 1262 22.36 10.39 -23.83
N GLY D 1263 21.64 9.63 -23.00
CA GLY D 1263 20.87 10.22 -21.93
C GLY D 1263 19.57 10.86 -22.33
N ARG D 1264 19.01 10.48 -23.48
CA ARG D 1264 17.73 11.01 -23.94
C ARG D 1264 16.62 10.03 -23.58
N THR D 1265 15.49 10.58 -23.13
CA THR D 1265 14.38 9.72 -22.71
C THR D 1265 13.80 9.01 -23.94
N VAL D 1266 13.83 7.69 -23.93
CA VAL D 1266 13.30 6.89 -25.02
C VAL D 1266 12.10 6.05 -24.62
N LYS D 1267 11.87 5.81 -23.34
CA LYS D 1267 10.72 5.04 -22.90
C LYS D 1267 10.23 5.62 -21.58
N GLN D 1268 8.91 5.63 -21.40
CA GLN D 1268 8.29 5.97 -20.13
C GLN D 1268 7.21 4.95 -19.81
N THR D 1269 7.21 4.44 -18.59
CA THR D 1269 6.26 3.42 -18.15
C THR D 1269 5.45 3.97 -16.98
N ASP D 1270 4.15 4.09 -17.18
CA ASP D 1270 3.25 4.55 -16.13
C ASP D 1270 3.13 3.50 -15.03
N PRO D 1271 2.64 3.88 -13.85
CA PRO D 1271 2.47 2.89 -12.77
C PRO D 1271 1.59 1.70 -13.13
N CYS D 1272 0.82 1.77 -14.22
CA CYS D 1272 0.03 0.64 -14.68
C CYS D 1272 0.76 -0.23 -15.69
N GLY D 1273 2.03 0.06 -15.95
CA GLY D 1273 2.84 -0.78 -16.83
C GLY D 1273 2.77 -0.46 -18.30
N ASN D 1274 1.98 0.54 -18.69
CA ASN D 1274 1.84 0.89 -20.10
C ASN D 1274 3.00 1.79 -20.51
N ALA D 1275 3.76 1.35 -21.51
CA ALA D 1275 5.01 2.00 -21.88
C ALA D 1275 4.82 2.85 -23.11
N GLU D 1276 5.20 4.12 -23.02
CA GLU D 1276 5.25 5.02 -24.15
C GLU D 1276 6.69 5.12 -24.65
N SER D 1277 6.87 5.22 -25.95
CA SER D 1277 8.18 5.20 -26.58
C SER D 1277 8.40 6.48 -27.36
N TYR D 1278 9.66 6.91 -27.40
CA TYR D 1278 10.04 8.18 -28.01
C TYR D 1278 11.16 7.96 -29.01
N GLU D 1279 11.09 8.68 -30.13
CA GLU D 1279 12.09 8.62 -31.18
C GLU D 1279 12.53 10.03 -31.50
N TYR D 1280 13.80 10.19 -31.86
CA TYR D 1280 14.41 11.50 -31.99
C TYR D 1280 14.88 11.73 -33.43
N ASN D 1281 14.83 12.98 -33.85
CA ASN D 1281 15.16 13.36 -35.22
C ASN D 1281 16.67 13.63 -35.35
N ARG D 1282 17.05 14.38 -36.38
CA ARG D 1282 18.47 14.62 -36.66
C ARG D 1282 19.08 15.62 -35.69
N TYR D 1283 18.27 16.50 -35.11
CA TYR D 1283 18.76 17.60 -34.29
C TYR D 1283 18.55 17.35 -32.79
N GLY D 1284 18.34 16.09 -32.40
CA GLY D 1284 18.19 15.75 -31.00
C GLY D 1284 16.82 15.97 -30.41
N PHE D 1285 15.88 16.50 -31.19
CA PHE D 1285 14.50 16.66 -30.74
C PHE D 1285 13.67 15.46 -31.17
N ILE D 1286 12.53 15.29 -30.50
CA ILE D 1286 11.68 14.14 -30.78
C ILE D 1286 11.08 14.26 -32.17
N ASN D 1287 11.14 13.18 -32.94
CA ASN D 1287 10.52 13.17 -34.27
C ASN D 1287 9.14 12.51 -34.26
N GLU D 1288 9.01 11.35 -33.62
CA GLU D 1288 7.73 10.68 -33.50
C GLU D 1288 7.62 9.99 -32.14
N VAL D 1289 6.38 9.86 -31.66
CA VAL D 1289 6.07 9.27 -30.36
C VAL D 1289 5.08 8.12 -30.55
N ARG D 1290 5.48 6.92 -30.14
CA ARG D 1290 4.64 5.73 -30.22
C ARG D 1290 4.06 5.43 -28.83
N ARG D 1291 2.74 5.38 -28.76
CA ARG D 1291 1.96 5.32 -27.53
C ARG D 1291 1.47 3.90 -27.29
N PRO D 1292 1.04 3.58 -26.06
CA PRO D 1292 0.66 2.20 -25.74
C PRO D 1292 -0.40 1.60 -26.65
N ASP D 1293 -1.35 2.40 -27.14
CA ASP D 1293 -2.41 1.86 -28.00
C ASP D 1293 -1.95 1.65 -29.44
N GLY D 1294 -0.66 1.80 -29.73
CA GLY D 1294 -0.13 1.64 -31.06
C GLY D 1294 -0.21 2.89 -31.92
N SER D 1295 -0.89 3.93 -31.47
CA SER D 1295 -0.96 5.18 -32.21
C SER D 1295 0.39 5.89 -32.16
N VAL D 1296 0.66 6.70 -33.18
CA VAL D 1296 1.95 7.37 -33.33
C VAL D 1296 1.70 8.83 -33.66
N LEU D 1297 2.30 9.72 -32.87
CA LEU D 1297 2.40 11.13 -33.19
C LEU D 1297 3.73 11.36 -33.91
N THR D 1298 3.71 12.21 -34.94
CA THR D 1298 4.92 12.58 -35.66
C THR D 1298 5.12 14.08 -35.58
N LEU D 1299 6.37 14.49 -35.36
CA LEU D 1299 6.69 15.90 -35.14
C LEU D 1299 7.86 16.30 -36.04
N ASP D 1300 7.99 17.62 -36.23
CA ASP D 1300 9.06 18.19 -37.02
C ASP D 1300 9.54 19.46 -36.34
N PHE D 1301 10.86 19.65 -36.30
CA PHE D 1301 11.44 20.75 -35.53
C PHE D 1301 12.55 21.43 -36.31
N ASP D 1302 12.66 22.74 -36.12
CA ASP D 1302 13.81 23.48 -36.58
C ASP D 1302 15.08 22.98 -35.88
N GLU D 1303 16.22 23.46 -36.37
CA GLU D 1303 17.47 23.23 -35.65
C GLU D 1303 17.44 23.78 -34.25
N GLU D 1304 16.57 24.76 -33.98
CA GLU D 1304 16.44 25.37 -32.66
C GLU D 1304 15.18 24.96 -31.92
N GLY D 1305 14.50 23.90 -32.36
CA GLY D 1305 13.38 23.39 -31.63
C GLY D 1305 12.03 24.03 -31.92
N ARG D 1306 11.96 24.93 -32.90
CA ARG D 1306 10.67 25.49 -33.28
C ARG D 1306 9.88 24.44 -34.04
N LEU D 1307 8.68 24.12 -33.54
CA LEU D 1307 7.86 23.09 -34.14
C LEU D 1307 7.39 23.51 -35.52
N LEU D 1308 7.71 22.71 -36.53
CA LEU D 1308 7.33 22.99 -37.91
C LEU D 1308 6.06 22.28 -38.34
N SER D 1309 5.85 21.04 -37.89
CA SER D 1309 4.69 20.28 -38.31
C SER D 1309 4.36 19.24 -37.25
N PHE D 1310 3.10 18.83 -37.23
CA PHE D 1310 2.61 17.83 -36.29
C PHE D 1310 1.54 17.00 -36.98
N ILE D 1311 1.63 15.68 -36.85
CA ILE D 1311 0.73 14.75 -37.54
C ILE D 1311 0.01 13.91 -36.49
N ASP D 1312 -1.32 13.86 -36.59
CA ASP D 1312 -2.14 13.02 -35.73
C ASP D 1312 -1.91 11.55 -36.06
N PRO D 1313 -2.35 10.64 -35.18
CA PRO D 1313 -2.40 9.21 -35.56
C PRO D 1313 -3.40 8.93 -36.66
N ILE D 1314 -4.19 9.91 -37.07
CA ILE D 1314 -5.16 9.78 -38.14
C ILE D 1314 -4.76 10.63 -39.35
N ASP D 1315 -3.47 10.98 -39.43
CA ASP D 1315 -2.82 11.61 -40.58
C ASP D 1315 -3.19 13.08 -40.77
N ASN D 1316 -3.84 13.71 -39.80
CA ASN D 1316 -4.08 15.14 -39.89
C ASN D 1316 -2.78 15.91 -39.70
N LEU D 1317 -2.47 16.82 -40.63
CA LEU D 1317 -1.22 17.56 -40.64
C LEU D 1317 -1.47 19.01 -40.29
N THR D 1318 -0.72 19.52 -39.31
CA THR D 1318 -0.72 20.94 -38.96
C THR D 1318 0.68 21.49 -39.19
N VAL D 1319 0.76 22.62 -39.88
CA VAL D 1319 2.03 23.22 -40.28
C VAL D 1319 2.15 24.59 -39.64
N TYR D 1320 3.37 24.95 -39.24
CA TYR D 1320 3.66 26.25 -38.63
C TYR D 1320 4.77 26.93 -39.41
N ALA D 1321 4.63 28.24 -39.59
CA ALA D 1321 5.59 29.03 -40.36
C ALA D 1321 6.12 30.17 -39.50
N TYR D 1322 7.41 30.47 -39.67
CA TYR D 1322 8.10 31.45 -38.85
C TYR D 1322 8.80 32.47 -39.73
N ASP D 1323 8.78 33.73 -39.30
CA ASP D 1323 9.31 34.83 -40.09
C ASP D 1323 10.84 34.90 -39.93
N GLY D 1324 11.45 35.93 -40.50
CA GLY D 1324 12.89 36.08 -40.47
C GLY D 1324 13.49 36.37 -39.11
N ALA D 1325 12.68 36.51 -38.08
CA ALA D 1325 13.17 36.71 -36.72
C ALA D 1325 12.88 35.54 -35.79
N GLY D 1326 12.20 34.50 -36.28
CA GLY D 1326 11.86 33.36 -35.46
C GLY D 1326 10.49 33.42 -34.82
N ARG D 1327 9.66 34.39 -35.19
CA ARG D 1327 8.33 34.54 -34.61
C ARG D 1327 7.32 33.80 -35.47
N LEU D 1328 6.38 33.12 -34.81
CA LEU D 1328 5.35 32.38 -35.52
C LEU D 1328 4.52 33.32 -36.39
N ALA D 1329 4.53 33.06 -37.71
CA ALA D 1329 3.88 33.92 -38.68
C ALA D 1329 2.65 33.29 -39.33
N ARG D 1330 2.53 31.97 -39.32
CA ARG D 1330 1.41 31.30 -39.98
C ARG D 1330 1.18 29.94 -39.33
N LYS D 1331 -0.08 29.64 -39.04
CA LYS D 1331 -0.50 28.30 -38.65
C LYS D 1331 -1.48 27.78 -39.70
N THR D 1332 -1.20 26.59 -40.24
CA THR D 1332 -2.03 25.99 -41.27
C THR D 1332 -2.73 24.77 -40.70
N ASP D 1333 -4.04 24.71 -40.86
CA ASP D 1333 -4.88 23.69 -40.25
C ASP D 1333 -4.92 22.44 -41.12
N PRO D 1334 -5.39 21.31 -40.58
CA PRO D 1334 -5.52 20.10 -41.41
C PRO D 1334 -6.47 20.24 -42.59
N LEU D 1335 -7.43 21.16 -42.53
CA LEU D 1335 -8.24 21.50 -43.70
C LEU D 1335 -7.58 22.56 -44.57
N LYS D 1336 -6.29 22.83 -44.36
CA LYS D 1336 -5.51 23.75 -45.19
C LYS D 1336 -6.01 25.18 -45.08
N GLN D 1337 -6.65 25.51 -43.96
CA GLN D 1337 -6.98 26.89 -43.66
C GLN D 1337 -5.78 27.59 -43.01
N ASP D 1338 -5.60 28.87 -43.35
CA ASP D 1338 -4.45 29.62 -42.87
C ASP D 1338 -4.86 30.54 -41.72
N PHE D 1339 -4.01 30.59 -40.69
CA PHE D 1339 -4.16 31.52 -39.58
C PHE D 1339 -2.89 32.35 -39.52
N HIS D 1340 -3.03 33.67 -39.66
CA HIS D 1340 -1.90 34.56 -39.85
C HIS D 1340 -1.60 35.35 -38.58
N TYR D 1341 -0.30 35.56 -38.34
CA TYR D 1341 0.18 36.40 -37.24
C TYR D 1341 1.08 37.48 -37.83
N ASN D 1342 0.88 38.72 -37.39
CA ASN D 1342 1.66 39.84 -37.89
C ASN D 1342 2.17 40.68 -36.72
N TYR D 1343 3.34 41.28 -36.92
CA TYR D 1343 4.03 42.00 -35.86
C TYR D 1343 4.44 43.38 -36.33
N ASP D 1344 4.57 44.30 -35.39
CA ASP D 1344 5.00 45.66 -35.69
C ASP D 1344 6.52 45.70 -35.80
N LYS D 1345 7.09 46.92 -35.85
CA LYS D 1345 8.53 47.06 -36.00
C LYS D 1345 9.28 46.60 -34.77
N LYS D 1346 8.64 46.55 -33.61
CA LYS D 1346 9.26 46.11 -32.37
C LYS D 1346 8.97 44.64 -32.06
N GLY D 1347 8.28 43.94 -32.94
CA GLY D 1347 8.03 42.53 -32.71
C GLY D 1347 6.83 42.22 -31.84
N ARG D 1348 6.05 43.22 -31.47
CA ARG D 1348 4.83 42.97 -30.70
C ARG D 1348 3.73 42.50 -31.64
N LEU D 1349 2.86 41.63 -31.13
CA LEU D 1349 1.79 41.06 -31.94
C LEU D 1349 0.87 42.16 -32.45
N ALA D 1350 0.90 42.42 -33.76
CA ALA D 1350 0.16 43.54 -34.32
C ALA D 1350 -1.22 43.15 -34.83
N SER D 1351 -1.39 41.94 -35.36
CA SER D 1351 -2.69 41.56 -35.88
C SER D 1351 -2.78 40.04 -36.02
N LEU D 1352 -4.00 39.53 -35.91
CA LEU D 1352 -4.33 38.15 -36.22
C LEU D 1352 -5.28 38.13 -37.42
N GLN D 1353 -5.42 36.96 -38.02
CA GLN D 1353 -6.39 36.79 -39.12
C GLN D 1353 -6.90 35.37 -39.05
N ASP D 1354 -8.18 35.21 -38.70
CA ASP D 1354 -8.75 33.89 -38.48
C ASP D 1354 -9.06 33.21 -39.80
N GLU D 1355 -9.58 31.98 -39.71
CA GLU D 1355 -9.87 31.19 -40.89
C GLU D 1355 -11.02 31.78 -41.72
N ASN D 1356 -11.80 32.70 -41.15
CA ASN D 1356 -12.86 33.37 -41.88
C ASN D 1356 -12.39 34.60 -42.64
N GLY D 1357 -11.17 35.07 -42.37
CA GLY D 1357 -10.67 36.28 -42.98
C GLY D 1357 -10.82 37.54 -42.14
N ALA D 1358 -11.37 37.44 -40.94
CA ALA D 1358 -11.50 38.59 -40.05
C ALA D 1358 -10.18 38.85 -39.35
N GLN D 1359 -10.01 40.10 -38.88
CA GLN D 1359 -8.77 40.54 -38.28
C GLN D 1359 -8.98 40.91 -36.82
N PHE D 1360 -8.00 40.57 -35.99
CA PHE D 1360 -7.90 41.04 -34.61
C PHE D 1360 -6.70 41.97 -34.51
N THR D 1361 -6.93 43.18 -34.01
CA THR D 1361 -5.90 44.22 -33.96
C THR D 1361 -5.48 44.47 -32.52
N PHE D 1362 -4.18 44.67 -32.32
CA PHE D 1362 -3.62 45.04 -31.03
C PHE D 1362 -3.02 46.45 -31.11
N GLN D 1363 -3.04 47.15 -29.99
CA GLN D 1363 -2.49 48.50 -29.91
C GLN D 1363 -1.85 48.69 -28.54
N PHE D 1364 -0.61 49.17 -28.52
CA PHE D 1364 0.17 49.30 -27.31
C PHE D 1364 0.65 50.73 -27.12
N ASP D 1365 0.86 51.11 -25.86
CA ASP D 1365 1.45 52.39 -25.52
C ASP D 1365 2.98 52.29 -25.62
N PRO D 1366 3.71 53.41 -25.46
CA PRO D 1366 5.17 53.35 -25.57
C PRO D 1366 5.86 52.43 -24.55
N VAL D 1367 5.14 51.87 -23.59
CA VAL D 1367 5.75 50.93 -22.65
C VAL D 1367 5.07 49.57 -22.75
N ASP D 1368 4.57 49.26 -23.95
CA ASP D 1368 4.05 47.93 -24.31
C ASP D 1368 2.81 47.53 -23.52
N ARG D 1369 2.10 48.47 -22.91
CA ARG D 1369 0.82 48.16 -22.31
C ARG D 1369 -0.27 48.16 -23.37
N LEU D 1370 -1.05 47.09 -23.41
CA LEU D 1370 -2.11 46.93 -24.41
C LEU D 1370 -3.20 47.97 -24.15
N ILE D 1371 -3.23 49.02 -24.98
CA ILE D 1371 -4.17 50.11 -24.77
C ILE D 1371 -5.52 49.86 -25.45
N ARG D 1372 -5.53 49.16 -26.59
CA ARG D 1372 -6.77 48.98 -27.33
C ARG D 1372 -6.67 47.73 -28.19
N THR D 1373 -7.81 47.07 -28.37
CA THR D 1373 -7.95 45.94 -29.26
C THR D 1373 -9.21 46.09 -30.10
N VAL D 1374 -9.17 45.55 -31.30
CA VAL D 1374 -10.33 45.50 -32.19
C VAL D 1374 -10.55 44.04 -32.58
N GLY D 1375 -11.68 43.49 -32.16
CA GLY D 1375 -11.94 42.07 -32.35
C GLY D 1375 -12.39 41.75 -33.75
N PHE D 1376 -12.59 40.44 -33.98
CA PHE D 1376 -13.11 39.98 -35.26
C PHE D 1376 -14.48 40.59 -35.54
N ASP D 1377 -15.29 40.76 -34.49
CA ASP D 1377 -16.55 41.49 -34.60
C ASP D 1377 -16.35 42.96 -34.92
N GLY D 1378 -15.13 43.47 -34.80
CA GLY D 1378 -14.92 44.90 -34.81
C GLY D 1378 -15.17 45.57 -33.48
N LYS D 1379 -15.39 44.80 -32.42
CA LYS D 1379 -15.61 45.39 -31.10
C LYS D 1379 -14.33 46.03 -30.58
N VAL D 1380 -14.41 47.30 -30.22
CA VAL D 1380 -13.28 48.02 -29.66
C VAL D 1380 -13.28 47.84 -28.15
N LYS D 1381 -12.12 47.52 -27.59
CA LYS D 1381 -11.94 47.41 -26.15
C LYS D 1381 -10.67 48.14 -25.76
N LYS D 1382 -10.78 49.05 -24.80
CA LYS D 1382 -9.68 49.89 -24.39
C LYS D 1382 -9.35 49.65 -22.93
N TYR D 1383 -8.09 49.90 -22.57
CA TYR D 1383 -7.59 49.69 -21.22
C TYR D 1383 -6.84 50.95 -20.80
N ASN D 1384 -7.44 51.72 -19.90
CA ASN D 1384 -6.89 53.00 -19.47
C ASN D 1384 -6.04 52.76 -18.22
N TYR D 1385 -4.73 52.63 -18.43
CA TYR D 1385 -3.81 52.42 -17.34
C TYR D 1385 -3.43 53.73 -16.67
N ASP D 1386 -3.17 53.65 -15.36
CA ASP D 1386 -2.61 54.77 -14.62
C ASP D 1386 -1.12 54.87 -14.92
N LYS D 1387 -0.61 56.09 -14.94
CA LYS D 1387 0.79 56.28 -15.32
C LYS D 1387 1.75 55.98 -14.16
N PRO D 1388 1.60 56.59 -12.98
CA PRO D 1388 2.58 56.31 -11.92
C PRO D 1388 2.52 54.89 -11.39
N THR D 1389 1.32 54.35 -11.16
CA THR D 1389 1.18 53.02 -10.61
C THR D 1389 1.16 51.92 -11.67
N GLY D 1390 0.87 52.27 -12.93
CA GLY D 1390 0.78 51.25 -13.96
C GLY D 1390 -0.45 50.37 -13.88
N LEU D 1391 -1.38 50.66 -12.97
CA LEU D 1391 -2.54 49.82 -12.74
C LEU D 1391 -3.68 50.21 -13.68
N LEU D 1392 -4.47 49.20 -14.04
CA LEU D 1392 -5.62 49.38 -14.92
C LEU D 1392 -6.76 50.00 -14.11
N PHE D 1393 -6.93 51.32 -14.23
CA PHE D 1393 -7.99 51.99 -13.49
C PHE D 1393 -9.36 51.74 -14.11
N SER D 1394 -9.44 51.74 -15.44
CA SER D 1394 -10.71 51.61 -16.13
C SER D 1394 -10.54 50.77 -17.39
N MET D 1395 -11.44 49.81 -17.58
CA MET D 1395 -11.49 49.01 -18.80
C MET D 1395 -12.80 49.34 -19.52
N GLU D 1396 -12.68 49.72 -20.79
CA GLU D 1396 -13.81 50.14 -21.61
C GLU D 1396 -14.06 49.10 -22.68
N ASP D 1397 -15.22 48.45 -22.63
CA ASP D 1397 -15.59 47.52 -23.70
C ASP D 1397 -16.30 48.29 -24.81
N ALA D 1398 -17.18 47.61 -25.56
CA ALA D 1398 -17.91 48.30 -26.62
C ALA D 1398 -18.80 49.40 -26.06
N ASP D 1399 -19.63 49.05 -25.09
CA ASP D 1399 -20.51 50.02 -24.43
C ASP D 1399 -20.65 49.63 -22.96
N ARG D 1400 -19.52 49.38 -22.30
CA ARG D 1400 -19.51 48.93 -20.91
C ARG D 1400 -18.22 49.41 -20.26
N GLU D 1401 -18.30 50.50 -19.52
CA GLU D 1401 -17.14 51.01 -18.79
C GLU D 1401 -17.13 50.40 -17.39
N THR D 1402 -15.97 49.86 -17.00
CA THR D 1402 -15.80 49.26 -15.68
C THR D 1402 -14.59 49.90 -15.02
N HIS D 1403 -14.79 50.49 -13.84
CA HIS D 1403 -13.73 51.16 -13.12
C HIS D 1403 -13.15 50.25 -12.04
N PHE D 1404 -11.86 50.43 -11.78
CA PHE D 1404 -11.13 49.60 -10.84
C PHE D 1404 -10.34 50.48 -9.88
N GLU D 1405 -10.22 50.02 -8.65
CA GLU D 1405 -9.49 50.74 -7.61
C GLU D 1405 -8.61 49.76 -6.85
N TYR D 1406 -7.41 50.21 -6.49
CA TYR D 1406 -6.40 49.34 -5.90
C TYR D 1406 -5.79 50.02 -4.69
N ASP D 1407 -4.92 49.27 -4.01
CA ASP D 1407 -4.11 49.78 -2.93
C ASP D 1407 -2.65 49.86 -3.39
N VAL D 1408 -1.75 50.18 -2.45
CA VAL D 1408 -0.33 50.27 -2.76
C VAL D 1408 0.29 48.90 -3.04
N MET D 1409 -0.42 47.82 -2.71
CA MET D 1409 0.04 46.47 -3.02
C MET D 1409 -0.53 45.94 -4.33
N GLY D 1410 -1.28 46.76 -5.06
CA GLY D 1410 -1.83 46.37 -6.34
C GLY D 1410 -2.98 45.38 -6.30
N GLN D 1411 -3.64 45.23 -5.16
CA GLN D 1411 -4.78 44.32 -5.03
C GLN D 1411 -6.07 45.08 -5.29
N LEU D 1412 -6.92 44.51 -6.16
CA LEU D 1412 -8.17 45.15 -6.52
C LEU D 1412 -9.08 45.25 -5.30
N LEU D 1413 -9.46 46.48 -4.96
CA LEU D 1413 -10.30 46.74 -3.79
C LEU D 1413 -11.75 46.97 -4.15
N LYS D 1414 -12.05 47.59 -5.29
CA LYS D 1414 -13.41 47.93 -5.65
C LYS D 1414 -13.59 47.74 -7.15
N ARG D 1415 -14.75 47.19 -7.54
CA ARG D 1415 -15.13 47.02 -8.94
C ARG D 1415 -16.46 47.72 -9.16
N ARG D 1416 -16.45 48.80 -9.95
CA ARG D 1416 -17.63 49.63 -10.17
C ARG D 1416 -17.96 49.70 -11.65
N ALA D 1417 -19.24 49.52 -11.96
CA ALA D 1417 -19.78 49.76 -13.30
C ALA D 1417 -21.27 49.98 -13.15
N GLY D 1418 -21.73 51.19 -13.49
CA GLY D 1418 -23.14 51.51 -13.40
C GLY D 1418 -23.71 51.29 -12.02
N HIS D 1419 -24.77 50.49 -11.94
CA HIS D 1419 -25.50 50.26 -10.69
C HIS D 1419 -24.79 49.29 -9.76
N LEU D 1420 -23.72 48.63 -10.19
CA LEU D 1420 -23.13 47.52 -9.47
C LEU D 1420 -21.78 47.91 -8.89
N VAL D 1421 -21.52 47.45 -7.66
CA VAL D 1421 -20.22 47.60 -7.02
C VAL D 1421 -19.86 46.29 -6.33
N ASP D 1422 -18.67 45.77 -6.64
CA ASP D 1422 -18.08 44.66 -5.91
C ASP D 1422 -16.86 45.18 -5.15
N SER D 1423 -16.64 44.67 -3.95
CA SER D 1423 -15.56 45.15 -3.10
C SER D 1423 -14.87 43.97 -2.43
N PHE D 1424 -13.59 44.16 -2.12
CA PHE D 1424 -12.76 43.09 -1.56
C PHE D 1424 -11.87 43.65 -0.45
N GLU D 1425 -11.59 42.79 0.53
CA GLU D 1425 -10.77 43.13 1.69
C GLU D 1425 -9.68 42.07 1.86
N TYR D 1426 -8.49 42.53 2.24
CA TYR D 1426 -7.32 41.66 2.32
C TYR D 1426 -6.69 41.76 3.70
N ASP D 1427 -6.10 40.65 4.16
CA ASP D 1427 -5.34 40.64 5.40
C ASP D 1427 -3.90 41.07 5.14
N ILE D 1428 -3.08 41.04 6.19
CA ILE D 1428 -1.68 41.39 6.07
C ILE D 1428 -0.92 40.37 5.22
N SER D 1429 -1.43 39.14 5.10
CA SER D 1429 -0.79 38.08 4.32
C SER D 1429 -1.37 37.96 2.92
N ASN D 1430 -2.04 39.00 2.43
CA ASN D 1430 -2.51 39.11 1.05
C ASN D 1430 -3.60 38.11 0.71
N ARG D 1431 -4.27 37.54 1.70
CA ARG D 1431 -5.44 36.70 1.46
C ARG D 1431 -6.70 37.56 1.43
N ILE D 1432 -7.67 37.15 0.63
CA ILE D 1432 -8.96 37.82 0.56
C ILE D 1432 -9.77 37.46 1.81
N ILE D 1433 -9.93 38.43 2.71
CA ILE D 1433 -10.68 38.18 3.94
C ILE D 1433 -12.18 38.34 3.71
N ARG D 1434 -12.57 39.38 2.98
CA ARG D 1434 -13.98 39.72 2.81
C ARG D 1434 -14.23 40.20 1.38
N ALA D 1435 -15.35 39.74 0.81
CA ALA D 1435 -15.76 40.15 -0.53
C ALA D 1435 -17.27 40.33 -0.53
N HIS D 1436 -17.74 41.55 -0.77
CA HIS D 1436 -19.13 41.88 -0.56
C HIS D 1436 -19.67 42.76 -1.68
N ASN D 1437 -20.96 42.59 -1.97
CA ASN D 1437 -21.73 43.48 -2.82
C ASN D 1437 -23.09 43.69 -2.18
N GLU D 1438 -23.98 44.42 -2.87
CA GLU D 1438 -25.28 44.72 -2.28
C GLU D 1438 -26.13 43.47 -2.04
N TYR D 1439 -25.81 42.36 -2.71
CA TYR D 1439 -26.58 41.13 -2.55
C TYR D 1439 -25.88 40.05 -1.73
N CYS D 1440 -24.56 40.12 -1.58
CA CYS D 1440 -23.81 39.03 -0.98
C CYS D 1440 -22.62 39.56 -0.21
N ASP D 1441 -22.53 39.19 1.07
CA ASP D 1441 -21.38 39.48 1.91
C ASP D 1441 -20.74 38.16 2.31
N GLN D 1442 -19.46 38.00 1.97
CA GLN D 1442 -18.75 36.74 2.19
C GLN D 1442 -17.49 36.99 2.99
N HIS D 1443 -17.31 36.20 4.06
CA HIS D 1443 -16.15 36.30 4.93
C HIS D 1443 -15.41 34.97 4.96
N PHE D 1444 -14.08 35.02 4.92
CA PHE D 1444 -13.23 33.84 4.86
C PHE D 1444 -12.20 33.88 5.99
N GLU D 1445 -11.96 32.72 6.60
CA GLU D 1445 -10.98 32.58 7.66
C GLU D 1445 -10.00 31.45 7.31
N TYR D 1446 -8.72 31.70 7.53
CA TYR D 1446 -7.66 30.82 7.09
C TYR D 1446 -6.75 30.42 8.25
N ASP D 1447 -6.10 29.26 8.09
CA ASP D 1447 -4.98 28.89 8.94
C ASP D 1447 -3.69 29.44 8.36
N VAL D 1448 -2.56 29.09 8.98
CA VAL D 1448 -1.27 29.57 8.50
C VAL D 1448 -0.88 28.94 7.17
N LEU D 1449 -1.58 27.87 6.75
CA LEU D 1449 -1.35 27.24 5.46
C LEU D 1449 -2.36 27.68 4.40
N ASN D 1450 -3.04 28.80 4.62
CA ASN D 1450 -3.95 29.40 3.66
C ASN D 1450 -5.16 28.50 3.34
N ASN D 1451 -5.45 27.54 4.21
CA ASN D 1451 -6.60 26.66 3.98
C ASN D 1451 -7.88 27.35 4.42
N PRO D 1452 -8.93 27.34 3.59
CA PRO D 1452 -10.20 27.95 4.01
C PRO D 1452 -10.87 27.14 5.11
N ILE D 1453 -10.58 27.48 6.37
CA ILE D 1453 -11.16 26.73 7.49
C ILE D 1453 -12.62 27.10 7.70
N ARG D 1454 -13.02 28.30 7.31
CA ARG D 1454 -14.35 28.82 7.64
C ARG D 1454 -14.79 29.85 6.62
N GLU D 1455 -16.04 29.73 6.19
CA GLU D 1455 -16.64 30.67 5.25
C GLU D 1455 -18.04 31.01 5.75
N THR D 1456 -18.41 32.28 5.59
CA THR D 1456 -19.72 32.77 6.00
C THR D 1456 -20.32 33.54 4.83
N HIS D 1457 -21.39 33.00 4.25
CA HIS D 1457 -22.07 33.62 3.14
C HIS D 1457 -23.36 34.27 3.65
N ILE D 1458 -23.48 35.58 3.45
CA ILE D 1458 -24.64 36.34 3.88
C ILE D 1458 -25.35 36.84 2.63
N TYR D 1459 -26.56 36.34 2.39
CA TYR D 1459 -27.35 36.74 1.23
C TYR D 1459 -28.39 37.77 1.66
N ASN D 1460 -28.70 38.68 0.74
CA ASN D 1460 -29.66 39.74 0.98
C ASN D 1460 -30.30 40.10 -0.37
N ALA D 1461 -31.11 39.17 -0.88
CA ALA D 1461 -31.72 39.32 -2.19
C ALA D 1461 -33.19 38.92 -2.11
N PHE D 1462 -33.99 39.49 -3.01
CA PHE D 1462 -35.41 39.16 -3.14
C PHE D 1462 -36.17 39.37 -1.83
N GLY D 1463 -35.68 40.28 -0.98
CA GLY D 1463 -36.34 40.55 0.27
C GLY D 1463 -36.17 39.49 1.34
N GLN D 1464 -35.26 38.55 1.15
CA GLN D 1464 -35.03 37.48 2.12
C GLN D 1464 -33.56 37.43 2.50
N ASN D 1465 -33.29 37.23 3.78
CA ASN D 1465 -31.93 37.14 4.31
C ASN D 1465 -31.56 35.68 4.52
N ARG D 1466 -30.33 35.32 4.13
CA ARG D 1466 -29.81 33.98 4.35
C ARG D 1466 -28.37 34.07 4.84
N GLU D 1467 -28.02 33.19 5.77
CA GLU D 1467 -26.65 33.09 6.27
C GLU D 1467 -26.22 31.63 6.18
N TYR D 1468 -25.11 31.39 5.48
CA TYR D 1468 -24.59 30.04 5.26
C TYR D 1468 -23.18 29.96 5.82
N VAL D 1469 -22.92 28.96 6.65
CA VAL D 1469 -21.64 28.79 7.32
C VAL D 1469 -21.02 27.47 6.86
N TRP D 1470 -19.82 27.55 6.29
CA TRP D 1470 -19.02 26.37 5.95
C TRP D 1470 -17.85 26.29 6.93
N GLU D 1471 -17.63 25.10 7.48
CA GLU D 1471 -16.53 24.86 8.41
C GLU D 1471 -15.77 23.63 7.94
N ASN D 1472 -14.45 23.78 7.75
CA ASN D 1472 -13.62 22.77 7.13
C ASN D 1472 -12.49 22.36 8.06
N GLU D 1473 -12.17 21.06 8.04
CA GLU D 1473 -11.00 20.52 8.73
C GLU D 1473 -10.05 19.92 7.70
N PHE D 1474 -8.76 20.14 7.91
CA PHE D 1474 -7.73 19.70 6.96
C PHE D 1474 -6.70 18.86 7.68
N ASP D 1475 -6.15 17.87 6.96
CA ASP D 1475 -5.12 17.01 7.52
C ASP D 1475 -3.77 17.73 7.48
N GLU D 1476 -2.70 16.98 7.76
CA GLU D 1476 -1.36 17.56 7.72
C GLU D 1476 -0.86 17.82 6.31
N LEU D 1477 -1.51 17.26 5.29
CA LEU D 1477 -1.18 17.52 3.90
C LEU D 1477 -2.08 18.58 3.26
N SER D 1478 -2.80 19.36 4.07
CA SER D 1478 -3.71 20.39 3.60
C SER D 1478 -4.82 19.81 2.73
N ASN D 1479 -5.21 18.57 2.99
CA ASN D 1479 -6.34 17.92 2.31
C ASN D 1479 -7.56 17.98 3.22
N ARG D 1480 -8.69 18.40 2.65
CA ARG D 1480 -9.88 18.61 3.46
C ARG D 1480 -10.45 17.27 3.92
N LEU D 1481 -10.47 17.06 5.24
CA LEU D 1481 -11.02 15.84 5.82
C LEU D 1481 -12.51 15.94 6.09
N THR D 1482 -12.98 17.10 6.56
CA THR D 1482 -14.37 17.25 6.98
C THR D 1482 -14.88 18.63 6.60
N THR D 1483 -16.16 18.70 6.26
CA THR D 1483 -16.84 19.95 5.98
C THR D 1483 -18.20 19.92 6.65
N ARG D 1484 -18.49 20.94 7.45
CA ARG D 1484 -19.82 21.13 8.02
C ARG D 1484 -20.56 22.15 7.15
N ARG D 1485 -21.49 21.65 6.34
CA ARG D 1485 -22.23 22.53 5.46
C ARG D 1485 -23.30 23.29 6.25
N PRO D 1486 -23.74 24.44 5.75
CA PRO D 1486 -24.70 25.26 6.51
C PRO D 1486 -25.99 24.53 6.83
N SER D 1487 -26.37 23.57 5.99
CA SER D 1487 -27.64 22.87 6.19
C SER D 1487 -27.62 21.96 7.41
N GLY D 1488 -26.44 21.65 7.95
CA GLY D 1488 -26.32 20.86 9.15
C GLY D 1488 -25.66 19.50 8.96
N GLU D 1489 -25.40 19.08 7.73
CA GLU D 1489 -24.81 17.78 7.48
C GLU D 1489 -23.28 17.84 7.55
N LYS D 1490 -22.69 16.70 7.90
CA LYS D 1490 -21.24 16.57 8.04
C LYS D 1490 -20.73 15.64 6.94
N VAL D 1491 -19.78 16.13 6.15
CA VAL D 1491 -19.17 15.37 5.06
C VAL D 1491 -17.73 15.06 5.43
N SER D 1492 -17.34 13.78 5.35
CA SER D 1492 -16.01 13.33 5.73
C SER D 1492 -15.37 12.56 4.57
N TRP D 1493 -14.11 12.86 4.30
CA TRP D 1493 -13.34 12.22 3.24
C TRP D 1493 -12.24 11.37 3.85
N LEU D 1494 -12.21 10.08 3.50
CA LEU D 1494 -11.16 9.18 3.97
C LEU D 1494 -10.04 9.14 2.95
N ARG D 1495 -8.82 9.43 3.41
CA ARG D 1495 -7.67 9.63 2.55
C ARG D 1495 -6.50 8.82 3.09
N TYR D 1496 -5.52 8.59 2.22
CA TYR D 1496 -4.31 7.86 2.58
C TYR D 1496 -3.07 8.66 2.23
N GLY D 1497 -1.90 8.03 2.37
CA GLY D 1497 -0.59 8.64 2.23
C GLY D 1497 -0.40 9.68 1.14
N ALA D 1498 -1.17 9.56 0.05
CA ALA D 1498 -1.09 10.48 -1.08
C ALA D 1498 -2.20 11.51 -1.06
N GLY D 1499 -3.42 11.09 -0.73
CA GLY D 1499 -4.56 11.98 -0.59
C GLY D 1499 -5.76 11.62 -1.45
N HIS D 1500 -5.71 10.52 -2.20
CA HIS D 1500 -6.85 10.09 -3.00
C HIS D 1500 -7.96 9.56 -2.11
N VAL D 1501 -9.16 10.11 -2.29
CA VAL D 1501 -10.30 9.76 -1.45
C VAL D 1501 -10.73 8.32 -1.72
N HIS D 1502 -10.72 7.49 -0.69
CA HIS D 1502 -11.17 6.12 -0.78
C HIS D 1502 -12.48 5.86 -0.05
N GLY D 1503 -13.10 6.90 0.52
CA GLY D 1503 -14.36 6.74 1.23
C GLY D 1503 -14.98 8.06 1.63
N ILE D 1504 -16.30 8.12 1.69
CA ILE D 1504 -17.04 9.33 2.01
C ILE D 1504 -18.12 9.02 3.04
N LEU D 1505 -18.24 9.88 4.06
CA LEU D 1505 -19.18 9.68 5.16
C LEU D 1505 -20.05 10.93 5.30
N LEU D 1506 -21.36 10.78 5.05
CA LEU D 1506 -22.33 11.79 5.41
C LEU D 1506 -22.84 11.54 6.83
N ASP D 1507 -22.67 12.54 7.71
CA ASP D 1507 -23.02 12.41 9.13
C ASP D 1507 -22.37 11.18 9.75
N ASP D 1508 -21.10 10.95 9.38
CA ASP D 1508 -20.32 9.83 9.89
C ASP D 1508 -20.97 8.48 9.57
N GLN D 1509 -21.77 8.43 8.52
CA GLN D 1509 -22.31 7.19 7.98
C GLN D 1509 -21.72 6.96 6.60
N GLU D 1510 -21.25 5.74 6.34
CA GLU D 1510 -20.57 5.44 5.09
C GLU D 1510 -21.56 5.49 3.93
N VAL D 1511 -21.30 6.37 2.97
CA VAL D 1511 -22.12 6.46 1.76
C VAL D 1511 -21.41 5.76 0.60
N LEU D 1512 -20.08 5.83 0.57
CA LEU D 1512 -19.32 5.32 -0.57
C LEU D 1512 -17.95 4.83 -0.14
N SER D 1513 -17.49 3.77 -0.81
CA SER D 1513 -16.13 3.27 -0.68
C SER D 1513 -15.56 3.09 -2.08
N PHE D 1514 -14.24 3.25 -2.22
CA PHE D 1514 -13.59 3.30 -3.52
C PHE D 1514 -12.40 2.35 -3.56
N GLU D 1515 -12.35 1.52 -4.60
CA GLU D 1515 -11.15 0.78 -4.95
C GLU D 1515 -10.52 1.43 -6.18
N ARG D 1516 -9.21 1.63 -6.15
CA ARG D 1516 -8.52 2.39 -7.18
C ARG D 1516 -7.33 1.60 -7.70
N ASP D 1517 -6.96 1.88 -8.95
CA ASP D 1517 -5.86 1.21 -9.62
C ASP D 1517 -4.53 1.87 -9.22
N ASN D 1518 -3.44 1.47 -9.88
CA ASN D 1518 -2.14 2.04 -9.61
C ASN D 1518 -2.04 3.50 -10.04
N SER D 1519 -2.95 3.95 -10.91
CA SER D 1519 -3.03 5.35 -11.29
C SER D 1519 -4.06 6.10 -10.47
N HIS D 1520 -4.60 5.47 -9.43
CA HIS D 1520 -5.48 6.10 -8.46
C HIS D 1520 -6.79 6.59 -9.09
N ARG D 1521 -7.19 5.96 -10.20
CA ARG D 1521 -8.49 6.20 -10.80
C ARG D 1521 -9.56 5.33 -10.15
N ALA D 1522 -10.78 5.86 -10.12
CA ALA D 1522 -11.89 5.16 -9.48
C ALA D 1522 -12.31 3.97 -10.34
N VAL D 1523 -12.11 2.76 -9.81
CA VAL D 1523 -12.45 1.52 -10.52
C VAL D 1523 -13.77 0.95 -10.03
N ARG D 1524 -13.94 0.83 -8.71
CA ARG D 1524 -15.14 0.27 -8.12
C ARG D 1524 -15.66 1.19 -7.03
N LYS D 1525 -16.96 1.48 -7.08
CA LYS D 1525 -17.64 2.31 -6.07
C LYS D 1525 -18.70 1.45 -5.39
N ARG D 1526 -18.46 1.08 -4.14
CA ARG D 1526 -19.50 0.47 -3.33
C ARG D 1526 -20.39 1.57 -2.77
N GLN D 1527 -21.65 1.56 -3.16
CA GLN D 1527 -22.60 2.59 -2.78
C GLN D 1527 -23.44 2.15 -1.57
N SER D 1528 -24.02 3.14 -0.89
CA SER D 1528 -24.81 2.86 0.30
C SER D 1528 -26.11 2.12 0.00
N ASN D 1529 -26.53 2.08 -1.27
CA ASN D 1529 -27.77 1.42 -1.67
C ASN D 1529 -27.51 0.00 -2.19
N SER D 1530 -26.46 -0.66 -1.70
CA SER D 1530 -26.08 -2.01 -2.10
C SER D 1530 -25.71 -2.11 -3.58
N LEU D 1531 -25.30 -1.00 -4.20
CA LEU D 1531 -24.92 -0.98 -5.60
C LEU D 1531 -23.41 -0.87 -5.74
N LEU D 1532 -22.88 -1.43 -6.83
CA LEU D 1532 -21.46 -1.36 -7.16
C LEU D 1532 -21.32 -0.92 -8.60
N ALA D 1533 -20.56 0.16 -8.82
CA ALA D 1533 -20.27 0.66 -10.16
C ALA D 1533 -18.81 0.34 -10.46
N VAL D 1534 -18.57 -0.47 -11.49
CA VAL D 1534 -17.22 -0.88 -11.87
C VAL D 1534 -16.90 -0.27 -13.23
N THR D 1535 -15.66 0.22 -13.37
CA THR D 1535 -15.20 0.89 -14.58
C THR D 1535 -13.89 0.26 -15.04
N ASN D 1536 -13.81 -0.06 -16.33
CA ASN D 1536 -12.61 -0.61 -16.94
C ASN D 1536 -11.97 0.46 -17.82
N TYR D 1537 -10.67 0.66 -17.67
CA TYR D 1537 -9.94 1.72 -18.37
C TYR D 1537 -9.09 1.15 -19.50
N ASP D 1538 -8.78 2.02 -20.45
CA ASP D 1538 -8.03 1.67 -21.65
C ASP D 1538 -6.53 1.61 -21.32
N VAL D 1539 -5.71 1.30 -22.31
CA VAL D 1539 -4.26 1.38 -22.10
C VAL D 1539 -3.83 2.83 -22.02
N MET D 1540 -4.58 3.73 -22.63
CA MET D 1540 -4.47 5.16 -22.38
C MET D 1540 -5.32 5.50 -21.16
N GLY D 1541 -5.48 6.79 -20.87
CA GLY D 1541 -6.29 7.19 -19.74
C GLY D 1541 -7.78 7.13 -19.94
N ARG D 1542 -8.24 6.53 -21.03
CA ARG D 1542 -9.63 6.61 -21.46
C ARG D 1542 -10.47 5.52 -20.82
N VAL D 1543 -11.74 5.84 -20.55
CA VAL D 1543 -12.69 4.87 -20.01
C VAL D 1543 -13.10 3.92 -21.12
N LYS D 1544 -12.94 2.62 -20.88
CA LYS D 1544 -13.31 1.61 -21.85
C LYS D 1544 -14.70 1.03 -21.59
N GLU D 1545 -15.10 0.86 -20.33
CA GLU D 1545 -16.40 0.29 -20.03
C GLU D 1545 -16.83 0.75 -18.65
N GLN D 1546 -18.14 0.90 -18.48
CA GLN D 1546 -18.76 1.22 -17.19
C GLN D 1546 -19.92 0.27 -16.96
N LYS D 1547 -20.00 -0.29 -15.75
CA LYS D 1547 -21.06 -1.22 -15.39
C LYS D 1547 -21.61 -0.86 -14.01
N LEU D 1548 -22.93 -0.97 -13.87
CA LEU D 1548 -23.64 -0.69 -12.62
C LEU D 1548 -24.41 -1.94 -12.22
N ASN D 1549 -23.92 -2.67 -11.22
CA ASN D 1549 -24.51 -3.93 -10.84
C ASN D 1549 -24.89 -3.96 -9.37
N LEU D 1550 -25.95 -4.72 -9.06
CA LEU D 1550 -26.28 -5.03 -7.68
C LEU D 1550 -25.30 -6.06 -7.14
N ALA D 1551 -24.05 -5.65 -6.87
CA ALA D 1551 -23.04 -6.62 -6.45
C ALA D 1551 -23.41 -7.32 -5.15
N GLN D 1552 -24.11 -6.63 -4.25
CA GLN D 1552 -24.38 -7.23 -2.95
C GLN D 1552 -25.59 -8.16 -3.01
N GLY D 1553 -26.45 -7.99 -4.00
CA GLY D 1553 -27.60 -8.87 -4.14
C GLY D 1553 -27.17 -10.23 -4.64
N ASN D 1554 -28.12 -11.18 -4.56
CA ASN D 1554 -27.81 -12.55 -4.92
C ASN D 1554 -27.60 -12.71 -6.43
N ARG D 1555 -28.44 -12.06 -7.22
CA ARG D 1555 -28.32 -12.06 -8.69
C ARG D 1555 -27.92 -10.65 -9.11
N THR D 1556 -26.64 -10.46 -9.41
CA THR D 1556 -26.08 -9.15 -9.71
C THR D 1556 -26.44 -8.77 -11.15
N ASN D 1557 -27.61 -8.15 -11.30
CA ASN D 1557 -28.09 -7.75 -12.61
C ASN D 1557 -27.16 -6.69 -13.22
N LEU D 1558 -27.23 -6.56 -14.55
CA LEU D 1558 -26.23 -5.80 -15.31
C LEU D 1558 -26.86 -4.65 -16.08
N ARG D 1559 -26.29 -3.45 -15.90
CA ARG D 1559 -26.52 -2.31 -16.78
C ARG D 1559 -25.15 -1.74 -17.12
N SER D 1560 -24.83 -1.66 -18.41
CA SER D 1560 -23.47 -1.34 -18.83
C SER D 1560 -23.48 -0.31 -19.95
N ARG D 1561 -22.29 0.24 -20.20
CA ARG D 1561 -22.01 1.09 -21.35
C ARG D 1561 -20.56 0.85 -21.76
N GLN D 1562 -20.33 0.66 -23.06
CA GLN D 1562 -18.99 0.38 -23.59
C GLN D 1562 -18.58 1.51 -24.53
N TYR D 1563 -17.29 1.84 -24.50
CA TYR D 1563 -16.75 2.93 -25.29
C TYR D 1563 -15.65 2.45 -26.22
N ALA D 1564 -15.53 3.12 -27.36
CA ALA D 1564 -14.54 2.80 -28.37
C ALA D 1564 -14.01 4.09 -28.97
N TYR D 1565 -12.70 4.14 -29.22
CA TYR D 1565 -12.03 5.36 -29.61
C TYR D 1565 -11.22 5.12 -30.88
N GLY D 1566 -10.96 6.20 -31.61
CA GLY D 1566 -10.02 6.15 -32.71
C GLY D 1566 -8.59 6.24 -32.22
N LEU D 1567 -7.66 6.18 -33.18
CA LEU D 1567 -6.25 6.21 -32.81
C LEU D 1567 -5.84 7.57 -32.27
N ASP D 1568 -6.47 8.65 -32.72
CA ASP D 1568 -6.14 9.98 -32.20
C ASP D 1568 -6.65 10.16 -30.77
N GLY D 1569 -7.71 9.45 -30.40
CA GLY D 1569 -8.28 9.55 -29.06
C GLY D 1569 -9.73 10.02 -29.02
N SER D 1570 -10.32 10.41 -30.14
CA SER D 1570 -11.70 10.88 -30.14
C SER D 1570 -12.66 9.70 -30.02
N LEU D 1571 -13.75 9.91 -29.28
CA LEU D 1571 -14.72 8.85 -29.07
C LEU D 1571 -15.54 8.61 -30.33
N VAL D 1572 -15.45 7.40 -30.88
CA VAL D 1572 -16.08 7.07 -32.15
C VAL D 1572 -17.42 6.39 -31.96
N ALA D 1573 -17.53 5.48 -30.99
CA ALA D 1573 -18.75 4.72 -30.84
C ALA D 1573 -18.99 4.41 -29.36
N ILE D 1574 -20.28 4.29 -29.01
CA ILE D 1574 -20.72 3.91 -27.67
C ILE D 1574 -21.77 2.82 -27.82
N GLU D 1575 -21.73 1.84 -26.93
CA GLU D 1575 -22.70 0.75 -26.90
C GLU D 1575 -23.39 0.77 -25.54
N ASP D 1576 -24.70 0.94 -25.55
CA ASP D 1576 -25.48 1.04 -24.33
C ASP D 1576 -26.33 -0.22 -24.13
N SER D 1577 -26.63 -0.50 -22.87
CA SER D 1577 -27.41 -1.68 -22.49
C SER D 1577 -28.91 -1.46 -22.58
N ARG D 1578 -29.34 -0.27 -23.01
CA ARG D 1578 -30.77 0.03 -23.08
C ARG D 1578 -31.10 0.77 -24.37
N HIS D 1579 -30.22 1.66 -24.80
CA HIS D 1579 -30.46 2.47 -25.98
C HIS D 1579 -29.70 2.00 -27.20
N GLY D 1580 -28.65 1.21 -27.03
CA GLY D 1580 -27.93 0.65 -28.16
C GLY D 1580 -26.71 1.41 -28.64
N THR D 1581 -26.42 1.28 -29.93
CA THR D 1581 -25.21 1.87 -30.51
C THR D 1581 -25.38 3.37 -30.74
N THR D 1582 -24.37 4.13 -30.34
CA THR D 1582 -24.23 5.54 -30.68
C THR D 1582 -22.89 5.72 -31.38
N THR D 1583 -22.90 6.37 -32.54
CA THR D 1583 -21.71 6.49 -33.36
C THR D 1583 -21.41 7.94 -33.68
N TYR D 1584 -20.13 8.31 -33.56
CA TYR D 1584 -19.65 9.66 -33.83
C TYR D 1584 -18.58 9.61 -34.92
N ARG D 1585 -18.58 10.60 -35.79
CA ARG D 1585 -17.50 10.77 -36.75
C ARG D 1585 -17.13 12.24 -36.84
N TYR D 1586 -15.83 12.50 -36.97
CA TYR D 1586 -15.27 13.84 -36.91
C TYR D 1586 -14.51 14.15 -38.19
N ASP D 1587 -14.35 15.44 -38.47
CA ASP D 1587 -13.58 15.89 -39.60
C ASP D 1587 -12.10 15.94 -39.21
N ALA D 1588 -11.27 16.59 -40.04
CA ALA D 1588 -9.85 16.67 -39.78
C ALA D 1588 -9.50 17.66 -38.67
N LEU D 1589 -10.51 18.25 -38.02
CA LEU D 1589 -10.29 19.15 -36.89
C LEU D 1589 -10.98 18.63 -35.63
N ASP D 1590 -11.25 17.33 -35.56
CA ASP D 1590 -11.94 16.71 -34.43
C ASP D 1590 -13.29 17.37 -34.16
N ARG D 1591 -13.94 17.89 -35.19
CA ARG D 1591 -15.23 18.55 -35.04
C ARG D 1591 -16.34 17.58 -35.42
N LEU D 1592 -17.32 17.44 -34.53
CA LEU D 1592 -18.42 16.49 -34.73
C LEU D 1592 -19.28 16.94 -35.90
N VAL D 1593 -19.22 16.20 -37.01
CA VAL D 1593 -19.96 16.55 -38.21
C VAL D 1593 -21.18 15.65 -38.32
N SER D 1594 -21.08 14.44 -37.77
CA SER D 1594 -22.19 13.50 -37.78
C SER D 1594 -22.20 12.73 -36.48
N ALA D 1595 -23.38 12.65 -35.86
CA ALA D 1595 -23.57 11.90 -34.64
C ALA D 1595 -24.89 11.14 -34.74
N THR D 1596 -24.97 10.01 -34.02
CA THR D 1596 -26.15 9.17 -34.03
C THR D 1596 -26.98 9.48 -32.78
N ALA D 1597 -28.17 10.04 -33.00
CA ALA D 1597 -29.12 10.28 -31.92
C ALA D 1597 -29.90 8.98 -31.65
N PHE D 1598 -30.97 9.09 -30.85
CA PHE D 1598 -31.79 7.94 -30.51
C PHE D 1598 -33.01 7.92 -31.43
N ASN D 1599 -33.02 6.95 -32.34
CA ASN D 1599 -33.96 6.75 -33.46
C ASN D 1599 -33.71 7.72 -34.60
N GLU D 1600 -32.61 8.46 -34.55
CA GLU D 1600 -32.26 9.44 -35.59
C GLU D 1600 -30.74 9.52 -35.71
N THR D 1601 -30.30 10.30 -36.69
CA THR D 1601 -28.89 10.56 -36.94
C THR D 1601 -28.78 12.06 -37.15
N GLU D 1602 -27.95 12.72 -36.35
CA GLU D 1602 -27.87 14.17 -36.29
C GLU D 1602 -26.68 14.68 -37.10
N LEU D 1603 -26.90 15.75 -37.85
CA LEU D 1603 -25.93 16.28 -38.80
C LEU D 1603 -25.56 17.71 -38.45
N PHE D 1604 -24.30 18.07 -38.69
CA PHE D 1604 -23.79 19.39 -38.36
C PHE D 1604 -22.90 19.92 -39.48
N ALA D 1605 -22.93 21.24 -39.67
CA ALA D 1605 -22.11 21.95 -40.63
C ALA D 1605 -21.38 23.08 -39.91
N PHE D 1606 -20.10 23.28 -40.25
CA PHE D 1606 -19.25 24.22 -39.53
C PHE D 1606 -18.58 25.22 -40.47
N ASP D 1607 -18.42 26.43 -39.94
CA ASP D 1607 -17.64 27.48 -40.57
C ASP D 1607 -16.15 27.16 -40.43
N PRO D 1608 -15.29 27.77 -41.25
CA PRO D 1608 -13.85 27.61 -41.01
C PRO D 1608 -13.44 27.98 -39.60
N ALA D 1609 -14.04 29.03 -39.04
CA ALA D 1609 -13.79 29.44 -37.67
C ALA D 1609 -14.62 28.62 -36.66
N SER D 1610 -15.16 27.48 -37.09
CA SER D 1610 -15.85 26.53 -36.22
C SER D 1610 -17.18 27.05 -35.71
N ASN D 1611 -17.82 27.95 -36.45
CA ASN D 1611 -19.17 28.39 -36.12
C ASN D 1611 -20.17 27.40 -36.71
N LEU D 1612 -21.08 26.89 -35.87
CA LEU D 1612 -22.10 25.94 -36.31
C LEU D 1612 -23.07 26.66 -37.23
N VAL D 1613 -22.94 26.43 -38.54
CA VAL D 1613 -23.75 27.15 -39.51
C VAL D 1613 -25.11 26.49 -39.69
N ASP D 1614 -25.17 25.16 -39.65
CA ASP D 1614 -26.42 24.45 -39.87
C ASP D 1614 -26.39 23.13 -39.11
N ARG D 1615 -27.59 22.68 -38.71
CA ARG D 1615 -27.75 21.37 -38.11
C ARG D 1615 -29.08 20.76 -38.54
N ASP D 1616 -29.06 19.45 -38.79
CA ASP D 1616 -30.25 18.71 -39.16
C ASP D 1616 -30.13 17.30 -38.57
N LYS D 1617 -31.27 16.63 -38.48
CA LYS D 1617 -31.25 15.23 -38.07
C LYS D 1617 -32.36 14.48 -38.81
N THR D 1618 -32.13 13.18 -39.00
CA THR D 1618 -33.01 12.32 -39.80
C THR D 1618 -34.48 12.43 -39.42
N SER D 1632 -22.97 30.07 -46.12
CA SER D 1632 -21.92 31.08 -46.17
C SER D 1632 -21.18 31.18 -44.83
N LYS D 1633 -20.27 32.15 -44.73
CA LYS D 1633 -19.43 32.31 -43.55
C LYS D 1633 -20.13 33.15 -42.50
N VAL D 1634 -19.90 32.80 -41.23
CA VAL D 1634 -20.33 33.63 -40.10
C VAL D 1634 -19.19 34.57 -39.77
N LEU D 1635 -18.99 35.58 -40.63
CA LEU D 1635 -17.90 36.52 -40.44
C LEU D 1635 -18.13 37.35 -39.17
N GLY D 1636 -17.10 37.43 -38.32
CA GLY D 1636 -17.22 38.02 -37.01
C GLY D 1636 -17.63 37.08 -35.91
N ASN D 1637 -17.91 35.81 -36.22
CA ASN D 1637 -18.16 34.73 -35.27
C ASN D 1637 -19.42 34.93 -34.43
N ILE D 1638 -20.20 35.98 -34.71
CA ILE D 1638 -21.48 36.16 -34.04
C ILE D 1638 -22.54 35.44 -34.87
N LEU D 1639 -22.96 34.28 -34.40
CA LEU D 1639 -23.94 33.45 -35.12
C LEU D 1639 -25.32 34.09 -35.02
N LYS D 1640 -25.80 34.66 -36.12
CA LYS D 1640 -27.11 35.30 -36.14
C LYS D 1640 -28.25 34.35 -36.46
N ARG D 1641 -28.00 33.29 -37.24
CA ARG D 1641 -29.06 32.37 -37.63
C ARG D 1641 -28.50 30.96 -37.75
N CYS D 1642 -29.35 29.98 -37.44
CA CYS D 1642 -28.99 28.57 -37.56
C CYS D 1642 -30.22 27.66 -37.42
N ALA D 1643 -30.45 26.82 -38.42
CA ALA D 1643 -31.48 25.77 -38.36
C ALA D 1643 -32.86 26.33 -38.03
N GLY D 1644 -33.18 27.46 -38.64
CA GLY D 1644 -34.46 28.10 -38.40
C GLY D 1644 -34.54 28.89 -37.12
N MET D 1645 -33.43 29.07 -36.41
CA MET D 1645 -33.37 29.87 -35.21
C MET D 1645 -32.66 31.19 -35.52
N HIS D 1646 -33.17 32.28 -34.96
CA HIS D 1646 -32.65 33.61 -35.23
C HIS D 1646 -32.12 34.22 -33.93
N PHE D 1647 -30.94 34.83 -34.02
CA PHE D 1647 -30.25 35.36 -32.84
C PHE D 1647 -29.96 36.83 -33.05
N GLU D 1648 -30.11 37.61 -31.99
CA GLU D 1648 -29.79 39.04 -31.99
C GLU D 1648 -29.02 39.36 -30.72
N TYR D 1649 -28.02 40.23 -30.85
CA TYR D 1649 -26.94 40.29 -29.87
C TYR D 1649 -26.78 41.69 -29.29
N ASP D 1650 -26.14 41.72 -28.12
CA ASP D 1650 -25.78 42.94 -27.43
C ASP D 1650 -24.60 43.61 -28.14
N ALA D 1651 -24.34 44.86 -27.76
CA ALA D 1651 -23.13 45.52 -28.21
C ALA D 1651 -21.87 44.82 -27.70
N GLN D 1652 -21.99 44.06 -26.62
CA GLN D 1652 -20.88 43.33 -26.03
C GLN D 1652 -20.68 41.96 -26.68
N GLY D 1653 -21.47 41.62 -27.68
CA GLY D 1653 -21.46 40.29 -28.24
C GLY D 1653 -22.30 39.28 -27.48
N ASN D 1654 -23.01 39.72 -26.45
CA ASN D 1654 -23.87 38.85 -25.66
C ASN D 1654 -25.21 38.66 -26.35
N LEU D 1655 -25.83 37.50 -26.11
CA LEU D 1655 -27.12 37.21 -26.70
C LEU D 1655 -28.22 38.08 -26.07
N ILE D 1656 -29.14 38.54 -26.90
CA ILE D 1656 -30.22 39.41 -26.45
C ILE D 1656 -31.57 38.82 -26.82
N ARG D 1657 -31.67 38.25 -28.02
CA ARG D 1657 -32.94 37.75 -28.53
C ARG D 1657 -32.70 36.44 -29.27
N LYS D 1658 -33.55 35.45 -29.01
CA LYS D 1658 -33.47 34.17 -29.70
C LYS D 1658 -34.89 33.76 -30.11
N ARG D 1659 -35.14 33.73 -31.41
CA ARG D 1659 -36.44 33.37 -31.96
C ARG D 1659 -36.32 32.02 -32.67
N LYS D 1660 -36.92 31.00 -32.08
CA LYS D 1660 -37.12 29.72 -32.73
C LYS D 1660 -38.61 29.46 -32.88
N PRO D 1661 -39.03 28.62 -33.85
CA PRO D 1661 -40.45 28.54 -34.25
C PRO D 1661 -41.50 28.55 -33.14
N ASP D 1662 -41.21 27.96 -31.98
CA ASP D 1662 -42.24 27.85 -30.94
C ASP D 1662 -41.91 28.62 -29.66
N SER D 1663 -40.90 29.50 -29.67
CA SER D 1663 -40.58 30.26 -28.47
C SER D 1663 -39.80 31.51 -28.83
N LEU D 1664 -40.19 32.64 -28.24
CA LEU D 1664 -39.45 33.89 -28.35
C LEU D 1664 -38.84 34.21 -26.99
N GLN D 1665 -37.52 34.43 -26.97
CA GLN D 1665 -36.80 34.69 -25.74
C GLN D 1665 -36.04 36.01 -25.83
N GLU D 1666 -36.01 36.74 -24.71
CA GLU D 1666 -35.30 38.00 -24.59
C GLU D 1666 -34.42 37.97 -23.35
N PHE D 1667 -33.21 38.53 -23.48
CA PHE D 1667 -32.22 38.45 -22.42
C PHE D 1667 -31.70 39.84 -22.10
N GLU D 1668 -31.33 40.04 -20.83
CA GLU D 1668 -30.75 41.28 -20.36
C GLU D 1668 -29.48 41.00 -19.56
N TRP D 1669 -28.48 41.85 -19.74
CA TRP D 1669 -27.15 41.65 -19.16
C TRP D 1669 -26.82 42.80 -18.21
N ASP D 1670 -26.19 42.46 -17.09
CA ASP D 1670 -25.90 43.45 -16.07
C ASP D 1670 -24.71 44.31 -16.47
N GLU D 1671 -24.33 45.21 -15.57
CA GLU D 1671 -23.24 46.15 -15.83
C GLU D 1671 -21.87 45.50 -15.77
N PHE D 1672 -21.78 44.23 -15.37
CA PHE D 1672 -20.51 43.53 -15.32
C PHE D 1672 -20.37 42.44 -16.37
N GLY D 1673 -21.42 42.16 -17.14
CA GLY D 1673 -21.36 41.19 -18.20
C GLY D 1673 -22.03 39.85 -17.92
N ARG D 1674 -22.98 39.80 -17.00
CA ARG D 1674 -23.64 38.56 -16.60
C ARG D 1674 -25.14 38.64 -16.88
N LEU D 1675 -25.72 37.49 -17.22
CA LEU D 1675 -27.14 37.42 -17.56
C LEU D 1675 -27.97 37.67 -16.31
N ARG D 1676 -28.65 38.83 -16.27
CA ARG D 1676 -29.43 39.17 -15.09
C ARG D 1676 -30.93 38.96 -15.24
N LYS D 1677 -31.47 38.96 -16.47
CA LYS D 1677 -32.90 38.75 -16.64
C LYS D 1677 -33.17 38.03 -17.95
N THR D 1678 -34.17 37.15 -17.92
CA THR D 1678 -34.64 36.42 -19.10
C THR D 1678 -36.15 36.50 -19.18
N VAL D 1679 -36.67 36.71 -20.40
CA VAL D 1679 -38.10 36.70 -20.67
C VAL D 1679 -38.35 35.71 -21.80
N ASN D 1680 -39.12 34.66 -21.52
CA ASN D 1680 -39.42 33.60 -22.47
C ASN D 1680 -40.91 33.60 -22.76
N THR D 1681 -41.27 33.70 -24.04
CA THR D 1681 -42.67 33.73 -24.47
C THR D 1681 -42.95 32.47 -25.30
N ASP D 1682 -43.81 31.60 -24.77
CA ASP D 1682 -44.26 30.44 -25.52
C ASP D 1682 -45.25 30.87 -26.61
N LEU D 1683 -45.01 30.42 -27.83
CA LEU D 1683 -45.85 30.80 -28.96
C LEU D 1683 -47.06 29.90 -29.14
N ASN D 1684 -47.08 28.72 -28.52
CA ASN D 1684 -48.24 27.85 -28.67
C ASN D 1684 -49.43 28.31 -27.85
N SER D 1685 -49.18 28.91 -26.68
CA SER D 1685 -50.26 29.32 -25.78
C SER D 1685 -50.08 30.74 -25.25
N LYS D 1686 -49.09 31.49 -25.72
CA LYS D 1686 -48.90 32.89 -25.32
C LYS D 1686 -48.60 33.02 -23.83
N HIS D 1687 -47.89 32.04 -23.27
CA HIS D 1687 -47.59 32.02 -21.84
C HIS D 1687 -46.20 32.58 -21.61
N VAL D 1688 -46.14 33.75 -20.97
CA VAL D 1688 -44.89 34.47 -20.69
C VAL D 1688 -44.37 34.04 -19.34
N SER D 1689 -43.04 34.02 -19.20
CA SER D 1689 -42.39 33.66 -17.94
C SER D 1689 -41.12 34.48 -17.78
N GLU D 1690 -40.98 35.16 -16.65
CA GLU D 1690 -39.84 36.02 -16.37
C GLU D 1690 -38.94 35.38 -15.33
N ALA D 1691 -37.65 35.72 -15.41
CA ALA D 1691 -36.66 35.23 -14.46
C ALA D 1691 -35.54 36.25 -14.31
N GLU D 1692 -35.03 36.40 -13.09
CA GLU D 1692 -33.91 37.29 -12.81
C GLU D 1692 -32.83 36.54 -12.05
N TYR D 1693 -31.57 36.90 -12.32
CA TYR D 1693 -30.41 36.20 -11.78
C TYR D 1693 -29.51 37.17 -11.04
N ILE D 1694 -28.94 36.71 -9.92
CA ILE D 1694 -28.08 37.51 -9.05
C ILE D 1694 -26.79 36.76 -8.81
N TYR D 1695 -25.66 37.49 -8.79
CA TYR D 1695 -24.34 36.90 -8.69
C TYR D 1695 -23.58 37.53 -7.53
N ASP D 1696 -22.61 36.78 -6.99
CA ASP D 1696 -21.75 37.26 -5.93
C ASP D 1696 -20.52 37.97 -6.51
N THR D 1697 -19.63 38.40 -5.62
CA THR D 1697 -18.40 39.08 -6.01
C THR D 1697 -17.47 38.20 -6.83
N PHE D 1698 -17.69 36.88 -6.87
CA PHE D 1698 -16.86 35.99 -7.66
C PHE D 1698 -17.62 35.44 -8.88
N ASP D 1699 -18.65 36.16 -9.33
CA ASP D 1699 -19.46 35.81 -10.49
C ASP D 1699 -20.20 34.49 -10.35
N ARG D 1700 -20.26 33.93 -9.15
CA ARG D 1700 -21.06 32.75 -8.88
C ARG D 1700 -22.52 33.15 -8.70
N ARG D 1701 -23.41 32.54 -9.48
CA ARG D 1701 -24.84 32.84 -9.35
C ARG D 1701 -25.33 32.29 -8.02
N ILE D 1702 -25.69 33.19 -7.10
CA ILE D 1702 -26.10 32.78 -5.76
C ILE D 1702 -27.62 32.65 -5.62
N GLY D 1703 -28.39 33.18 -6.55
CA GLY D 1703 -29.83 33.06 -6.48
C GLY D 1703 -30.49 33.48 -7.76
N LYS D 1704 -31.72 32.98 -7.94
CA LYS D 1704 -32.55 33.35 -9.08
C LYS D 1704 -34.01 33.25 -8.68
N VAL D 1705 -34.85 34.10 -9.26
CA VAL D 1705 -36.28 34.12 -9.00
C VAL D 1705 -37.01 33.88 -10.32
N ASN D 1706 -37.97 32.97 -10.31
CA ASN D 1706 -38.79 32.66 -11.47
C ASN D 1706 -40.19 33.19 -11.23
N GLN D 1707 -40.69 33.99 -12.16
CA GLN D 1707 -41.97 34.69 -12.00
C GLN D 1707 -42.87 34.37 -13.19
N GLN D 1708 -43.46 33.17 -13.17
CA GLN D 1708 -44.55 32.87 -14.08
C GLN D 1708 -45.71 33.83 -13.82
N GLU D 1709 -46.36 34.26 -14.90
CA GLU D 1709 -47.24 35.42 -14.81
C GLU D 1709 -48.42 35.19 -13.88
N THR D 1710 -49.00 33.98 -13.89
CA THR D 1710 -50.16 33.71 -13.06
C THR D 1710 -50.04 32.47 -12.17
N SER D 1711 -48.89 31.78 -12.17
CA SER D 1711 -48.76 30.56 -11.38
C SER D 1711 -47.70 30.72 -10.30
N GLY D 1712 -47.81 31.77 -9.50
CA GLY D 1712 -46.91 31.97 -8.37
C GLY D 1712 -45.49 32.35 -8.76
N ALA D 1713 -44.64 32.38 -7.73
CA ALA D 1713 -43.23 32.72 -7.87
C ALA D 1713 -42.36 31.60 -7.29
N ALA D 1714 -41.07 31.64 -7.61
CA ALA D 1714 -40.13 30.60 -7.18
C ALA D 1714 -38.78 31.27 -6.92
N VAL D 1715 -38.49 31.52 -5.65
CA VAL D 1715 -37.22 32.13 -5.24
C VAL D 1715 -36.23 31.02 -4.93
N THR D 1716 -35.12 30.99 -5.67
CA THR D 1716 -34.10 29.97 -5.52
C THR D 1716 -32.81 30.60 -5.01
N PHE D 1717 -32.11 29.87 -4.14
CA PHE D 1717 -30.83 30.30 -3.60
C PHE D 1717 -29.80 29.20 -3.80
N TYR D 1718 -28.56 29.59 -4.06
CA TYR D 1718 -27.47 28.67 -4.35
C TYR D 1718 -26.31 28.88 -3.39
N GLY D 1719 -25.72 27.77 -2.95
CA GLY D 1719 -24.56 27.81 -2.09
C GLY D 1719 -23.38 27.18 -2.80
N TRP D 1720 -22.21 27.80 -2.66
CA TRP D 1720 -21.04 27.42 -3.43
C TRP D 1720 -19.90 27.01 -2.51
N ASP D 1721 -19.50 25.75 -2.62
CA ASP D 1721 -18.31 25.23 -1.96
C ASP D 1721 -17.17 25.36 -2.96
N GLY D 1722 -16.51 26.51 -2.95
CA GLY D 1722 -15.51 26.82 -3.95
C GLY D 1722 -16.12 27.01 -5.32
N HIS D 1723 -15.74 26.16 -6.27
CA HIS D 1723 -16.27 26.23 -7.62
C HIS D 1723 -17.46 25.31 -7.84
N HIS D 1724 -17.88 24.57 -6.82
CA HIS D 1724 -18.90 23.53 -6.94
C HIS D 1724 -20.21 23.98 -6.31
N LEU D 1725 -21.31 23.69 -7.00
CA LEU D 1725 -22.64 23.97 -6.48
C LEU D 1725 -22.93 23.04 -5.30
N ALA D 1726 -22.92 23.59 -4.08
CA ALA D 1726 -23.07 22.77 -2.89
C ALA D 1726 -24.51 22.34 -2.69
N PHE D 1727 -25.47 23.24 -2.89
CA PHE D 1727 -26.88 22.92 -2.71
C PHE D 1727 -27.71 23.95 -3.47
N GLU D 1728 -29.00 23.64 -3.59
CA GLU D 1728 -29.98 24.55 -4.18
C GLU D 1728 -31.20 24.59 -3.28
N GLU D 1729 -31.69 25.80 -3.03
CA GLU D 1729 -32.83 26.03 -2.13
C GLU D 1729 -33.90 26.77 -2.93
N SER D 1730 -35.04 26.13 -3.15
CA SER D 1730 -36.14 26.72 -3.90
C SER D 1730 -37.28 27.02 -2.92
N THR D 1731 -37.77 28.25 -2.95
CA THR D 1731 -38.83 28.69 -2.05
C THR D 1731 -40.04 29.13 -2.88
N VAL D 1732 -41.07 28.29 -2.93
CA VAL D 1732 -42.32 28.60 -3.61
C VAL D 1732 -43.37 28.79 -2.53
N GLY D 1733 -43.65 30.05 -2.19
CA GLY D 1733 -44.57 30.34 -1.12
C GLY D 1733 -44.06 29.85 0.22
N ASP D 1734 -44.82 28.98 0.87
CA ASP D 1734 -44.39 28.35 2.12
C ASP D 1734 -43.70 27.01 1.89
N ALA D 1735 -43.67 26.51 0.67
CA ALA D 1735 -42.99 25.26 0.36
C ALA D 1735 -41.55 25.55 0.00
N VAL D 1736 -40.63 24.84 0.67
CA VAL D 1736 -39.20 24.95 0.43
C VAL D 1736 -38.69 23.57 0.05
N ASP D 1737 -37.94 23.50 -1.05
CA ASP D 1737 -37.34 22.25 -1.51
C ASP D 1737 -35.84 22.49 -1.61
N LYS D 1738 -35.08 21.69 -0.87
CA LYS D 1738 -33.64 21.89 -0.75
C LYS D 1738 -32.95 20.59 -1.12
N THR D 1739 -31.98 20.68 -2.02
CA THR D 1739 -31.24 19.52 -2.50
C THR D 1739 -29.76 19.87 -2.51
N HIS D 1740 -28.94 18.91 -2.09
CA HIS D 1740 -27.51 19.13 -1.94
C HIS D 1740 -26.74 18.26 -2.93
N TYR D 1741 -25.48 18.64 -3.16
CA TYR D 1741 -24.65 17.98 -4.15
C TYR D 1741 -23.25 17.79 -3.60
N LEU D 1742 -22.58 16.76 -4.10
CA LEU D 1742 -21.20 16.46 -3.74
C LEU D 1742 -20.55 15.83 -4.97
N TYR D 1743 -19.35 16.29 -5.31
CA TYR D 1743 -18.72 15.91 -6.57
C TYR D 1743 -17.41 15.18 -6.32
N GLU D 1744 -16.92 14.56 -7.39
CA GLU D 1744 -15.59 13.96 -7.38
C GLU D 1744 -14.53 15.03 -7.13
N GLU D 1745 -13.43 14.62 -6.48
CA GLU D 1745 -12.51 15.57 -5.84
C GLU D 1745 -11.96 16.60 -6.82
N ASN D 1746 -11.49 16.16 -7.98
CA ASN D 1746 -10.86 17.07 -8.94
C ASN D 1746 -11.64 17.19 -10.24
N SER D 1747 -12.96 17.05 -10.18
CA SER D 1747 -13.79 17.20 -11.37
C SER D 1747 -15.19 17.62 -10.94
N PHE D 1748 -16.02 17.93 -11.94
CA PHE D 1748 -17.42 18.26 -11.71
C PHE D 1748 -18.33 17.06 -11.94
N VAL D 1749 -17.78 15.85 -11.89
CA VAL D 1749 -18.57 14.62 -11.99
C VAL D 1749 -19.35 14.47 -10.69
N PRO D 1750 -20.68 14.51 -10.73
CA PRO D 1750 -21.44 14.41 -9.48
C PRO D 1750 -21.46 12.98 -8.96
N LEU D 1751 -21.37 12.85 -7.64
CA LEU D 1751 -21.38 11.56 -6.96
C LEU D 1751 -22.74 11.23 -6.35
N ILE D 1752 -23.28 12.12 -5.52
CA ILE D 1752 -24.52 11.85 -4.81
C ILE D 1752 -25.44 13.05 -4.88
N GLN D 1753 -26.73 12.78 -4.72
CA GLN D 1753 -27.77 13.78 -4.58
C GLN D 1753 -28.61 13.43 -3.35
N TYR D 1754 -28.62 14.32 -2.36
CA TYR D 1754 -29.35 14.06 -1.13
C TYR D 1754 -30.22 15.27 -0.79
N GLN D 1755 -31.30 15.00 -0.06
CA GLN D 1755 -32.31 16.02 0.18
C GLN D 1755 -32.53 16.25 1.66
N HIS D 1768 -34.74 15.46 4.64
CA HIS D 1768 -35.38 14.28 4.10
C HIS D 1768 -34.57 13.03 4.39
N LEU D 1769 -33.27 13.24 4.62
CA LEU D 1769 -32.28 12.23 5.02
C LEU D 1769 -32.00 11.21 3.93
N SER D 1770 -32.68 11.26 2.79
CA SER D 1770 -32.44 10.34 1.70
C SER D 1770 -31.21 10.74 0.91
N VAL D 1771 -30.54 9.75 0.33
CA VAL D 1771 -29.34 9.98 -0.47
C VAL D 1771 -29.47 9.19 -1.77
N SER D 1772 -29.20 9.85 -2.90
CA SER D 1772 -29.28 9.24 -4.22
C SER D 1772 -27.94 9.35 -4.93
N HIS D 1773 -27.58 8.30 -5.67
CA HIS D 1773 -26.26 8.18 -6.29
C HIS D 1773 -26.35 8.47 -7.79
N TYR D 1774 -25.32 9.14 -8.31
CA TYR D 1774 -25.24 9.44 -9.73
C TYR D 1774 -24.41 8.40 -10.47
N GLN D 1775 -24.78 8.13 -11.71
CA GLN D 1775 -24.00 7.30 -12.63
C GLN D 1775 -23.79 8.09 -13.92
N CYS D 1776 -22.55 8.51 -14.16
CA CYS D 1776 -22.21 9.36 -15.30
C CYS D 1776 -21.45 8.57 -16.35
N ASP D 1777 -21.24 9.22 -17.50
CA ASP D 1777 -20.51 8.62 -18.60
C ASP D 1777 -19.03 8.95 -18.48
N HIS D 1778 -18.28 8.84 -19.60
CA HIS D 1778 -16.84 9.05 -19.57
C HIS D 1778 -16.47 10.51 -19.36
N ILE D 1779 -17.33 11.45 -19.73
CA ILE D 1779 -17.03 12.88 -19.63
C ILE D 1779 -17.81 13.54 -18.51
N GLY D 1780 -18.51 12.77 -17.69
CA GLY D 1780 -19.20 13.32 -16.54
C GLY D 1780 -20.64 13.71 -16.77
N THR D 1781 -21.19 13.41 -17.94
CA THR D 1781 -22.60 13.70 -18.21
C THR D 1781 -23.45 12.72 -17.41
N PRO D 1782 -24.29 13.17 -16.49
CA PRO D 1782 -25.06 12.23 -15.66
C PRO D 1782 -26.07 11.46 -16.50
N GLN D 1783 -26.03 10.14 -16.38
CA GLN D 1783 -26.93 9.24 -17.10
C GLN D 1783 -27.97 8.59 -16.22
N LEU D 1784 -27.64 8.27 -14.97
CA LEU D 1784 -28.55 7.58 -14.08
C LEU D 1784 -28.54 8.26 -12.72
N LEU D 1785 -29.63 8.09 -11.99
CA LEU D 1785 -29.73 8.50 -10.60
C LEU D 1785 -30.50 7.42 -9.87
N THR D 1786 -29.88 6.83 -8.84
CA THR D 1786 -30.47 5.72 -8.10
C THR D 1786 -30.68 6.12 -6.65
N ASP D 1787 -31.84 5.78 -6.11
CA ASP D 1787 -32.21 6.19 -4.75
C ASP D 1787 -31.53 5.30 -3.71
N ASP D 1788 -32.02 5.35 -2.47
CA ASP D 1788 -31.44 4.54 -1.40
C ASP D 1788 -31.81 3.07 -1.52
N ASN D 1789 -32.79 2.72 -2.36
CA ASN D 1789 -33.22 1.34 -2.52
C ASN D 1789 -32.64 0.68 -3.76
N GLY D 1790 -31.83 1.38 -4.54
CA GLY D 1790 -31.23 0.81 -5.72
C GLY D 1790 -32.00 1.00 -7.01
N HIS D 1791 -33.12 1.71 -6.99
CA HIS D 1791 -33.95 1.88 -8.18
C HIS D 1791 -33.58 3.16 -8.92
N ILE D 1792 -33.57 3.07 -10.25
CA ILE D 1792 -33.29 4.22 -11.09
C ILE D 1792 -34.49 5.16 -11.05
N VAL D 1793 -34.30 6.35 -10.48
CA VAL D 1793 -35.38 7.33 -10.35
C VAL D 1793 -35.34 8.37 -11.46
N TRP D 1794 -34.26 8.44 -12.23
CA TRP D 1794 -34.13 9.41 -13.31
C TRP D 1794 -33.21 8.84 -14.38
N GLU D 1795 -33.58 9.07 -15.64
CA GLU D 1795 -32.80 8.65 -16.79
C GLU D 1795 -32.48 9.87 -17.64
N GLY D 1796 -31.23 9.95 -18.09
CA GLY D 1796 -30.75 11.08 -18.87
C GLY D 1796 -30.50 10.68 -20.31
N ARG D 1797 -30.99 11.52 -21.23
CA ARG D 1797 -30.78 11.33 -22.65
C ARG D 1797 -30.45 12.69 -23.25
N TYR D 1798 -29.40 12.73 -24.07
CA TYR D 1798 -28.83 14.00 -24.52
C TYR D 1798 -28.63 13.98 -26.02
N SER D 1799 -28.75 15.14 -26.64
CA SER D 1799 -28.47 15.31 -28.05
C SER D 1799 -26.96 15.33 -28.28
N ALA D 1800 -26.57 15.42 -29.56
CA ALA D 1800 -25.16 15.50 -29.88
C ALA D 1800 -24.53 16.78 -29.34
N LEU D 1801 -25.34 17.81 -29.09
CA LEU D 1801 -24.87 19.02 -28.45
C LEU D 1801 -25.23 19.08 -26.97
N GLY D 1802 -25.89 18.06 -26.45
CA GLY D 1802 -26.08 17.89 -25.02
C GLY D 1802 -27.38 18.38 -24.42
N LYS D 1803 -28.36 18.75 -25.23
CA LYS D 1803 -29.64 19.14 -24.67
C LYS D 1803 -30.39 17.90 -24.18
N GLN D 1804 -30.98 18.00 -22.99
CA GLN D 1804 -31.68 16.86 -22.39
C GLN D 1804 -32.91 16.52 -23.23
N LEU D 1805 -32.77 15.51 -24.09
CA LEU D 1805 -33.84 15.06 -24.96
C LEU D 1805 -34.99 14.42 -24.20
N ASP D 1806 -34.80 14.11 -22.92
CA ASP D 1806 -35.79 13.37 -22.16
C ASP D 1806 -36.51 14.28 -21.17
N ALA D 1815 -41.03 15.14 -10.84
CA ALA D 1815 -41.59 15.35 -9.51
C ALA D 1815 -40.84 14.52 -8.48
N GLY D 1816 -40.99 13.19 -8.56
CA GLY D 1816 -40.31 12.32 -7.61
C GLY D 1816 -38.80 12.35 -7.77
N GLY D 1817 -38.32 12.19 -9.00
CA GLY D 1817 -36.91 12.22 -9.27
C GLY D 1817 -36.54 13.17 -10.39
N GLN D 1818 -35.80 14.23 -10.06
CA GLN D 1818 -35.41 15.24 -11.02
C GLN D 1818 -33.94 15.58 -10.83
N ASN D 1819 -33.15 15.48 -11.89
CA ASN D 1819 -31.75 15.88 -11.87
C ASN D 1819 -31.59 17.13 -12.72
N ASN D 1820 -31.13 18.21 -12.09
CA ASN D 1820 -30.91 19.50 -12.75
C ASN D 1820 -29.46 19.69 -13.20
N LEU D 1821 -28.61 18.68 -13.06
CA LEU D 1821 -27.21 18.75 -13.44
C LEU D 1821 -26.99 18.06 -14.78
N CYS D 1822 -26.30 18.75 -15.70
CA CYS D 1822 -25.95 18.18 -17.00
C CYS D 1822 -24.46 18.40 -17.24
N TYR D 1823 -23.86 17.46 -17.98
CA TYR D 1823 -22.43 17.51 -18.30
C TYR D 1823 -21.60 17.68 -17.04
N GLN D 1824 -20.59 18.56 -17.09
CA GLN D 1824 -19.75 18.85 -15.94
C GLN D 1824 -19.85 20.34 -15.65
N GLY D 1825 -20.31 20.67 -14.44
CA GLY D 1825 -20.45 22.06 -14.02
C GLY D 1825 -21.52 22.85 -14.74
N GLN D 1826 -22.43 22.21 -15.47
CA GLN D 1826 -23.49 22.89 -16.19
C GLN D 1826 -24.83 22.60 -15.51
N TYR D 1827 -25.47 23.65 -15.00
CA TYR D 1827 -26.77 23.52 -14.34
C TYR D 1827 -27.87 23.87 -15.34
N TYR D 1828 -28.89 23.02 -15.42
CA TYR D 1828 -29.96 23.18 -16.40
C TYR D 1828 -31.02 24.14 -15.87
N ASP D 1829 -31.07 25.34 -16.44
CA ASP D 1829 -32.11 26.33 -16.15
C ASP D 1829 -33.34 26.04 -16.99
N ARG D 1830 -34.40 25.54 -16.35
CA ARG D 1830 -35.58 25.10 -17.08
C ARG D 1830 -36.31 26.24 -17.79
N GLU D 1831 -36.24 27.45 -17.23
CA GLU D 1831 -36.97 28.57 -17.81
C GLU D 1831 -36.37 29.04 -19.12
N SER D 1832 -35.04 28.93 -19.28
CA SER D 1832 -34.38 29.43 -20.47
C SER D 1832 -33.96 28.34 -21.44
N GLY D 1833 -33.85 27.10 -20.98
CA GLY D 1833 -33.27 26.05 -21.79
C GLY D 1833 -31.76 26.11 -21.92
N LEU D 1834 -31.12 27.04 -21.22
CA LEU D 1834 -29.68 27.20 -21.26
C LEU D 1834 -29.00 26.38 -20.16
N HIS D 1835 -27.72 26.12 -20.34
CA HIS D 1835 -26.91 25.40 -19.37
C HIS D 1835 -25.91 26.38 -18.75
N TYR D 1836 -25.97 26.52 -17.43
CA TYR D 1836 -25.17 27.51 -16.71
C TYR D 1836 -23.82 26.93 -16.30
N ASN D 1837 -22.75 27.47 -16.87
CA ASN D 1837 -21.41 27.26 -16.35
C ASN D 1837 -21.07 28.41 -15.41
N ARG D 1838 -20.13 28.15 -14.48
CA ARG D 1838 -19.91 29.07 -13.38
C ARG D 1838 -19.63 30.50 -13.86
N PHE D 1839 -19.03 30.66 -15.03
CA PHE D 1839 -18.81 31.98 -15.61
C PHE D 1839 -19.71 32.32 -16.78
N ARG D 1840 -20.12 31.33 -17.58
CA ARG D 1840 -20.82 31.61 -18.84
C ARG D 1840 -22.05 30.74 -18.97
N TYR D 1841 -22.93 31.14 -19.90
CA TYR D 1841 -24.17 30.43 -20.19
C TYR D 1841 -24.03 29.69 -21.51
N TYR D 1842 -24.36 28.40 -21.50
CA TYR D 1842 -24.19 27.52 -22.63
C TYR D 1842 -25.54 27.23 -23.27
N ASP D 1843 -25.61 27.31 -24.59
CA ASP D 1843 -26.85 27.04 -25.30
C ASP D 1843 -26.76 25.65 -25.92
N PRO D 1844 -27.50 24.66 -25.42
CA PRO D 1844 -27.42 23.31 -25.99
C PRO D 1844 -28.10 23.16 -27.34
N ASP D 1845 -28.80 24.18 -27.83
CA ASP D 1845 -29.42 24.10 -29.14
C ASP D 1845 -28.40 24.26 -30.26
N ILE D 1846 -27.29 24.96 -30.01
CA ILE D 1846 -26.31 25.24 -31.04
C ILE D 1846 -24.92 24.89 -30.53
N GLY D 1847 -24.83 24.53 -29.25
CA GLY D 1847 -23.56 24.09 -28.69
C GLY D 1847 -22.52 25.16 -28.52
N ARG D 1848 -22.93 26.43 -28.37
CA ARG D 1848 -22.01 27.53 -28.21
C ARG D 1848 -22.44 28.40 -27.04
N PHE D 1849 -21.48 29.15 -26.49
CA PHE D 1849 -21.79 30.10 -25.45
C PHE D 1849 -22.47 31.34 -26.02
N ILE D 1850 -23.40 31.89 -25.26
CA ILE D 1850 -24.19 33.04 -25.71
C ILE D 1850 -23.50 34.34 -25.32
N GLN D 1851 -22.25 34.26 -24.87
CA GLN D 1851 -21.52 35.45 -24.46
C GLN D 1851 -20.05 35.26 -24.77
N GLN D 1852 -19.35 36.39 -24.93
CA GLN D 1852 -17.95 36.37 -25.31
C GLN D 1852 -17.10 35.73 -24.20
N ASP D 1853 -15.93 35.24 -24.60
CA ASP D 1853 -15.06 34.53 -23.67
C ASP D 1853 -14.25 35.51 -22.83
N PRO D 1854 -14.35 35.48 -21.50
CA PRO D 1854 -13.44 36.29 -20.69
C PRO D 1854 -12.00 35.81 -20.77
N ILE D 1855 -11.78 34.50 -20.92
CA ILE D 1855 -10.42 33.96 -21.02
C ILE D 1855 -9.72 34.55 -22.25
N GLY D 1856 -10.47 34.74 -23.33
CA GLY D 1856 -9.91 35.30 -24.54
C GLY D 1856 -9.35 34.30 -25.52
N LEU D 1857 -8.37 34.72 -26.30
CA LEU D 1857 -7.73 33.92 -27.34
C LEU D 1857 -6.95 32.74 -26.80
N PHE D 1858 -6.67 32.73 -25.49
CA PHE D 1858 -5.90 31.64 -24.89
C PHE D 1858 -6.62 30.30 -24.99
N GLY D 1859 -7.94 30.32 -24.95
CA GLY D 1859 -8.72 29.10 -25.04
C GLY D 1859 -8.94 28.74 -26.50
N ASP D 1860 -9.56 29.64 -27.24
CA ASP D 1860 -9.82 29.44 -28.65
C ASP D 1860 -9.93 30.79 -29.32
N SER D 1861 -9.61 30.84 -30.62
CA SER D 1861 -9.71 32.08 -31.37
C SER D 1861 -11.16 32.55 -31.44
N ASN D 1862 -12.09 31.62 -31.62
CA ASN D 1862 -13.51 31.92 -31.54
C ASN D 1862 -13.92 31.92 -30.07
N PHE D 1863 -14.50 33.03 -29.62
CA PHE D 1863 -14.78 33.22 -28.20
C PHE D 1863 -16.05 32.52 -27.74
N TYR D 1864 -16.90 32.08 -28.68
CA TYR D 1864 -18.14 31.41 -28.32
C TYR D 1864 -18.01 29.90 -28.30
N THR D 1865 -16.95 29.35 -28.91
CA THR D 1865 -16.81 27.92 -29.08
C THR D 1865 -16.65 27.19 -27.75
N TYR D 1866 -17.34 26.06 -27.63
CA TYR D 1866 -17.25 25.21 -26.44
C TYR D 1866 -16.05 24.27 -26.52
N ALA D 1867 -16.03 23.43 -27.55
CA ALA D 1867 -15.05 22.39 -27.79
C ALA D 1867 -15.23 21.89 -29.21
N PRO D 1868 -14.16 21.73 -30.00
CA PRO D 1868 -14.34 21.22 -31.37
C PRO D 1868 -15.24 20.00 -31.46
N ASN D 1869 -15.13 19.06 -30.51
CA ASN D 1869 -16.06 17.94 -30.40
C ASN D 1869 -16.87 18.10 -29.13
N THR D 1870 -18.20 17.97 -29.24
CA THR D 1870 -19.08 18.11 -28.09
C THR D 1870 -19.48 16.76 -27.49
N ALA D 1871 -18.69 15.72 -27.73
CA ALA D 1871 -18.93 14.40 -27.17
C ALA D 1871 -17.71 13.86 -26.45
N ASN D 1872 -16.52 14.24 -26.89
CA ASN D 1872 -15.26 13.90 -26.25
C ASN D 1872 -14.49 15.19 -26.07
N TRP D 1873 -13.38 15.12 -25.32
CA TRP D 1873 -12.48 16.25 -25.12
C TRP D 1873 -13.21 17.46 -24.52
N ILE D 1874 -14.21 17.21 -23.70
CA ILE D 1874 -14.93 18.28 -23.00
C ILE D 1874 -14.26 18.51 -21.66
N ASP D 1875 -13.79 19.73 -21.43
CA ASP D 1875 -13.25 20.13 -20.14
C ASP D 1875 -13.78 21.52 -19.82
N PRO D 1876 -14.96 21.61 -19.21
CA PRO D 1876 -15.46 22.91 -18.77
C PRO D 1876 -14.54 23.51 -17.72
N PHE D 1877 -14.78 24.78 -17.41
CA PHE D 1877 -13.98 25.52 -16.44
C PHE D 1877 -12.52 25.61 -16.84
N GLY D 1878 -12.20 25.28 -18.09
CA GLY D 1878 -10.82 25.27 -18.54
C GLY D 1878 -10.74 25.07 -20.03
N LEU D 1879 -9.57 24.60 -20.48
CA LEU D 1879 -9.26 24.46 -21.90
C LEU D 1879 -9.50 25.76 -22.67
#